data_1XN5
#
_entry.id   1XN5
#
_entity_poly.entity_id   1
_entity_poly.type   'polypeptide(L)'
_entity_poly.pdbx_seq_one_letter_code
;MTRLPDIKKEVRFNAPIEKVWEAVSTSEGLAFWFMENDLKAETGHHFHLQSPFGPSPCQVTDVERPIKLSFTWDTDGWSV
TFHLKEEENGTIFTIVHSGWKQGDTKVEKAGAESAVVHERMDRGWHDLVNERLRQIVELEHHHHHH
;
_entity_poly.pdbx_strand_id   A
#
# COMPACT_ATOMS: atom_id res chain seq x y z
N MET A 1 -14.84 -17.05 8.65
CA MET A 1 -15.32 -16.91 10.02
C MET A 1 -16.55 -16.00 10.08
N THR A 2 -16.28 -14.70 10.00
CA THR A 2 -17.36 -13.72 10.04
C THR A 2 -16.92 -12.43 9.34
N ARG A 3 -16.14 -12.61 8.28
CA ARG A 3 -15.66 -11.46 7.52
C ARG A 3 -14.72 -11.94 6.41
N LEU A 4 -14.31 -10.99 5.58
CA LEU A 4 -13.42 -11.29 4.47
C LEU A 4 -11.96 -11.22 4.96
N PRO A 5 -11.09 -11.99 4.26
CA PRO A 5 -9.68 -12.01 4.61
C PRO A 5 -8.97 -10.75 4.15
N ASP A 6 -7.96 -10.35 4.91
CA ASP A 6 -7.20 -9.16 4.59
C ASP A 6 -6.24 -9.46 3.43
N ILE A 7 -5.68 -8.40 2.87
CA ILE A 7 -4.76 -8.53 1.76
C ILE A 7 -3.34 -8.22 2.25
N LYS A 8 -2.73 -9.21 2.89
CA LYS A 8 -1.39 -9.05 3.40
C LYS A 8 -0.42 -9.88 2.56
N LYS A 9 0.57 -9.20 2.01
CA LYS A 9 1.57 -9.86 1.18
C LYS A 9 2.97 -9.47 1.66
N GLU A 10 3.96 -10.22 1.19
CA GLU A 10 5.34 -9.97 1.56
C GLU A 10 6.27 -10.29 0.39
N VAL A 11 7.31 -9.48 0.26
CA VAL A 11 8.28 -9.67 -0.81
C VAL A 11 9.67 -9.31 -0.29
N ARG A 12 10.68 -9.83 -0.99
CA ARG A 12 12.05 -9.58 -0.62
C ARG A 12 12.84 -9.02 -1.81
N PHE A 13 13.47 -7.88 -1.58
CA PHE A 13 14.25 -7.24 -2.62
C PHE A 13 15.69 -6.98 -2.16
N ASN A 14 16.59 -7.00 -3.13
CA ASN A 14 18.00 -6.78 -2.83
C ASN A 14 18.32 -5.29 -2.95
N ALA A 15 18.47 -4.65 -1.81
CA ALA A 15 18.78 -3.23 -1.77
C ALA A 15 18.76 -2.75 -0.32
N PRO A 16 19.35 -1.54 -0.11
CA PRO A 16 19.42 -0.95 1.21
C PRO A 16 18.06 -0.40 1.63
N ILE A 17 17.60 -0.84 2.80
CA ILE A 17 16.33 -0.40 3.33
C ILE A 17 16.23 1.12 3.21
N GLU A 18 17.39 1.77 3.23
CA GLU A 18 17.45 3.22 3.14
C GLU A 18 16.78 3.68 1.84
N LYS A 19 17.18 3.04 0.75
CA LYS A 19 16.63 3.38 -0.56
C LYS A 19 15.14 3.06 -0.58
N VAL A 20 14.82 1.82 -0.23
CA VAL A 20 13.44 1.37 -0.21
C VAL A 20 12.62 2.32 0.66
N TRP A 21 13.13 2.58 1.85
CA TRP A 21 12.46 3.48 2.79
C TRP A 21 12.22 4.80 2.07
N GLU A 22 13.29 5.39 1.59
CA GLU A 22 13.20 6.66 0.90
C GLU A 22 12.25 6.55 -0.30
N ALA A 23 12.10 5.32 -0.78
CA ALA A 23 11.23 5.06 -1.90
C ALA A 23 9.79 4.90 -1.41
N VAL A 24 9.68 4.65 -0.11
CA VAL A 24 8.37 4.47 0.50
C VAL A 24 8.16 5.55 1.57
N SER A 25 9.01 6.56 1.51
CA SER A 25 8.93 7.66 2.47
C SER A 25 8.54 8.95 1.74
N THR A 26 9.00 9.06 0.51
CA THR A 26 8.70 10.24 -0.30
C THR A 26 7.51 9.98 -1.20
N SER A 27 7.09 11.03 -1.90
CA SER A 27 5.96 10.92 -2.82
C SER A 27 6.43 10.41 -4.18
N GLU A 28 7.48 11.04 -4.69
CA GLU A 28 8.02 10.66 -5.98
C GLU A 28 8.43 9.18 -5.96
N GLY A 29 9.04 8.78 -4.85
CA GLY A 29 9.49 7.41 -4.70
C GLY A 29 8.30 6.45 -4.64
N LEU A 30 7.22 6.93 -4.03
CA LEU A 30 6.01 6.13 -3.91
C LEU A 30 5.30 6.07 -5.27
N ALA A 31 4.96 7.25 -5.77
CA ALA A 31 4.28 7.35 -7.04
C ALA A 31 5.06 6.57 -8.10
N PHE A 32 6.34 6.36 -7.81
CA PHE A 32 7.21 5.63 -8.72
C PHE A 32 6.67 4.22 -8.98
N TRP A 33 5.84 3.76 -8.05
CA TRP A 33 5.25 2.44 -8.16
C TRP A 33 3.78 2.53 -7.74
N PHE A 34 3.57 3.16 -6.59
CA PHE A 34 2.22 3.32 -6.07
C PHE A 34 1.40 4.27 -6.95
N MET A 35 1.47 5.54 -6.61
CA MET A 35 0.73 6.55 -7.37
C MET A 35 1.16 7.96 -6.95
N GLU A 36 0.80 8.92 -7.78
CA GLU A 36 1.12 10.31 -7.52
C GLU A 36 0.54 10.76 -6.18
N ASN A 37 1.36 11.44 -5.40
CA ASN A 37 0.93 11.93 -4.10
C ASN A 37 1.93 12.97 -3.60
N ASP A 38 1.63 13.50 -2.42
CA ASP A 38 2.49 14.51 -1.82
C ASP A 38 2.89 14.06 -0.40
N LEU A 39 3.04 12.76 -0.26
CA LEU A 39 3.42 12.19 1.03
C LEU A 39 4.85 12.60 1.37
N LYS A 40 5.12 12.70 2.66
CA LYS A 40 6.44 13.08 3.14
C LYS A 40 6.77 12.30 4.41
N ALA A 41 6.19 11.12 4.50
CA ALA A 41 6.41 10.26 5.66
C ALA A 41 6.35 11.11 6.93
N GLU A 42 5.16 11.64 7.20
CA GLU A 42 4.96 12.47 8.37
C GLU A 42 3.58 12.20 8.97
N THR A 43 3.58 11.73 10.22
CA THR A 43 2.34 11.44 10.91
C THR A 43 1.53 12.72 11.12
N GLY A 44 0.22 12.57 11.00
CA GLY A 44 -0.68 13.71 11.18
C GLY A 44 -0.58 14.67 9.99
N HIS A 45 -0.08 14.15 8.88
CA HIS A 45 0.07 14.94 7.67
C HIS A 45 -1.22 14.86 6.84
N HIS A 46 -1.29 15.73 5.84
CA HIS A 46 -2.44 15.76 4.97
C HIS A 46 -2.00 15.82 3.51
N PHE A 47 -2.28 14.74 2.80
CA PHE A 47 -1.91 14.67 1.40
C PHE A 47 -3.01 13.98 0.57
N HIS A 48 -3.16 14.44 -0.67
CA HIS A 48 -4.16 13.88 -1.56
C HIS A 48 -3.50 12.87 -2.50
N LEU A 49 -4.35 12.16 -3.24
CA LEU A 49 -3.88 11.16 -4.18
C LEU A 49 -4.52 11.41 -5.54
N GLN A 50 -3.68 11.43 -6.57
CA GLN A 50 -4.15 11.64 -7.93
C GLN A 50 -4.28 10.31 -8.67
N SER A 51 -5.37 9.62 -8.40
CA SER A 51 -5.62 8.34 -9.03
C SER A 51 -6.46 8.53 -10.30
N PRO A 52 -6.50 7.45 -11.13
CA PRO A 52 -7.27 7.49 -12.36
C PRO A 52 -8.77 7.39 -12.09
N PHE A 53 -9.10 6.60 -11.07
CA PHE A 53 -10.49 6.40 -10.71
C PHE A 53 -11.10 7.71 -10.18
N GLY A 54 -10.24 8.59 -9.72
CA GLY A 54 -10.67 9.88 -9.20
C GLY A 54 -9.78 10.33 -8.04
N PRO A 55 -9.81 11.67 -7.79
CA PRO A 55 -9.01 12.25 -6.72
C PRO A 55 -9.62 11.94 -5.35
N SER A 56 -8.76 11.50 -4.44
CA SER A 56 -9.20 11.16 -3.10
C SER A 56 -8.18 11.65 -2.08
N PRO A 57 -8.70 12.09 -0.89
CA PRO A 57 -7.85 12.58 0.17
C PRO A 57 -7.11 11.43 0.87
N CYS A 58 -6.00 11.78 1.48
CA CYS A 58 -5.20 10.78 2.19
C CYS A 58 -4.60 11.44 3.43
N GLN A 59 -4.39 10.63 4.45
CA GLN A 59 -3.82 11.12 5.70
C GLN A 59 -3.00 10.02 6.38
N VAL A 60 -1.80 10.40 6.78
CA VAL A 60 -0.90 9.46 7.44
C VAL A 60 -1.37 9.26 8.89
N THR A 61 -1.23 8.02 9.35
CA THR A 61 -1.64 7.68 10.70
C THR A 61 -0.40 7.32 11.55
N ASP A 62 0.59 6.75 10.88
CA ASP A 62 1.81 6.35 11.56
C ASP A 62 2.95 6.29 10.53
N VAL A 63 4.08 6.85 10.93
CA VAL A 63 5.25 6.85 10.06
C VAL A 63 6.49 7.23 10.88
N GLU A 64 7.33 6.24 11.12
CA GLU A 64 8.55 6.46 11.89
C GLU A 64 9.61 5.43 11.51
N ARG A 65 10.59 5.90 10.73
CA ARG A 65 11.67 5.02 10.29
C ARG A 65 11.10 3.83 9.51
N PRO A 66 12.02 3.08 8.85
CA PRO A 66 11.63 1.92 8.08
C PRO A 66 11.28 0.75 8.99
N ILE A 67 10.15 0.88 9.68
CA ILE A 67 9.69 -0.16 10.58
C ILE A 67 8.17 -0.20 10.57
N LYS A 68 7.58 0.98 10.68
CA LYS A 68 6.12 1.10 10.69
C LYS A 68 5.70 2.27 9.81
N LEU A 69 4.68 2.04 9.00
CA LEU A 69 4.17 3.07 8.11
C LEU A 69 2.73 2.73 7.72
N SER A 70 1.88 3.75 7.78
CA SER A 70 0.48 3.58 7.43
C SER A 70 -0.08 4.89 6.89
N PHE A 71 -1.07 4.75 6.01
CA PHE A 71 -1.71 5.91 5.41
C PHE A 71 -3.12 5.58 4.93
N THR A 72 -4.02 6.53 5.11
CA THR A 72 -5.40 6.35 4.69
C THR A 72 -5.57 6.74 3.22
N TRP A 73 -6.59 6.15 2.61
CA TRP A 73 -6.87 6.42 1.21
C TRP A 73 -8.36 6.21 0.98
N ASP A 74 -8.98 7.21 0.38
CA ASP A 74 -10.41 7.16 0.09
C ASP A 74 -11.19 7.43 1.38
N THR A 75 -12.50 7.57 1.22
CA THR A 75 -13.37 7.83 2.34
C THR A 75 -14.13 6.56 2.74
N ASP A 76 -14.48 5.78 1.73
CA ASP A 76 -15.21 4.55 1.96
C ASP A 76 -14.66 3.85 3.20
N GLY A 77 -13.39 3.45 3.11
CA GLY A 77 -12.73 2.77 4.21
C GLY A 77 -11.67 1.80 3.71
N TRP A 78 -10.65 2.36 3.08
CA TRP A 78 -9.57 1.55 2.55
C TRP A 78 -8.25 2.08 3.14
N SER A 79 -7.66 1.28 4.00
CA SER A 79 -6.40 1.65 4.63
C SER A 79 -5.36 0.55 4.42
N VAL A 80 -4.13 0.99 4.18
CA VAL A 80 -3.04 0.05 3.96
C VAL A 80 -1.88 0.40 4.90
N THR A 81 -1.23 -0.63 5.40
CA THR A 81 -0.10 -0.45 6.31
C THR A 81 1.14 -1.14 5.76
N PHE A 82 2.26 -0.44 5.84
CA PHE A 82 3.52 -0.99 5.35
C PHE A 82 4.45 -1.35 6.51
N HIS A 83 5.22 -2.40 6.31
CA HIS A 83 6.15 -2.86 7.33
C HIS A 83 7.49 -3.21 6.68
N LEU A 84 8.52 -2.49 7.08
CA LEU A 84 9.85 -2.70 6.56
C LEU A 84 10.76 -3.22 7.68
N LYS A 85 11.79 -3.94 7.27
CA LYS A 85 12.74 -4.48 8.23
C LYS A 85 13.96 -5.04 7.48
N GLU A 86 15.10 -4.39 7.69
CA GLU A 86 16.32 -4.81 7.04
C GLU A 86 16.73 -6.21 7.52
N GLU A 87 17.23 -7.00 6.57
CA GLU A 87 17.66 -8.34 6.89
C GLU A 87 19.01 -8.63 6.25
N GLU A 88 19.42 -9.89 6.34
CA GLU A 88 20.69 -10.31 5.77
C GLU A 88 20.62 -10.31 4.25
N ASN A 89 19.66 -11.07 3.73
CA ASN A 89 19.47 -11.17 2.30
C ASN A 89 19.35 -9.76 1.70
N GLY A 90 18.57 -8.93 2.39
CA GLY A 90 18.36 -7.57 1.94
C GLY A 90 17.32 -6.86 2.80
N THR A 91 16.32 -6.29 2.14
CA THR A 91 15.26 -5.58 2.82
C THR A 91 13.96 -6.37 2.74
N ILE A 92 13.22 -6.37 3.84
CA ILE A 92 11.95 -7.07 3.90
C ILE A 92 10.80 -6.06 3.85
N PHE A 93 9.90 -6.30 2.92
CA PHE A 93 8.75 -5.43 2.74
C PHE A 93 7.44 -6.21 2.86
N THR A 94 6.62 -5.80 3.82
CA THR A 94 5.34 -6.44 4.05
C THR A 94 4.20 -5.44 3.90
N ILE A 95 3.23 -5.80 3.06
CA ILE A 95 2.08 -4.95 2.83
C ILE A 95 0.85 -5.56 3.51
N VAL A 96 -0.05 -4.68 3.92
CA VAL A 96 -1.28 -5.12 4.58
C VAL A 96 -2.42 -4.18 4.18
N HIS A 97 -3.30 -4.72 3.33
CA HIS A 97 -4.43 -3.94 2.86
C HIS A 97 -5.73 -4.56 3.41
N SER A 98 -6.40 -3.79 4.24
CA SER A 98 -7.65 -4.24 4.85
C SER A 98 -8.73 -3.17 4.67
N GLY A 99 -9.97 -3.61 4.80
CA GLY A 99 -11.10 -2.71 4.66
C GLY A 99 -12.20 -3.32 3.79
N TRP A 100 -12.60 -4.53 4.16
CA TRP A 100 -13.64 -5.24 3.42
C TRP A 100 -14.75 -5.59 4.40
N LYS A 101 -15.86 -6.07 3.84
CA LYS A 101 -17.01 -6.45 4.65
C LYS A 101 -17.29 -7.94 4.46
N GLN A 102 -18.40 -8.37 5.01
CA GLN A 102 -18.80 -9.77 4.90
C GLN A 102 -18.74 -10.23 3.44
N GLY A 103 -18.38 -11.49 3.27
CA GLY A 103 -18.28 -12.07 1.95
C GLY A 103 -19.67 -12.23 1.32
N ASP A 104 -20.20 -11.12 0.81
CA ASP A 104 -21.50 -11.13 0.19
C ASP A 104 -21.89 -9.70 -0.18
N THR A 105 -21.61 -8.79 0.73
CA THR A 105 -21.93 -7.38 0.51
C THR A 105 -21.14 -6.84 -0.67
N LYS A 106 -21.86 -6.35 -1.67
CA LYS A 106 -21.24 -5.79 -2.85
C LYS A 106 -20.74 -4.38 -2.55
N VAL A 107 -19.71 -3.97 -3.29
CA VAL A 107 -19.15 -2.66 -3.12
C VAL A 107 -19.90 -1.66 -4.00
N GLU A 108 -20.46 -0.65 -3.35
CA GLU A 108 -21.21 0.37 -4.06
C GLU A 108 -20.25 1.38 -4.70
N LYS A 109 -19.07 1.48 -4.11
CA LYS A 109 -18.06 2.40 -4.62
C LYS A 109 -17.47 1.84 -5.92
N ALA A 110 -16.62 0.84 -5.76
CA ALA A 110 -15.99 0.22 -6.90
C ALA A 110 -17.06 -0.23 -7.90
N GLY A 111 -17.83 -1.23 -7.48
CA GLY A 111 -18.89 -1.75 -8.32
C GLY A 111 -19.03 -3.28 -8.15
N ALA A 112 -17.97 -3.99 -8.52
CA ALA A 112 -17.97 -5.43 -8.40
C ALA A 112 -17.97 -5.82 -6.93
N GLU A 113 -18.24 -7.10 -6.68
CA GLU A 113 -18.28 -7.60 -5.33
C GLU A 113 -16.97 -7.29 -4.60
N SER A 114 -17.03 -7.33 -3.28
CA SER A 114 -15.87 -7.05 -2.46
C SER A 114 -14.82 -8.14 -2.66
N ALA A 115 -15.28 -9.38 -2.64
CA ALA A 115 -14.39 -10.51 -2.82
C ALA A 115 -13.70 -10.41 -4.18
N VAL A 116 -14.52 -10.19 -5.20
CA VAL A 116 -14.01 -10.07 -6.55
C VAL A 116 -12.93 -8.99 -6.59
N VAL A 117 -13.28 -7.82 -6.08
CA VAL A 117 -12.36 -6.70 -6.05
C VAL A 117 -11.14 -7.07 -5.21
N HIS A 118 -11.41 -7.78 -4.12
CA HIS A 118 -10.35 -8.22 -3.23
C HIS A 118 -9.28 -8.97 -4.03
N GLU A 119 -9.74 -9.98 -4.76
CA GLU A 119 -8.85 -10.79 -5.57
C GLU A 119 -8.16 -9.93 -6.62
N ARG A 120 -8.95 -9.10 -7.27
CA ARG A 120 -8.44 -8.22 -8.31
C ARG A 120 -7.38 -7.28 -7.73
N MET A 121 -7.79 -6.54 -6.69
CA MET A 121 -6.89 -5.61 -6.04
C MET A 121 -5.65 -6.33 -5.51
N ASP A 122 -5.88 -7.41 -4.79
CA ASP A 122 -4.80 -8.18 -4.23
C ASP A 122 -3.79 -8.54 -5.32
N ARG A 123 -4.34 -9.07 -6.42
CA ARG A 123 -3.51 -9.45 -7.55
C ARG A 123 -2.54 -8.32 -7.91
N GLY A 124 -3.12 -7.17 -8.23
CA GLY A 124 -2.34 -6.01 -8.60
C GLY A 124 -1.49 -5.52 -7.42
N TRP A 125 -2.07 -5.65 -6.24
CA TRP A 125 -1.38 -5.24 -5.02
C TRP A 125 -0.08 -6.03 -4.91
N HIS A 126 -0.18 -7.32 -5.16
CA HIS A 126 0.98 -8.19 -5.09
C HIS A 126 1.94 -7.85 -6.23
N ASP A 127 1.41 -7.88 -7.44
CA ASP A 127 2.21 -7.57 -8.62
C ASP A 127 2.90 -6.22 -8.42
N LEU A 128 2.20 -5.32 -7.73
CA LEU A 128 2.73 -4.00 -7.47
C LEU A 128 3.96 -4.12 -6.57
N VAL A 129 3.77 -4.81 -5.46
CA VAL A 129 4.86 -5.01 -4.51
C VAL A 129 5.58 -6.31 -4.82
N ASN A 130 5.74 -6.57 -6.12
CA ASN A 130 6.41 -7.77 -6.57
C ASN A 130 7.63 -7.38 -7.43
N GLU A 131 7.35 -6.64 -8.49
CA GLU A 131 8.39 -6.21 -9.38
C GLU A 131 8.33 -4.69 -9.58
N ARG A 132 7.11 -4.20 -9.76
CA ARG A 132 6.90 -2.77 -9.95
C ARG A 132 7.66 -1.97 -8.90
N LEU A 133 7.70 -2.52 -7.69
CA LEU A 133 8.39 -1.88 -6.59
C LEU A 133 9.89 -2.22 -6.65
N ARG A 134 10.15 -3.50 -6.88
CA ARG A 134 11.53 -3.97 -6.96
C ARG A 134 12.31 -3.14 -7.98
N GLN A 135 11.61 -2.72 -9.03
CA GLN A 135 12.22 -1.93 -10.08
C GLN A 135 12.67 -0.58 -9.52
N ILE A 136 11.95 -0.13 -8.50
CA ILE A 136 12.25 1.15 -7.86
C ILE A 136 13.62 1.05 -7.19
N VAL A 137 14.02 -0.16 -6.87
CA VAL A 137 15.30 -0.39 -6.23
C VAL A 137 16.25 -1.10 -7.21
N GLU A 138 15.64 -1.67 -8.25
CA GLU A 138 16.42 -2.37 -9.26
C GLU A 138 16.44 -1.56 -10.56
N MET A 1 -15.79 -19.82 5.55
CA MET A 1 -17.23 -19.95 5.57
C MET A 1 -17.91 -18.64 5.19
N THR A 2 -17.43 -17.56 5.81
CA THR A 2 -17.98 -16.25 5.54
C THR A 2 -16.89 -15.18 5.62
N ARG A 3 -17.31 -13.93 5.54
CA ARG A 3 -16.38 -12.82 5.61
C ARG A 3 -15.17 -13.08 4.70
N LEU A 4 -14.20 -12.20 4.79
CA LEU A 4 -12.98 -12.32 3.99
C LEU A 4 -11.78 -11.92 4.84
N PRO A 5 -10.64 -12.65 4.59
CA PRO A 5 -9.42 -12.37 5.33
C PRO A 5 -8.75 -11.09 4.82
N ASP A 6 -7.63 -10.77 5.44
CA ASP A 6 -6.88 -9.57 5.07
C ASP A 6 -5.99 -9.89 3.88
N ILE A 7 -5.56 -8.83 3.19
CA ILE A 7 -4.70 -8.99 2.03
C ILE A 7 -3.25 -8.69 2.44
N LYS A 8 -2.74 -9.51 3.33
CA LYS A 8 -1.38 -9.35 3.81
C LYS A 8 -0.42 -10.06 2.85
N LYS A 9 0.62 -9.33 2.47
CA LYS A 9 1.62 -9.88 1.56
C LYS A 9 3.01 -9.55 2.08
N GLU A 10 4.01 -10.15 1.45
CA GLU A 10 5.40 -9.94 1.84
C GLU A 10 6.32 -10.16 0.65
N VAL A 11 7.26 -9.25 0.48
CA VAL A 11 8.21 -9.33 -0.61
C VAL A 11 9.58 -8.83 -0.14
N ARG A 12 10.62 -9.46 -0.65
CA ARG A 12 11.98 -9.08 -0.28
C ARG A 12 12.69 -8.45 -1.49
N PHE A 13 13.54 -7.47 -1.18
CA PHE A 13 14.28 -6.78 -2.21
C PHE A 13 15.77 -6.75 -1.89
N ASN A 14 16.58 -6.76 -2.95
CA ASN A 14 18.02 -6.74 -2.79
C ASN A 14 18.52 -5.30 -2.90
N ALA A 15 18.72 -4.68 -1.76
CA ALA A 15 19.19 -3.31 -1.72
C ALA A 15 19.10 -2.77 -0.29
N PRO A 16 19.61 -1.52 -0.11
CA PRO A 16 19.59 -0.89 1.20
C PRO A 16 18.19 -0.42 1.57
N ILE A 17 17.76 -0.77 2.76
CA ILE A 17 16.44 -0.39 3.24
C ILE A 17 16.29 1.13 3.14
N GLU A 18 17.41 1.82 3.27
CA GLU A 18 17.42 3.27 3.20
C GLU A 18 16.81 3.73 1.87
N LYS A 19 17.16 3.02 0.81
CA LYS A 19 16.65 3.35 -0.51
C LYS A 19 15.15 3.06 -0.56
N VAL A 20 14.79 1.83 -0.23
CA VAL A 20 13.40 1.43 -0.23
C VAL A 20 12.60 2.37 0.66
N TRP A 21 13.16 2.65 1.83
CA TRP A 21 12.52 3.54 2.79
C TRP A 21 12.26 4.88 2.09
N GLU A 22 13.33 5.40 1.51
CA GLU A 22 13.24 6.67 0.81
C GLU A 22 12.27 6.57 -0.37
N ALA A 23 12.10 5.35 -0.85
CA ALA A 23 11.20 5.10 -1.97
C ALA A 23 9.78 4.96 -1.45
N VAL A 24 9.67 4.68 -0.16
CA VAL A 24 8.37 4.51 0.47
C VAL A 24 8.15 5.65 1.47
N SER A 25 8.98 6.67 1.35
CA SER A 25 8.90 7.82 2.22
C SER A 25 8.55 9.08 1.41
N THR A 26 9.05 9.10 0.19
CA THR A 26 8.80 10.23 -0.69
C THR A 26 7.60 9.95 -1.59
N SER A 27 7.07 11.01 -2.17
CA SER A 27 5.91 10.90 -3.05
C SER A 27 6.35 10.39 -4.42
N GLU A 28 7.40 11.02 -4.94
CA GLU A 28 7.92 10.63 -6.23
C GLU A 28 8.36 9.16 -6.22
N GLY A 29 8.90 8.74 -5.09
CA GLY A 29 9.35 7.38 -4.94
C GLY A 29 8.16 6.42 -4.80
N LEU A 30 7.13 6.90 -4.15
CA LEU A 30 5.93 6.10 -3.93
C LEU A 30 5.11 6.06 -5.23
N ALA A 31 4.82 7.24 -5.74
CA ALA A 31 4.06 7.36 -6.98
C ALA A 31 4.77 6.57 -8.08
N PHE A 32 6.04 6.30 -7.84
CA PHE A 32 6.84 5.57 -8.81
C PHE A 32 6.31 4.14 -8.99
N TRP A 33 5.54 3.71 -8.02
CA TRP A 33 4.97 2.37 -8.05
C TRP A 33 3.51 2.47 -7.59
N PHE A 34 3.32 3.12 -6.47
CA PHE A 34 1.99 3.29 -5.91
C PHE A 34 1.15 4.23 -6.78
N MET A 35 1.24 5.51 -6.47
CA MET A 35 0.50 6.53 -7.22
C MET A 35 0.92 7.94 -6.80
N GLU A 36 0.57 8.90 -7.64
CA GLU A 36 0.89 10.28 -7.37
C GLU A 36 0.33 10.70 -6.01
N ASN A 37 1.18 11.37 -5.23
CA ASN A 37 0.79 11.83 -3.91
C ASN A 37 1.72 12.97 -3.49
N ASP A 38 1.55 13.39 -2.24
CA ASP A 38 2.36 14.46 -1.69
C ASP A 38 2.84 14.08 -0.30
N LEU A 39 3.05 12.77 -0.11
CA LEU A 39 3.50 12.27 1.17
C LEU A 39 4.84 12.90 1.52
N LYS A 40 5.12 12.94 2.82
CA LYS A 40 6.37 13.51 3.30
C LYS A 40 6.81 12.77 4.57
N ALA A 41 6.33 11.54 4.69
CA ALA A 41 6.66 10.73 5.85
C ALA A 41 6.57 11.58 7.11
N GLU A 42 5.34 11.96 7.45
CA GLU A 42 5.10 12.77 8.62
C GLU A 42 3.66 12.56 9.12
N THR A 43 3.56 11.91 10.27
CA THR A 43 2.26 11.64 10.86
C THR A 43 1.41 12.90 10.88
N GLY A 44 0.13 12.74 10.55
CA GLY A 44 -0.79 13.85 10.51
C GLY A 44 -0.49 14.79 9.35
N HIS A 45 0.06 14.20 8.29
CA HIS A 45 0.41 14.96 7.11
C HIS A 45 -0.60 14.67 5.99
N HIS A 46 -1.69 15.42 6.02
CA HIS A 46 -2.74 15.25 5.02
C HIS A 46 -2.16 15.52 3.62
N PHE A 47 -1.99 14.43 2.88
CA PHE A 47 -1.45 14.54 1.54
C PHE A 47 -2.51 14.18 0.49
N HIS A 48 -2.49 14.93 -0.60
CA HIS A 48 -3.44 14.72 -1.68
C HIS A 48 -2.99 13.53 -2.54
N LEU A 49 -3.98 12.83 -3.10
CA LEU A 49 -3.69 11.69 -3.94
C LEU A 49 -4.34 11.89 -5.31
N GLN A 50 -3.52 11.71 -6.34
CA GLN A 50 -4.00 11.87 -7.70
C GLN A 50 -4.12 10.51 -8.39
N SER A 51 -5.20 9.83 -8.09
CA SER A 51 -5.44 8.51 -8.67
C SER A 51 -6.12 8.66 -10.04
N PRO A 52 -6.28 7.51 -10.73
CA PRO A 52 -6.90 7.49 -12.04
C PRO A 52 -8.41 7.66 -11.94
N PHE A 53 -8.91 7.45 -10.72
CA PHE A 53 -10.34 7.58 -10.47
C PHE A 53 -10.64 8.84 -9.66
N GLY A 54 -10.20 9.97 -10.19
CA GLY A 54 -10.41 11.24 -9.52
C GLY A 54 -9.45 11.42 -8.35
N PRO A 55 -9.13 12.70 -8.05
CA PRO A 55 -8.24 13.02 -6.95
C PRO A 55 -8.93 12.85 -5.60
N SER A 56 -8.18 12.30 -4.66
CA SER A 56 -8.71 12.06 -3.32
C SER A 56 -7.64 12.38 -2.28
N PRO A 57 -8.09 13.00 -1.15
CA PRO A 57 -7.19 13.35 -0.08
C PRO A 57 -6.78 12.11 0.73
N CYS A 58 -5.75 12.28 1.54
CA CYS A 58 -5.26 11.19 2.36
C CYS A 58 -4.60 11.79 3.61
N GLN A 59 -4.33 10.92 4.58
CA GLN A 59 -3.70 11.36 5.81
C GLN A 59 -2.88 10.21 6.42
N VAL A 60 -1.66 10.55 6.82
CA VAL A 60 -0.77 9.56 7.42
C VAL A 60 -1.14 9.38 8.89
N THR A 61 -1.31 8.13 9.29
CA THR A 61 -1.65 7.81 10.66
C THR A 61 -0.39 7.54 11.47
N ASP A 62 0.56 6.86 10.83
CA ASP A 62 1.81 6.52 11.48
C ASP A 62 2.92 6.44 10.44
N VAL A 63 4.04 7.08 10.76
CA VAL A 63 5.17 7.09 9.85
C VAL A 63 6.45 7.39 10.65
N GLU A 64 7.25 6.35 10.82
CA GLU A 64 8.50 6.49 11.56
C GLU A 64 9.49 5.40 11.13
N ARG A 65 10.48 5.82 10.36
CA ARG A 65 11.49 4.90 9.89
C ARG A 65 10.84 3.72 9.14
N PRO A 66 11.69 2.96 8.41
CA PRO A 66 11.21 1.82 7.66
C PRO A 66 10.90 0.65 8.59
N ILE A 67 9.97 0.89 9.51
CA ILE A 67 9.57 -0.14 10.46
C ILE A 67 8.04 -0.20 10.50
N LYS A 68 7.43 0.98 10.53
CA LYS A 68 5.98 1.07 10.58
C LYS A 68 5.52 2.26 9.74
N LEU A 69 4.70 1.96 8.75
CA LEU A 69 4.18 2.99 7.86
C LEU A 69 2.72 2.68 7.51
N SER A 70 1.87 3.65 7.77
CA SER A 70 0.45 3.48 7.49
C SER A 70 -0.13 4.79 6.93
N PHE A 71 -1.17 4.63 6.13
CA PHE A 71 -1.81 5.78 5.52
C PHE A 71 -3.26 5.46 5.13
N THR A 72 -4.12 6.45 5.28
CA THR A 72 -5.52 6.29 4.95
C THR A 72 -5.77 6.61 3.48
N TRP A 73 -6.70 5.88 2.89
CA TRP A 73 -7.04 6.07 1.49
C TRP A 73 -8.37 6.81 1.42
N ASP A 74 -8.38 7.88 0.64
CA ASP A 74 -9.58 8.68 0.49
C ASP A 74 -10.07 9.15 1.86
N THR A 75 -11.03 10.04 1.84
CA THR A 75 -11.60 10.57 3.07
C THR A 75 -11.84 9.44 4.07
N ASP A 76 -12.33 8.33 3.56
CA ASP A 76 -12.61 7.17 4.39
C ASP A 76 -13.09 6.02 3.51
N GLY A 77 -12.26 4.98 3.45
CA GLY A 77 -12.59 3.81 2.66
C GLY A 77 -11.82 2.58 3.15
N TRP A 78 -10.63 2.41 2.59
CA TRP A 78 -9.79 1.28 2.95
C TRP A 78 -8.52 1.83 3.62
N SER A 79 -7.82 0.95 4.31
CA SER A 79 -6.59 1.34 4.98
C SER A 79 -5.51 0.28 4.76
N VAL A 80 -4.32 0.75 4.41
CA VAL A 80 -3.20 -0.15 4.16
C VAL A 80 -2.01 0.28 5.03
N THR A 81 -1.27 -0.71 5.48
CA THR A 81 -0.09 -0.45 6.31
C THR A 81 1.11 -1.24 5.80
N PHE A 82 2.25 -0.56 5.77
CA PHE A 82 3.48 -1.19 5.30
C PHE A 82 4.42 -1.48 6.48
N HIS A 83 5.24 -2.50 6.29
CA HIS A 83 6.19 -2.89 7.31
C HIS A 83 7.51 -3.31 6.67
N LEU A 84 8.53 -2.51 6.92
CA LEU A 84 9.85 -2.79 6.37
C LEU A 84 10.74 -3.40 7.45
N LYS A 85 11.74 -4.14 7.01
CA LYS A 85 12.67 -4.77 7.93
C LYS A 85 13.88 -5.29 7.15
N GLU A 86 15.04 -4.71 7.46
CA GLU A 86 16.27 -5.11 6.80
C GLU A 86 16.68 -6.51 7.25
N GLU A 87 17.14 -7.29 6.28
CA GLU A 87 17.58 -8.64 6.56
C GLU A 87 19.10 -8.75 6.48
N GLU A 88 19.59 -9.98 6.50
CA GLU A 88 21.01 -10.23 6.44
C GLU A 88 21.66 -9.32 5.38
N ASN A 89 21.40 -9.64 4.12
CA ASN A 89 21.94 -8.87 3.03
C ASN A 89 20.82 -8.51 2.05
N GLY A 90 19.81 -7.83 2.57
CA GLY A 90 18.67 -7.44 1.78
C GLY A 90 17.59 -6.78 2.64
N THR A 91 16.61 -6.20 1.97
CA THR A 91 15.50 -5.55 2.65
C THR A 91 14.21 -6.35 2.48
N ILE A 92 13.40 -6.35 3.53
CA ILE A 92 12.14 -7.07 3.50
C ILE A 92 10.99 -6.06 3.53
N PHE A 93 10.04 -6.27 2.63
CA PHE A 93 8.88 -5.38 2.54
C PHE A 93 7.59 -6.17 2.77
N THR A 94 6.75 -5.62 3.64
CA THR A 94 5.49 -6.25 3.95
C THR A 94 4.33 -5.25 3.78
N ILE A 95 3.26 -5.74 3.18
CA ILE A 95 2.09 -4.91 2.95
C ILE A 95 0.88 -5.53 3.65
N VAL A 96 0.03 -4.65 4.17
CA VAL A 96 -1.16 -5.08 4.87
C VAL A 96 -2.35 -4.21 4.45
N HIS A 97 -3.36 -4.88 3.90
CA HIS A 97 -4.54 -4.17 3.44
C HIS A 97 -5.78 -4.79 4.09
N SER A 98 -6.60 -3.94 4.69
CA SER A 98 -7.81 -4.40 5.34
C SER A 98 -8.92 -3.36 5.16
N GLY A 99 -10.14 -3.77 5.49
CA GLY A 99 -11.29 -2.88 5.39
C GLY A 99 -12.24 -3.37 4.29
N TRP A 100 -12.42 -4.68 4.23
CA TRP A 100 -13.30 -5.27 3.25
C TRP A 100 -14.59 -5.70 3.95
N LYS A 101 -15.48 -6.29 3.17
CA LYS A 101 -16.75 -6.75 3.71
C LYS A 101 -16.87 -8.26 3.52
N GLN A 102 -18.10 -8.73 3.48
CA GLN A 102 -18.37 -10.15 3.30
C GLN A 102 -18.24 -10.53 1.83
N GLY A 103 -17.99 -11.81 1.61
CA GLY A 103 -17.85 -12.32 0.25
C GLY A 103 -19.21 -12.68 -0.35
N ASP A 104 -20.13 -11.73 -0.26
CA ASP A 104 -21.47 -11.92 -0.79
C ASP A 104 -21.94 -10.62 -1.43
N THR A 105 -21.79 -9.54 -0.69
CA THR A 105 -22.21 -8.23 -1.17
C THR A 105 -21.35 -7.80 -2.37
N LYS A 106 -21.84 -6.81 -3.08
CA LYS A 106 -21.13 -6.30 -4.24
C LYS A 106 -20.68 -4.87 -3.97
N VAL A 107 -19.67 -4.44 -4.71
CA VAL A 107 -19.14 -3.11 -4.56
C VAL A 107 -19.84 -2.16 -5.55
N GLU A 108 -20.62 -1.26 -4.99
CA GLU A 108 -21.35 -0.29 -5.80
C GLU A 108 -20.41 0.80 -6.30
N LYS A 109 -19.44 0.39 -7.13
CA LYS A 109 -18.48 1.31 -7.68
C LYS A 109 -17.65 0.60 -8.75
N ALA A 110 -16.79 -0.29 -8.29
CA ALA A 110 -15.93 -1.04 -9.20
C ALA A 110 -16.79 -1.63 -10.32
N GLY A 111 -17.57 -2.64 -9.96
CA GLY A 111 -18.43 -3.30 -10.93
C GLY A 111 -18.22 -4.81 -10.90
N ALA A 112 -18.11 -5.34 -9.68
CA ALA A 112 -17.92 -6.77 -9.51
C ALA A 112 -17.99 -7.11 -8.02
N GLU A 113 -18.31 -8.36 -7.74
CA GLU A 113 -18.41 -8.83 -6.37
C GLU A 113 -17.21 -8.36 -5.56
N SER A 114 -17.41 -8.25 -4.25
CA SER A 114 -16.36 -7.81 -3.36
C SER A 114 -15.17 -8.77 -3.44
N ALA A 115 -15.49 -10.06 -3.43
CA ALA A 115 -14.46 -11.08 -3.50
C ALA A 115 -13.64 -10.90 -4.78
N VAL A 116 -14.36 -10.76 -5.89
CA VAL A 116 -13.72 -10.57 -7.18
C VAL A 116 -12.70 -9.42 -7.08
N VAL A 117 -13.18 -8.30 -6.58
CA VAL A 117 -12.34 -7.13 -6.42
C VAL A 117 -11.20 -7.46 -5.45
N HIS A 118 -11.53 -8.24 -4.43
CA HIS A 118 -10.55 -8.63 -3.44
C HIS A 118 -9.39 -9.36 -4.12
N GLU A 119 -9.75 -10.36 -4.90
CA GLU A 119 -8.76 -11.15 -5.61
C GLU A 119 -8.02 -10.27 -6.64
N ARG A 120 -8.79 -9.44 -7.32
CA ARG A 120 -8.23 -8.55 -8.32
C ARG A 120 -7.18 -7.63 -7.69
N MET A 121 -7.65 -6.78 -6.78
CA MET A 121 -6.77 -5.85 -6.10
C MET A 121 -5.63 -6.59 -5.39
N ASP A 122 -5.97 -7.74 -4.82
CA ASP A 122 -4.99 -8.54 -4.11
C ASP A 122 -3.85 -8.91 -5.08
N ARG A 123 -4.24 -9.50 -6.20
CA ARG A 123 -3.28 -9.90 -7.20
C ARG A 123 -2.42 -8.71 -7.62
N GLY A 124 -3.10 -7.62 -7.94
CA GLY A 124 -2.41 -6.41 -8.36
C GLY A 124 -1.55 -5.84 -7.22
N TRP A 125 -2.07 -5.98 -6.01
CA TRP A 125 -1.36 -5.49 -4.84
C TRP A 125 0.02 -6.16 -4.80
N HIS A 126 0.01 -7.48 -4.85
CA HIS A 126 1.24 -8.24 -4.82
C HIS A 126 2.08 -7.89 -6.05
N ASP A 127 1.48 -8.04 -7.21
CA ASP A 127 2.16 -7.73 -8.46
C ASP A 127 2.74 -6.31 -8.39
N LEU A 128 2.01 -5.44 -7.70
CA LEU A 128 2.44 -4.07 -7.55
C LEU A 128 3.61 -4.01 -6.57
N VAL A 129 3.58 -4.91 -5.61
CA VAL A 129 4.64 -4.97 -4.60
C VAL A 129 5.50 -6.21 -4.84
N ASN A 130 5.63 -6.55 -6.12
CA ASN A 130 6.43 -7.71 -6.50
C ASN A 130 7.57 -7.26 -7.42
N GLU A 131 7.18 -6.64 -8.52
CA GLU A 131 8.15 -6.16 -9.49
C GLU A 131 8.10 -4.63 -9.58
N ARG A 132 6.90 -4.13 -9.84
CA ARG A 132 6.71 -2.70 -9.97
C ARG A 132 7.55 -1.95 -8.93
N LEU A 133 7.31 -2.28 -7.67
CA LEU A 133 8.03 -1.67 -6.57
C LEU A 133 9.50 -2.08 -6.63
N ARG A 134 9.71 -3.37 -6.86
CA ARG A 134 11.05 -3.92 -6.95
C ARG A 134 11.89 -3.10 -7.92
N GLN A 135 11.25 -2.72 -9.02
CA GLN A 135 11.93 -1.94 -10.05
C GLN A 135 12.39 -0.60 -9.47
N ILE A 136 11.63 -0.11 -8.50
CA ILE A 136 11.96 1.15 -7.86
C ILE A 136 13.29 1.01 -7.13
N VAL A 137 13.65 -0.22 -6.82
CA VAL A 137 14.90 -0.50 -6.13
C VAL A 137 15.83 -1.26 -7.07
N GLU A 138 15.26 -1.75 -8.15
CA GLU A 138 16.03 -2.50 -9.14
C GLU A 138 16.14 -1.72 -10.44
N MET A 1 -17.69 -22.03 5.71
CA MET A 1 -17.20 -21.05 4.75
C MET A 1 -16.23 -20.08 5.41
N THR A 2 -15.69 -19.19 4.59
CA THR A 2 -14.74 -18.21 5.07
C THR A 2 -14.97 -16.86 4.39
N ARG A 3 -14.56 -15.80 5.08
CA ARG A 3 -14.73 -14.46 4.56
C ARG A 3 -13.42 -13.97 3.92
N LEU A 4 -13.44 -12.73 3.47
CA LEU A 4 -12.28 -12.13 2.85
C LEU A 4 -11.27 -11.72 3.93
N PRO A 5 -10.09 -12.41 3.92
CA PRO A 5 -9.06 -12.13 4.89
C PRO A 5 -8.34 -10.82 4.56
N ASP A 6 -7.59 -10.33 5.54
CA ASP A 6 -6.85 -9.09 5.37
C ASP A 6 -5.80 -9.28 4.28
N ILE A 7 -5.88 -8.43 3.26
CA ILE A 7 -4.95 -8.49 2.15
C ILE A 7 -3.54 -8.22 2.66
N LYS A 8 -2.86 -9.29 3.06
CA LYS A 8 -1.50 -9.18 3.57
C LYS A 8 -0.55 -9.87 2.60
N LYS A 9 0.45 -9.12 2.17
CA LYS A 9 1.44 -9.64 1.25
C LYS A 9 2.84 -9.29 1.76
N GLU A 10 3.83 -9.95 1.17
CA GLU A 10 5.22 -9.73 1.56
C GLU A 10 6.15 -10.02 0.39
N VAL A 11 7.15 -9.18 0.25
CA VAL A 11 8.12 -9.33 -0.83
C VAL A 11 9.53 -9.03 -0.29
N ARG A 12 10.51 -9.61 -0.95
CA ARG A 12 11.90 -9.43 -0.55
C ARG A 12 12.73 -8.94 -1.74
N PHE A 13 13.26 -7.74 -1.60
CA PHE A 13 14.07 -7.14 -2.65
C PHE A 13 15.52 -6.95 -2.18
N ASN A 14 16.43 -7.01 -3.13
CA ASN A 14 17.85 -6.85 -2.83
C ASN A 14 18.23 -5.37 -2.99
N ALA A 15 18.34 -4.69 -1.87
CA ALA A 15 18.70 -3.28 -1.88
C ALA A 15 18.77 -2.78 -0.43
N PRO A 16 19.34 -1.55 -0.28
CA PRO A 16 19.48 -0.95 1.03
C PRO A 16 18.14 -0.43 1.54
N ILE A 17 17.84 -0.79 2.78
CA ILE A 17 16.59 -0.38 3.40
C ILE A 17 16.49 1.15 3.35
N GLU A 18 17.65 1.79 3.31
CA GLU A 18 17.70 3.24 3.25
C GLU A 18 17.09 3.74 1.94
N LYS A 19 17.18 2.91 0.92
CA LYS A 19 16.65 3.26 -0.38
C LYS A 19 15.16 2.96 -0.41
N VAL A 20 14.82 1.71 -0.14
CA VAL A 20 13.43 1.28 -0.13
C VAL A 20 12.65 2.13 0.86
N TRP A 21 13.32 2.46 1.96
CA TRP A 21 12.68 3.27 2.99
C TRP A 21 12.33 4.63 2.39
N GLU A 22 13.30 5.20 1.69
CA GLU A 22 13.11 6.50 1.05
C GLU A 22 12.13 6.36 -0.12
N ALA A 23 12.07 5.15 -0.67
CA ALA A 23 11.18 4.88 -1.79
C ALA A 23 9.75 4.79 -1.28
N VAL A 24 9.62 4.60 0.03
CA VAL A 24 8.31 4.49 0.64
C VAL A 24 8.10 5.66 1.59
N SER A 25 8.97 6.65 1.47
CA SER A 25 8.89 7.83 2.31
C SER A 25 8.64 9.07 1.45
N THR A 26 9.24 9.07 0.28
CA THR A 26 9.08 10.19 -0.65
C THR A 26 7.84 9.99 -1.51
N SER A 27 7.45 11.07 -2.19
CA SER A 27 6.29 11.02 -3.06
C SER A 27 6.69 10.53 -4.45
N GLU A 28 7.82 11.05 -4.92
CA GLU A 28 8.31 10.67 -6.24
C GLU A 28 8.69 9.18 -6.26
N GLY A 29 9.21 8.72 -5.14
CA GLY A 29 9.61 7.32 -5.02
C GLY A 29 8.38 6.42 -4.88
N LEU A 30 7.35 6.97 -4.25
CA LEU A 30 6.12 6.21 -4.04
C LEU A 30 5.33 6.18 -5.35
N ALA A 31 5.04 7.36 -5.87
CA ALA A 31 4.30 7.48 -7.10
C ALA A 31 4.99 6.65 -8.19
N PHE A 32 6.26 6.36 -7.95
CA PHE A 32 7.03 5.58 -8.90
C PHE A 32 6.44 4.18 -9.07
N TRP A 33 5.71 3.75 -8.06
CA TRP A 33 5.07 2.44 -8.09
C TRP A 33 3.62 2.60 -7.64
N PHE A 34 3.46 3.27 -6.51
CA PHE A 34 2.13 3.50 -5.96
C PHE A 34 1.33 4.44 -6.86
N MET A 35 1.45 5.73 -6.58
CA MET A 35 0.73 6.73 -7.35
C MET A 35 1.16 8.14 -6.94
N GLU A 36 0.79 9.10 -7.77
CA GLU A 36 1.12 10.49 -7.51
C GLU A 36 0.53 10.93 -6.17
N ASN A 37 1.39 11.49 -5.33
CA ASN A 37 0.98 11.95 -4.02
C ASN A 37 1.93 13.05 -3.54
N ASP A 38 1.61 13.60 -2.38
CA ASP A 38 2.42 14.66 -1.80
C ASP A 38 2.92 14.21 -0.42
N LEU A 39 3.05 12.91 -0.26
CA LEU A 39 3.51 12.35 0.99
C LEU A 39 4.96 12.79 1.24
N LYS A 40 5.32 12.86 2.51
CA LYS A 40 6.66 13.26 2.89
C LYS A 40 7.06 12.53 4.17
N ALA A 41 6.41 11.40 4.41
CA ALA A 41 6.68 10.61 5.58
C ALA A 41 6.64 11.50 6.83
N GLU A 42 5.43 11.95 7.15
CA GLU A 42 5.24 12.81 8.30
C GLU A 42 3.87 12.55 8.93
N THR A 43 3.90 12.07 10.17
CA THR A 43 2.68 11.79 10.89
C THR A 43 1.78 13.02 10.93
N GLY A 44 0.48 12.78 10.79
CA GLY A 44 -0.49 13.85 10.81
C GLY A 44 -0.32 14.77 9.59
N HIS A 45 0.22 14.19 8.53
CA HIS A 45 0.44 14.93 7.30
C HIS A 45 -0.80 14.85 6.42
N HIS A 46 -0.94 15.84 5.54
CA HIS A 46 -2.08 15.90 4.65
C HIS A 46 -1.59 15.93 3.19
N PHE A 47 -1.91 14.88 2.46
CA PHE A 47 -1.50 14.78 1.08
C PHE A 47 -2.63 14.17 0.23
N HIS A 48 -2.93 14.85 -0.87
CA HIS A 48 -3.97 14.40 -1.77
C HIS A 48 -3.38 13.39 -2.76
N LEU A 49 -4.27 12.61 -3.36
CA LEU A 49 -3.87 11.60 -4.32
C LEU A 49 -4.57 11.86 -5.65
N GLN A 50 -3.83 11.70 -6.72
CA GLN A 50 -4.37 11.91 -8.05
C GLN A 50 -4.55 10.56 -8.77
N SER A 51 -5.62 9.87 -8.39
CA SER A 51 -5.93 8.58 -8.98
C SER A 51 -6.74 8.77 -10.27
N PRO A 52 -6.74 7.70 -11.10
CA PRO A 52 -7.47 7.74 -12.36
C PRO A 52 -8.97 7.59 -12.13
N PHE A 53 -9.32 7.27 -10.89
CA PHE A 53 -10.71 7.09 -10.52
C PHE A 53 -11.19 8.24 -9.63
N GLY A 54 -10.64 9.42 -9.89
CA GLY A 54 -11.00 10.60 -9.12
C GLY A 54 -9.98 10.85 -8.00
N PRO A 55 -9.84 12.15 -7.64
CA PRO A 55 -8.93 12.54 -6.58
C PRO A 55 -9.48 12.18 -5.20
N SER A 56 -8.60 11.67 -4.36
CA SER A 56 -8.99 11.28 -3.01
C SER A 56 -7.95 11.77 -2.00
N PRO A 57 -8.47 12.25 -0.84
CA PRO A 57 -7.60 12.76 0.21
C PRO A 57 -6.91 11.61 0.96
N CYS A 58 -5.79 11.93 1.58
CA CYS A 58 -5.04 10.95 2.32
C CYS A 58 -4.43 11.63 3.56
N GLN A 59 -4.24 10.83 4.59
CA GLN A 59 -3.67 11.35 5.83
C GLN A 59 -2.85 10.27 6.53
N VAL A 60 -1.63 10.64 6.88
CA VAL A 60 -0.73 9.72 7.56
C VAL A 60 -1.16 9.56 9.02
N THR A 61 -1.13 8.31 9.48
CA THR A 61 -1.52 8.01 10.85
C THR A 61 -0.28 7.71 11.70
N ASP A 62 0.74 7.16 11.04
CA ASP A 62 1.97 6.82 11.71
C ASP A 62 3.10 6.67 10.68
N VAL A 63 4.22 7.27 11.00
CA VAL A 63 5.37 7.22 10.11
C VAL A 63 6.65 7.55 10.90
N GLU A 64 7.45 6.52 11.11
CA GLU A 64 8.69 6.68 11.84
C GLU A 64 9.69 5.60 11.45
N ARG A 65 10.68 6.01 10.66
CA ARG A 65 11.70 5.09 10.20
C ARG A 65 11.06 3.90 9.48
N PRO A 66 11.92 3.12 8.78
CA PRO A 66 11.45 1.95 8.04
C PRO A 66 11.14 0.80 9.00
N ILE A 67 10.07 0.97 9.76
CA ILE A 67 9.65 -0.04 10.72
C ILE A 67 8.12 -0.14 10.70
N LYS A 68 7.48 1.02 10.75
CA LYS A 68 6.03 1.07 10.75
C LYS A 68 5.57 2.31 9.99
N LEU A 69 4.87 2.07 8.90
CA LEU A 69 4.37 3.16 8.07
C LEU A 69 2.92 2.87 7.68
N SER A 70 2.05 3.84 7.93
CA SER A 70 0.64 3.70 7.61
C SER A 70 0.11 5.01 7.03
N PHE A 71 -0.88 4.87 6.16
CA PHE A 71 -1.48 6.03 5.53
C PHE A 71 -2.89 5.71 5.03
N THR A 72 -3.80 6.64 5.30
CA THR A 72 -5.19 6.46 4.89
C THR A 72 -5.40 7.00 3.47
N TRP A 73 -6.32 6.35 2.76
CA TRP A 73 -6.62 6.75 1.40
C TRP A 73 -8.13 6.58 1.18
N ASP A 74 -8.72 7.62 0.62
CA ASP A 74 -10.15 7.60 0.36
C ASP A 74 -10.92 7.59 1.68
N THR A 75 -12.14 8.09 1.62
CA THR A 75 -12.98 8.15 2.82
C THR A 75 -14.11 7.12 2.71
N ASP A 76 -13.75 5.92 2.28
CA ASP A 76 -14.71 4.84 2.13
C ASP A 76 -14.58 3.88 3.32
N GLY A 77 -13.34 3.55 3.63
CA GLY A 77 -13.06 2.64 4.73
C GLY A 77 -11.99 1.62 4.35
N TRP A 78 -10.93 2.13 3.73
CA TRP A 78 -9.83 1.28 3.31
C TRP A 78 -8.53 1.87 3.88
N SER A 79 -7.75 1.00 4.51
CA SER A 79 -6.49 1.42 5.09
C SER A 79 -5.43 0.34 4.88
N VAL A 80 -4.24 0.78 4.52
CA VAL A 80 -3.14 -0.13 4.30
C VAL A 80 -1.95 0.28 5.18
N THR A 81 -1.31 -0.73 5.76
CA THR A 81 -0.17 -0.50 6.62
C THR A 81 1.07 -1.18 6.04
N PHE A 82 2.18 -0.45 6.12
CA PHE A 82 3.44 -0.97 5.62
C PHE A 82 4.36 -1.39 6.76
N HIS A 83 5.22 -2.36 6.46
CA HIS A 83 6.16 -2.86 7.45
C HIS A 83 7.50 -3.18 6.78
N LEU A 84 8.53 -2.50 7.24
CA LEU A 84 9.86 -2.70 6.70
C LEU A 84 10.76 -3.32 7.77
N LYS A 85 11.79 -4.01 7.31
CA LYS A 85 12.73 -4.67 8.21
C LYS A 85 13.89 -5.23 7.40
N GLU A 86 15.07 -4.65 7.63
CA GLU A 86 16.26 -5.10 6.93
C GLU A 86 16.64 -6.52 7.37
N GLU A 87 17.03 -7.31 6.39
CA GLU A 87 17.42 -8.69 6.66
C GLU A 87 18.93 -8.86 6.45
N GLU A 88 19.35 -10.13 6.43
CA GLU A 88 20.75 -10.45 6.24
C GLU A 88 21.36 -9.52 5.18
N ASN A 89 20.95 -9.75 3.94
CA ASN A 89 21.45 -8.95 2.82
C ASN A 89 20.27 -8.57 1.91
N GLY A 90 19.29 -7.91 2.51
CA GLY A 90 18.12 -7.49 1.76
C GLY A 90 17.11 -6.81 2.67
N THR A 91 16.10 -6.20 2.05
CA THR A 91 15.05 -5.53 2.79
C THR A 91 13.74 -6.28 2.69
N ILE A 92 13.10 -6.46 3.84
CA ILE A 92 11.83 -7.17 3.89
C ILE A 92 10.69 -6.16 3.88
N PHE A 93 9.82 -6.30 2.89
CA PHE A 93 8.68 -5.40 2.76
C PHE A 93 7.37 -6.18 2.89
N THR A 94 6.57 -5.75 3.87
CA THR A 94 5.29 -6.39 4.11
C THR A 94 4.16 -5.35 4.08
N ILE A 95 3.09 -5.71 3.39
CA ILE A 95 1.94 -4.83 3.27
C ILE A 95 0.73 -5.49 3.93
N VAL A 96 -0.12 -4.64 4.50
CA VAL A 96 -1.32 -5.14 5.16
C VAL A 96 -2.51 -4.24 4.77
N HIS A 97 -3.36 -4.78 3.91
CA HIS A 97 -4.54 -4.06 3.47
C HIS A 97 -5.80 -4.76 3.96
N SER A 98 -6.60 -4.01 4.70
CA SER A 98 -7.85 -4.54 5.23
C SER A 98 -8.99 -3.56 4.99
N GLY A 99 -10.20 -4.02 5.28
CA GLY A 99 -11.37 -3.20 5.10
C GLY A 99 -12.34 -3.84 4.09
N TRP A 100 -12.51 -5.14 4.24
CA TRP A 100 -13.40 -5.88 3.35
C TRP A 100 -14.46 -6.55 4.21
N LYS A 101 -15.37 -7.25 3.54
CA LYS A 101 -16.44 -7.94 4.23
C LYS A 101 -16.47 -9.40 3.78
N GLN A 102 -17.58 -10.06 4.08
CA GLN A 102 -17.74 -11.46 3.71
C GLN A 102 -17.50 -11.64 2.21
N GLY A 103 -16.79 -12.72 1.89
CA GLY A 103 -16.48 -13.02 0.50
C GLY A 103 -17.74 -13.46 -0.25
N ASP A 104 -18.52 -12.47 -0.66
CA ASP A 104 -19.76 -12.74 -1.39
C ASP A 104 -20.45 -11.42 -1.70
N THR A 105 -20.49 -10.55 -0.69
CA THR A 105 -21.13 -9.25 -0.84
C THR A 105 -20.61 -8.56 -2.10
N LYS A 106 -21.31 -7.48 -2.47
CA LYS A 106 -20.94 -6.72 -3.65
C LYS A 106 -20.61 -5.28 -3.24
N VAL A 107 -19.75 -4.66 -4.02
CA VAL A 107 -19.35 -3.28 -3.75
C VAL A 107 -20.09 -2.34 -4.71
N GLU A 108 -21.19 -1.79 -4.22
CA GLU A 108 -21.98 -0.87 -5.02
C GLU A 108 -21.09 0.18 -5.68
N LYS A 109 -19.95 0.43 -5.04
CA LYS A 109 -19.01 1.40 -5.56
C LYS A 109 -17.90 0.67 -6.32
N ALA A 110 -18.31 -0.27 -7.16
CA ALA A 110 -17.37 -1.04 -7.94
C ALA A 110 -18.09 -1.68 -9.13
N GLY A 111 -18.94 -2.64 -8.81
CA GLY A 111 -19.71 -3.34 -9.82
C GLY A 111 -19.47 -4.85 -9.76
N ALA A 112 -18.27 -5.20 -9.32
CA ALA A 112 -17.90 -6.60 -9.21
C ALA A 112 -17.96 -7.03 -7.73
N GLU A 113 -18.17 -8.32 -7.52
CA GLU A 113 -18.23 -8.85 -6.17
C GLU A 113 -16.96 -8.53 -5.40
N SER A 114 -17.10 -8.44 -4.09
CA SER A 114 -15.97 -8.14 -3.23
C SER A 114 -14.89 -9.21 -3.39
N ALA A 115 -15.32 -10.39 -3.79
CA ALA A 115 -14.40 -11.50 -3.98
C ALA A 115 -13.59 -11.26 -5.26
N VAL A 116 -14.27 -10.77 -6.28
CA VAL A 116 -13.63 -10.50 -7.56
C VAL A 116 -12.62 -9.36 -7.37
N VAL A 117 -13.04 -8.34 -6.63
CA VAL A 117 -12.17 -7.21 -6.38
C VAL A 117 -11.03 -7.63 -5.45
N HIS A 118 -11.37 -8.51 -4.53
CA HIS A 118 -10.38 -9.00 -3.57
C HIS A 118 -9.20 -9.61 -4.33
N GLU A 119 -9.52 -10.53 -5.22
CA GLU A 119 -8.49 -11.19 -6.01
C GLU A 119 -7.80 -10.18 -6.93
N ARG A 120 -8.60 -9.33 -7.54
CA ARG A 120 -8.08 -8.31 -8.44
C ARG A 120 -7.05 -7.45 -7.73
N MET A 121 -7.52 -6.72 -6.72
CA MET A 121 -6.66 -5.85 -5.94
C MET A 121 -5.49 -6.64 -5.34
N ASP A 122 -5.82 -7.80 -4.79
CA ASP A 122 -4.82 -8.65 -4.18
C ASP A 122 -3.66 -8.87 -5.17
N ARG A 123 -4.03 -9.35 -6.35
CA ARG A 123 -3.04 -9.61 -7.38
C ARG A 123 -2.30 -8.32 -7.75
N GLY A 124 -3.08 -7.30 -8.07
CA GLY A 124 -2.51 -6.01 -8.43
C GLY A 124 -1.58 -5.49 -7.34
N TRP A 125 -2.01 -5.67 -6.10
CA TRP A 125 -1.22 -5.24 -4.95
C TRP A 125 0.11 -5.99 -4.98
N HIS A 126 0.00 -7.31 -4.97
CA HIS A 126 1.18 -8.16 -4.99
C HIS A 126 2.03 -7.83 -6.23
N ASP A 127 1.37 -7.88 -7.38
CA ASP A 127 2.04 -7.60 -8.64
C ASP A 127 2.71 -6.23 -8.56
N LEU A 128 2.04 -5.32 -7.86
CA LEU A 128 2.55 -3.97 -7.70
C LEU A 128 3.77 -4.01 -6.77
N VAL A 129 3.64 -4.74 -5.69
CA VAL A 129 4.72 -4.87 -4.72
C VAL A 129 5.49 -6.17 -5.00
N ASN A 130 5.58 -6.51 -6.27
CA ASN A 130 6.29 -7.71 -6.67
C ASN A 130 7.43 -7.34 -7.62
N GLU A 131 7.07 -6.59 -8.67
CA GLU A 131 8.05 -6.17 -9.65
C GLU A 131 8.10 -4.64 -9.71
N ARG A 132 6.96 -4.05 -10.02
CA ARG A 132 6.87 -2.60 -10.12
C ARG A 132 7.70 -1.94 -9.01
N LEU A 133 7.36 -2.28 -7.78
CA LEU A 133 8.07 -1.73 -6.64
C LEU A 133 9.52 -2.24 -6.64
N ARG A 134 9.66 -3.48 -7.07
CA ARG A 134 10.97 -4.10 -7.14
C ARG A 134 11.89 -3.32 -8.09
N GLN A 135 11.27 -2.77 -9.12
CA GLN A 135 12.01 -2.00 -10.11
C GLN A 135 12.43 -0.65 -9.53
N ILE A 136 11.60 -0.14 -8.63
CA ILE A 136 11.88 1.13 -7.99
C ILE A 136 13.24 1.07 -7.29
N VAL A 137 13.69 -0.16 -7.04
CA VAL A 137 14.96 -0.38 -6.38
C VAL A 137 15.93 -1.02 -7.36
N GLU A 138 15.39 -1.85 -8.24
CA GLU A 138 16.20 -2.53 -9.23
C GLU A 138 16.25 -1.71 -10.52
N MET A 1 -19.04 -19.60 4.60
CA MET A 1 -19.80 -18.50 4.03
C MET A 1 -18.90 -17.57 3.21
N THR A 2 -17.89 -18.18 2.60
CA THR A 2 -16.94 -17.43 1.79
C THR A 2 -16.52 -16.15 2.52
N ARG A 3 -15.42 -16.26 3.25
CA ARG A 3 -14.89 -15.14 3.99
C ARG A 3 -13.69 -14.53 3.28
N LEU A 4 -13.57 -13.21 3.37
CA LEU A 4 -12.48 -12.51 2.74
C LEU A 4 -11.51 -11.99 3.81
N PRO A 5 -10.36 -12.69 3.93
CA PRO A 5 -9.35 -12.32 4.91
C PRO A 5 -8.59 -11.07 4.46
N ASP A 6 -7.63 -10.68 5.28
CA ASP A 6 -6.82 -9.51 4.97
C ASP A 6 -5.91 -9.82 3.79
N ILE A 7 -5.66 -8.79 2.99
CA ILE A 7 -4.81 -8.94 1.82
C ILE A 7 -3.36 -8.61 2.20
N LYS A 8 -2.84 -9.41 3.12
CA LYS A 8 -1.47 -9.21 3.58
C LYS A 8 -0.51 -9.89 2.60
N LYS A 9 0.58 -9.19 2.32
CA LYS A 9 1.59 -9.71 1.40
C LYS A 9 2.97 -9.35 1.92
N GLU A 10 3.97 -10.04 1.38
CA GLU A 10 5.35 -9.80 1.78
C GLU A 10 6.31 -10.16 0.63
N VAL A 11 7.24 -9.26 0.39
CA VAL A 11 8.22 -9.47 -0.67
C VAL A 11 9.62 -9.14 -0.14
N ARG A 12 10.61 -9.64 -0.84
CA ARG A 12 12.00 -9.40 -0.46
C ARG A 12 12.78 -8.82 -1.63
N PHE A 13 13.29 -7.60 -1.41
CA PHE A 13 14.06 -6.92 -2.44
C PHE A 13 15.52 -6.78 -2.02
N ASN A 14 16.40 -6.85 -3.01
CA ASN A 14 17.82 -6.73 -2.76
C ASN A 14 18.25 -5.27 -2.93
N ALA A 15 18.51 -4.63 -1.81
CA ALA A 15 18.93 -3.24 -1.83
C ALA A 15 18.95 -2.70 -0.40
N PRO A 16 19.43 -1.43 -0.27
CA PRO A 16 19.51 -0.79 1.04
C PRO A 16 18.13 -0.37 1.54
N ILE A 17 17.79 -0.83 2.73
CA ILE A 17 16.52 -0.50 3.33
C ILE A 17 16.30 1.01 3.27
N GLU A 18 17.41 1.73 3.28
CA GLU A 18 17.36 3.18 3.23
C GLU A 18 16.67 3.64 1.94
N LYS A 19 17.05 3.01 0.84
CA LYS A 19 16.47 3.35 -0.45
C LYS A 19 14.99 2.97 -0.46
N VAL A 20 14.73 1.70 -0.19
CA VAL A 20 13.36 1.21 -0.16
C VAL A 20 12.54 2.04 0.83
N TRP A 21 13.22 2.49 1.87
CA TRP A 21 12.56 3.30 2.89
C TRP A 21 12.31 4.69 2.31
N GLU A 22 13.24 5.11 1.46
CA GLU A 22 13.13 6.41 0.83
C GLU A 22 12.11 6.37 -0.31
N ALA A 23 11.92 5.17 -0.85
CA ALA A 23 10.99 4.98 -1.94
C ALA A 23 9.57 4.83 -1.36
N VAL A 24 9.51 4.70 -0.05
CA VAL A 24 8.23 4.55 0.62
C VAL A 24 8.05 5.69 1.63
N SER A 25 8.86 6.72 1.43
CA SER A 25 8.80 7.89 2.31
C SER A 25 8.37 9.11 1.51
N THR A 26 8.83 9.17 0.27
CA THR A 26 8.50 10.28 -0.61
C THR A 26 7.33 9.92 -1.52
N SER A 27 6.99 10.86 -2.39
CA SER A 27 5.89 10.65 -3.31
C SER A 27 6.42 10.15 -4.66
N GLU A 28 7.53 10.76 -5.08
CA GLU A 28 8.14 10.40 -6.34
C GLU A 28 8.55 8.92 -6.33
N GLY A 29 9.02 8.48 -5.18
CA GLY A 29 9.44 7.10 -5.02
C GLY A 29 8.23 6.16 -4.94
N LEU A 30 7.20 6.64 -4.25
CA LEU A 30 5.98 5.86 -4.10
C LEU A 30 5.21 5.85 -5.41
N ALA A 31 4.86 7.05 -5.86
CA ALA A 31 4.12 7.19 -7.10
C ALA A 31 4.80 6.37 -8.20
N PHE A 32 6.09 6.12 -7.99
CA PHE A 32 6.86 5.36 -8.95
C PHE A 32 6.30 3.95 -9.12
N TRP A 33 5.49 3.55 -8.14
CA TRP A 33 4.88 2.23 -8.16
C TRP A 33 3.43 2.38 -7.67
N PHE A 34 3.29 3.04 -6.55
CA PHE A 34 1.98 3.26 -5.96
C PHE A 34 1.16 4.23 -6.81
N MET A 35 1.29 5.50 -6.48
CA MET A 35 0.57 6.55 -7.20
C MET A 35 1.02 7.93 -6.75
N GLU A 36 0.70 8.93 -7.57
CA GLU A 36 1.07 10.29 -7.27
C GLU A 36 0.46 10.72 -5.94
N ASN A 37 1.28 11.40 -5.13
CA ASN A 37 0.83 11.86 -3.83
C ASN A 37 1.77 12.98 -3.35
N ASP A 38 1.50 13.44 -2.14
CA ASP A 38 2.32 14.49 -1.55
C ASP A 38 2.99 13.97 -0.28
N LEU A 39 2.91 12.66 -0.11
CA LEU A 39 3.52 12.02 1.05
C LEU A 39 4.92 12.58 1.26
N LYS A 40 5.28 12.72 2.54
CA LYS A 40 6.59 13.23 2.88
C LYS A 40 7.06 12.57 4.18
N ALA A 41 6.52 11.40 4.44
CA ALA A 41 6.88 10.65 5.64
C ALA A 41 6.83 11.59 6.85
N GLU A 42 5.61 11.95 7.23
CA GLU A 42 5.43 12.84 8.37
C GLU A 42 4.05 12.61 8.99
N THR A 43 4.06 12.04 10.18
CA THR A 43 2.82 11.76 10.89
C THR A 43 1.97 13.03 11.02
N GLY A 44 0.67 12.86 10.86
CA GLY A 44 -0.25 13.98 10.95
C GLY A 44 -0.20 14.83 9.67
N HIS A 45 0.46 14.28 8.65
CA HIS A 45 0.58 14.98 7.38
C HIS A 45 -0.68 14.74 6.56
N HIS A 46 -1.14 15.81 5.91
CA HIS A 46 -2.33 15.73 5.08
C HIS A 46 -1.94 15.92 3.61
N PHE A 47 -1.96 14.81 2.88
CA PHE A 47 -1.61 14.84 1.48
C PHE A 47 -2.75 14.28 0.62
N HIS A 48 -2.88 14.84 -0.58
CA HIS A 48 -3.92 14.40 -1.49
C HIS A 48 -3.35 13.36 -2.47
N LEU A 49 -4.25 12.57 -3.02
CA LEU A 49 -3.84 11.54 -3.97
C LEU A 49 -4.46 11.84 -5.33
N GLN A 50 -3.64 11.66 -6.37
CA GLN A 50 -4.10 11.91 -7.73
C GLN A 50 -4.36 10.58 -8.44
N SER A 51 -5.47 9.95 -8.09
CA SER A 51 -5.85 8.68 -8.68
C SER A 51 -6.70 8.94 -9.94
N PRO A 52 -6.75 7.88 -10.80
CA PRO A 52 -7.52 7.98 -12.04
C PRO A 52 -9.02 7.87 -11.75
N PHE A 53 -9.34 7.18 -10.68
CA PHE A 53 -10.74 7.00 -10.29
C PHE A 53 -11.20 8.16 -9.40
N GLY A 54 -10.77 9.35 -9.76
CA GLY A 54 -11.15 10.53 -9.02
C GLY A 54 -10.13 10.83 -7.92
N PRO A 55 -9.91 12.15 -7.67
CA PRO A 55 -8.96 12.59 -6.66
C PRO A 55 -9.54 12.38 -5.25
N SER A 56 -8.69 11.86 -4.37
CA SER A 56 -9.11 11.62 -3.00
C SER A 56 -8.01 12.06 -2.04
N PRO A 57 -8.44 12.58 -0.85
CA PRO A 57 -7.51 13.04 0.16
C PRO A 57 -6.85 11.86 0.88
N CYS A 58 -5.77 12.17 1.58
CA CYS A 58 -5.05 11.14 2.32
C CYS A 58 -4.38 11.80 3.53
N GLN A 59 -4.12 10.98 4.54
CA GLN A 59 -3.49 11.46 5.75
C GLN A 59 -2.69 10.35 6.42
N VAL A 60 -1.48 10.71 6.84
CA VAL A 60 -0.59 9.76 7.49
C VAL A 60 -0.98 9.63 8.96
N THR A 61 -1.10 8.39 9.40
CA THR A 61 -1.47 8.12 10.79
C THR A 61 -0.23 7.75 11.60
N ASP A 62 0.76 7.21 10.90
CA ASP A 62 2.00 6.82 11.55
C ASP A 62 3.10 6.67 10.50
N VAL A 63 4.27 7.19 10.84
CA VAL A 63 5.41 7.12 9.94
C VAL A 63 6.69 7.48 10.70
N GLU A 64 7.49 6.45 10.96
CA GLU A 64 8.73 6.64 11.67
C GLU A 64 9.72 5.53 11.32
N ARG A 65 10.71 5.89 10.50
CA ARG A 65 11.72 4.94 10.08
C ARG A 65 11.06 3.74 9.41
N PRO A 66 11.92 2.91 8.74
CA PRO A 66 11.43 1.72 8.06
C PRO A 66 11.09 0.62 9.05
N ILE A 67 10.02 0.84 9.80
CA ILE A 67 9.57 -0.12 10.78
C ILE A 67 8.04 -0.15 10.81
N LYS A 68 7.46 1.04 10.84
CA LYS A 68 6.01 1.16 10.86
C LYS A 68 5.59 2.37 10.04
N LEU A 69 4.80 2.10 9.00
CA LEU A 69 4.32 3.16 8.13
C LEU A 69 2.88 2.86 7.71
N SER A 70 2.01 3.83 7.98
CA SER A 70 0.60 3.69 7.64
C SER A 70 0.08 4.98 7.02
N PHE A 71 -0.90 4.83 6.14
CA PHE A 71 -1.50 5.97 5.48
C PHE A 71 -2.93 5.66 5.03
N THR A 72 -3.82 6.59 5.31
CA THR A 72 -5.22 6.43 4.92
C THR A 72 -5.44 6.92 3.49
N TRP A 73 -6.39 6.29 2.83
CA TRP A 73 -6.71 6.64 1.46
C TRP A 73 -8.22 6.48 1.26
N ASP A 74 -8.83 7.52 0.72
CA ASP A 74 -10.27 7.50 0.48
C ASP A 74 -11.00 7.69 1.80
N THR A 75 -12.33 7.65 1.72
CA THR A 75 -13.16 7.81 2.90
C THR A 75 -14.26 6.75 2.93
N ASP A 76 -13.99 5.65 2.24
CA ASP A 76 -14.94 4.55 2.18
C ASP A 76 -14.71 3.61 3.37
N GLY A 77 -13.44 3.33 3.61
CA GLY A 77 -13.07 2.45 4.70
C GLY A 77 -11.96 1.47 4.27
N TRP A 78 -10.93 2.03 3.64
CA TRP A 78 -9.82 1.24 3.17
C TRP A 78 -8.54 1.84 3.75
N SER A 79 -7.74 0.98 4.35
CA SER A 79 -6.48 1.41 4.95
C SER A 79 -5.41 0.32 4.78
N VAL A 80 -4.22 0.75 4.43
CA VAL A 80 -3.12 -0.17 4.24
C VAL A 80 -1.93 0.27 5.10
N THR A 81 -1.28 -0.72 5.70
CA THR A 81 -0.13 -0.44 6.56
C THR A 81 1.12 -1.12 6.00
N PHE A 82 2.22 -0.37 5.99
CA PHE A 82 3.47 -0.88 5.49
C PHE A 82 4.42 -1.24 6.64
N HIS A 83 5.25 -2.24 6.40
CA HIS A 83 6.21 -2.69 7.39
C HIS A 83 7.53 -3.05 6.72
N LEU A 84 8.59 -2.41 7.20
CA LEU A 84 9.92 -2.65 6.65
C LEU A 84 10.83 -3.18 7.76
N LYS A 85 11.87 -3.87 7.34
CA LYS A 85 12.83 -4.44 8.27
C LYS A 85 14.02 -5.01 7.50
N GLU A 86 15.18 -4.44 7.78
CA GLU A 86 16.41 -4.88 7.12
C GLU A 86 16.71 -6.33 7.48
N GLU A 87 17.23 -7.05 6.49
CA GLU A 87 17.56 -8.46 6.70
C GLU A 87 19.06 -8.68 6.45
N GLU A 88 19.44 -9.95 6.45
CA GLU A 88 20.84 -10.31 6.23
C GLU A 88 21.44 -9.43 5.14
N ASN A 89 21.11 -9.75 3.90
CA ASN A 89 21.62 -9.00 2.77
C ASN A 89 20.44 -8.60 1.87
N GLY A 90 19.54 -7.81 2.43
CA GLY A 90 18.38 -7.35 1.70
C GLY A 90 17.37 -6.67 2.63
N THR A 91 16.36 -6.08 2.02
CA THR A 91 15.33 -5.39 2.78
C THR A 91 14.00 -6.16 2.70
N ILE A 92 13.32 -6.20 3.83
CA ILE A 92 12.05 -6.90 3.91
C ILE A 92 10.91 -5.88 3.82
N PHE A 93 9.92 -6.22 3.00
CA PHE A 93 8.77 -5.34 2.82
C PHE A 93 7.46 -6.11 2.98
N THR A 94 6.65 -5.67 3.92
CA THR A 94 5.36 -6.31 4.17
C THR A 94 4.22 -5.29 4.07
N ILE A 95 3.17 -5.70 3.39
CA ILE A 95 2.01 -4.83 3.20
C ILE A 95 0.79 -5.49 3.84
N VAL A 96 -0.03 -4.65 4.46
CA VAL A 96 -1.24 -5.14 5.11
C VAL A 96 -2.43 -4.29 4.67
N HIS A 97 -3.34 -4.94 3.96
CA HIS A 97 -4.53 -4.26 3.46
C HIS A 97 -5.78 -4.88 4.10
N SER A 98 -6.49 -4.07 4.86
CA SER A 98 -7.70 -4.53 5.52
C SER A 98 -8.89 -3.67 5.08
N GLY A 99 -10.07 -4.18 5.37
CA GLY A 99 -11.29 -3.49 5.01
C GLY A 99 -12.10 -4.29 3.98
N TRP A 100 -12.32 -5.55 4.31
CA TRP A 100 -13.07 -6.43 3.42
C TRP A 100 -14.08 -7.20 4.27
N LYS A 101 -15.20 -7.54 3.64
CA LYS A 101 -16.25 -8.27 4.33
C LYS A 101 -16.44 -9.63 3.65
N GLN A 102 -17.54 -10.28 4.01
CA GLN A 102 -17.85 -11.59 3.45
C GLN A 102 -17.73 -11.56 1.93
N GLY A 103 -17.47 -12.72 1.36
CA GLY A 103 -17.34 -12.84 -0.09
C GLY A 103 -18.71 -12.99 -0.75
N ASP A 104 -19.41 -11.87 -0.85
CA ASP A 104 -20.73 -11.87 -1.47
C ASP A 104 -21.29 -10.45 -1.43
N THR A 105 -21.03 -9.77 -0.32
CA THR A 105 -21.52 -8.41 -0.14
C THR A 105 -20.92 -7.49 -1.22
N LYS A 106 -21.62 -7.41 -2.34
CA LYS A 106 -21.18 -6.58 -3.45
C LYS A 106 -20.72 -5.23 -2.90
N VAL A 107 -19.77 -4.63 -3.61
CA VAL A 107 -19.23 -3.34 -3.22
C VAL A 107 -20.00 -2.23 -3.92
N GLU A 108 -19.79 -1.01 -3.45
CA GLU A 108 -20.46 0.14 -4.03
C GLU A 108 -19.50 0.92 -4.92
N LYS A 109 -18.36 1.28 -4.33
CA LYS A 109 -17.34 2.03 -5.05
C LYS A 109 -17.04 1.32 -6.37
N ALA A 110 -16.21 0.29 -6.28
CA ALA A 110 -15.83 -0.48 -7.45
C ALA A 110 -17.06 -0.69 -8.33
N GLY A 111 -17.85 -1.69 -7.97
CA GLY A 111 -19.05 -2.01 -8.72
C GLY A 111 -19.29 -3.52 -8.77
N ALA A 112 -18.19 -4.24 -8.93
CA ALA A 112 -18.26 -5.70 -8.99
C ALA A 112 -18.24 -6.27 -7.57
N GLU A 113 -18.41 -7.58 -7.50
CA GLU A 113 -18.42 -8.26 -6.22
C GLU A 113 -17.13 -7.96 -5.45
N SER A 114 -17.20 -8.15 -4.14
CA SER A 114 -16.04 -7.91 -3.29
C SER A 114 -14.96 -8.94 -3.57
N ALA A 115 -15.40 -10.16 -3.83
CA ALA A 115 -14.47 -11.24 -4.12
C ALA A 115 -13.71 -10.93 -5.42
N VAL A 116 -14.44 -10.33 -6.35
CA VAL A 116 -13.85 -9.98 -7.63
C VAL A 116 -12.72 -8.97 -7.41
N VAL A 117 -13.07 -7.88 -6.74
CA VAL A 117 -12.10 -6.83 -6.45
C VAL A 117 -10.99 -7.40 -5.57
N HIS A 118 -11.40 -8.16 -4.57
CA HIS A 118 -10.46 -8.77 -3.64
C HIS A 118 -9.32 -9.43 -4.44
N GLU A 119 -9.71 -10.27 -5.38
CA GLU A 119 -8.74 -10.97 -6.21
C GLU A 119 -8.03 -9.99 -7.13
N ARG A 120 -8.81 -9.16 -7.79
CA ARG A 120 -8.26 -8.16 -8.71
C ARG A 120 -7.21 -7.31 -7.99
N MET A 121 -7.69 -6.56 -7.00
CA MET A 121 -6.80 -5.70 -6.22
C MET A 121 -5.63 -6.50 -5.64
N ASP A 122 -5.98 -7.60 -5.00
CA ASP A 122 -4.97 -8.46 -4.39
C ASP A 122 -3.89 -8.79 -5.42
N ARG A 123 -4.35 -9.33 -6.55
CA ARG A 123 -3.43 -9.69 -7.62
C ARG A 123 -2.46 -8.54 -7.90
N GLY A 124 -3.02 -7.42 -8.31
CA GLY A 124 -2.23 -6.24 -8.61
C GLY A 124 -1.44 -5.78 -7.39
N TRP A 125 -2.00 -6.06 -6.22
CA TRP A 125 -1.37 -5.68 -4.97
C TRP A 125 -0.01 -6.40 -4.89
N HIS A 126 -0.07 -7.72 -5.01
CA HIS A 126 1.14 -8.52 -4.96
C HIS A 126 2.06 -8.16 -6.13
N ASP A 127 1.47 -8.18 -7.32
CA ASP A 127 2.21 -7.86 -8.53
C ASP A 127 2.86 -6.47 -8.37
N LEU A 128 2.09 -5.56 -7.78
CA LEU A 128 2.58 -4.20 -7.57
C LEU A 128 3.83 -4.25 -6.69
N VAL A 129 3.67 -4.89 -5.53
CA VAL A 129 4.78 -5.01 -4.60
C VAL A 129 5.55 -6.28 -4.89
N ASN A 130 5.73 -6.55 -6.18
CA ASN A 130 6.45 -7.74 -6.61
C ASN A 130 7.66 -7.32 -7.46
N GLU A 131 7.35 -6.77 -8.62
CA GLU A 131 8.40 -6.32 -9.54
C GLU A 131 8.24 -4.83 -9.83
N ARG A 132 6.99 -4.39 -9.87
CA ARG A 132 6.69 -3.00 -10.14
C ARG A 132 7.39 -2.10 -9.10
N LEU A 133 7.41 -2.59 -7.86
CA LEU A 133 8.03 -1.85 -6.79
C LEU A 133 9.53 -2.18 -6.74
N ARG A 134 9.82 -3.46 -6.91
CA ARG A 134 11.20 -3.91 -6.89
C ARG A 134 12.04 -3.13 -7.90
N GLN A 135 11.40 -2.78 -9.00
CA GLN A 135 12.07 -2.02 -10.05
C GLN A 135 12.49 -0.65 -9.53
N ILE A 136 11.71 -0.15 -8.58
CA ILE A 136 12.00 1.15 -7.99
C ILE A 136 13.36 1.11 -7.32
N VAL A 137 13.79 -0.09 -6.98
CA VAL A 137 15.08 -0.28 -6.34
C VAL A 137 16.03 -0.98 -7.31
N GLU A 138 15.45 -1.85 -8.13
CA GLU A 138 16.23 -2.58 -9.10
C GLU A 138 16.34 -1.80 -10.41
N MET A 1 -13.05 -9.72 13.78
CA MET A 1 -12.95 -11.15 14.01
C MET A 1 -13.77 -11.94 12.99
N THR A 2 -13.84 -11.39 11.78
CA THR A 2 -14.59 -12.03 10.72
C THR A 2 -14.31 -11.33 9.38
N ARG A 3 -15.25 -11.47 8.46
CA ARG A 3 -15.12 -10.87 7.15
C ARG A 3 -13.92 -11.46 6.41
N LEU A 4 -13.74 -10.99 5.18
CA LEU A 4 -12.64 -11.47 4.36
C LEU A 4 -11.32 -11.28 5.13
N PRO A 5 -10.32 -12.12 4.75
CA PRO A 5 -9.02 -12.06 5.39
C PRO A 5 -8.23 -10.84 4.91
N ASP A 6 -7.31 -10.40 5.76
CA ASP A 6 -6.49 -9.25 5.44
C ASP A 6 -5.54 -9.61 4.29
N ILE A 7 -5.42 -8.69 3.35
CA ILE A 7 -4.56 -8.90 2.20
C ILE A 7 -3.11 -8.65 2.61
N LYS A 8 -2.61 -9.53 3.46
CA LYS A 8 -1.24 -9.41 3.94
C LYS A 8 -0.29 -10.08 2.94
N LYS A 9 0.64 -9.29 2.43
CA LYS A 9 1.60 -9.79 1.46
C LYS A 9 3.01 -9.42 1.93
N GLU A 10 3.98 -10.07 1.31
CA GLU A 10 5.38 -9.82 1.64
C GLU A 10 6.28 -10.13 0.44
N VAL A 11 7.28 -9.28 0.25
CA VAL A 11 8.22 -9.46 -0.85
C VAL A 11 9.63 -9.19 -0.35
N ARG A 12 10.60 -9.69 -1.11
CA ARG A 12 11.99 -9.51 -0.76
C ARG A 12 12.77 -8.94 -1.95
N PHE A 13 13.55 -7.91 -1.67
CA PHE A 13 14.35 -7.27 -2.70
C PHE A 13 15.76 -6.99 -2.21
N ASN A 14 16.69 -6.99 -3.15
CA ASN A 14 18.09 -6.74 -2.82
C ASN A 14 18.38 -5.24 -2.95
N ALA A 15 18.41 -4.58 -1.80
CA ALA A 15 18.66 -3.15 -1.77
C ALA A 15 18.70 -2.68 -0.31
N PRO A 16 19.30 -1.47 -0.13
CA PRO A 16 19.40 -0.90 1.21
C PRO A 16 18.05 -0.34 1.67
N ILE A 17 17.63 -0.78 2.84
CA ILE A 17 16.37 -0.34 3.40
C ILE A 17 16.31 1.20 3.35
N GLU A 18 17.48 1.80 3.45
CA GLU A 18 17.58 3.26 3.42
C GLU A 18 17.05 3.80 2.09
N LYS A 19 17.18 2.97 1.06
CA LYS A 19 16.71 3.35 -0.26
C LYS A 19 15.21 3.07 -0.37
N VAL A 20 14.86 1.82 -0.13
CA VAL A 20 13.47 1.40 -0.21
C VAL A 20 12.64 2.25 0.77
N TRP A 21 13.23 2.51 1.93
CA TRP A 21 12.56 3.29 2.95
C TRP A 21 12.20 4.65 2.34
N GLU A 22 13.19 5.25 1.68
CA GLU A 22 12.99 6.55 1.06
C GLU A 22 12.06 6.42 -0.15
N ALA A 23 12.03 5.21 -0.70
CA ALA A 23 11.18 4.94 -1.85
C ALA A 23 9.73 4.80 -1.40
N VAL A 24 9.56 4.72 -0.09
CA VAL A 24 8.24 4.59 0.49
C VAL A 24 7.98 5.76 1.44
N SER A 25 8.97 6.62 1.56
CA SER A 25 8.87 7.77 2.43
C SER A 25 8.61 9.04 1.60
N THR A 26 9.18 9.04 0.40
CA THR A 26 9.01 10.17 -0.50
C THR A 26 7.75 10.00 -1.36
N SER A 27 7.45 11.03 -2.13
CA SER A 27 6.28 11.01 -2.99
C SER A 27 6.67 10.50 -4.38
N GLU A 28 7.71 11.11 -4.93
CA GLU A 28 8.18 10.73 -6.25
C GLU A 28 8.55 9.26 -6.28
N GLY A 29 9.16 8.82 -5.19
CA GLY A 29 9.57 7.43 -5.07
C GLY A 29 8.37 6.50 -4.95
N LEU A 30 7.34 7.01 -4.30
CA LEU A 30 6.12 6.24 -4.10
C LEU A 30 5.33 6.20 -5.41
N ALA A 31 5.00 7.38 -5.91
CA ALA A 31 4.25 7.49 -7.15
C ALA A 31 4.98 6.71 -8.24
N PHE A 32 6.26 6.48 -8.01
CA PHE A 32 7.08 5.74 -8.97
C PHE A 32 6.52 4.33 -9.18
N TRP A 33 5.72 3.89 -8.22
CA TRP A 33 5.13 2.56 -8.30
C TRP A 33 3.69 2.67 -7.80
N PHE A 34 3.53 3.30 -6.66
CA PHE A 34 2.20 3.47 -6.07
C PHE A 34 1.32 4.34 -6.97
N MET A 35 1.35 5.64 -6.71
CA MET A 35 0.56 6.59 -7.48
C MET A 35 1.01 8.03 -7.20
N GLU A 36 0.64 8.91 -8.12
CA GLU A 36 0.98 10.31 -7.99
C GLU A 36 0.40 10.89 -6.70
N ASN A 37 1.22 11.68 -6.01
CA ASN A 37 0.80 12.29 -4.76
C ASN A 37 1.97 13.07 -4.17
N ASP A 38 1.73 13.61 -2.98
CA ASP A 38 2.75 14.38 -2.29
C ASP A 38 2.83 13.93 -0.84
N LEU A 39 2.74 12.62 -0.65
CA LEU A 39 2.80 12.04 0.68
C LEU A 39 4.07 12.52 1.38
N LYS A 40 3.98 12.64 2.70
CA LYS A 40 5.10 13.09 3.50
C LYS A 40 5.23 12.21 4.73
N ALA A 41 6.40 11.58 4.87
CA ALA A 41 6.64 10.71 6.00
C ALA A 41 6.58 11.53 7.29
N GLU A 42 5.35 11.74 7.75
CA GLU A 42 5.15 12.50 8.97
C GLU A 42 3.74 12.23 9.53
N THR A 43 3.71 11.56 10.67
CA THR A 43 2.46 11.24 11.32
C THR A 43 1.57 12.47 11.42
N GLY A 44 0.29 12.29 11.10
CA GLY A 44 -0.66 13.37 11.16
C GLY A 44 -0.43 14.37 10.02
N HIS A 45 0.01 13.83 8.89
CA HIS A 45 0.28 14.65 7.73
C HIS A 45 -0.92 14.62 6.78
N HIS A 46 -0.91 15.53 5.82
CA HIS A 46 -1.98 15.61 4.85
C HIS A 46 -1.40 15.72 3.44
N PHE A 47 -2.02 15.01 2.52
CA PHE A 47 -1.58 15.01 1.14
C PHE A 47 -2.70 14.55 0.19
N HIS A 48 -2.62 15.02 -1.04
CA HIS A 48 -3.61 14.65 -2.05
C HIS A 48 -3.19 13.34 -2.71
N LEU A 49 -4.17 12.72 -3.37
CA LEU A 49 -3.93 11.46 -4.04
C LEU A 49 -4.53 11.53 -5.45
N GLN A 50 -3.82 10.92 -6.40
CA GLN A 50 -4.27 10.90 -7.78
C GLN A 50 -4.77 9.52 -8.15
N SER A 51 -5.98 9.21 -7.68
CA SER A 51 -6.58 7.92 -7.96
C SER A 51 -7.29 7.95 -9.31
N PRO A 52 -7.59 6.74 -9.83
CA PRO A 52 -8.27 6.62 -11.11
C PRO A 52 -9.76 6.97 -10.99
N PHE A 53 -10.19 7.14 -9.74
CA PHE A 53 -11.57 7.48 -9.46
C PHE A 53 -11.68 8.89 -8.89
N GLY A 54 -10.85 9.77 -9.40
CA GLY A 54 -10.84 11.15 -8.95
C GLY A 54 -9.81 11.36 -7.84
N PRO A 55 -9.28 12.61 -7.77
CA PRO A 55 -8.30 12.95 -6.76
C PRO A 55 -8.95 13.12 -5.39
N SER A 56 -8.32 12.50 -4.40
CA SER A 56 -8.82 12.58 -3.04
C SER A 56 -7.66 12.75 -2.06
N PRO A 57 -7.96 13.48 -0.94
CA PRO A 57 -6.95 13.73 0.07
C PRO A 57 -6.70 12.48 0.92
N CYS A 58 -5.49 12.41 1.45
CA CYS A 58 -5.10 11.27 2.27
C CYS A 58 -4.41 11.80 3.53
N GLN A 59 -4.17 10.90 4.46
CA GLN A 59 -3.51 11.26 5.70
C GLN A 59 -2.74 10.06 6.27
N VAL A 60 -1.57 10.35 6.81
CA VAL A 60 -0.73 9.32 7.38
C VAL A 60 -1.13 9.11 8.85
N THR A 61 -1.41 7.85 9.17
CA THR A 61 -1.80 7.50 10.52
C THR A 61 -0.55 7.21 11.38
N ASP A 62 0.42 6.57 10.76
CA ASP A 62 1.65 6.23 11.44
C ASP A 62 2.80 6.15 10.43
N VAL A 63 3.89 6.82 10.76
CA VAL A 63 5.04 6.84 9.89
C VAL A 63 6.29 7.19 10.70
N GLU A 64 7.12 6.18 10.93
CA GLU A 64 8.34 6.38 11.69
C GLU A 64 9.37 5.32 11.32
N ARG A 65 10.36 5.75 10.55
CA ARG A 65 11.42 4.85 10.11
C ARG A 65 10.83 3.66 9.37
N PRO A 66 11.72 2.89 8.69
CA PRO A 66 11.30 1.72 7.94
C PRO A 66 10.96 0.56 8.88
N ILE A 67 9.87 0.72 9.60
CA ILE A 67 9.42 -0.30 10.54
C ILE A 67 7.90 -0.38 10.53
N LYS A 68 7.28 0.80 10.59
CA LYS A 68 5.83 0.88 10.59
C LYS A 68 5.40 2.09 9.77
N LEU A 69 4.60 1.82 8.75
CA LEU A 69 4.10 2.87 7.88
C LEU A 69 2.68 2.54 7.44
N SER A 70 1.79 3.52 7.61
CA SER A 70 0.39 3.33 7.23
C SER A 70 -0.17 4.65 6.69
N PHE A 71 -1.21 4.51 5.88
CA PHE A 71 -1.85 5.68 5.29
C PHE A 71 -3.30 5.36 4.89
N THR A 72 -4.16 6.35 5.08
CA THR A 72 -5.56 6.20 4.74
C THR A 72 -5.80 6.52 3.26
N TRP A 73 -6.74 5.80 2.67
CA TRP A 73 -7.07 6.00 1.27
C TRP A 73 -8.42 6.71 1.21
N ASP A 74 -8.45 7.80 0.46
CA ASP A 74 -9.67 8.58 0.30
C ASP A 74 -10.19 8.99 1.68
N THR A 75 -11.31 9.69 1.68
CA THR A 75 -11.92 10.15 2.91
C THR A 75 -12.11 8.97 3.88
N ASP A 76 -12.80 7.95 3.38
CA ASP A 76 -13.05 6.77 4.19
C ASP A 76 -13.49 5.62 3.27
N GLY A 77 -12.63 4.62 3.16
CA GLY A 77 -12.93 3.47 2.33
C GLY A 77 -12.07 2.27 2.73
N TRP A 78 -10.86 2.23 2.19
CA TRP A 78 -9.95 1.15 2.49
C TRP A 78 -8.68 1.75 3.10
N SER A 79 -7.95 0.91 3.82
CA SER A 79 -6.72 1.35 4.46
C SER A 79 -5.64 0.28 4.29
N VAL A 80 -4.47 0.74 3.87
CA VAL A 80 -3.34 -0.16 3.67
C VAL A 80 -2.20 0.24 4.60
N THR A 81 -1.49 -0.76 5.08
CA THR A 81 -0.37 -0.52 5.98
C THR A 81 0.89 -1.25 5.47
N PHE A 82 1.99 -0.52 5.47
CA PHE A 82 3.25 -1.07 5.02
C PHE A 82 4.11 -1.52 6.20
N HIS A 83 5.00 -2.47 5.93
CA HIS A 83 5.88 -2.99 6.95
C HIS A 83 7.26 -3.27 6.34
N LEU A 84 8.26 -2.57 6.88
CA LEU A 84 9.62 -2.74 6.40
C LEU A 84 10.47 -3.35 7.51
N LYS A 85 11.55 -4.00 7.10
CA LYS A 85 12.45 -4.63 8.05
C LYS A 85 13.67 -5.18 7.31
N GLU A 86 14.83 -4.64 7.64
CA GLU A 86 16.07 -5.09 7.01
C GLU A 86 16.41 -6.50 7.46
N GLU A 87 16.76 -7.33 6.48
CA GLU A 87 17.13 -8.71 6.76
C GLU A 87 18.65 -8.88 6.68
N GLU A 88 19.07 -10.14 6.68
CA GLU A 88 20.49 -10.46 6.61
C GLU A 88 21.18 -9.55 5.59
N ASN A 89 20.93 -9.85 4.31
CA ASN A 89 21.53 -9.08 3.23
C ASN A 89 20.43 -8.66 2.25
N GLY A 90 19.46 -7.92 2.76
CA GLY A 90 18.35 -7.46 1.94
C GLY A 90 17.26 -6.82 2.80
N THR A 91 16.32 -6.19 2.13
CA THR A 91 15.22 -5.53 2.81
C THR A 91 13.92 -6.30 2.59
N ILE A 92 13.14 -6.43 3.66
CA ILE A 92 11.88 -7.13 3.60
C ILE A 92 10.74 -6.12 3.53
N PHE A 93 9.79 -6.40 2.65
CA PHE A 93 8.65 -5.53 2.47
C PHE A 93 7.34 -6.29 2.66
N THR A 94 6.52 -5.81 3.58
CA THR A 94 5.24 -6.44 3.86
C THR A 94 4.10 -5.42 3.72
N ILE A 95 3.07 -5.83 2.99
CA ILE A 95 1.91 -4.97 2.78
C ILE A 95 0.71 -5.56 3.51
N VAL A 96 -0.15 -4.66 3.98
CA VAL A 96 -1.35 -5.08 4.69
C VAL A 96 -2.52 -4.21 4.25
N HIS A 97 -3.51 -4.85 3.65
CA HIS A 97 -4.69 -4.15 3.18
C HIS A 97 -5.94 -4.82 3.74
N SER A 98 -6.87 -3.98 4.21
CA SER A 98 -8.11 -4.49 4.77
C SER A 98 -9.21 -3.45 4.60
N GLY A 99 -10.45 -3.90 4.80
CA GLY A 99 -11.59 -3.02 4.67
C GLY A 99 -12.55 -3.51 3.58
N TRP A 100 -12.87 -4.80 3.67
CA TRP A 100 -13.77 -5.41 2.70
C TRP A 100 -15.07 -5.76 3.42
N LYS A 101 -16.00 -6.33 2.65
CA LYS A 101 -17.29 -6.71 3.20
C LYS A 101 -17.30 -8.23 3.43
N GLN A 102 -18.50 -8.73 3.73
CA GLN A 102 -18.66 -10.15 3.97
C GLN A 102 -18.11 -10.96 2.80
N GLY A 103 -17.45 -12.05 3.14
CA GLY A 103 -16.86 -12.92 2.12
C GLY A 103 -17.95 -13.64 1.33
N ASP A 104 -18.79 -12.84 0.69
CA ASP A 104 -19.88 -13.38 -0.11
C ASP A 104 -20.68 -12.23 -0.73
N THR A 105 -20.95 -11.24 0.11
CA THR A 105 -21.71 -10.07 -0.33
C THR A 105 -21.05 -9.43 -1.54
N LYS A 106 -21.74 -8.46 -2.12
CA LYS A 106 -21.23 -7.76 -3.27
C LYS A 106 -20.96 -6.30 -2.91
N VAL A 107 -20.01 -5.70 -3.62
CA VAL A 107 -19.64 -4.32 -3.38
C VAL A 107 -20.73 -3.40 -3.97
N GLU A 108 -21.05 -2.37 -3.21
CA GLU A 108 -22.06 -1.42 -3.65
C GLU A 108 -21.41 -0.27 -4.43
N LYS A 109 -20.35 -0.62 -5.14
CA LYS A 109 -19.63 0.38 -5.93
C LYS A 109 -18.72 -0.34 -6.93
N ALA A 110 -19.24 -1.45 -7.47
CA ALA A 110 -18.48 -2.22 -8.43
C ALA A 110 -19.24 -3.53 -8.73
N GLY A 111 -19.65 -3.68 -9.98
CA GLY A 111 -20.37 -4.86 -10.39
C GLY A 111 -19.74 -6.13 -9.79
N ALA A 112 -18.43 -6.06 -9.60
CA ALA A 112 -17.72 -7.19 -9.04
C ALA A 112 -17.98 -7.27 -7.53
N GLU A 113 -17.85 -8.46 -7.00
CA GLU A 113 -18.07 -8.68 -5.58
C GLU A 113 -16.82 -8.34 -4.78
N SER A 114 -17.02 -8.10 -3.49
CA SER A 114 -15.92 -7.74 -2.61
C SER A 114 -14.81 -8.79 -2.73
N ALA A 115 -15.21 -10.05 -2.67
CA ALA A 115 -14.26 -11.14 -2.78
C ALA A 115 -13.55 -11.08 -4.12
N VAL A 116 -14.32 -10.76 -5.15
CA VAL A 116 -13.77 -10.66 -6.50
C VAL A 116 -12.75 -9.52 -6.54
N VAL A 117 -13.16 -8.38 -6.01
CA VAL A 117 -12.30 -7.20 -5.99
C VAL A 117 -11.09 -7.50 -5.10
N HIS A 118 -11.37 -8.01 -3.92
CA HIS A 118 -10.32 -8.34 -2.97
C HIS A 118 -9.21 -9.11 -3.68
N GLU A 119 -9.61 -10.20 -4.33
CA GLU A 119 -8.66 -11.03 -5.05
C GLU A 119 -7.98 -10.22 -6.16
N ARG A 120 -8.79 -9.46 -6.88
CA ARG A 120 -8.28 -8.64 -7.97
C ARG A 120 -7.25 -7.65 -7.44
N MET A 121 -7.71 -6.74 -6.59
CA MET A 121 -6.84 -5.74 -6.02
C MET A 121 -5.64 -6.40 -5.31
N ASP A 122 -5.91 -7.54 -4.71
CA ASP A 122 -4.88 -8.28 -4.00
C ASP A 122 -3.76 -8.65 -4.99
N ARG A 123 -4.17 -9.18 -6.13
CA ARG A 123 -3.22 -9.58 -7.15
C ARG A 123 -2.33 -8.40 -7.54
N GLY A 124 -2.99 -7.32 -7.95
CA GLY A 124 -2.27 -6.11 -8.35
C GLY A 124 -1.43 -5.57 -7.21
N TRP A 125 -1.96 -5.69 -6.00
CA TRP A 125 -1.26 -5.21 -4.82
C TRP A 125 0.10 -5.92 -4.76
N HIS A 126 0.05 -7.23 -4.83
CA HIS A 126 1.26 -8.03 -4.78
C HIS A 126 2.14 -7.70 -6.00
N ASP A 127 1.52 -7.74 -7.16
CA ASP A 127 2.22 -7.44 -8.40
C ASP A 127 2.93 -6.09 -8.26
N LEU A 128 2.21 -5.14 -7.69
CA LEU A 128 2.76 -3.80 -7.50
C LEU A 128 4.00 -3.89 -6.60
N VAL A 129 3.83 -4.55 -5.47
CA VAL A 129 4.92 -4.70 -4.52
C VAL A 129 5.64 -6.02 -4.80
N ASN A 130 5.79 -6.32 -6.08
CA ASN A 130 6.45 -7.54 -6.49
C ASN A 130 7.66 -7.20 -7.37
N GLU A 131 7.37 -6.48 -8.45
CA GLU A 131 8.42 -6.08 -9.38
C GLU A 131 8.36 -4.57 -9.62
N ARG A 132 7.14 -4.08 -9.81
CA ARG A 132 6.93 -2.66 -10.06
C ARG A 132 7.70 -1.83 -9.03
N LEU A 133 7.70 -2.31 -7.80
CA LEU A 133 8.38 -1.63 -6.71
C LEU A 133 9.87 -1.95 -6.78
N ARG A 134 10.16 -3.24 -6.93
CA ARG A 134 11.53 -3.70 -7.00
C ARG A 134 12.29 -2.93 -8.08
N GLN A 135 11.56 -2.57 -9.13
CA GLN A 135 12.15 -1.83 -10.24
C GLN A 135 12.53 -0.42 -9.80
N ILE A 136 12.11 -0.08 -8.59
CA ILE A 136 12.40 1.23 -8.03
C ILE A 136 13.78 1.21 -7.37
N VAL A 137 14.19 0.02 -6.98
CA VAL A 137 15.48 -0.15 -6.33
C VAL A 137 16.42 -0.92 -7.27
N GLU A 138 15.81 -1.59 -8.24
CA GLU A 138 16.57 -2.37 -9.20
C GLU A 138 16.63 -1.64 -10.54
N MET A 1 -11.49 -19.21 7.68
CA MET A 1 -11.50 -18.09 8.60
C MET A 1 -12.72 -17.20 8.35
N THR A 2 -12.71 -16.04 9.00
CA THR A 2 -13.79 -15.09 8.86
C THR A 2 -13.79 -14.48 7.46
N ARG A 3 -14.46 -13.33 7.35
CA ARG A 3 -14.53 -12.63 6.08
C ARG A 3 -13.14 -12.44 5.49
N LEU A 4 -13.09 -11.74 4.37
CA LEU A 4 -11.83 -11.48 3.70
C LEU A 4 -10.85 -10.85 4.69
N PRO A 5 -9.78 -11.62 5.00
CA PRO A 5 -8.76 -11.15 5.92
C PRO A 5 -7.86 -10.10 5.28
N ASP A 6 -7.41 -9.16 6.09
CA ASP A 6 -6.55 -8.09 5.61
C ASP A 6 -5.54 -8.67 4.62
N ILE A 7 -5.67 -8.24 3.38
CA ILE A 7 -4.77 -8.70 2.33
C ILE A 7 -3.32 -8.38 2.72
N LYS A 8 -2.71 -9.34 3.39
CA LYS A 8 -1.33 -9.18 3.83
C LYS A 8 -0.40 -9.93 2.88
N LYS A 9 0.60 -9.22 2.39
CA LYS A 9 1.56 -9.81 1.47
C LYS A 9 2.98 -9.45 1.93
N GLU A 10 3.94 -10.22 1.42
CA GLU A 10 5.33 -9.99 1.77
C GLU A 10 6.24 -10.33 0.58
N VAL A 11 7.22 -9.47 0.36
CA VAL A 11 8.15 -9.67 -0.74
C VAL A 11 9.58 -9.39 -0.24
N ARG A 12 10.53 -9.91 -0.99
CA ARG A 12 11.93 -9.73 -0.64
C ARG A 12 12.71 -9.16 -1.84
N PHE A 13 13.32 -8.01 -1.61
CA PHE A 13 14.09 -7.36 -2.65
C PHE A 13 15.55 -7.15 -2.22
N ASN A 14 16.43 -7.17 -3.21
CA ASN A 14 17.85 -6.98 -2.94
C ASN A 14 18.21 -5.50 -3.08
N ALA A 15 18.25 -4.82 -1.94
CA ALA A 15 18.58 -3.41 -1.93
C ALA A 15 18.62 -2.92 -0.48
N PRO A 16 19.16 -1.68 -0.31
CA PRO A 16 19.25 -1.08 1.01
C PRO A 16 17.89 -0.58 1.49
N ILE A 17 17.58 -0.91 2.73
CA ILE A 17 16.31 -0.51 3.32
C ILE A 17 16.19 1.02 3.25
N GLU A 18 17.35 1.67 3.20
CA GLU A 18 17.37 3.12 3.14
C GLU A 18 16.69 3.61 1.85
N LYS A 19 17.02 2.94 0.75
CA LYS A 19 16.45 3.29 -0.53
C LYS A 19 14.95 2.96 -0.53
N VAL A 20 14.65 1.71 -0.21
CA VAL A 20 13.27 1.26 -0.17
C VAL A 20 12.46 2.20 0.73
N TRP A 21 13.13 2.68 1.78
CA TRP A 21 12.49 3.59 2.71
C TRP A 21 12.33 4.95 2.04
N GLU A 22 13.45 5.46 1.54
CA GLU A 22 13.45 6.74 0.88
C GLU A 22 12.44 6.75 -0.28
N ALA A 23 12.15 5.56 -0.77
CA ALA A 23 11.21 5.40 -1.86
C ALA A 23 9.78 5.36 -1.31
N VAL A 24 9.64 4.64 -0.21
CA VAL A 24 8.34 4.51 0.44
C VAL A 24 8.13 5.69 1.39
N SER A 25 9.04 6.65 1.31
CA SER A 25 8.97 7.83 2.15
C SER A 25 8.73 9.07 1.30
N THR A 26 9.27 9.02 0.09
CA THR A 26 9.12 10.14 -0.83
C THR A 26 7.83 10.00 -1.63
N SER A 27 7.44 11.10 -2.25
CA SER A 27 6.21 11.12 -3.05
C SER A 27 6.50 10.57 -4.45
N GLU A 28 7.49 11.17 -5.09
CA GLU A 28 7.87 10.76 -6.43
C GLU A 28 8.25 9.28 -6.44
N GLY A 29 8.95 8.86 -5.39
CA GLY A 29 9.37 7.47 -5.27
C GLY A 29 8.16 6.56 -5.09
N LEU A 30 7.16 7.06 -4.39
CA LEU A 30 5.96 6.29 -4.14
C LEU A 30 5.13 6.22 -5.43
N ALA A 31 4.87 7.38 -6.00
CA ALA A 31 4.10 7.46 -7.22
C ALA A 31 4.81 6.66 -8.32
N PHE A 32 6.07 6.36 -8.07
CA PHE A 32 6.86 5.61 -9.02
C PHE A 32 6.33 4.19 -9.16
N TRP A 33 5.54 3.78 -8.18
CA TRP A 33 4.96 2.45 -8.20
C TRP A 33 3.50 2.57 -7.74
N PHE A 34 3.31 3.26 -6.63
CA PHE A 34 1.97 3.45 -6.08
C PHE A 34 1.17 4.43 -6.93
N MET A 35 1.28 5.70 -6.58
CA MET A 35 0.57 6.74 -7.30
C MET A 35 1.02 8.14 -6.83
N GLU A 36 0.65 9.13 -7.62
CA GLU A 36 1.01 10.51 -7.30
C GLU A 36 0.43 10.90 -5.94
N ASN A 37 1.26 11.58 -5.16
CA ASN A 37 0.86 12.02 -3.84
C ASN A 37 1.81 13.11 -3.34
N ASP A 38 1.59 13.54 -2.11
CA ASP A 38 2.42 14.58 -1.52
C ASP A 38 2.90 14.11 -0.14
N LEU A 39 3.12 12.81 -0.03
CA LEU A 39 3.57 12.22 1.22
C LEU A 39 5.01 12.67 1.49
N LYS A 40 5.33 12.75 2.77
CA LYS A 40 6.67 13.16 3.17
C LYS A 40 7.05 12.45 4.48
N ALA A 41 6.51 11.24 4.62
CA ALA A 41 6.78 10.44 5.80
C ALA A 41 6.68 11.33 7.04
N GLU A 42 5.48 11.79 7.32
CA GLU A 42 5.23 12.64 8.46
C GLU A 42 3.81 12.43 9.00
N THR A 43 3.74 11.82 10.18
CA THR A 43 2.46 11.56 10.81
C THR A 43 1.61 12.81 10.83
N GLY A 44 0.32 12.63 10.54
CA GLY A 44 -0.61 13.74 10.51
C GLY A 44 -0.26 14.73 9.41
N HIS A 45 0.09 14.18 8.26
CA HIS A 45 0.45 15.01 7.12
C HIS A 45 -0.56 14.81 6.00
N HIS A 46 -1.76 15.34 6.21
CA HIS A 46 -2.82 15.22 5.24
C HIS A 46 -2.29 15.63 3.86
N PHE A 47 -2.17 14.64 2.98
CA PHE A 47 -1.68 14.90 1.63
C PHE A 47 -2.72 14.47 0.59
N HIS A 48 -2.71 15.19 -0.53
CA HIS A 48 -3.64 14.89 -1.60
C HIS A 48 -3.13 13.70 -2.42
N LEU A 49 -4.06 13.02 -3.07
CA LEU A 49 -3.72 11.87 -3.89
C LEU A 49 -4.35 12.02 -5.26
N GLN A 50 -3.50 11.93 -6.29
CA GLN A 50 -3.97 12.06 -7.66
C GLN A 50 -4.10 10.68 -8.30
N SER A 51 -5.21 10.03 -8.01
CA SER A 51 -5.47 8.70 -8.54
C SER A 51 -6.21 8.82 -9.87
N PRO A 52 -6.31 7.65 -10.58
CA PRO A 52 -6.99 7.62 -11.87
C PRO A 52 -8.50 7.67 -11.69
N PHE A 53 -8.94 7.34 -10.47
CA PHE A 53 -10.36 7.35 -10.16
C PHE A 53 -10.73 8.57 -9.31
N GLY A 54 -10.37 9.73 -9.82
CA GLY A 54 -10.65 10.97 -9.12
C GLY A 54 -9.68 11.18 -7.95
N PRO A 55 -9.42 12.48 -7.65
CA PRO A 55 -8.51 12.83 -6.57
C PRO A 55 -9.18 12.61 -5.21
N SER A 56 -8.42 12.04 -4.28
CA SER A 56 -8.92 11.78 -2.95
C SER A 56 -7.89 12.22 -1.91
N PRO A 57 -8.41 12.69 -0.75
CA PRO A 57 -7.55 13.15 0.33
C PRO A 57 -6.92 11.96 1.06
N CYS A 58 -5.72 12.20 1.58
CA CYS A 58 -5.00 11.15 2.30
C CYS A 58 -4.36 11.79 3.53
N GLN A 59 -4.12 10.96 4.53
CA GLN A 59 -3.51 11.43 5.77
C GLN A 59 -2.73 10.28 6.44
N VAL A 60 -1.49 10.59 6.79
CA VAL A 60 -0.64 9.59 7.43
C VAL A 60 -1.11 9.39 8.87
N THR A 61 -1.20 8.12 9.26
CA THR A 61 -1.63 7.78 10.61
C THR A 61 -0.41 7.47 11.49
N ASP A 62 0.59 6.88 10.87
CA ASP A 62 1.81 6.53 11.59
C ASP A 62 2.97 6.41 10.59
N VAL A 63 4.09 6.98 10.97
CA VAL A 63 5.27 6.95 10.13
C VAL A 63 6.50 7.30 10.97
N GLU A 64 7.35 6.30 11.18
CA GLU A 64 8.56 6.50 11.95
C GLU A 64 9.62 5.47 11.56
N ARG A 65 10.60 5.94 10.81
CA ARG A 65 11.69 5.07 10.36
C ARG A 65 11.12 3.90 9.55
N PRO A 66 12.04 3.16 8.88
CA PRO A 66 11.65 2.02 8.07
C PRO A 66 11.28 0.82 8.94
N ILE A 67 10.15 0.97 9.64
CA ILE A 67 9.68 -0.09 10.52
C ILE A 67 8.15 -0.15 10.45
N LYS A 68 7.54 1.02 10.56
CA LYS A 68 6.09 1.11 10.52
C LYS A 68 5.69 2.31 9.66
N LEU A 69 4.74 2.06 8.77
CA LEU A 69 4.25 3.10 7.88
C LEU A 69 2.81 2.79 7.48
N SER A 70 1.94 3.76 7.72
CA SER A 70 0.53 3.60 7.39
C SER A 70 -0.02 4.92 6.84
N PHE A 71 -0.99 4.79 5.93
CA PHE A 71 -1.61 5.95 5.32
C PHE A 71 -3.03 5.63 4.85
N THR A 72 -3.91 6.59 5.05
CA THR A 72 -5.30 6.43 4.67
C THR A 72 -5.51 6.91 3.23
N TRP A 73 -6.47 6.29 2.56
CA TRP A 73 -6.78 6.64 1.19
C TRP A 73 -8.29 6.53 0.99
N ASP A 74 -8.87 7.56 0.41
CA ASP A 74 -10.29 7.59 0.16
C ASP A 74 -11.04 7.59 1.50
N THR A 75 -12.33 7.88 1.41
CA THR A 75 -13.16 7.93 2.60
C THR A 75 -14.32 6.93 2.49
N ASP A 76 -13.94 5.68 2.25
CA ASP A 76 -14.94 4.63 2.12
C ASP A 76 -14.69 3.55 3.18
N GLY A 77 -13.43 3.18 3.30
CA GLY A 77 -13.03 2.17 4.28
C GLY A 77 -11.94 1.26 3.71
N TRP A 78 -10.93 1.89 3.13
CA TRP A 78 -9.83 1.15 2.55
C TRP A 78 -8.52 1.78 3.05
N SER A 79 -7.82 1.02 3.88
CA SER A 79 -6.56 1.48 4.44
C SER A 79 -5.48 0.41 4.25
N VAL A 80 -4.30 0.87 3.86
CA VAL A 80 -3.18 -0.02 3.65
C VAL A 80 -2.04 0.34 4.60
N THR A 81 -1.41 -0.68 5.14
CA THR A 81 -0.30 -0.47 6.06
C THR A 81 0.96 -1.17 5.55
N PHE A 82 2.08 -0.47 5.68
CA PHE A 82 3.35 -1.01 5.24
C PHE A 82 4.23 -1.38 6.43
N HIS A 83 5.13 -2.34 6.20
CA HIS A 83 6.03 -2.78 7.24
C HIS A 83 7.37 -3.18 6.62
N LEU A 84 8.40 -2.45 6.99
CA LEU A 84 9.73 -2.71 6.48
C LEU A 84 10.59 -3.34 7.59
N LYS A 85 11.68 -3.96 7.17
CA LYS A 85 12.58 -4.60 8.11
C LYS A 85 13.78 -5.18 7.35
N GLU A 86 14.94 -4.60 7.61
CA GLU A 86 16.16 -5.03 6.96
C GLU A 86 16.50 -6.47 7.37
N GLU A 87 16.96 -7.24 6.40
CA GLU A 87 17.32 -8.63 6.65
C GLU A 87 18.84 -8.80 6.55
N GLU A 88 19.24 -10.07 6.53
CA GLU A 88 20.66 -10.38 6.44
C GLU A 88 21.33 -9.53 5.36
N ASN A 89 21.01 -9.82 4.11
CA ASN A 89 21.57 -9.08 3.00
C ASN A 89 20.45 -8.66 2.05
N GLY A 90 19.41 -8.06 2.63
CA GLY A 90 18.28 -7.60 1.85
C GLY A 90 17.26 -6.88 2.75
N THR A 91 16.24 -6.35 2.10
CA THR A 91 15.19 -5.63 2.82
C THR A 91 13.86 -6.35 2.67
N ILE A 92 13.17 -6.52 3.78
CA ILE A 92 11.89 -7.19 3.79
C ILE A 92 10.77 -6.14 3.76
N PHE A 93 9.82 -6.36 2.87
CA PHE A 93 8.70 -5.45 2.72
C PHE A 93 7.37 -6.19 2.86
N THR A 94 6.62 -5.80 3.88
CA THR A 94 5.32 -6.41 4.14
C THR A 94 4.20 -5.39 3.96
N ILE A 95 3.15 -5.82 3.28
CA ILE A 95 2.01 -4.96 3.03
C ILE A 95 0.78 -5.53 3.75
N VAL A 96 -0.10 -4.63 4.16
CA VAL A 96 -1.31 -5.03 4.86
C VAL A 96 -2.47 -4.13 4.41
N HIS A 97 -3.43 -4.74 3.75
CA HIS A 97 -4.59 -4.01 3.26
C HIS A 97 -5.86 -4.57 3.91
N SER A 98 -6.53 -3.71 4.66
CA SER A 98 -7.75 -4.11 5.34
C SER A 98 -8.89 -3.15 4.96
N GLY A 99 -10.11 -3.66 5.08
CA GLY A 99 -11.29 -2.87 4.76
C GLY A 99 -12.14 -3.55 3.69
N TRP A 100 -12.49 -4.80 3.98
CA TRP A 100 -13.31 -5.58 3.06
C TRP A 100 -14.52 -6.10 3.82
N LYS A 101 -15.41 -6.75 3.07
CA LYS A 101 -16.62 -7.30 3.67
C LYS A 101 -16.52 -8.83 3.70
N GLN A 102 -17.67 -9.45 3.85
CA GLN A 102 -17.73 -10.91 3.90
C GLN A 102 -17.11 -11.50 2.62
N GLY A 103 -16.60 -12.71 2.77
CA GLY A 103 -15.98 -13.40 1.64
C GLY A 103 -17.03 -14.11 0.78
N ASP A 104 -18.13 -13.40 0.54
CA ASP A 104 -19.21 -13.94 -0.25
C ASP A 104 -20.31 -12.88 -0.41
N THR A 105 -19.88 -11.64 -0.52
CA THR A 105 -20.80 -10.54 -0.66
C THR A 105 -20.45 -9.70 -1.91
N LYS A 106 -21.22 -8.65 -2.12
CA LYS A 106 -21.00 -7.77 -3.25
C LYS A 106 -20.93 -6.32 -2.76
N VAL A 107 -20.23 -5.51 -3.55
CA VAL A 107 -20.08 -4.10 -3.21
C VAL A 107 -21.04 -3.26 -4.05
N GLU A 108 -22.12 -2.83 -3.41
CA GLU A 108 -23.12 -2.02 -4.08
C GLU A 108 -22.46 -0.86 -4.83
N LYS A 109 -21.30 -0.46 -4.31
CA LYS A 109 -20.56 0.63 -4.91
C LYS A 109 -19.55 0.07 -5.92
N ALA A 110 -19.92 -1.05 -6.52
CA ALA A 110 -19.06 -1.70 -7.49
C ALA A 110 -19.78 -2.91 -8.07
N GLY A 111 -20.10 -2.81 -9.36
CA GLY A 111 -20.79 -3.90 -10.04
C GLY A 111 -20.14 -5.25 -9.72
N ALA A 112 -18.86 -5.19 -9.38
CA ALA A 112 -18.12 -6.39 -9.05
C ALA A 112 -18.35 -6.73 -7.57
N GLU A 113 -17.86 -7.91 -7.19
CA GLU A 113 -18.01 -8.37 -5.82
C GLU A 113 -16.72 -8.07 -5.03
N SER A 114 -16.83 -8.23 -3.72
CA SER A 114 -15.69 -7.98 -2.84
C SER A 114 -14.62 -9.06 -3.07
N ALA A 115 -15.08 -10.30 -3.10
CA ALA A 115 -14.17 -11.42 -3.30
C ALA A 115 -13.48 -11.26 -4.66
N VAL A 116 -14.23 -10.77 -5.62
CA VAL A 116 -13.71 -10.57 -6.96
C VAL A 116 -12.70 -9.42 -6.94
N VAL A 117 -13.16 -8.28 -6.43
CA VAL A 117 -12.31 -7.11 -6.34
C VAL A 117 -11.10 -7.42 -5.46
N HIS A 118 -11.34 -8.25 -4.47
CA HIS A 118 -10.27 -8.63 -3.54
C HIS A 118 -9.19 -9.40 -4.30
N GLU A 119 -9.62 -10.42 -5.02
CA GLU A 119 -8.70 -11.24 -5.79
C GLU A 119 -7.98 -10.37 -6.83
N ARG A 120 -8.74 -9.48 -7.44
CA ARG A 120 -8.19 -8.60 -8.46
C ARG A 120 -7.14 -7.66 -7.84
N MET A 121 -7.59 -6.93 -6.84
CA MET A 121 -6.71 -5.99 -6.16
C MET A 121 -5.56 -6.73 -5.46
N ASP A 122 -5.92 -7.79 -4.77
CA ASP A 122 -4.94 -8.59 -4.05
C ASP A 122 -3.82 -8.99 -5.01
N ARG A 123 -4.23 -9.54 -6.15
CA ARG A 123 -3.27 -9.97 -7.16
C ARG A 123 -2.36 -8.81 -7.56
N GLY A 124 -2.99 -7.74 -8.02
CA GLY A 124 -2.24 -6.56 -8.43
C GLY A 124 -1.41 -6.00 -7.28
N TRP A 125 -1.95 -6.15 -6.08
CA TRP A 125 -1.27 -5.66 -4.89
C TRP A 125 0.10 -6.34 -4.81
N HIS A 126 0.08 -7.66 -4.89
CA HIS A 126 1.31 -8.43 -4.83
C HIS A 126 2.19 -8.09 -6.04
N ASP A 127 1.58 -8.16 -7.21
CA ASP A 127 2.29 -7.87 -8.45
C ASP A 127 2.93 -6.48 -8.33
N LEU A 128 2.15 -5.54 -7.81
CA LEU A 128 2.64 -4.18 -7.64
C LEU A 128 3.85 -4.18 -6.71
N VAL A 129 3.67 -4.83 -5.57
CA VAL A 129 4.74 -4.92 -4.58
C VAL A 129 5.56 -6.18 -4.83
N ASN A 130 5.72 -6.50 -6.11
CA ASN A 130 6.48 -7.67 -6.49
C ASN A 130 7.65 -7.26 -7.39
N GLU A 131 7.31 -6.58 -8.48
CA GLU A 131 8.30 -6.12 -9.42
C GLU A 131 8.29 -4.59 -9.52
N ARG A 132 7.12 -4.08 -9.87
CA ARG A 132 6.95 -2.64 -10.00
C ARG A 132 7.73 -1.91 -8.91
N LEU A 133 7.42 -2.26 -7.66
CA LEU A 133 8.08 -1.65 -6.52
C LEU A 133 9.55 -2.07 -6.51
N ARG A 134 9.78 -3.32 -6.92
CA ARG A 134 11.13 -3.85 -6.95
C ARG A 134 12.00 -3.02 -7.89
N GLN A 135 11.41 -2.62 -9.01
CA GLN A 135 12.11 -1.84 -10.00
C GLN A 135 12.54 -0.49 -9.40
N ILE A 136 11.69 0.03 -8.52
CA ILE A 136 11.97 1.30 -7.88
C ILE A 136 13.35 1.24 -7.24
N VAL A 137 13.79 0.03 -6.94
CA VAL A 137 15.09 -0.18 -6.32
C VAL A 137 16.01 -0.89 -7.31
N GLU A 138 15.39 -1.76 -8.12
CA GLU A 138 16.15 -2.51 -9.10
C GLU A 138 16.24 -1.72 -10.41
N MET A 1 -11.81 -18.07 8.38
CA MET A 1 -12.33 -19.12 7.52
C MET A 1 -13.21 -18.52 6.41
N THR A 2 -14.18 -17.73 6.83
CA THR A 2 -15.09 -17.10 5.89
C THR A 2 -14.79 -15.59 5.79
N ARG A 3 -15.59 -14.92 4.97
CA ARG A 3 -15.42 -13.49 4.77
C ARG A 3 -14.06 -13.19 4.17
N LEU A 4 -14.01 -12.12 3.39
CA LEU A 4 -12.78 -11.71 2.74
C LEU A 4 -11.72 -11.40 3.81
N PRO A 5 -10.58 -12.13 3.70
CA PRO A 5 -9.48 -11.95 4.65
C PRO A 5 -8.73 -10.64 4.37
N ASP A 6 -7.63 -10.47 5.07
CA ASP A 6 -6.81 -9.28 4.92
C ASP A 6 -5.84 -9.48 3.74
N ILE A 7 -5.56 -8.38 3.06
CA ILE A 7 -4.66 -8.42 1.93
C ILE A 7 -3.21 -8.24 2.41
N LYS A 8 -2.74 -9.22 3.16
CA LYS A 8 -1.39 -9.17 3.69
C LYS A 8 -0.46 -9.94 2.75
N LYS A 9 0.62 -9.28 2.38
CA LYS A 9 1.60 -9.90 1.50
C LYS A 9 3.01 -9.56 1.98
N GLU A 10 3.97 -10.32 1.49
CA GLU A 10 5.36 -10.11 1.87
C GLU A 10 6.29 -10.46 0.70
N VAL A 11 7.22 -9.56 0.44
CA VAL A 11 8.18 -9.75 -0.63
C VAL A 11 9.56 -9.30 -0.18
N ARG A 12 10.57 -9.85 -0.82
CA ARG A 12 11.94 -9.53 -0.49
C ARG A 12 12.67 -8.97 -1.72
N PHE A 13 13.37 -7.87 -1.50
CA PHE A 13 14.11 -7.24 -2.58
C PHE A 13 15.56 -6.98 -2.17
N ASN A 14 16.44 -7.00 -3.17
CA ASN A 14 17.85 -6.77 -2.93
C ASN A 14 18.16 -5.28 -3.07
N ALA A 15 18.21 -4.60 -1.94
CA ALA A 15 18.49 -3.18 -1.91
C ALA A 15 18.56 -2.70 -0.47
N PRO A 16 19.15 -1.48 -0.29
CA PRO A 16 19.28 -0.90 1.03
C PRO A 16 17.95 -0.34 1.52
N ILE A 17 17.62 -0.69 2.76
CA ILE A 17 16.37 -0.23 3.36
C ILE A 17 16.30 1.29 3.28
N GLU A 18 17.47 1.91 3.21
CA GLU A 18 17.56 3.36 3.13
C GLU A 18 16.99 3.85 1.80
N LYS A 19 17.06 2.97 0.81
CA LYS A 19 16.56 3.30 -0.52
C LYS A 19 15.05 3.02 -0.57
N VAL A 20 14.70 1.78 -0.25
CA VAL A 20 13.30 1.37 -0.26
C VAL A 20 12.50 2.29 0.66
N TRP A 21 13.11 2.61 1.79
CA TRP A 21 12.46 3.47 2.77
C TRP A 21 12.10 4.79 2.08
N GLU A 22 13.12 5.41 1.48
CA GLU A 22 12.92 6.66 0.78
C GLU A 22 11.95 6.47 -0.39
N ALA A 23 11.88 5.24 -0.86
CA ALA A 23 11.00 4.92 -1.97
C ALA A 23 9.56 4.79 -1.46
N VAL A 24 9.45 4.68 -0.14
CA VAL A 24 8.15 4.55 0.49
C VAL A 24 7.94 5.72 1.46
N SER A 25 8.82 6.70 1.35
CA SER A 25 8.75 7.88 2.21
C SER A 25 8.41 9.11 1.38
N THR A 26 8.86 9.10 0.13
CA THR A 26 8.61 10.21 -0.77
C THR A 26 7.44 9.88 -1.70
N SER A 27 6.95 10.92 -2.35
CA SER A 27 5.83 10.76 -3.28
C SER A 27 6.34 10.26 -4.63
N GLU A 28 7.42 10.88 -5.09
CA GLU A 28 8.00 10.51 -6.36
C GLU A 28 8.43 9.04 -6.34
N GLY A 29 8.88 8.60 -5.17
CA GLY A 29 9.33 7.23 -5.00
C GLY A 29 8.14 6.27 -4.89
N LEU A 30 7.09 6.76 -4.23
CA LEU A 30 5.89 5.97 -4.04
C LEU A 30 5.11 5.93 -5.36
N ALA A 31 4.80 7.12 -5.86
CA ALA A 31 4.05 7.24 -7.10
C ALA A 31 4.76 6.44 -8.20
N PHE A 32 6.03 6.16 -7.96
CA PHE A 32 6.83 5.41 -8.90
C PHE A 32 6.27 3.99 -9.10
N TRP A 33 5.50 3.57 -8.10
CA TRP A 33 4.90 2.24 -8.14
C TRP A 33 3.44 2.37 -7.69
N PHE A 34 3.27 3.04 -6.56
CA PHE A 34 1.94 3.24 -6.01
C PHE A 34 1.11 4.19 -6.88
N MET A 35 1.24 5.47 -6.57
CA MET A 35 0.52 6.49 -7.32
C MET A 35 0.94 7.90 -6.88
N GLU A 36 0.60 8.87 -7.71
CA GLU A 36 0.94 10.25 -7.42
C GLU A 36 0.37 10.66 -6.05
N ASN A 37 1.17 11.41 -5.32
CA ASN A 37 0.76 11.87 -4.00
C ASN A 37 1.68 13.02 -3.56
N ASP A 38 1.43 13.50 -2.35
CA ASP A 38 2.23 14.58 -1.80
C ASP A 38 2.81 14.15 -0.46
N LEU A 39 2.73 12.86 -0.20
CA LEU A 39 3.26 12.30 1.04
C LEU A 39 4.66 12.86 1.29
N LYS A 40 5.02 12.91 2.57
CA LYS A 40 6.33 13.42 2.95
C LYS A 40 6.79 12.69 4.21
N ALA A 41 6.25 11.50 4.41
CA ALA A 41 6.60 10.70 5.57
C ALA A 41 6.54 11.57 6.83
N GLU A 42 5.33 12.00 7.15
CA GLU A 42 5.11 12.84 8.32
C GLU A 42 3.70 12.64 8.86
N THR A 43 3.62 12.02 10.03
CA THR A 43 2.34 11.77 10.66
C THR A 43 1.50 13.05 10.69
N GLY A 44 0.21 12.88 10.41
CA GLY A 44 -0.70 14.01 10.40
C GLY A 44 -0.38 14.97 9.25
N HIS A 45 -0.01 14.38 8.12
CA HIS A 45 0.33 15.16 6.94
C HIS A 45 -0.68 14.87 5.83
N HIS A 46 -1.93 15.23 6.08
CA HIS A 46 -2.98 15.00 5.11
C HIS A 46 -2.47 15.35 3.70
N PHE A 47 -2.26 14.30 2.92
CA PHE A 47 -1.77 14.48 1.57
C PHE A 47 -2.79 13.97 0.55
N HIS A 48 -2.94 14.73 -0.53
CA HIS A 48 -3.88 14.38 -1.58
C HIS A 48 -3.28 13.27 -2.44
N LEU A 49 -4.16 12.56 -3.13
CA LEU A 49 -3.74 11.48 -4.01
C LEU A 49 -4.39 11.64 -5.38
N GLN A 50 -3.56 11.58 -6.40
CA GLN A 50 -4.04 11.71 -7.77
C GLN A 50 -4.22 10.34 -8.41
N SER A 51 -5.29 9.66 -8.00
CA SER A 51 -5.59 8.34 -8.53
C SER A 51 -6.42 8.47 -9.81
N PRO A 52 -6.59 7.31 -10.50
CA PRO A 52 -7.35 7.27 -11.73
C PRO A 52 -8.86 7.36 -11.45
N PHE A 53 -9.29 6.54 -10.50
CA PHE A 53 -10.70 6.51 -10.12
C PHE A 53 -11.05 7.70 -9.24
N GLY A 54 -10.75 8.89 -9.75
CA GLY A 54 -11.02 10.12 -9.02
C GLY A 54 -10.00 10.33 -7.91
N PRO A 55 -9.75 11.64 -7.60
CA PRO A 55 -8.80 12.00 -6.56
C PRO A 55 -9.39 11.75 -5.17
N SER A 56 -8.52 11.34 -4.25
CA SER A 56 -8.94 11.07 -2.90
C SER A 56 -7.90 11.60 -1.91
N PRO A 57 -8.40 12.30 -0.85
CA PRO A 57 -7.53 12.86 0.17
C PRO A 57 -7.00 11.77 1.09
N CYS A 58 -5.68 11.61 1.08
CA CYS A 58 -5.04 10.61 1.91
C CYS A 58 -4.44 11.31 3.13
N GLN A 59 -4.23 10.53 4.18
CA GLN A 59 -3.67 11.06 5.41
C GLN A 59 -2.81 10.01 6.10
N VAL A 60 -1.72 10.47 6.69
CA VAL A 60 -0.80 9.59 7.40
C VAL A 60 -1.19 9.52 8.87
N THR A 61 -1.16 8.30 9.40
CA THR A 61 -1.50 8.09 10.79
C THR A 61 -0.26 7.75 11.61
N ASP A 62 0.68 7.09 10.95
CA ASP A 62 1.92 6.71 11.59
C ASP A 62 3.02 6.55 10.53
N VAL A 63 4.18 7.14 10.84
CA VAL A 63 5.30 7.07 9.93
C VAL A 63 6.59 7.42 10.68
N GLU A 64 7.42 6.41 10.88
CA GLU A 64 8.67 6.60 11.58
C GLU A 64 9.69 5.54 11.17
N ARG A 65 10.64 5.96 10.34
CA ARG A 65 11.66 5.05 9.86
C ARG A 65 11.02 3.84 9.17
N PRO A 66 11.89 3.05 8.47
CA PRO A 66 11.42 1.87 7.76
C PRO A 66 11.11 0.74 8.74
N ILE A 67 10.04 0.92 9.50
CA ILE A 67 9.63 -0.07 10.47
C ILE A 67 8.10 -0.08 10.57
N LYS A 68 7.54 1.11 10.68
CA LYS A 68 6.10 1.26 10.78
C LYS A 68 5.65 2.45 9.93
N LEU A 69 4.78 2.15 8.97
CA LEU A 69 4.26 3.17 8.09
C LEU A 69 2.82 2.82 7.69
N SER A 70 1.96 3.81 7.80
CA SER A 70 0.56 3.62 7.47
C SER A 70 -0.04 4.93 6.93
N PHE A 71 -1.09 4.79 6.14
CA PHE A 71 -1.75 5.94 5.55
C PHE A 71 -3.20 5.61 5.19
N THR A 72 -4.08 6.56 5.47
CA THR A 72 -5.50 6.39 5.17
C THR A 72 -5.79 6.80 3.73
N TRP A 73 -6.83 6.21 3.18
CA TRP A 73 -7.23 6.49 1.82
C TRP A 73 -8.67 7.01 1.85
N ASP A 74 -8.88 8.15 1.22
CA ASP A 74 -10.19 8.76 1.16
C ASP A 74 -10.62 9.17 2.57
N THR A 75 -11.72 9.90 2.63
CA THR A 75 -12.25 10.35 3.91
C THR A 75 -12.29 9.20 4.91
N ASP A 76 -12.73 8.05 4.43
CA ASP A 76 -12.82 6.87 5.27
C ASP A 76 -13.33 5.69 4.43
N GLY A 77 -12.46 4.70 4.29
CA GLY A 77 -12.80 3.52 3.51
C GLY A 77 -11.87 2.35 3.86
N TRP A 78 -10.81 2.22 3.06
CA TRP A 78 -9.85 1.17 3.27
C TRP A 78 -8.55 1.81 3.79
N SER A 79 -7.74 0.98 4.44
CA SER A 79 -6.48 1.44 5.00
C SER A 79 -5.39 0.40 4.77
N VAL A 80 -4.20 0.89 4.45
CA VAL A 80 -3.07 0.00 4.21
C VAL A 80 -1.93 0.40 5.14
N THR A 81 -1.20 -0.62 5.60
CA THR A 81 -0.08 -0.40 6.49
C THR A 81 1.17 -1.12 5.97
N PHE A 82 2.26 -0.38 5.93
CA PHE A 82 3.52 -0.94 5.45
C PHE A 82 4.45 -1.29 6.62
N HIS A 83 5.30 -2.27 6.38
CA HIS A 83 6.23 -2.71 7.41
C HIS A 83 7.55 -3.13 6.75
N LEU A 84 8.59 -2.35 7.03
CA LEU A 84 9.90 -2.63 6.48
C LEU A 84 10.81 -3.19 7.58
N LYS A 85 11.83 -3.91 7.14
CA LYS A 85 12.77 -4.51 8.08
C LYS A 85 13.98 -5.03 7.31
N GLU A 86 15.11 -4.39 7.55
CA GLU A 86 16.36 -4.77 6.89
C GLU A 86 16.80 -6.15 7.36
N GLU A 87 17.15 -6.99 6.39
CA GLU A 87 17.59 -8.34 6.67
C GLU A 87 18.98 -8.59 6.09
N GLU A 88 19.46 -9.81 6.27
CA GLU A 88 20.77 -10.18 5.77
C GLU A 88 20.76 -10.19 4.23
N ASN A 89 19.87 -11.01 3.69
CA ASN A 89 19.76 -11.12 2.24
C ASN A 89 19.61 -9.72 1.64
N GLY A 90 18.78 -8.92 2.29
CA GLY A 90 18.54 -7.56 1.82
C GLY A 90 17.50 -6.86 2.69
N THR A 91 16.51 -6.28 2.02
CA THR A 91 15.44 -5.59 2.71
C THR A 91 14.13 -6.36 2.58
N ILE A 92 13.33 -6.30 3.65
CA ILE A 92 12.05 -6.98 3.67
C ILE A 92 10.92 -5.95 3.57
N PHE A 93 9.95 -6.28 2.73
CA PHE A 93 8.82 -5.40 2.53
C PHE A 93 7.49 -6.14 2.77
N THR A 94 6.77 -5.67 3.77
CA THR A 94 5.49 -6.27 4.11
C THR A 94 4.35 -5.32 3.80
N ILE A 95 3.24 -5.90 3.36
CA ILE A 95 2.06 -5.11 3.01
C ILE A 95 0.84 -5.65 3.78
N VAL A 96 -0.03 -4.73 4.15
CA VAL A 96 -1.23 -5.10 4.89
C VAL A 96 -2.36 -4.15 4.52
N HIS A 97 -3.30 -4.67 3.73
CA HIS A 97 -4.43 -3.88 3.30
C HIS A 97 -5.73 -4.55 3.76
N SER A 98 -6.45 -3.82 4.60
CA SER A 98 -7.71 -4.33 5.13
C SER A 98 -8.82 -3.31 4.90
N GLY A 99 -10.05 -3.76 5.11
CA GLY A 99 -11.21 -2.90 4.94
C GLY A 99 -12.12 -3.42 3.82
N TRP A 100 -12.49 -4.69 3.96
CA TRP A 100 -13.36 -5.31 2.97
C TRP A 100 -14.56 -5.92 3.71
N LYS A 101 -15.59 -6.22 2.95
CA LYS A 101 -16.80 -6.80 3.52
C LYS A 101 -16.88 -8.27 3.12
N GLN A 102 -18.04 -8.86 3.40
CA GLN A 102 -18.26 -10.26 3.08
C GLN A 102 -17.96 -10.53 1.61
N GLY A 103 -17.49 -11.73 1.34
CA GLY A 103 -17.15 -12.12 -0.02
C GLY A 103 -18.39 -12.61 -0.77
N ASP A 104 -19.36 -11.71 -0.89
CA ASP A 104 -20.61 -12.03 -1.58
C ASP A 104 -21.25 -10.75 -2.07
N THR A 105 -21.30 -9.76 -1.19
CA THR A 105 -21.90 -8.47 -1.52
C THR A 105 -21.15 -7.84 -2.70
N LYS A 106 -21.75 -6.79 -3.23
CA LYS A 106 -21.15 -6.08 -4.36
C LYS A 106 -20.77 -4.66 -3.92
N VAL A 107 -19.70 -4.16 -4.52
CA VAL A 107 -19.23 -2.82 -4.21
C VAL A 107 -20.08 -1.80 -4.96
N GLU A 108 -20.85 -1.04 -4.19
CA GLU A 108 -21.71 -0.01 -4.76
C GLU A 108 -20.87 1.03 -5.51
N LYS A 109 -19.58 1.04 -5.19
CA LYS A 109 -18.67 1.97 -5.83
C LYS A 109 -17.82 1.23 -6.86
N ALA A 110 -18.47 0.32 -7.56
CA ALA A 110 -17.79 -0.47 -8.58
C ALA A 110 -18.66 -1.68 -8.94
N GLY A 111 -19.14 -1.67 -10.18
CA GLY A 111 -19.98 -2.74 -10.66
C GLY A 111 -19.43 -4.10 -10.21
N ALA A 112 -18.12 -4.17 -10.11
CA ALA A 112 -17.46 -5.40 -9.70
C ALA A 112 -17.81 -5.70 -8.24
N GLU A 113 -17.72 -6.97 -7.89
CA GLU A 113 -18.03 -7.40 -6.52
C GLU A 113 -16.82 -7.18 -5.61
N SER A 114 -17.10 -7.12 -4.32
CA SER A 114 -16.06 -6.92 -3.33
C SER A 114 -15.01 -8.03 -3.44
N ALA A 115 -15.49 -9.21 -3.82
CA ALA A 115 -14.61 -10.36 -3.95
C ALA A 115 -13.76 -10.19 -5.22
N VAL A 116 -14.44 -9.85 -6.31
CA VAL A 116 -13.77 -9.67 -7.59
C VAL A 116 -12.70 -8.58 -7.43
N VAL A 117 -13.11 -7.47 -6.82
CA VAL A 117 -12.21 -6.36 -6.62
C VAL A 117 -11.10 -6.78 -5.65
N HIS A 118 -11.48 -7.60 -4.68
CA HIS A 118 -10.53 -8.08 -3.70
C HIS A 118 -9.38 -8.80 -4.40
N GLU A 119 -9.74 -9.77 -5.23
CA GLU A 119 -8.75 -10.54 -5.97
C GLU A 119 -7.98 -9.63 -6.91
N ARG A 120 -8.73 -8.84 -7.67
CA ARG A 120 -8.12 -7.92 -8.63
C ARG A 120 -7.07 -7.06 -7.93
N MET A 121 -7.48 -6.41 -6.86
CA MET A 121 -6.58 -5.54 -6.11
C MET A 121 -5.52 -6.38 -5.37
N ASP A 122 -6.00 -7.42 -4.71
CA ASP A 122 -5.10 -8.29 -3.97
C ASP A 122 -3.97 -8.77 -4.89
N ARG A 123 -4.36 -9.33 -6.02
CA ARG A 123 -3.39 -9.82 -6.98
C ARG A 123 -2.47 -8.69 -7.43
N GLY A 124 -3.08 -7.64 -7.96
CA GLY A 124 -2.31 -6.49 -8.42
C GLY A 124 -1.41 -5.94 -7.31
N TRP A 125 -1.90 -6.07 -6.09
CA TRP A 125 -1.16 -5.60 -4.94
C TRP A 125 0.17 -6.35 -4.88
N HIS A 126 0.06 -7.68 -4.91
CA HIS A 126 1.24 -8.53 -4.88
C HIS A 126 2.15 -8.19 -6.04
N ASP A 127 1.59 -8.25 -7.24
CA ASP A 127 2.34 -7.95 -8.44
C ASP A 127 3.00 -6.58 -8.30
N LEU A 128 2.27 -5.67 -7.68
CA LEU A 128 2.77 -4.31 -7.48
C LEU A 128 4.01 -4.36 -6.59
N VAL A 129 3.85 -5.01 -5.45
CA VAL A 129 4.95 -5.13 -4.50
C VAL A 129 5.72 -6.43 -4.79
N ASN A 130 5.87 -6.72 -6.07
CA ASN A 130 6.58 -7.91 -6.49
C ASN A 130 7.76 -7.52 -7.38
N GLU A 131 7.45 -6.80 -8.45
CA GLU A 131 8.47 -6.36 -9.39
C GLU A 131 8.36 -4.85 -9.61
N ARG A 132 7.12 -4.40 -9.77
CA ARG A 132 6.87 -2.99 -9.99
C ARG A 132 7.60 -2.14 -8.95
N LEU A 133 7.65 -2.68 -7.74
CA LEU A 133 8.31 -1.98 -6.65
C LEU A 133 9.80 -2.33 -6.66
N ARG A 134 10.07 -3.62 -6.86
CA ARG A 134 11.44 -4.09 -6.89
C ARG A 134 12.28 -3.26 -7.85
N GLN A 135 11.62 -2.82 -8.93
CA GLN A 135 12.29 -2.02 -9.93
C GLN A 135 12.62 -0.63 -9.37
N ILE A 136 11.68 -0.11 -8.58
CA ILE A 136 11.87 1.20 -7.98
C ILE A 136 13.24 1.26 -7.30
N VAL A 137 13.73 0.09 -6.92
CA VAL A 137 15.02 -0.01 -6.26
C VAL A 137 16.04 -0.61 -7.24
N GLU A 138 15.53 -1.45 -8.12
CA GLU A 138 16.38 -2.11 -9.11
C GLU A 138 16.51 -1.24 -10.36
N MET A 1 -17.45 -20.32 3.23
CA MET A 1 -16.12 -20.73 2.81
C MET A 1 -15.06 -19.75 3.33
N THR A 2 -15.20 -19.36 4.58
CA THR A 2 -14.27 -18.44 5.19
C THR A 2 -14.32 -17.09 4.48
N ARG A 3 -14.54 -16.05 5.28
CA ARG A 3 -14.62 -14.70 4.74
C ARG A 3 -13.29 -14.32 4.06
N LEU A 4 -13.30 -13.16 3.41
CA LEU A 4 -12.12 -12.69 2.72
C LEU A 4 -11.14 -12.10 3.75
N PRO A 5 -9.96 -12.75 3.83
CA PRO A 5 -8.93 -12.31 4.77
C PRO A 5 -8.24 -11.03 4.26
N ASP A 6 -7.38 -10.48 5.10
CA ASP A 6 -6.66 -9.27 4.77
C ASP A 6 -5.67 -9.58 3.63
N ILE A 7 -5.50 -8.59 2.77
CA ILE A 7 -4.59 -8.73 1.64
C ILE A 7 -3.16 -8.42 2.08
N LYS A 8 -2.69 -9.21 3.03
CA LYS A 8 -1.34 -9.04 3.56
C LYS A 8 -0.36 -9.88 2.74
N LYS A 9 0.63 -9.20 2.19
CA LYS A 9 1.64 -9.87 1.38
C LYS A 9 3.03 -9.44 1.86
N GLU A 10 4.03 -10.13 1.34
CA GLU A 10 5.41 -9.84 1.70
C GLU A 10 6.34 -10.09 0.50
N VAL A 11 7.33 -9.22 0.38
CA VAL A 11 8.28 -9.32 -0.71
C VAL A 11 9.69 -9.01 -0.18
N ARG A 12 10.68 -9.53 -0.88
CA ARG A 12 12.07 -9.32 -0.50
C ARG A 12 12.86 -8.78 -1.69
N PHE A 13 13.51 -7.65 -1.46
CA PHE A 13 14.31 -7.02 -2.50
C PHE A 13 15.78 -6.91 -2.06
N ASN A 14 16.66 -7.09 -3.03
CA ASN A 14 18.09 -7.02 -2.76
C ASN A 14 18.56 -5.57 -2.93
N ALA A 15 18.69 -4.89 -1.80
CA ALA A 15 19.13 -3.51 -1.82
C ALA A 15 19.10 -2.95 -0.39
N PRO A 16 19.62 -1.71 -0.25
CA PRO A 16 19.65 -1.05 1.06
C PRO A 16 18.26 -0.56 1.44
N ILE A 17 17.90 -0.81 2.70
CA ILE A 17 16.61 -0.39 3.21
C ILE A 17 16.54 1.14 3.20
N GLU A 18 17.71 1.76 3.27
CA GLU A 18 17.78 3.22 3.28
C GLU A 18 17.19 3.78 1.99
N LYS A 19 17.27 2.98 0.93
CA LYS A 19 16.74 3.38 -0.35
C LYS A 19 15.24 3.08 -0.41
N VAL A 20 14.92 1.81 -0.19
CA VAL A 20 13.54 1.38 -0.20
C VAL A 20 12.72 2.24 0.76
N TRP A 21 13.34 2.57 1.87
CA TRP A 21 12.69 3.39 2.88
C TRP A 21 12.39 4.76 2.26
N GLU A 22 13.31 5.19 1.42
CA GLU A 22 13.16 6.47 0.75
C GLU A 22 12.15 6.36 -0.40
N ALA A 23 12.00 5.15 -0.90
CA ALA A 23 11.08 4.89 -1.99
C ALA A 23 9.68 4.67 -1.42
N VAL A 24 9.63 4.52 -0.10
CA VAL A 24 8.36 4.30 0.57
C VAL A 24 8.11 5.44 1.57
N SER A 25 8.86 6.53 1.37
CA SER A 25 8.72 7.69 2.23
C SER A 25 8.36 8.92 1.40
N THR A 26 9.01 9.03 0.25
CA THR A 26 8.77 10.15 -0.65
C THR A 26 7.58 9.86 -1.55
N SER A 27 7.17 10.89 -2.29
CA SER A 27 6.04 10.76 -3.19
C SER A 27 6.53 10.25 -4.56
N GLU A 28 7.54 10.93 -5.08
CA GLU A 28 8.09 10.57 -6.37
C GLU A 28 8.49 9.08 -6.38
N GLY A 29 9.09 8.66 -5.28
CA GLY A 29 9.53 7.29 -5.14
C GLY A 29 8.33 6.34 -5.03
N LEU A 30 7.31 6.81 -4.32
CA LEU A 30 6.10 6.02 -4.12
C LEU A 30 5.31 5.99 -5.44
N ALA A 31 4.95 7.17 -5.90
CA ALA A 31 4.19 7.28 -7.14
C ALA A 31 4.90 6.50 -8.24
N PHE A 32 6.19 6.27 -8.03
CA PHE A 32 6.98 5.53 -9.00
C PHE A 32 6.45 4.12 -9.18
N TRP A 33 5.68 3.68 -8.21
CA TRP A 33 5.09 2.34 -8.25
C TRP A 33 3.65 2.44 -7.77
N PHE A 34 3.49 3.10 -6.63
CA PHE A 34 2.16 3.26 -6.04
C PHE A 34 1.31 4.22 -6.88
N MET A 35 1.40 5.50 -6.54
CA MET A 35 0.64 6.52 -7.24
C MET A 35 1.08 7.92 -6.83
N GLU A 36 0.64 8.89 -7.61
CA GLU A 36 0.99 10.28 -7.33
C GLU A 36 0.40 10.71 -5.99
N ASN A 37 1.24 11.40 -5.22
CA ASN A 37 0.82 11.87 -3.91
C ASN A 37 1.80 12.95 -3.43
N ASP A 38 1.50 13.49 -2.25
CA ASP A 38 2.33 14.52 -1.67
C ASP A 38 2.85 14.05 -0.31
N LEU A 39 3.05 12.74 -0.20
CA LEU A 39 3.54 12.16 1.03
C LEU A 39 4.99 12.59 1.26
N LYS A 40 5.37 12.64 2.53
CA LYS A 40 6.72 13.03 2.88
C LYS A 40 7.13 12.31 4.18
N ALA A 41 6.47 11.20 4.43
CA ALA A 41 6.74 10.41 5.62
C ALA A 41 6.71 11.33 6.85
N GLU A 42 5.50 11.80 7.16
CA GLU A 42 5.32 12.69 8.30
C GLU A 42 3.90 12.53 8.86
N THR A 43 3.83 11.99 10.06
CA THR A 43 2.54 11.79 10.72
C THR A 43 1.74 13.09 10.71
N GLY A 44 0.43 12.94 10.51
CA GLY A 44 -0.46 14.08 10.48
C GLY A 44 -0.16 14.98 9.27
N HIS A 45 0.29 14.33 8.20
CA HIS A 45 0.62 15.06 6.99
C HIS A 45 -0.50 14.87 5.95
N HIS A 46 -1.42 15.83 5.94
CA HIS A 46 -2.53 15.77 5.02
C HIS A 46 -2.02 15.83 3.57
N PHE A 47 -2.05 14.67 2.92
CA PHE A 47 -1.59 14.58 1.54
C PHE A 47 -2.66 13.96 0.65
N HIS A 48 -2.95 14.66 -0.44
CA HIS A 48 -3.95 14.19 -1.38
C HIS A 48 -3.33 13.14 -2.31
N LEU A 49 -4.21 12.42 -2.99
CA LEU A 49 -3.76 11.39 -3.92
C LEU A 49 -4.39 11.63 -5.30
N GLN A 50 -3.55 11.67 -6.30
CA GLN A 50 -4.00 11.89 -7.66
C GLN A 50 -4.23 10.55 -8.37
N SER A 51 -5.32 9.90 -8.00
CA SER A 51 -5.67 8.61 -8.59
C SER A 51 -6.44 8.82 -9.89
N PRO A 52 -6.57 7.71 -10.67
CA PRO A 52 -7.29 7.77 -11.92
C PRO A 52 -8.80 7.82 -11.70
N PHE A 53 -9.25 7.02 -10.74
CA PHE A 53 -10.67 6.98 -10.41
C PHE A 53 -11.05 8.12 -9.48
N GLY A 54 -10.65 9.32 -9.87
CA GLY A 54 -10.95 10.51 -9.09
C GLY A 54 -9.95 10.67 -7.94
N PRO A 55 -9.72 11.95 -7.56
CA PRO A 55 -8.79 12.26 -6.49
C PRO A 55 -9.41 11.93 -5.11
N SER A 56 -8.55 11.56 -4.19
CA SER A 56 -8.99 11.21 -2.85
C SER A 56 -8.00 11.76 -1.82
N PRO A 57 -8.56 12.34 -0.72
CA PRO A 57 -7.75 12.90 0.33
C PRO A 57 -7.15 11.79 1.21
N CYS A 58 -5.82 11.78 1.25
CA CYS A 58 -5.11 10.78 2.04
C CYS A 58 -4.44 11.48 3.21
N GLN A 59 -4.22 10.72 4.27
CA GLN A 59 -3.59 11.25 5.47
C GLN A 59 -2.77 10.16 6.17
N VAL A 60 -1.63 10.58 6.71
CA VAL A 60 -0.75 9.66 7.41
C VAL A 60 -1.18 9.56 8.87
N THR A 61 -1.09 8.35 9.40
CA THR A 61 -1.47 8.12 10.79
C THR A 61 -0.23 7.78 11.62
N ASP A 62 0.71 7.10 10.98
CA ASP A 62 1.94 6.71 11.65
C ASP A 62 3.07 6.59 10.62
N VAL A 63 4.20 7.18 10.96
CA VAL A 63 5.35 7.16 10.08
C VAL A 63 6.60 7.54 10.86
N GLU A 64 7.44 6.55 11.13
CA GLU A 64 8.67 6.78 11.86
C GLU A 64 9.71 5.72 11.52
N ARG A 65 10.71 6.13 10.76
CA ARG A 65 11.77 5.23 10.35
C ARG A 65 11.18 4.02 9.60
N PRO A 66 12.09 3.26 8.93
CA PRO A 66 11.67 2.09 8.19
C PRO A 66 11.33 0.93 9.12
N ILE A 67 10.25 1.10 9.85
CA ILE A 67 9.80 0.07 10.79
C ILE A 67 8.27 0.03 10.80
N LYS A 68 7.67 1.21 10.90
CA LYS A 68 6.23 1.31 10.92
C LYS A 68 5.79 2.47 10.02
N LEU A 69 4.80 2.18 9.19
CA LEU A 69 4.27 3.19 8.28
C LEU A 69 2.82 2.84 7.93
N SER A 70 1.98 3.87 7.96
CA SER A 70 0.58 3.69 7.64
C SER A 70 0.00 4.99 7.07
N PHE A 71 -0.99 4.84 6.21
CA PHE A 71 -1.64 5.97 5.60
C PHE A 71 -3.06 5.63 5.12
N THR A 72 -3.98 6.55 5.38
CA THR A 72 -5.36 6.35 4.98
C THR A 72 -5.57 6.80 3.54
N TRP A 73 -6.58 6.21 2.91
CA TRP A 73 -6.90 6.55 1.53
C TRP A 73 -8.40 6.31 1.33
N ASP A 74 -9.06 7.33 0.79
CA ASP A 74 -10.49 7.23 0.54
C ASP A 74 -11.24 7.25 1.86
N THR A 75 -12.45 7.79 1.82
CA THR A 75 -13.28 7.86 3.01
C THR A 75 -14.36 6.78 2.98
N ASP A 76 -13.95 5.57 2.62
CA ASP A 76 -14.87 4.45 2.55
C ASP A 76 -14.60 3.49 3.70
N GLY A 77 -13.40 2.91 3.67
CA GLY A 77 -13.00 1.97 4.70
C GLY A 77 -11.86 1.08 4.22
N TRP A 78 -10.90 1.70 3.55
CA TRP A 78 -9.75 0.97 3.02
C TRP A 78 -8.49 1.63 3.56
N SER A 79 -7.76 0.87 4.37
CA SER A 79 -6.52 1.38 4.95
C SER A 79 -5.42 0.32 4.82
N VAL A 80 -4.29 0.77 4.28
CA VAL A 80 -3.16 -0.12 4.09
C VAL A 80 -2.02 0.31 5.02
N THR A 81 -1.31 -0.69 5.53
CA THR A 81 -0.19 -0.42 6.43
C THR A 81 1.09 -1.02 5.88
N PHE A 82 2.16 -0.24 5.97
CA PHE A 82 3.46 -0.68 5.48
C PHE A 82 4.40 -1.02 6.64
N HIS A 83 5.27 -1.99 6.39
CA HIS A 83 6.22 -2.41 7.40
C HIS A 83 7.54 -2.80 6.73
N LEU A 84 8.61 -2.16 7.18
CA LEU A 84 9.93 -2.43 6.63
C LEU A 84 10.80 -3.07 7.71
N LYS A 85 11.86 -3.72 7.26
CA LYS A 85 12.79 -4.38 8.18
C LYS A 85 13.95 -4.96 7.38
N GLU A 86 15.14 -4.43 7.65
CA GLU A 86 16.34 -4.89 6.97
C GLU A 86 16.70 -6.31 7.42
N GLU A 87 16.97 -7.16 6.45
CA GLU A 87 17.32 -8.54 6.73
C GLU A 87 18.82 -8.74 6.58
N GLU A 88 19.23 -10.00 6.56
CA GLU A 88 20.64 -10.35 6.41
C GLU A 88 21.31 -9.40 5.42
N ASN A 89 21.08 -9.67 4.14
CA ASN A 89 21.65 -8.86 3.08
C ASN A 89 20.56 -8.44 2.12
N GLY A 90 19.57 -7.73 2.66
CA GLY A 90 18.45 -7.26 1.86
C GLY A 90 17.41 -6.57 2.73
N THR A 91 16.37 -6.06 2.08
CA THR A 91 15.30 -5.38 2.78
C THR A 91 13.99 -6.19 2.66
N ILE A 92 13.24 -6.18 3.75
CA ILE A 92 11.98 -6.90 3.78
C ILE A 92 10.83 -5.89 3.77
N PHE A 93 9.87 -6.14 2.89
CA PHE A 93 8.70 -5.27 2.77
C PHE A 93 7.41 -6.06 2.96
N THR A 94 6.63 -5.64 3.94
CA THR A 94 5.36 -6.29 4.23
C THR A 94 4.22 -5.29 4.13
N ILE A 95 3.20 -5.68 3.37
CA ILE A 95 2.03 -4.83 3.19
C ILE A 95 0.84 -5.45 3.91
N VAL A 96 0.00 -4.59 4.47
CA VAL A 96 -1.19 -5.03 5.18
C VAL A 96 -2.38 -4.18 4.76
N HIS A 97 -3.40 -4.85 4.25
CA HIS A 97 -4.60 -4.17 3.81
C HIS A 97 -5.81 -4.75 4.53
N SER A 98 -6.57 -3.85 5.15
CA SER A 98 -7.76 -4.26 5.90
C SER A 98 -8.94 -3.39 5.48
N GLY A 99 -10.13 -3.87 5.82
CA GLY A 99 -11.36 -3.15 5.50
C GLY A 99 -12.17 -3.91 4.44
N TRP A 100 -12.05 -5.22 4.48
CA TRP A 100 -12.76 -6.06 3.52
C TRP A 100 -13.94 -6.70 4.25
N LYS A 101 -14.69 -7.51 3.52
CA LYS A 101 -15.85 -8.19 4.08
C LYS A 101 -15.70 -9.69 3.88
N GLN A 102 -16.83 -10.34 3.58
CA GLN A 102 -16.83 -11.77 3.36
C GLN A 102 -16.71 -12.08 1.87
N GLY A 103 -16.43 -13.34 1.57
CA GLY A 103 -16.29 -13.77 0.20
C GLY A 103 -17.60 -14.35 -0.33
N ASP A 104 -18.69 -13.87 0.24
CA ASP A 104 -20.01 -14.33 -0.17
C ASP A 104 -20.94 -13.13 -0.32
N THR A 105 -20.34 -11.99 -0.63
CA THR A 105 -21.09 -10.77 -0.80
C THR A 105 -20.57 -9.98 -2.00
N LYS A 106 -21.10 -8.77 -2.17
CA LYS A 106 -20.70 -7.92 -3.27
C LYS A 106 -20.54 -6.48 -2.76
N VAL A 107 -19.75 -5.72 -3.50
CA VAL A 107 -19.51 -4.34 -3.14
C VAL A 107 -20.70 -3.48 -3.57
N GLU A 108 -20.94 -2.42 -2.81
CA GLU A 108 -22.05 -1.53 -3.09
C GLU A 108 -21.52 -0.17 -3.57
N LYS A 109 -20.55 -0.23 -4.46
CA LYS A 109 -19.95 0.99 -4.99
C LYS A 109 -19.33 0.69 -6.36
N ALA A 110 -18.34 -0.20 -6.35
CA ALA A 110 -17.67 -0.58 -7.58
C ALA A 110 -18.68 -1.17 -8.56
N GLY A 111 -19.12 -2.38 -8.25
CA GLY A 111 -20.09 -3.07 -9.08
C GLY A 111 -19.92 -4.58 -8.98
N ALA A 112 -18.69 -5.02 -9.17
CA ALA A 112 -18.38 -6.45 -9.10
C ALA A 112 -18.43 -6.91 -7.65
N GLU A 113 -18.28 -8.21 -7.47
CA GLU A 113 -18.32 -8.79 -6.14
C GLU A 113 -17.04 -8.42 -5.37
N SER A 114 -17.08 -8.65 -4.07
CA SER A 114 -15.94 -8.35 -3.22
C SER A 114 -14.78 -9.28 -3.55
N ALA A 115 -15.12 -10.52 -3.88
CA ALA A 115 -14.11 -11.51 -4.23
C ALA A 115 -13.44 -11.11 -5.54
N VAL A 116 -14.25 -10.55 -6.43
CA VAL A 116 -13.75 -10.12 -7.73
C VAL A 116 -12.76 -8.97 -7.53
N VAL A 117 -13.22 -7.95 -6.84
CA VAL A 117 -12.38 -6.79 -6.58
C VAL A 117 -11.17 -7.21 -5.74
N HIS A 118 -11.46 -7.90 -4.65
CA HIS A 118 -10.41 -8.38 -3.77
C HIS A 118 -9.31 -9.04 -4.59
N GLU A 119 -9.71 -10.04 -5.36
CA GLU A 119 -8.78 -10.77 -6.19
C GLU A 119 -8.04 -9.81 -7.14
N ARG A 120 -8.84 -9.00 -7.82
CA ARG A 120 -8.28 -8.03 -8.76
C ARG A 120 -7.28 -7.12 -8.04
N MET A 121 -7.79 -6.38 -7.06
CA MET A 121 -6.96 -5.47 -6.31
C MET A 121 -5.77 -6.21 -5.67
N ASP A 122 -6.06 -7.35 -5.08
CA ASP A 122 -5.03 -8.16 -4.44
C ASP A 122 -3.97 -8.52 -5.47
N ARG A 123 -4.42 -9.11 -6.56
CA ARG A 123 -3.51 -9.51 -7.63
C ARG A 123 -2.56 -8.37 -7.97
N GLY A 124 -3.14 -7.23 -8.30
CA GLY A 124 -2.36 -6.05 -8.65
C GLY A 124 -1.55 -5.56 -7.44
N TRP A 125 -2.14 -5.74 -6.27
CA TRP A 125 -1.49 -5.31 -5.03
C TRP A 125 -0.14 -6.02 -4.94
N HIS A 126 -0.20 -7.34 -5.01
CA HIS A 126 1.01 -8.15 -4.93
C HIS A 126 1.89 -7.86 -6.15
N ASP A 127 1.28 -7.99 -7.32
CA ASP A 127 2.00 -7.75 -8.56
C ASP A 127 2.65 -6.37 -8.51
N LEU A 128 2.00 -5.46 -7.79
CA LEU A 128 2.51 -4.11 -7.66
C LEU A 128 3.73 -4.12 -6.72
N VAL A 129 3.58 -4.84 -5.62
CA VAL A 129 4.66 -4.93 -4.65
C VAL A 129 5.43 -6.24 -4.87
N ASN A 130 5.52 -6.62 -6.14
CA ASN A 130 6.22 -7.84 -6.51
C ASN A 130 7.36 -7.50 -7.47
N GLU A 131 7.01 -6.76 -8.51
CA GLU A 131 7.98 -6.35 -9.50
C GLU A 131 8.05 -4.83 -9.61
N ARG A 132 6.90 -4.25 -9.95
CA ARG A 132 6.80 -2.81 -10.09
C ARG A 132 7.64 -2.11 -9.02
N LEU A 133 7.35 -2.47 -7.78
CA LEU A 133 8.07 -1.89 -6.65
C LEU A 133 9.51 -2.40 -6.64
N ARG A 134 9.64 -3.67 -6.94
CA ARG A 134 10.96 -4.30 -6.98
C ARG A 134 11.88 -3.55 -7.95
N GLN A 135 11.27 -3.06 -9.02
CA GLN A 135 12.01 -2.32 -10.02
C GLN A 135 12.49 -0.98 -9.46
N ILE A 136 11.65 -0.40 -8.62
CA ILE A 136 11.96 0.88 -8.00
C ILE A 136 13.32 0.78 -7.31
N VAL A 137 13.71 -0.45 -7.01
CA VAL A 137 14.98 -0.69 -6.36
C VAL A 137 15.92 -1.44 -7.30
N GLU A 138 15.32 -2.32 -8.09
CA GLU A 138 16.09 -3.10 -9.05
C GLU A 138 16.19 -2.36 -10.38
N MET A 1 -12.86 -19.27 8.61
CA MET A 1 -13.05 -18.68 7.29
C MET A 1 -13.45 -17.21 7.39
N THR A 2 -14.64 -17.00 7.93
CA THR A 2 -15.15 -15.65 8.10
C THR A 2 -14.99 -14.85 6.80
N ARG A 3 -15.17 -13.54 6.92
CA ARG A 3 -15.05 -12.66 5.77
C ARG A 3 -13.70 -12.87 5.09
N LEU A 4 -13.43 -12.03 4.10
CA LEU A 4 -12.19 -12.12 3.36
C LEU A 4 -11.02 -11.75 4.28
N PRO A 5 -9.89 -12.50 4.10
CA PRO A 5 -8.71 -12.26 4.90
C PRO A 5 -7.98 -10.99 4.45
N ASP A 6 -7.30 -10.37 5.40
CA ASP A 6 -6.56 -9.15 5.10
C ASP A 6 -5.59 -9.41 3.95
N ILE A 7 -5.54 -8.47 3.03
CA ILE A 7 -4.66 -8.58 1.87
C ILE A 7 -3.22 -8.33 2.32
N LYS A 8 -2.70 -9.26 3.10
CA LYS A 8 -1.34 -9.14 3.59
C LYS A 8 -0.39 -9.89 2.65
N LYS A 9 0.62 -9.17 2.19
CA LYS A 9 1.59 -9.76 1.28
C LYS A 9 3.00 -9.42 1.77
N GLU A 10 3.95 -10.24 1.34
CA GLU A 10 5.34 -10.03 1.73
C GLU A 10 6.27 -10.38 0.56
N VAL A 11 7.22 -9.50 0.31
CA VAL A 11 8.17 -9.70 -0.77
C VAL A 11 9.57 -9.32 -0.27
N ARG A 12 10.57 -9.85 -0.97
CA ARG A 12 11.96 -9.56 -0.63
C ARG A 12 12.70 -8.99 -1.83
N PHE A 13 13.33 -7.85 -1.60
CA PHE A 13 14.08 -7.18 -2.65
C PHE A 13 15.52 -6.94 -2.22
N ASN A 14 16.44 -7.07 -3.18
CA ASN A 14 17.84 -6.87 -2.92
C ASN A 14 18.17 -5.38 -3.04
N ALA A 15 18.23 -4.72 -1.89
CA ALA A 15 18.53 -3.30 -1.85
C ALA A 15 18.59 -2.83 -0.40
N PRO A 16 19.20 -1.63 -0.21
CA PRO A 16 19.34 -1.06 1.13
C PRO A 16 18.00 -0.50 1.61
N ILE A 17 17.65 -0.89 2.82
CA ILE A 17 16.39 -0.43 3.42
C ILE A 17 16.33 1.09 3.33
N GLU A 18 17.50 1.71 3.31
CA GLU A 18 17.58 3.16 3.23
C GLU A 18 16.98 3.65 1.91
N LYS A 19 17.15 2.83 0.88
CA LYS A 19 16.64 3.16 -0.44
C LYS A 19 15.14 2.89 -0.48
N VAL A 20 14.78 1.65 -0.14
CA VAL A 20 13.39 1.25 -0.14
C VAL A 20 12.58 2.23 0.70
N TRP A 21 13.15 2.60 1.84
CA TRP A 21 12.49 3.53 2.73
C TRP A 21 12.28 4.85 1.99
N GLU A 22 13.37 5.36 1.43
CA GLU A 22 13.32 6.60 0.69
C GLU A 22 12.36 6.48 -0.50
N ALA A 23 12.17 5.25 -0.94
CA ALA A 23 11.28 4.98 -2.05
C ALA A 23 9.86 4.77 -1.53
N VAL A 24 9.76 4.63 -0.21
CA VAL A 24 8.47 4.43 0.42
C VAL A 24 8.25 5.53 1.46
N SER A 25 9.05 6.57 1.36
CA SER A 25 8.95 7.69 2.29
C SER A 25 8.95 9.01 1.51
N THR A 26 8.74 8.90 0.21
CA THR A 26 8.70 10.06 -0.65
C THR A 26 7.48 10.01 -1.58
N SER A 27 7.15 11.17 -2.14
CA SER A 27 6.02 11.26 -3.04
C SER A 27 6.38 10.68 -4.41
N GLU A 28 7.59 10.99 -4.84
CA GLU A 28 8.07 10.50 -6.13
C GLU A 28 8.41 9.01 -6.03
N GLY A 29 8.78 8.60 -4.83
CA GLY A 29 9.13 7.21 -4.59
C GLY A 29 7.88 6.33 -4.51
N LEU A 30 6.87 6.87 -3.86
CA LEU A 30 5.61 6.15 -3.70
C LEU A 30 4.88 6.10 -5.04
N ALA A 31 4.65 7.29 -5.59
CA ALA A 31 3.95 7.40 -6.87
C ALA A 31 4.71 6.57 -7.91
N PHE A 32 5.96 6.26 -7.60
CA PHE A 32 6.79 5.48 -8.50
C PHE A 32 6.20 4.09 -8.73
N TRP A 33 5.40 3.66 -7.76
CA TRP A 33 4.77 2.35 -7.83
C TRP A 33 3.30 2.51 -7.44
N PHE A 34 3.09 3.18 -6.32
CA PHE A 34 1.75 3.40 -5.81
C PHE A 34 0.98 4.36 -6.73
N MET A 35 1.11 5.65 -6.44
CA MET A 35 0.44 6.68 -7.22
C MET A 35 0.84 8.07 -6.74
N GLU A 36 0.60 9.04 -7.61
CA GLU A 36 0.92 10.43 -7.30
C GLU A 36 0.38 10.80 -5.92
N ASN A 37 1.17 11.59 -5.19
CA ASN A 37 0.77 12.03 -3.87
C ASN A 37 1.71 13.13 -3.40
N ASP A 38 1.46 13.63 -2.20
CA ASP A 38 2.26 14.69 -1.64
C ASP A 38 2.76 14.26 -0.25
N LEU A 39 2.97 12.96 -0.11
CA LEU A 39 3.44 12.40 1.15
C LEU A 39 4.86 12.90 1.42
N LYS A 40 5.20 12.94 2.69
CA LYS A 40 6.53 13.38 3.10
C LYS A 40 6.94 12.64 4.37
N ALA A 41 6.35 11.48 4.57
CA ALA A 41 6.64 10.66 5.73
C ALA A 41 6.66 11.56 6.98
N GLU A 42 5.47 11.97 7.39
CA GLU A 42 5.34 12.82 8.55
C GLU A 42 4.00 12.57 9.25
N THR A 43 4.09 11.96 10.43
CA THR A 43 2.90 11.65 11.19
C THR A 43 2.04 12.90 11.37
N GLY A 44 0.73 12.71 11.24
CA GLY A 44 -0.20 13.81 11.38
C GLY A 44 -0.05 14.81 10.24
N HIS A 45 0.21 14.28 9.05
CA HIS A 45 0.37 15.11 7.88
C HIS A 45 -0.79 14.90 6.92
N HIS A 46 -0.88 15.78 5.94
CA HIS A 46 -1.94 15.70 4.95
C HIS A 46 -1.35 15.84 3.55
N PHE A 47 -2.00 15.16 2.60
CA PHE A 47 -1.55 15.19 1.22
C PHE A 47 -2.67 14.74 0.27
N HIS A 48 -2.65 15.30 -0.92
CA HIS A 48 -3.64 14.98 -1.93
C HIS A 48 -3.20 13.73 -2.71
N LEU A 49 -4.10 13.24 -3.54
CA LEU A 49 -3.82 12.06 -4.34
C LEU A 49 -4.47 12.21 -5.71
N GLN A 50 -3.70 11.88 -6.74
CA GLN A 50 -4.20 11.99 -8.10
C GLN A 50 -4.37 10.59 -8.70
N SER A 51 -5.45 9.94 -8.32
CA SER A 51 -5.74 8.60 -8.80
C SER A 51 -6.54 8.68 -10.10
N PRO A 52 -6.69 7.50 -10.76
CA PRO A 52 -7.43 7.43 -12.01
C PRO A 52 -8.93 7.52 -11.77
N PHE A 53 -9.30 7.43 -10.51
CA PHE A 53 -10.71 7.50 -10.13
C PHE A 53 -10.99 8.79 -9.34
N GLY A 54 -10.43 9.88 -9.84
CA GLY A 54 -10.62 11.18 -9.19
C GLY A 54 -9.65 11.36 -8.03
N PRO A 55 -9.34 12.64 -7.74
CA PRO A 55 -8.42 12.97 -6.66
C PRO A 55 -9.10 12.80 -5.30
N SER A 56 -8.33 12.27 -4.36
CA SER A 56 -8.85 12.03 -3.02
C SER A 56 -7.79 12.42 -1.99
N PRO A 57 -8.26 12.98 -0.84
CA PRO A 57 -7.38 13.38 0.22
C PRO A 57 -6.85 12.18 1.00
N CYS A 58 -5.72 12.38 1.66
CA CYS A 58 -5.10 11.32 2.44
C CYS A 58 -4.44 11.93 3.67
N GLN A 59 -4.21 11.09 4.67
CA GLN A 59 -3.59 11.55 5.90
C GLN A 59 -2.79 10.42 6.54
N VAL A 60 -1.56 10.74 6.92
CA VAL A 60 -0.69 9.76 7.55
C VAL A 60 -1.09 9.59 9.01
N THR A 61 -1.06 8.34 9.46
CA THR A 61 -1.41 8.02 10.84
C THR A 61 -0.16 7.66 11.63
N ASP A 62 0.78 7.02 10.95
CA ASP A 62 2.02 6.61 11.58
C ASP A 62 3.11 6.48 10.53
N VAL A 63 4.28 7.03 10.85
CA VAL A 63 5.40 6.99 9.93
C VAL A 63 6.69 7.32 10.70
N GLU A 64 7.49 6.29 10.92
CA GLU A 64 8.74 6.45 11.64
C GLU A 64 9.73 5.35 11.24
N ARG A 65 10.72 5.75 10.45
CA ARG A 65 11.73 4.81 10.00
C ARG A 65 11.08 3.65 9.23
N PRO A 66 11.94 2.85 8.56
CA PRO A 66 11.47 1.71 7.79
C PRO A 66 11.07 0.56 8.70
N ILE A 67 10.03 0.80 9.50
CA ILE A 67 9.56 -0.21 10.43
C ILE A 67 8.02 -0.16 10.47
N LYS A 68 7.52 1.04 10.63
CA LYS A 68 6.07 1.25 10.70
C LYS A 68 5.67 2.40 9.78
N LEU A 69 4.65 2.15 8.97
CA LEU A 69 4.17 3.16 8.05
C LEU A 69 2.70 2.88 7.72
N SER A 70 1.88 3.91 7.89
CA SER A 70 0.46 3.79 7.62
C SER A 70 -0.08 5.10 7.06
N PHE A 71 -1.09 4.99 6.22
CA PHE A 71 -1.70 6.15 5.60
C PHE A 71 -3.13 5.85 5.16
N THR A 72 -4.02 6.81 5.41
CA THR A 72 -5.41 6.66 5.05
C THR A 72 -5.65 7.15 3.62
N TRP A 73 -6.66 6.58 2.99
CA TRP A 73 -7.00 6.96 1.62
C TRP A 73 -8.50 6.72 1.43
N ASP A 74 -9.15 7.74 0.89
CA ASP A 74 -10.59 7.67 0.65
C ASP A 74 -11.34 7.90 1.97
N THR A 75 -12.64 8.06 1.84
CA THR A 75 -13.48 8.29 3.00
C THR A 75 -14.57 7.22 3.10
N ASP A 76 -14.13 5.97 3.03
CA ASP A 76 -15.06 4.84 3.10
C ASP A 76 -14.61 3.91 4.24
N GLY A 77 -13.45 3.31 4.04
CA GLY A 77 -12.91 2.39 5.03
C GLY A 77 -11.81 1.53 4.43
N TRP A 78 -10.95 2.18 3.65
CA TRP A 78 -9.85 1.47 3.00
C TRP A 78 -8.54 2.03 3.56
N SER A 79 -7.86 1.22 4.34
CA SER A 79 -6.60 1.62 4.93
C SER A 79 -5.53 0.57 4.65
N VAL A 80 -4.32 1.05 4.40
CA VAL A 80 -3.20 0.17 4.12
C VAL A 80 -2.02 0.54 5.03
N THR A 81 -1.28 -0.49 5.43
CA THR A 81 -0.13 -0.28 6.28
C THR A 81 1.08 -1.05 5.75
N PHE A 82 2.23 -0.40 5.80
CA PHE A 82 3.46 -1.00 5.33
C PHE A 82 4.42 -1.28 6.49
N HIS A 83 5.14 -2.39 6.36
CA HIS A 83 6.08 -2.79 7.39
C HIS A 83 7.40 -3.21 6.73
N LEU A 84 8.43 -2.42 6.99
CA LEU A 84 9.74 -2.69 6.43
C LEU A 84 10.63 -3.32 7.51
N LYS A 85 11.67 -4.01 7.05
CA LYS A 85 12.59 -4.66 7.96
C LYS A 85 13.79 -5.19 7.18
N GLU A 86 14.96 -4.65 7.52
CA GLU A 86 16.19 -5.05 6.85
C GLU A 86 16.63 -6.43 7.36
N GLU A 87 16.88 -7.32 6.41
CA GLU A 87 17.31 -8.67 6.74
C GLU A 87 18.71 -8.93 6.18
N GLU A 88 19.12 -10.18 6.25
CA GLU A 88 20.43 -10.58 5.74
C GLU A 88 20.44 -10.52 4.22
N ASN A 89 19.58 -11.34 3.62
CA ASN A 89 19.49 -11.39 2.17
C ASN A 89 19.39 -9.96 1.62
N GLY A 90 18.54 -9.17 2.26
CA GLY A 90 18.35 -7.79 1.84
C GLY A 90 17.29 -7.10 2.72
N THR A 91 16.35 -6.45 2.06
CA THR A 91 15.29 -5.76 2.75
C THR A 91 13.95 -6.47 2.57
N ILE A 92 13.22 -6.59 3.66
CA ILE A 92 11.93 -7.26 3.63
C ILE A 92 10.81 -6.20 3.64
N PHE A 93 9.88 -6.36 2.71
CA PHE A 93 8.77 -5.44 2.60
C PHE A 93 7.43 -6.15 2.79
N THR A 94 6.72 -5.73 3.83
CA THR A 94 5.43 -6.32 4.14
C THR A 94 4.30 -5.31 3.89
N ILE A 95 3.21 -5.82 3.33
CA ILE A 95 2.06 -4.98 3.04
C ILE A 95 0.83 -5.53 3.77
N VAL A 96 -0.03 -4.61 4.19
CA VAL A 96 -1.23 -4.98 4.90
C VAL A 96 -2.38 -4.08 4.45
N HIS A 97 -3.35 -4.70 3.79
CA HIS A 97 -4.51 -3.96 3.29
C HIS A 97 -5.79 -4.63 3.80
N SER A 98 -6.64 -3.82 4.42
CA SER A 98 -7.89 -4.30 4.95
C SER A 98 -9.00 -3.28 4.70
N GLY A 99 -10.22 -3.69 5.03
CA GLY A 99 -11.37 -2.82 4.85
C GLY A 99 -12.28 -3.34 3.74
N TRP A 100 -12.61 -4.62 3.85
CA TRP A 100 -13.48 -5.25 2.86
C TRP A 100 -14.75 -5.71 3.59
N LYS A 101 -15.62 -6.36 2.81
CA LYS A 101 -16.88 -6.85 3.36
C LYS A 101 -16.85 -8.38 3.36
N GLN A 102 -17.98 -8.95 3.78
CA GLN A 102 -18.09 -10.40 3.84
C GLN A 102 -17.84 -11.00 2.45
N GLY A 103 -17.06 -12.07 2.44
CA GLY A 103 -16.73 -12.75 1.20
C GLY A 103 -17.98 -13.38 0.57
N ASP A 104 -18.83 -12.51 0.05
CA ASP A 104 -20.07 -12.97 -0.57
C ASP A 104 -20.74 -11.78 -1.28
N THR A 105 -20.76 -10.66 -0.58
CA THR A 105 -21.37 -9.46 -1.12
C THR A 105 -20.65 -9.02 -2.41
N LYS A 106 -21.11 -7.90 -2.95
CA LYS A 106 -20.52 -7.37 -4.17
C LYS A 106 -20.18 -5.90 -3.96
N VAL A 107 -19.16 -5.46 -4.70
CA VAL A 107 -18.73 -4.07 -4.61
C VAL A 107 -19.33 -3.27 -5.78
N GLU A 108 -19.98 -2.17 -5.42
CA GLU A 108 -20.59 -1.31 -6.43
C GLU A 108 -19.54 -0.43 -7.09
N LYS A 109 -18.79 0.27 -6.25
CA LYS A 109 -17.75 1.16 -6.75
C LYS A 109 -16.95 0.43 -7.84
N ALA A 110 -16.26 -0.62 -7.42
CA ALA A 110 -15.45 -1.40 -8.34
C ALA A 110 -16.36 -2.00 -9.41
N GLY A 111 -17.34 -2.77 -8.95
CA GLY A 111 -18.27 -3.42 -9.86
C GLY A 111 -17.89 -4.89 -10.08
N ALA A 112 -17.99 -5.67 -9.02
CA ALA A 112 -17.66 -7.08 -9.10
C ALA A 112 -17.70 -7.69 -7.69
N GLU A 113 -17.95 -8.99 -7.65
CA GLU A 113 -18.02 -9.70 -6.39
C GLU A 113 -16.88 -9.25 -5.46
N SER A 114 -17.14 -9.36 -4.17
CA SER A 114 -16.16 -8.96 -3.18
C SER A 114 -14.95 -9.89 -3.24
N ALA A 115 -15.21 -11.14 -3.60
CA ALA A 115 -14.15 -12.13 -3.70
C ALA A 115 -13.37 -11.89 -4.99
N VAL A 116 -14.09 -11.44 -6.01
CA VAL A 116 -13.48 -11.17 -7.30
C VAL A 116 -12.57 -9.95 -7.18
N VAL A 117 -13.15 -8.87 -6.67
CA VAL A 117 -12.40 -7.64 -6.51
C VAL A 117 -11.20 -7.89 -5.61
N HIS A 118 -11.43 -8.70 -4.58
CA HIS A 118 -10.37 -9.03 -3.64
C HIS A 118 -9.20 -9.68 -4.37
N GLU A 119 -9.54 -10.69 -5.17
CA GLU A 119 -8.54 -11.40 -5.94
C GLU A 119 -7.89 -10.47 -6.96
N ARG A 120 -8.71 -9.63 -7.57
CA ARG A 120 -8.24 -8.69 -8.55
C ARG A 120 -7.20 -7.75 -7.94
N MET A 121 -7.63 -7.06 -6.90
CA MET A 121 -6.75 -6.12 -6.21
C MET A 121 -5.62 -6.86 -5.48
N ASP A 122 -6.00 -7.95 -4.83
CA ASP A 122 -5.02 -8.75 -4.10
C ASP A 122 -3.85 -9.09 -5.03
N ARG A 123 -4.19 -9.47 -6.25
CA ARG A 123 -3.18 -9.83 -7.24
C ARG A 123 -2.33 -8.59 -7.59
N GLY A 124 -3.03 -7.52 -7.93
CA GLY A 124 -2.36 -6.29 -8.30
C GLY A 124 -1.50 -5.76 -7.14
N TRP A 125 -2.09 -5.76 -5.95
CA TRP A 125 -1.40 -5.29 -4.77
C TRP A 125 -0.09 -6.07 -4.66
N HIS A 126 -0.17 -7.36 -4.98
CA HIS A 126 1.00 -8.21 -4.92
C HIS A 126 1.95 -7.87 -6.07
N ASP A 127 1.41 -7.91 -7.28
CA ASP A 127 2.19 -7.62 -8.46
C ASP A 127 2.87 -6.26 -8.29
N LEU A 128 2.14 -5.34 -7.68
CA LEU A 128 2.66 -4.00 -7.44
C LEU A 128 3.89 -4.09 -6.53
N VAL A 129 3.70 -4.76 -5.41
CA VAL A 129 4.78 -4.93 -4.45
C VAL A 129 5.55 -6.22 -4.76
N ASN A 130 5.71 -6.47 -6.05
CA ASN A 130 6.43 -7.66 -6.49
C ASN A 130 7.63 -7.25 -7.34
N GLU A 131 7.33 -6.69 -8.50
CA GLU A 131 8.38 -6.25 -9.41
C GLU A 131 8.25 -4.75 -9.67
N ARG A 132 7.02 -4.28 -9.70
CA ARG A 132 6.75 -2.87 -9.94
C ARG A 132 7.45 -2.01 -8.89
N LEU A 133 7.46 -2.52 -7.67
CA LEU A 133 8.10 -1.82 -6.57
C LEU A 133 9.60 -2.16 -6.54
N ARG A 134 9.90 -3.36 -6.99
CA ARG A 134 11.27 -3.82 -7.03
C ARG A 134 12.09 -2.98 -8.02
N GLN A 135 11.44 -2.63 -9.12
CA GLN A 135 12.10 -1.82 -10.14
C GLN A 135 12.45 -0.45 -9.59
N ILE A 136 11.72 -0.04 -8.56
CA ILE A 136 11.95 1.25 -7.93
C ILE A 136 13.31 1.24 -7.24
N VAL A 137 13.74 0.04 -6.86
CA VAL A 137 15.03 -0.11 -6.19
C VAL A 137 16.00 -0.82 -7.13
N GLU A 138 15.43 -1.49 -8.13
CA GLU A 138 16.24 -2.21 -9.10
C GLU A 138 16.29 -1.45 -10.42
N MET A 1 -13.08 -20.38 7.56
CA MET A 1 -11.97 -19.70 8.21
C MET A 1 -12.43 -18.39 8.87
N THR A 2 -12.76 -17.43 8.02
CA THR A 2 -13.22 -16.14 8.51
C THR A 2 -13.47 -15.19 7.34
N ARG A 3 -14.23 -14.13 7.62
CA ARG A 3 -14.55 -13.16 6.60
C ARG A 3 -13.31 -12.82 5.77
N LEU A 4 -13.55 -12.15 4.66
CA LEU A 4 -12.46 -11.77 3.77
C LEU A 4 -11.30 -11.22 4.60
N PRO A 5 -10.16 -11.96 4.56
CA PRO A 5 -8.98 -11.54 5.31
C PRO A 5 -8.28 -10.37 4.62
N ASP A 6 -7.55 -9.61 5.43
CA ASP A 6 -6.84 -8.45 4.91
C ASP A 6 -5.85 -8.91 3.84
N ILE A 7 -5.67 -8.05 2.84
CA ILE A 7 -4.76 -8.35 1.75
C ILE A 7 -3.32 -8.23 2.25
N LYS A 8 -2.93 -9.22 3.06
CA LYS A 8 -1.58 -9.23 3.62
C LYS A 8 -0.65 -9.97 2.65
N LYS A 9 0.41 -9.27 2.25
CA LYS A 9 1.38 -9.84 1.34
C LYS A 9 2.79 -9.49 1.81
N GLU A 10 3.77 -10.18 1.24
CA GLU A 10 5.16 -9.95 1.59
C GLU A 10 6.06 -10.24 0.40
N VAL A 11 7.13 -9.46 0.30
CA VAL A 11 8.08 -9.62 -0.78
C VAL A 11 9.50 -9.32 -0.27
N ARG A 12 10.47 -9.76 -1.05
CA ARG A 12 11.86 -9.54 -0.69
C ARG A 12 12.62 -8.90 -1.85
N PHE A 13 13.29 -7.80 -1.54
CA PHE A 13 14.05 -7.08 -2.56
C PHE A 13 15.52 -6.95 -2.14
N ASN A 14 16.39 -6.93 -3.15
CA ASN A 14 17.82 -6.81 -2.89
C ASN A 14 18.22 -5.33 -3.01
N ALA A 15 18.31 -4.68 -1.85
CA ALA A 15 18.69 -3.28 -1.82
C ALA A 15 18.68 -2.79 -0.37
N PRO A 16 19.22 -1.56 -0.18
CA PRO A 16 19.27 -0.98 1.15
C PRO A 16 17.89 -0.49 1.60
N ILE A 17 17.53 -0.89 2.81
CA ILE A 17 16.23 -0.50 3.36
C ILE A 17 16.09 1.02 3.29
N GLU A 18 17.23 1.69 3.27
CA GLU A 18 17.25 3.14 3.21
C GLU A 18 16.62 3.62 1.89
N LYS A 19 16.91 2.87 0.84
CA LYS A 19 16.40 3.21 -0.48
C LYS A 19 14.90 2.91 -0.53
N VAL A 20 14.57 1.68 -0.18
CA VAL A 20 13.18 1.24 -0.18
C VAL A 20 12.39 2.11 0.81
N TRP A 21 13.00 2.37 1.95
CA TRP A 21 12.37 3.17 2.97
C TRP A 21 12.05 4.55 2.37
N GLU A 22 13.02 5.07 1.62
CA GLU A 22 12.85 6.36 0.98
C GLU A 22 11.84 6.26 -0.16
N ALA A 23 11.83 5.11 -0.82
CA ALA A 23 10.92 4.88 -1.93
C ALA A 23 9.49 4.80 -1.40
N VAL A 24 9.38 4.69 -0.08
CA VAL A 24 8.09 4.61 0.56
C VAL A 24 7.91 5.81 1.50
N SER A 25 8.88 6.72 1.43
CA SER A 25 8.83 7.91 2.27
C SER A 25 8.60 9.15 1.40
N THR A 26 9.01 9.04 0.15
CA THR A 26 8.85 10.14 -0.79
C THR A 26 7.58 9.94 -1.63
N SER A 27 7.17 11.02 -2.27
CA SER A 27 5.98 10.99 -3.10
C SER A 27 6.33 10.47 -4.50
N GLU A 28 7.42 11.00 -5.03
CA GLU A 28 7.89 10.60 -6.35
C GLU A 28 8.27 9.12 -6.35
N GLY A 29 8.91 8.71 -5.26
CA GLY A 29 9.34 7.33 -5.12
C GLY A 29 8.14 6.38 -5.02
N LEU A 30 7.13 6.84 -4.29
CA LEU A 30 5.93 6.04 -4.10
C LEU A 30 5.12 6.04 -5.40
N ALA A 31 4.83 7.24 -5.88
CA ALA A 31 4.07 7.38 -7.11
C ALA A 31 4.74 6.58 -8.22
N PHE A 32 6.02 6.29 -8.00
CA PHE A 32 6.79 5.53 -8.98
C PHE A 32 6.21 4.13 -9.17
N TRP A 33 5.40 3.72 -8.19
CA TRP A 33 4.77 2.41 -8.23
C TRP A 33 3.33 2.56 -7.75
N PHE A 34 3.18 3.22 -6.61
CA PHE A 34 1.86 3.44 -6.04
C PHE A 34 1.05 4.42 -6.89
N MET A 35 1.20 5.70 -6.55
CA MET A 35 0.49 6.74 -7.27
C MET A 35 0.98 8.13 -6.84
N GLU A 36 0.64 9.12 -7.66
CA GLU A 36 1.03 10.48 -7.37
C GLU A 36 0.43 10.95 -6.04
N ASN A 37 1.28 11.55 -5.22
CA ASN A 37 0.84 12.03 -3.93
C ASN A 37 1.81 13.12 -3.44
N ASP A 38 1.61 13.54 -2.20
CA ASP A 38 2.45 14.57 -1.62
C ASP A 38 2.92 14.10 -0.24
N LEU A 39 3.11 12.79 -0.12
CA LEU A 39 3.56 12.21 1.14
C LEU A 39 4.99 12.66 1.41
N LYS A 40 5.31 12.75 2.70
CA LYS A 40 6.64 13.17 3.10
C LYS A 40 7.02 12.44 4.40
N ALA A 41 6.48 11.24 4.53
CA ALA A 41 6.76 10.42 5.71
C ALA A 41 6.65 11.30 6.95
N GLU A 42 5.44 11.76 7.21
CA GLU A 42 5.18 12.61 8.36
C GLU A 42 3.78 12.32 8.93
N THR A 43 3.77 11.86 10.18
CA THR A 43 2.52 11.54 10.83
C THR A 43 1.68 12.80 11.03
N GLY A 44 0.38 12.65 10.82
CA GLY A 44 -0.53 13.76 10.95
C GLY A 44 -0.41 14.73 9.78
N HIS A 45 0.13 14.22 8.69
CA HIS A 45 0.32 15.02 7.49
C HIS A 45 -0.92 14.92 6.60
N HIS A 46 -1.20 16.01 5.90
CA HIS A 46 -2.35 16.05 5.01
C HIS A 46 -1.87 16.16 3.56
N PHE A 47 -2.02 15.06 2.84
CA PHE A 47 -1.61 15.03 1.45
C PHE A 47 -2.69 14.38 0.58
N HIS A 48 -2.85 14.94 -0.62
CA HIS A 48 -3.84 14.43 -1.56
C HIS A 48 -3.21 13.37 -2.46
N LEU A 49 -4.07 12.65 -3.16
CA LEU A 49 -3.61 11.60 -4.05
C LEU A 49 -4.19 11.83 -5.45
N GLN A 50 -3.29 11.99 -6.41
CA GLN A 50 -3.70 12.23 -7.78
C GLN A 50 -3.86 10.90 -8.53
N SER A 51 -4.96 10.22 -8.23
CA SER A 51 -5.25 8.94 -8.85
C SER A 51 -5.95 9.16 -10.19
N PRO A 52 -6.09 8.04 -10.95
CA PRO A 52 -6.75 8.10 -12.25
C PRO A 52 -8.26 8.22 -12.09
N PHE A 53 -8.80 7.36 -11.23
CA PHE A 53 -10.24 7.36 -10.99
C PHE A 53 -10.62 8.47 -10.00
N GLY A 54 -10.16 9.67 -10.31
CA GLY A 54 -10.46 10.83 -9.46
C GLY A 54 -9.51 10.86 -8.26
N PRO A 55 -9.18 12.11 -7.83
CA PRO A 55 -8.29 12.30 -6.70
C PRO A 55 -9.01 12.00 -5.38
N SER A 56 -8.24 11.55 -4.40
CA SER A 56 -8.78 11.22 -3.10
C SER A 56 -7.87 11.77 -2.01
N PRO A 57 -8.50 12.08 -0.83
CA PRO A 57 -7.76 12.61 0.30
C PRO A 57 -6.96 11.50 0.99
N CYS A 58 -5.84 11.90 1.57
CA CYS A 58 -4.98 10.96 2.26
C CYS A 58 -4.34 11.67 3.46
N GLN A 59 -4.09 10.89 4.50
CA GLN A 59 -3.49 11.45 5.71
C GLN A 59 -2.71 10.36 6.45
N VAL A 60 -1.44 10.64 6.67
CA VAL A 60 -0.57 9.70 7.38
C VAL A 60 -1.07 9.53 8.81
N THR A 61 -1.03 8.29 9.27
CA THR A 61 -1.47 7.98 10.62
C THR A 61 -0.29 7.54 11.48
N ASP A 62 0.65 6.85 10.83
CA ASP A 62 1.83 6.37 11.53
C ASP A 62 2.99 6.29 10.54
N VAL A 63 4.12 6.84 10.96
CA VAL A 63 5.31 6.84 10.12
C VAL A 63 6.54 7.13 10.99
N GLU A 64 7.33 6.10 11.21
CA GLU A 64 8.53 6.23 12.02
C GLU A 64 9.56 5.16 11.62
N ARG A 65 10.57 5.60 10.90
CA ARG A 65 11.63 4.70 10.46
C ARG A 65 11.02 3.53 9.66
N PRO A 66 11.93 2.76 9.00
CA PRO A 66 11.50 1.62 8.21
C PRO A 66 11.10 0.44 9.11
N ILE A 67 9.97 0.61 9.79
CA ILE A 67 9.48 -0.42 10.68
C ILE A 67 7.95 -0.39 10.68
N LYS A 68 7.41 0.82 10.80
CA LYS A 68 5.97 1.00 10.82
C LYS A 68 5.60 2.22 9.98
N LEU A 69 4.74 1.98 9.00
CA LEU A 69 4.30 3.05 8.11
C LEU A 69 2.86 2.79 7.68
N SER A 70 2.02 3.79 7.90
CA SER A 70 0.62 3.69 7.54
C SER A 70 0.11 5.03 7.01
N PHE A 71 -0.88 4.95 6.13
CA PHE A 71 -1.46 6.14 5.54
C PHE A 71 -2.89 5.88 5.06
N THR A 72 -3.76 6.85 5.30
CA THR A 72 -5.15 6.73 4.89
C THR A 72 -5.31 7.17 3.44
N TRP A 73 -6.32 6.60 2.80
CA TRP A 73 -6.60 6.91 1.41
C TRP A 73 -8.11 6.80 1.20
N ASP A 74 -8.67 7.86 0.62
CA ASP A 74 -10.10 7.89 0.35
C ASP A 74 -10.86 7.86 1.68
N THR A 75 -12.12 8.28 1.62
CA THR A 75 -12.96 8.31 2.79
C THR A 75 -14.07 7.27 2.67
N ASP A 76 -13.69 6.07 2.26
CA ASP A 76 -14.64 4.98 2.10
C ASP A 76 -14.44 3.96 3.22
N GLY A 77 -13.25 4.01 3.82
CA GLY A 77 -12.91 3.09 4.89
C GLY A 77 -11.82 2.12 4.46
N TRP A 78 -10.95 2.61 3.58
CA TRP A 78 -9.85 1.80 3.08
C TRP A 78 -8.55 2.33 3.70
N SER A 79 -7.75 1.40 4.21
CA SER A 79 -6.49 1.76 4.83
C SER A 79 -5.46 0.65 4.59
N VAL A 80 -4.23 1.08 4.37
CA VAL A 80 -3.14 0.14 4.14
C VAL A 80 -1.95 0.50 5.01
N THR A 81 -1.27 -0.52 5.50
CA THR A 81 -0.10 -0.32 6.35
C THR A 81 1.12 -1.05 5.78
N PHE A 82 2.25 -0.37 5.83
CA PHE A 82 3.48 -0.95 5.33
C PHE A 82 4.44 -1.28 6.48
N HIS A 83 5.03 -2.47 6.40
CA HIS A 83 5.96 -2.92 7.42
C HIS A 83 7.28 -3.32 6.75
N LEU A 84 8.33 -2.58 7.10
CA LEU A 84 9.65 -2.84 6.55
C LEU A 84 10.53 -3.47 7.64
N LYS A 85 11.62 -4.08 7.19
CA LYS A 85 12.55 -4.72 8.11
C LYS A 85 13.76 -5.23 7.33
N GLU A 86 14.91 -4.64 7.63
CA GLU A 86 16.14 -5.01 6.97
C GLU A 86 16.58 -6.40 7.41
N GLU A 87 16.74 -7.28 6.43
CA GLU A 87 17.16 -8.64 6.71
C GLU A 87 18.67 -8.79 6.54
N GLU A 88 19.12 -10.04 6.52
CA GLU A 88 20.53 -10.31 6.37
C GLU A 88 21.14 -9.39 5.31
N ASN A 89 21.06 -9.84 4.06
CA ASN A 89 21.61 -9.07 2.95
C ASN A 89 20.46 -8.69 2.01
N GLY A 90 19.46 -8.03 2.56
CA GLY A 90 18.31 -7.60 1.78
C GLY A 90 17.27 -6.93 2.68
N THR A 91 16.26 -6.35 2.02
CA THR A 91 15.19 -5.68 2.74
C THR A 91 13.89 -6.46 2.61
N ILE A 92 13.15 -6.51 3.71
CA ILE A 92 11.89 -7.22 3.73
C ILE A 92 10.74 -6.19 3.76
N PHE A 93 9.85 -6.33 2.79
CA PHE A 93 8.71 -5.43 2.70
C PHE A 93 7.39 -6.20 2.81
N THR A 94 6.53 -5.71 3.68
CA THR A 94 5.24 -6.34 3.90
C THR A 94 4.11 -5.32 3.72
N ILE A 95 3.04 -5.77 3.08
CA ILE A 95 1.89 -4.91 2.83
C ILE A 95 0.68 -5.46 3.60
N VAL A 96 -0.17 -4.55 4.03
CA VAL A 96 -1.36 -4.92 4.77
C VAL A 96 -2.50 -3.97 4.39
N HIS A 97 -3.51 -4.53 3.75
CA HIS A 97 -4.66 -3.75 3.33
C HIS A 97 -5.94 -4.39 3.88
N SER A 98 -6.58 -3.66 4.78
CA SER A 98 -7.82 -4.14 5.39
C SER A 98 -8.98 -3.23 5.02
N GLY A 99 -10.18 -3.78 5.11
CA GLY A 99 -11.37 -3.02 4.79
C GLY A 99 -12.28 -3.81 3.85
N TRP A 100 -12.71 -4.97 4.33
CA TRP A 100 -13.58 -5.83 3.55
C TRP A 100 -14.66 -6.38 4.49
N LYS A 101 -15.64 -7.03 3.88
CA LYS A 101 -16.75 -7.60 4.64
C LYS A 101 -16.70 -9.13 4.53
N GLN A 102 -17.72 -9.76 5.07
CA GLN A 102 -17.81 -11.22 5.04
C GLN A 102 -17.72 -11.72 3.60
N GLY A 103 -17.05 -12.85 3.44
CA GLY A 103 -16.89 -13.44 2.12
C GLY A 103 -18.25 -13.76 1.49
N ASP A 104 -18.83 -12.73 0.89
CA ASP A 104 -20.13 -12.88 0.25
C ASP A 104 -20.60 -11.51 -0.25
N THR A 105 -20.98 -10.67 0.69
CA THR A 105 -21.45 -9.34 0.35
C THR A 105 -20.63 -8.76 -0.80
N LYS A 106 -21.30 -7.92 -1.59
CA LYS A 106 -20.66 -7.30 -2.74
C LYS A 106 -20.22 -5.88 -2.36
N VAL A 107 -19.31 -5.33 -3.16
CA VAL A 107 -18.82 -4.00 -2.92
C VAL A 107 -19.63 -3.00 -3.75
N GLU A 108 -19.79 -1.81 -3.18
CA GLU A 108 -20.55 -0.76 -3.85
C GLU A 108 -19.61 0.38 -4.26
N LYS A 109 -18.56 0.02 -4.96
CA LYS A 109 -17.59 1.00 -5.41
C LYS A 109 -16.57 0.32 -6.33
N ALA A 110 -15.68 -0.45 -5.72
CA ALA A 110 -14.67 -1.16 -6.47
C ALA A 110 -15.27 -1.71 -7.76
N GLY A 111 -16.23 -2.61 -7.58
CA GLY A 111 -16.90 -3.22 -8.72
C GLY A 111 -16.76 -4.75 -8.67
N ALA A 112 -17.92 -5.42 -8.64
CA ALA A 112 -17.94 -6.86 -8.60
C ALA A 112 -17.79 -7.33 -7.15
N GLU A 113 -18.25 -8.55 -6.91
CA GLU A 113 -18.17 -9.12 -5.57
C GLU A 113 -16.86 -8.73 -4.90
N SER A 114 -16.90 -8.65 -3.58
CA SER A 114 -15.72 -8.28 -2.81
C SER A 114 -14.63 -9.34 -2.99
N ALA A 115 -15.06 -10.60 -2.94
CA ALA A 115 -14.14 -11.71 -3.10
C ALA A 115 -13.47 -11.63 -4.48
N VAL A 116 -14.21 -11.05 -5.42
CA VAL A 116 -13.71 -10.91 -6.78
C VAL A 116 -12.68 -9.78 -6.82
N VAL A 117 -13.06 -8.65 -6.24
CA VAL A 117 -12.17 -7.50 -6.20
C VAL A 117 -10.94 -7.83 -5.36
N HIS A 118 -11.19 -8.49 -4.25
CA HIS A 118 -10.10 -8.88 -3.35
C HIS A 118 -8.99 -9.56 -4.14
N GLU A 119 -9.38 -10.59 -4.88
CA GLU A 119 -8.43 -11.33 -5.69
C GLU A 119 -7.74 -10.40 -6.69
N ARG A 120 -8.56 -9.61 -7.38
CA ARG A 120 -8.04 -8.67 -8.36
C ARG A 120 -7.06 -7.70 -7.70
N MET A 121 -7.59 -6.92 -6.76
CA MET A 121 -6.77 -5.95 -6.06
C MET A 121 -5.56 -6.63 -5.40
N ASP A 122 -5.81 -7.80 -4.84
CA ASP A 122 -4.76 -8.55 -4.18
C ASP A 122 -3.66 -8.88 -5.20
N ARG A 123 -4.09 -9.36 -6.35
CA ARG A 123 -3.16 -9.71 -7.41
C ARG A 123 -2.32 -8.50 -7.80
N GLY A 124 -3.02 -7.43 -8.17
CA GLY A 124 -2.34 -6.21 -8.57
C GLY A 124 -1.44 -5.68 -7.45
N TRP A 125 -1.92 -5.82 -6.23
CA TRP A 125 -1.17 -5.37 -5.07
C TRP A 125 0.16 -6.12 -5.04
N HIS A 126 0.06 -7.44 -5.03
CA HIS A 126 1.24 -8.28 -5.02
C HIS A 126 2.13 -7.94 -6.20
N ASP A 127 1.54 -8.00 -7.38
CA ASP A 127 2.26 -7.70 -8.61
C ASP A 127 2.91 -6.32 -8.49
N LEU A 128 2.15 -5.40 -7.89
CA LEU A 128 2.64 -4.05 -7.71
C LEU A 128 3.85 -4.05 -6.77
N VAL A 129 3.65 -4.71 -5.63
CA VAL A 129 4.72 -4.80 -4.64
C VAL A 129 5.50 -6.09 -4.86
N ASN A 130 5.67 -6.43 -6.13
CA ASN A 130 6.41 -7.62 -6.49
C ASN A 130 7.62 -7.24 -7.36
N GLU A 131 7.33 -6.54 -8.44
CA GLU A 131 8.38 -6.11 -9.35
C GLU A 131 8.27 -4.61 -9.61
N ARG A 132 7.05 -4.17 -9.87
CA ARG A 132 6.80 -2.76 -10.12
C ARG A 132 7.50 -1.90 -9.07
N LEU A 133 7.44 -2.36 -7.84
CA LEU A 133 8.06 -1.65 -6.73
C LEU A 133 9.57 -1.88 -6.76
N ARG A 134 9.93 -3.16 -6.84
CA ARG A 134 11.33 -3.54 -6.88
C ARG A 134 12.07 -2.73 -7.94
N GLN A 135 11.39 -2.53 -9.06
CA GLN A 135 11.98 -1.79 -10.17
C GLN A 135 12.33 -0.36 -9.72
N ILE A 136 11.73 0.04 -8.61
CA ILE A 136 11.96 1.36 -8.06
C ILE A 136 13.34 1.39 -7.39
N VAL A 137 13.77 0.22 -6.95
CA VAL A 137 15.06 0.09 -6.30
C VAL A 137 16.02 -0.70 -7.19
N GLU A 138 15.45 -1.31 -8.22
CA GLU A 138 16.23 -2.10 -9.15
C GLU A 138 16.33 -1.39 -10.49
N MET A 1 -17.48 -19.96 8.75
CA MET A 1 -16.14 -19.95 8.19
C MET A 1 -16.16 -19.54 6.72
N THR A 2 -16.60 -18.30 6.49
CA THR A 2 -16.68 -17.78 5.14
C THR A 2 -16.69 -16.25 5.16
N ARG A 3 -15.65 -15.67 4.57
CA ARG A 3 -15.53 -14.23 4.52
C ARG A 3 -14.27 -13.83 3.74
N LEU A 4 -14.00 -12.53 3.76
CA LEU A 4 -12.83 -12.01 3.07
C LEU A 4 -11.75 -11.63 4.08
N PRO A 5 -10.59 -12.35 3.99
CA PRO A 5 -9.48 -12.10 4.89
C PRO A 5 -8.76 -10.81 4.53
N ASP A 6 -7.58 -10.65 5.11
CA ASP A 6 -6.77 -9.46 4.86
C ASP A 6 -5.83 -9.74 3.70
N ILE A 7 -5.68 -8.73 2.84
CA ILE A 7 -4.80 -8.85 1.69
C ILE A 7 -3.37 -8.51 2.10
N LYS A 8 -2.82 -9.37 2.96
CA LYS A 8 -1.46 -9.16 3.44
C LYS A 8 -0.49 -9.96 2.55
N LYS A 9 0.58 -9.29 2.15
CA LYS A 9 1.58 -9.91 1.31
C LYS A 9 2.97 -9.54 1.81
N GLU A 10 3.97 -10.22 1.29
CA GLU A 10 5.35 -9.97 1.67
C GLU A 10 6.30 -10.35 0.53
N VAL A 11 7.24 -9.44 0.26
CA VAL A 11 8.21 -9.66 -0.79
C VAL A 11 9.60 -9.27 -0.30
N ARG A 12 10.61 -9.79 -0.98
CA ARG A 12 11.98 -9.50 -0.62
C ARG A 12 12.75 -8.98 -1.82
N PHE A 13 13.43 -7.86 -1.63
CA PHE A 13 14.20 -7.25 -2.69
C PHE A 13 15.65 -6.99 -2.24
N ASN A 14 16.54 -7.03 -3.21
CA ASN A 14 17.95 -6.81 -2.93
C ASN A 14 18.27 -5.32 -3.09
N ALA A 15 18.36 -4.64 -1.95
CA ALA A 15 18.65 -3.23 -1.95
C ALA A 15 18.71 -2.73 -0.50
N PRO A 16 19.26 -1.49 -0.33
CA PRO A 16 19.39 -0.89 0.98
C PRO A 16 18.04 -0.39 1.48
N ILE A 17 17.76 -0.70 2.74
CA ILE A 17 16.50 -0.29 3.35
C ILE A 17 16.42 1.24 3.34
N GLU A 18 17.59 1.87 3.40
CA GLU A 18 17.65 3.33 3.39
C GLU A 18 17.04 3.88 2.10
N LYS A 19 17.13 3.08 1.05
CA LYS A 19 16.60 3.48 -0.25
C LYS A 19 15.12 3.09 -0.32
N VAL A 20 14.87 1.81 -0.08
CA VAL A 20 13.51 1.29 -0.12
C VAL A 20 12.64 2.08 0.87
N TRP A 21 13.27 2.49 1.95
CA TRP A 21 12.58 3.26 2.98
C TRP A 21 12.14 4.59 2.36
N GLU A 22 13.11 5.28 1.77
CA GLU A 22 12.84 6.55 1.15
C GLU A 22 11.84 6.39 0.00
N ALA A 23 11.99 5.30 -0.72
CA ALA A 23 11.11 5.01 -1.84
C ALA A 23 9.66 4.89 -1.33
N VAL A 24 9.54 4.74 -0.02
CA VAL A 24 8.24 4.63 0.60
C VAL A 24 8.04 5.78 1.57
N SER A 25 8.92 6.76 1.47
CA SER A 25 8.85 7.93 2.33
C SER A 25 8.46 9.17 1.50
N THR A 26 9.00 9.21 0.29
CA THR A 26 8.73 10.33 -0.60
C THR A 26 7.47 10.04 -1.44
N SER A 27 7.17 10.98 -2.33
CA SER A 27 6.01 10.83 -3.18
C SER A 27 6.42 10.28 -4.55
N GLU A 28 7.47 10.85 -5.08
CA GLU A 28 7.98 10.43 -6.38
C GLU A 28 8.37 8.95 -6.33
N GLY A 29 8.97 8.56 -5.22
CA GLY A 29 9.40 7.18 -5.04
C GLY A 29 8.19 6.26 -4.84
N LEU A 30 7.16 6.81 -4.22
CA LEU A 30 5.95 6.05 -3.97
C LEU A 30 5.13 5.95 -5.26
N ALA A 31 4.82 7.13 -5.80
CA ALA A 31 4.05 7.19 -7.03
C ALA A 31 4.75 6.38 -8.12
N PHE A 32 6.03 6.12 -7.89
CA PHE A 32 6.83 5.36 -8.84
C PHE A 32 6.26 3.94 -9.00
N TRP A 33 5.56 3.50 -7.98
CA TRP A 33 4.96 2.17 -8.00
C TRP A 33 3.52 2.30 -7.52
N PHE A 34 3.35 2.98 -6.41
CA PHE A 34 2.02 3.17 -5.84
C PHE A 34 1.17 4.09 -6.73
N MET A 35 1.27 5.38 -6.44
CA MET A 35 0.52 6.37 -7.20
C MET A 35 0.93 7.78 -6.82
N GLU A 36 0.55 8.73 -7.66
CA GLU A 36 0.86 10.13 -7.42
C GLU A 36 0.28 10.58 -6.08
N ASN A 37 1.12 11.24 -5.30
CA ASN A 37 0.69 11.74 -4.01
C ASN A 37 1.61 12.88 -3.57
N ASP A 38 1.37 13.37 -2.36
CA ASP A 38 2.17 14.46 -1.82
C ASP A 38 2.66 14.08 -0.43
N LEU A 39 2.93 12.79 -0.26
CA LEU A 39 3.40 12.29 1.02
C LEU A 39 4.86 12.72 1.23
N LYS A 40 5.22 12.89 2.49
CA LYS A 40 6.56 13.30 2.84
C LYS A 40 7.01 12.59 4.11
N ALA A 41 6.50 11.37 4.27
CA ALA A 41 6.83 10.57 5.44
C ALA A 41 6.76 11.45 6.69
N GLU A 42 5.56 11.88 7.00
CA GLU A 42 5.33 12.73 8.16
C GLU A 42 3.95 12.46 8.76
N THR A 43 3.95 12.22 10.06
CA THR A 43 2.70 11.96 10.76
C THR A 43 1.86 13.23 10.88
N GLY A 44 0.55 13.04 10.88
CA GLY A 44 -0.37 14.16 10.98
C GLY A 44 -0.25 15.08 9.75
N HIS A 45 0.31 14.52 8.69
CA HIS A 45 0.49 15.27 7.45
C HIS A 45 -0.79 15.19 6.62
N HIS A 46 -1.01 16.22 5.82
CA HIS A 46 -2.18 16.28 4.96
C HIS A 46 -1.75 16.30 3.50
N PHE A 47 -1.95 15.17 2.84
CA PHE A 47 -1.58 15.04 1.44
C PHE A 47 -2.72 14.40 0.64
N HIS A 48 -2.90 14.89 -0.58
CA HIS A 48 -3.94 14.39 -1.45
C HIS A 48 -3.36 13.31 -2.37
N LEU A 49 -4.25 12.66 -3.11
CA LEU A 49 -3.85 11.61 -4.02
C LEU A 49 -4.51 11.84 -5.38
N GLN A 50 -3.74 11.57 -6.42
CA GLN A 50 -4.25 11.74 -7.78
C GLN A 50 -4.38 10.38 -8.47
N SER A 51 -5.45 9.69 -8.14
CA SER A 51 -5.71 8.38 -8.72
C SER A 51 -6.56 8.52 -9.98
N PRO A 52 -6.74 7.37 -10.68
CA PRO A 52 -7.53 7.36 -11.91
C PRO A 52 -9.02 7.45 -11.60
N PHE A 53 -9.39 6.86 -10.48
CA PHE A 53 -10.79 6.86 -10.06
C PHE A 53 -11.24 8.28 -9.69
N GLY A 54 -10.30 9.07 -9.22
CA GLY A 54 -10.59 10.44 -8.83
C GLY A 54 -9.67 10.88 -7.69
N PRO A 55 -9.66 12.23 -7.46
CA PRO A 55 -8.84 12.80 -6.40
C PRO A 55 -9.46 12.54 -5.03
N SER A 56 -8.64 11.97 -4.14
CA SER A 56 -9.09 11.67 -2.79
C SER A 56 -8.07 12.15 -1.77
N PRO A 57 -8.59 12.70 -0.64
CA PRO A 57 -7.72 13.20 0.42
C PRO A 57 -7.11 12.04 1.21
N CYS A 58 -5.81 12.16 1.46
CA CYS A 58 -5.10 11.15 2.21
C CYS A 58 -4.45 11.81 3.43
N GLN A 59 -4.17 10.99 4.43
CA GLN A 59 -3.54 11.48 5.65
C GLN A 59 -2.72 10.38 6.30
N VAL A 60 -1.58 10.79 6.85
CA VAL A 60 -0.69 9.85 7.51
C VAL A 60 -1.07 9.74 8.98
N THR A 61 -1.13 8.50 9.45
CA THR A 61 -1.48 8.23 10.84
C THR A 61 -0.23 7.93 11.66
N ASP A 62 0.75 7.33 10.99
CA ASP A 62 2.00 6.99 11.65
C ASP A 62 3.09 6.80 10.59
N VAL A 63 4.25 7.38 10.87
CA VAL A 63 5.37 7.28 9.96
C VAL A 63 6.65 7.63 10.70
N GLU A 64 7.45 6.60 10.95
CA GLU A 64 8.71 6.79 11.65
C GLU A 64 9.69 5.66 11.30
N ARG A 65 10.66 6.01 10.48
CA ARG A 65 11.67 5.04 10.05
C ARG A 65 10.99 3.85 9.37
N PRO A 66 11.84 3.04 8.68
CA PRO A 66 11.34 1.86 7.98
C PRO A 66 11.02 0.74 8.96
N ILE A 67 9.99 0.97 9.78
CA ILE A 67 9.58 0.00 10.76
C ILE A 67 8.05 -0.09 10.79
N LYS A 68 7.43 1.09 10.82
CA LYS A 68 5.98 1.16 10.85
C LYS A 68 5.52 2.39 10.06
N LEU A 69 4.83 2.12 8.96
CA LEU A 69 4.34 3.19 8.11
C LEU A 69 2.88 2.90 7.73
N SER A 70 2.04 3.91 7.94
CA SER A 70 0.62 3.77 7.63
C SER A 70 0.11 5.07 7.01
N PHE A 71 -0.89 4.92 6.14
CA PHE A 71 -1.48 6.08 5.48
C PHE A 71 -2.89 5.75 5.00
N THR A 72 -3.80 6.67 5.28
CA THR A 72 -5.19 6.49 4.88
C THR A 72 -5.40 7.03 3.46
N TRP A 73 -6.29 6.36 2.74
CA TRP A 73 -6.59 6.75 1.37
C TRP A 73 -8.12 6.68 1.19
N ASP A 74 -8.67 7.76 0.68
CA ASP A 74 -10.10 7.83 0.44
C ASP A 74 -10.83 7.79 1.78
N THR A 75 -12.14 8.01 1.72
CA THR A 75 -12.96 8.00 2.91
C THR A 75 -14.12 7.00 2.76
N ASP A 76 -13.74 5.74 2.61
CA ASP A 76 -14.73 4.68 2.44
C ASP A 76 -14.52 3.62 3.53
N GLY A 77 -13.26 3.27 3.73
CA GLY A 77 -12.90 2.27 4.74
C GLY A 77 -11.84 1.32 4.20
N TRP A 78 -10.73 1.90 3.77
CA TRP A 78 -9.64 1.12 3.24
C TRP A 78 -8.33 1.74 3.73
N SER A 79 -7.67 1.02 4.63
CA SER A 79 -6.40 1.48 5.19
C SER A 79 -5.32 0.42 4.99
N VAL A 80 -4.19 0.88 4.48
CA VAL A 80 -3.06 -0.01 4.24
C VAL A 80 -1.90 0.39 5.14
N THR A 81 -1.22 -0.62 5.67
CA THR A 81 -0.08 -0.39 6.55
C THR A 81 1.16 -1.11 6.01
N PHE A 82 2.27 -0.41 6.07
CA PHE A 82 3.53 -0.96 5.59
C PHE A 82 4.44 -1.33 6.76
N HIS A 83 5.32 -2.30 6.50
CA HIS A 83 6.25 -2.76 7.52
C HIS A 83 7.58 -3.14 6.87
N LEU A 84 8.60 -2.35 7.19
CA LEU A 84 9.92 -2.60 6.64
C LEU A 84 10.83 -3.18 7.74
N LYS A 85 11.92 -3.78 7.30
CA LYS A 85 12.86 -4.38 8.22
C LYS A 85 14.04 -4.96 7.44
N GLU A 86 15.21 -4.39 7.67
CA GLU A 86 16.42 -4.85 7.00
C GLU A 86 16.75 -6.29 7.42
N GLU A 87 17.07 -7.09 6.42
CA GLU A 87 17.41 -8.48 6.66
C GLU A 87 18.92 -8.69 6.52
N GLU A 88 19.30 -9.96 6.50
CA GLU A 88 20.71 -10.31 6.37
C GLU A 88 21.38 -9.46 5.29
N ASN A 89 21.10 -9.81 4.04
CA ASN A 89 21.67 -9.09 2.92
C ASN A 89 20.54 -8.65 1.99
N GLY A 90 19.62 -7.89 2.56
CA GLY A 90 18.48 -7.39 1.80
C GLY A 90 17.45 -6.72 2.72
N THR A 91 16.41 -6.18 2.10
CA THR A 91 15.36 -5.51 2.86
C THR A 91 14.05 -6.29 2.73
N ILE A 92 13.32 -6.33 3.84
CA ILE A 92 12.05 -7.04 3.88
C ILE A 92 10.91 -6.02 3.74
N PHE A 93 9.99 -6.34 2.85
CA PHE A 93 8.84 -5.47 2.61
C PHE A 93 7.53 -6.22 2.81
N THR A 94 6.70 -5.67 3.67
CA THR A 94 5.40 -6.28 3.95
C THR A 94 4.28 -5.26 3.77
N ILE A 95 3.19 -5.73 3.18
CA ILE A 95 2.05 -4.87 2.93
C ILE A 95 0.81 -5.47 3.61
N VAL A 96 -0.03 -4.59 4.12
CA VAL A 96 -1.25 -5.02 4.79
C VAL A 96 -2.42 -4.16 4.32
N HIS A 97 -3.52 -4.83 3.98
CA HIS A 97 -4.70 -4.12 3.53
C HIS A 97 -5.94 -4.69 4.24
N SER A 98 -6.68 -3.79 4.86
CA SER A 98 -7.89 -4.18 5.58
C SER A 98 -9.02 -3.20 5.29
N GLY A 99 -10.21 -3.55 5.75
CA GLY A 99 -11.37 -2.70 5.54
C GLY A 99 -12.25 -3.25 4.41
N TRP A 100 -12.39 -4.57 4.39
CA TRP A 100 -13.20 -5.22 3.38
C TRP A 100 -14.38 -5.89 4.08
N LYS A 101 -15.37 -6.26 3.27
CA LYS A 101 -16.55 -6.92 3.79
C LYS A 101 -16.57 -8.38 3.34
N GLN A 102 -17.65 -9.06 3.69
CA GLN A 102 -17.79 -10.46 3.33
C GLN A 102 -17.71 -10.63 1.81
N GLY A 103 -17.47 -11.86 1.40
CA GLY A 103 -17.36 -12.18 -0.02
C GLY A 103 -18.73 -12.51 -0.62
N ASP A 104 -19.70 -11.67 -0.28
CA ASP A 104 -21.06 -11.87 -0.77
C ASP A 104 -21.56 -10.57 -1.39
N THR A 105 -21.33 -9.48 -0.65
CA THR A 105 -21.76 -8.17 -1.11
C THR A 105 -21.02 -7.79 -2.41
N LYS A 106 -21.55 -6.78 -3.07
CA LYS A 106 -20.96 -6.30 -4.32
C LYS A 106 -20.34 -4.92 -4.09
N VAL A 107 -19.41 -4.57 -4.96
CA VAL A 107 -18.75 -3.29 -4.87
C VAL A 107 -19.30 -2.35 -5.95
N GLU A 108 -20.52 -1.88 -5.71
CA GLU A 108 -21.16 -0.97 -6.64
C GLU A 108 -20.20 0.12 -7.09
N LYS A 109 -19.38 0.56 -6.14
CA LYS A 109 -18.41 1.61 -6.41
C LYS A 109 -17.55 1.19 -7.62
N ALA A 110 -17.08 -0.04 -7.56
CA ALA A 110 -16.24 -0.57 -8.63
C ALA A 110 -17.15 -1.11 -9.74
N GLY A 111 -17.99 -2.06 -9.37
CA GLY A 111 -18.90 -2.67 -10.32
C GLY A 111 -18.60 -4.15 -10.50
N ALA A 112 -18.21 -4.78 -9.40
CA ALA A 112 -17.89 -6.19 -9.41
C ALA A 112 -18.00 -6.76 -7.99
N GLU A 113 -18.16 -8.07 -7.93
CA GLU A 113 -18.28 -8.74 -6.64
C GLU A 113 -17.06 -8.43 -5.77
N SER A 114 -17.30 -8.42 -4.46
CA SER A 114 -16.25 -8.14 -3.51
C SER A 114 -15.11 -9.14 -3.67
N ALA A 115 -15.49 -10.37 -3.98
CA ALA A 115 -14.52 -11.44 -4.16
C ALA A 115 -13.71 -11.17 -5.44
N VAL A 116 -14.43 -10.73 -6.47
CA VAL A 116 -13.80 -10.44 -7.74
C VAL A 116 -12.74 -9.35 -7.55
N VAL A 117 -13.16 -8.27 -6.92
CA VAL A 117 -12.26 -7.16 -6.67
C VAL A 117 -11.12 -7.62 -5.74
N HIS A 118 -11.51 -8.39 -4.74
CA HIS A 118 -10.53 -8.91 -3.79
C HIS A 118 -9.35 -9.51 -4.55
N GLU A 119 -9.66 -10.43 -5.44
CA GLU A 119 -8.64 -11.09 -6.23
C GLU A 119 -7.94 -10.09 -7.14
N ARG A 120 -8.74 -9.32 -7.87
CA ARG A 120 -8.22 -8.32 -8.77
C ARG A 120 -7.22 -7.42 -8.04
N MET A 121 -7.72 -6.75 -7.01
CA MET A 121 -6.89 -5.85 -6.22
C MET A 121 -5.72 -6.61 -5.60
N ASP A 122 -6.02 -7.75 -5.02
CA ASP A 122 -5.00 -8.57 -4.39
C ASP A 122 -3.89 -8.86 -5.40
N ARG A 123 -4.30 -9.36 -6.55
CA ARG A 123 -3.35 -9.68 -7.61
C ARG A 123 -2.48 -8.46 -7.93
N GLY A 124 -3.15 -7.36 -8.21
CA GLY A 124 -2.46 -6.12 -8.54
C GLY A 124 -1.63 -5.63 -7.35
N TRP A 125 -2.12 -5.93 -6.16
CA TRP A 125 -1.44 -5.53 -4.94
C TRP A 125 -0.12 -6.30 -4.86
N HIS A 126 -0.22 -7.59 -5.10
CA HIS A 126 0.97 -8.44 -5.05
C HIS A 126 1.91 -8.07 -6.19
N ASP A 127 1.37 -8.09 -7.40
CA ASP A 127 2.16 -7.75 -8.58
C ASP A 127 2.83 -6.39 -8.36
N LEU A 128 2.09 -5.50 -7.71
CA LEU A 128 2.59 -4.17 -7.43
C LEU A 128 3.81 -4.27 -6.51
N VAL A 129 3.62 -4.96 -5.41
CA VAL A 129 4.69 -5.13 -4.44
C VAL A 129 5.46 -6.42 -4.76
N ASN A 130 5.63 -6.66 -6.05
CA ASN A 130 6.34 -7.85 -6.50
C ASN A 130 7.56 -7.42 -7.33
N GLU A 131 7.27 -6.84 -8.49
CA GLU A 131 8.31 -6.39 -9.38
C GLU A 131 8.19 -4.89 -9.64
N ARG A 132 6.95 -4.44 -9.73
CA ARG A 132 6.68 -3.03 -9.96
C ARG A 132 7.41 -2.17 -8.94
N LEU A 133 7.46 -2.67 -7.71
CA LEU A 133 8.11 -1.96 -6.63
C LEU A 133 9.62 -2.29 -6.66
N ARG A 134 9.90 -3.57 -6.79
CA ARG A 134 11.28 -4.03 -6.83
C ARG A 134 12.07 -3.24 -7.88
N GLN A 135 11.38 -2.90 -8.96
CA GLN A 135 12.00 -2.15 -10.04
C GLN A 135 12.41 -0.77 -9.56
N ILE A 136 11.64 -0.24 -8.63
CA ILE A 136 11.91 1.08 -8.08
C ILE A 136 13.32 1.08 -7.47
N VAL A 137 13.79 -0.10 -7.12
CA VAL A 137 15.11 -0.25 -6.54
C VAL A 137 16.02 -0.98 -7.54
N GLU A 138 15.41 -1.87 -8.30
CA GLU A 138 16.16 -2.64 -9.29
C GLU A 138 16.21 -1.88 -10.62
N MET A 1 -13.68 -18.97 1.15
CA MET A 1 -15.02 -19.04 1.71
C MET A 1 -15.16 -18.10 2.91
N THR A 2 -16.40 -17.97 3.38
CA THR A 2 -16.68 -17.10 4.51
C THR A 2 -15.93 -15.78 4.37
N ARG A 3 -15.92 -15.02 5.46
CA ARG A 3 -15.25 -13.74 5.47
C ARG A 3 -13.94 -13.81 4.67
N LEU A 4 -13.53 -12.66 4.18
CA LEU A 4 -12.31 -12.57 3.40
C LEU A 4 -11.15 -12.16 4.32
N PRO A 5 -9.98 -12.83 4.11
CA PRO A 5 -8.81 -12.54 4.90
C PRO A 5 -8.16 -11.22 4.47
N ASP A 6 -7.26 -10.73 5.31
CA ASP A 6 -6.56 -9.49 5.02
C ASP A 6 -5.57 -9.71 3.88
N ILE A 7 -5.62 -8.81 2.91
CA ILE A 7 -4.72 -8.90 1.76
C ILE A 7 -3.29 -8.56 2.20
N LYS A 8 -2.77 -9.41 3.07
CA LYS A 8 -1.42 -9.21 3.58
C LYS A 8 -0.44 -10.01 2.71
N LYS A 9 0.54 -9.29 2.16
CA LYS A 9 1.53 -9.91 1.31
C LYS A 9 2.93 -9.45 1.76
N GLU A 10 3.93 -10.22 1.36
CA GLU A 10 5.30 -9.92 1.72
C GLU A 10 6.22 -10.20 0.53
N VAL A 11 7.18 -9.30 0.33
CA VAL A 11 8.13 -9.43 -0.75
C VAL A 11 9.51 -9.02 -0.26
N ARG A 12 10.53 -9.66 -0.83
CA ARG A 12 11.90 -9.37 -0.46
C ARG A 12 12.69 -8.89 -1.69
N PHE A 13 13.45 -7.83 -1.49
CA PHE A 13 14.25 -7.27 -2.57
C PHE A 13 15.68 -7.01 -2.10
N ASN A 14 16.61 -7.12 -3.03
CA ASN A 14 18.02 -6.90 -2.73
C ASN A 14 18.34 -5.41 -2.92
N ALA A 15 18.49 -4.74 -1.78
CA ALA A 15 18.80 -3.32 -1.79
C ALA A 15 18.80 -2.79 -0.36
N PRO A 16 19.30 -1.54 -0.20
CA PRO A 16 19.36 -0.90 1.10
C PRO A 16 17.98 -0.43 1.54
N ILE A 17 17.60 -0.86 2.74
CA ILE A 17 16.31 -0.49 3.29
C ILE A 17 16.09 1.02 3.12
N GLU A 18 17.20 1.74 3.13
CA GLU A 18 17.14 3.19 2.98
C GLU A 18 16.48 3.56 1.64
N LYS A 19 16.90 2.85 0.60
CA LYS A 19 16.37 3.09 -0.72
C LYS A 19 14.85 2.87 -0.71
N VAL A 20 14.46 1.71 -0.19
CA VAL A 20 13.05 1.38 -0.10
C VAL A 20 12.33 2.41 0.76
N TRP A 21 12.98 2.78 1.85
CA TRP A 21 12.42 3.76 2.78
C TRP A 21 12.26 5.07 2.02
N GLU A 22 13.37 5.55 1.48
CA GLU A 22 13.36 6.80 0.73
C GLU A 22 12.34 6.74 -0.41
N ALA A 23 12.06 5.51 -0.83
CA ALA A 23 11.10 5.29 -1.91
C ALA A 23 9.69 5.23 -1.32
N VAL A 24 9.61 4.70 -0.11
CA VAL A 24 8.32 4.58 0.57
C VAL A 24 8.14 5.76 1.51
N SER A 25 9.00 6.75 1.35
CA SER A 25 8.95 7.95 2.18
C SER A 25 8.66 9.18 1.31
N THR A 26 9.23 9.17 0.12
CA THR A 26 9.04 10.27 -0.81
C THR A 26 7.75 10.08 -1.61
N SER A 27 7.39 11.12 -2.35
CA SER A 27 6.19 11.08 -3.17
C SER A 27 6.52 10.51 -4.56
N GLU A 28 7.55 11.08 -5.15
CA GLU A 28 7.98 10.65 -6.48
C GLU A 28 8.37 9.16 -6.45
N GLY A 29 9.02 8.77 -5.37
CA GLY A 29 9.44 7.39 -5.21
C GLY A 29 8.25 6.46 -5.06
N LEU A 30 7.23 6.96 -4.37
CA LEU A 30 6.02 6.19 -4.15
C LEU A 30 5.21 6.14 -5.45
N ALA A 31 4.94 7.32 -5.98
CA ALA A 31 4.18 7.41 -7.22
C ALA A 31 4.87 6.61 -8.31
N PHE A 32 6.14 6.31 -8.06
CA PHE A 32 6.93 5.54 -9.02
C PHE A 32 6.38 4.13 -9.18
N TRP A 33 5.61 3.71 -8.18
CA TRP A 33 5.02 2.38 -8.20
C TRP A 33 3.56 2.51 -7.73
N PHE A 34 3.40 3.18 -6.60
CA PHE A 34 2.07 3.38 -6.04
C PHE A 34 1.24 4.32 -6.92
N MET A 35 1.37 5.61 -6.64
CA MET A 35 0.63 6.61 -7.38
C MET A 35 1.04 8.02 -6.94
N GLU A 36 0.67 8.99 -7.77
CA GLU A 36 0.99 10.38 -7.48
C GLU A 36 0.47 10.76 -6.09
N ASN A 37 1.33 11.43 -5.34
CA ASN A 37 0.97 11.86 -3.99
C ASN A 37 1.95 12.94 -3.53
N ASP A 38 1.69 13.47 -2.35
CA ASP A 38 2.53 14.51 -1.79
C ASP A 38 2.99 14.08 -0.39
N LEU A 39 3.13 12.78 -0.23
CA LEU A 39 3.57 12.23 1.05
C LEU A 39 5.04 12.58 1.28
N LYS A 40 5.39 12.70 2.55
CA LYS A 40 6.76 13.03 2.91
C LYS A 40 7.12 12.33 4.22
N ALA A 41 6.59 11.12 4.37
CA ALA A 41 6.84 10.34 5.56
C ALA A 41 6.77 11.25 6.79
N GLU A 42 5.55 11.66 7.11
CA GLU A 42 5.34 12.53 8.26
C GLU A 42 3.97 12.24 8.88
N THR A 43 4.01 11.91 10.17
CA THR A 43 2.79 11.61 10.90
C THR A 43 1.93 12.87 11.04
N GLY A 44 0.63 12.67 10.93
CA GLY A 44 -0.32 13.78 11.04
C GLY A 44 -0.20 14.71 9.83
N HIS A 45 0.21 14.14 8.71
CA HIS A 45 0.36 14.91 7.49
C HIS A 45 -0.92 14.84 6.67
N HIS A 46 -0.94 15.60 5.59
CA HIS A 46 -2.11 15.64 4.71
C HIS A 46 -1.65 15.75 3.26
N PHE A 47 -1.91 14.69 2.51
CA PHE A 47 -1.54 14.65 1.11
C PHE A 47 -2.67 14.07 0.25
N HIS A 48 -2.88 14.71 -0.89
CA HIS A 48 -3.92 14.28 -1.80
C HIS A 48 -3.36 13.22 -2.76
N LEU A 49 -4.28 12.50 -3.38
CA LEU A 49 -3.89 11.45 -4.32
C LEU A 49 -4.60 11.68 -5.66
N GLN A 50 -3.81 11.65 -6.72
CA GLN A 50 -4.35 11.85 -8.06
C GLN A 50 -4.50 10.51 -8.78
N SER A 51 -5.64 9.87 -8.54
CA SER A 51 -5.92 8.58 -9.16
C SER A 51 -6.74 8.78 -10.43
N PRO A 52 -6.69 7.76 -11.33
CA PRO A 52 -7.41 7.81 -12.58
C PRO A 52 -8.90 7.57 -12.35
N PHE A 53 -9.23 7.17 -11.13
CA PHE A 53 -10.61 6.92 -10.77
C PHE A 53 -11.19 8.07 -9.95
N GLY A 54 -10.48 9.17 -9.95
CA GLY A 54 -10.91 10.34 -9.21
C GLY A 54 -9.92 10.68 -8.08
N PRO A 55 -9.94 11.97 -7.66
CA PRO A 55 -9.06 12.42 -6.60
C PRO A 55 -9.55 11.94 -5.23
N SER A 56 -8.60 11.52 -4.41
CA SER A 56 -8.91 11.03 -3.09
C SER A 56 -7.87 11.53 -2.08
N PRO A 57 -8.38 11.97 -0.90
CA PRO A 57 -7.52 12.47 0.15
C PRO A 57 -6.78 11.34 0.86
N CYS A 58 -5.73 11.69 1.57
CA CYS A 58 -4.95 10.71 2.29
C CYS A 58 -4.40 11.37 3.56
N GLN A 59 -4.12 10.54 4.55
CA GLN A 59 -3.60 11.03 5.82
C GLN A 59 -2.74 9.95 6.49
N VAL A 60 -1.58 10.37 6.97
CA VAL A 60 -0.65 9.46 7.63
C VAL A 60 -1.09 9.29 9.09
N THR A 61 -0.94 8.07 9.58
CA THR A 61 -1.30 7.75 10.95
C THR A 61 -0.05 7.43 11.76
N ASP A 62 0.92 6.81 11.10
CA ASP A 62 2.16 6.44 11.75
C ASP A 62 3.28 6.38 10.71
N VAL A 63 4.40 6.97 11.05
CA VAL A 63 5.55 6.98 10.16
C VAL A 63 6.80 7.39 10.94
N GLU A 64 7.65 6.40 11.19
CA GLU A 64 8.89 6.64 11.92
C GLU A 64 9.94 5.60 11.55
N ARG A 65 10.92 6.06 10.77
CA ARG A 65 11.99 5.18 10.33
C ARG A 65 11.42 3.98 9.55
N PRO A 66 12.34 3.25 8.87
CA PRO A 66 11.94 2.09 8.10
C PRO A 66 11.61 0.90 9.01
N ILE A 67 10.52 1.04 9.74
CA ILE A 67 10.08 -0.01 10.65
C ILE A 67 8.56 -0.11 10.63
N LYS A 68 7.93 1.04 10.72
CA LYS A 68 6.47 1.10 10.71
C LYS A 68 6.02 2.31 9.88
N LEU A 69 5.13 2.04 8.94
CA LEU A 69 4.62 3.09 8.08
C LEU A 69 3.14 2.80 7.76
N SER A 70 2.30 3.77 8.11
CA SER A 70 0.88 3.63 7.87
C SER A 70 0.33 4.90 7.20
N PHE A 71 -0.63 4.70 6.31
CA PHE A 71 -1.24 5.81 5.61
C PHE A 71 -2.64 5.45 5.11
N THR A 72 -3.59 6.32 5.43
CA THR A 72 -4.96 6.10 5.03
C THR A 72 -5.23 6.74 3.66
N TRP A 73 -5.89 5.98 2.80
CA TRP A 73 -6.21 6.46 1.46
C TRP A 73 -7.73 6.37 1.28
N ASP A 74 -8.31 7.48 0.85
CA ASP A 74 -9.74 7.53 0.62
C ASP A 74 -10.44 7.94 1.93
N THR A 75 -9.79 7.63 3.04
CA THR A 75 -10.33 7.96 4.34
C THR A 75 -11.82 7.62 4.40
N ASP A 76 -12.13 6.40 4.00
CA ASP A 76 -13.52 5.93 4.00
C ASP A 76 -13.57 4.52 3.43
N GLY A 77 -12.73 4.28 2.44
CA GLY A 77 -12.68 2.97 1.80
C GLY A 77 -11.99 1.94 2.71
N TRP A 78 -10.68 1.85 2.54
CA TRP A 78 -9.89 0.92 3.33
C TRP A 78 -8.55 1.57 3.64
N SER A 79 -7.82 0.97 4.57
CA SER A 79 -6.52 1.49 4.96
C SER A 79 -5.46 0.38 4.84
N VAL A 80 -4.28 0.77 4.39
CA VAL A 80 -3.19 -0.17 4.25
C VAL A 80 -1.98 0.32 5.05
N THR A 81 -1.28 -0.62 5.64
CA THR A 81 -0.11 -0.31 6.44
C THR A 81 1.12 -1.05 5.91
N PHE A 82 2.23 -0.34 5.89
CA PHE A 82 3.48 -0.91 5.41
C PHE A 82 4.36 -1.36 6.57
N HIS A 83 5.21 -2.35 6.28
CA HIS A 83 6.11 -2.87 7.30
C HIS A 83 7.48 -3.15 6.67
N LEU A 84 8.47 -2.42 7.14
CA LEU A 84 9.83 -2.58 6.64
C LEU A 84 10.72 -3.12 7.75
N LYS A 85 11.79 -3.79 7.35
CA LYS A 85 12.73 -4.36 8.30
C LYS A 85 13.91 -4.96 7.55
N GLU A 86 15.07 -4.34 7.73
CA GLU A 86 16.28 -4.81 7.08
C GLU A 86 16.62 -6.23 7.54
N GLU A 87 16.96 -7.07 6.58
CA GLU A 87 17.31 -8.45 6.87
C GLU A 87 18.81 -8.67 6.70
N GLU A 88 19.20 -9.93 6.72
CA GLU A 88 20.60 -10.28 6.57
C GLU A 88 21.28 -9.37 5.55
N ASN A 89 21.02 -9.66 4.28
CA ASN A 89 21.59 -8.86 3.20
C ASN A 89 20.48 -8.44 2.23
N GLY A 90 19.52 -7.71 2.78
CA GLY A 90 18.40 -7.24 1.98
C GLY A 90 17.33 -6.61 2.86
N THR A 91 16.32 -6.04 2.21
CA THR A 91 15.23 -5.40 2.92
C THR A 91 13.95 -6.22 2.78
N ILE A 92 13.16 -6.22 3.84
CA ILE A 92 11.91 -6.95 3.85
C ILE A 92 10.74 -5.97 3.81
N PHE A 93 9.84 -6.19 2.86
CA PHE A 93 8.68 -5.33 2.71
C PHE A 93 7.39 -6.13 2.88
N THR A 94 6.53 -5.62 3.75
CA THR A 94 5.25 -6.28 4.01
C THR A 94 4.11 -5.28 3.89
N ILE A 95 3.02 -5.75 3.30
CA ILE A 95 1.85 -4.90 3.12
C ILE A 95 0.65 -5.54 3.84
N VAL A 96 -0.18 -4.67 4.42
CA VAL A 96 -1.35 -5.13 5.14
C VAL A 96 -2.56 -4.32 4.68
N HIS A 97 -3.61 -5.06 4.30
CA HIS A 97 -4.83 -4.42 3.84
C HIS A 97 -6.02 -4.97 4.63
N SER A 98 -6.78 -4.04 5.21
CA SER A 98 -7.94 -4.42 5.99
C SER A 98 -9.14 -3.54 5.61
N GLY A 99 -10.32 -4.07 5.86
CA GLY A 99 -11.54 -3.35 5.55
C GLY A 99 -12.48 -4.20 4.68
N TRP A 100 -11.87 -5.05 3.87
CA TRP A 100 -12.63 -5.92 3.01
C TRP A 100 -13.75 -6.57 3.82
N LYS A 101 -14.83 -6.90 3.14
CA LYS A 101 -15.96 -7.52 3.79
C LYS A 101 -16.06 -8.99 3.37
N GLN A 102 -17.15 -9.62 3.77
CA GLN A 102 -17.37 -11.01 3.43
C GLN A 102 -17.47 -11.19 1.92
N GLY A 103 -17.07 -12.38 1.46
CA GLY A 103 -17.12 -12.69 0.04
C GLY A 103 -18.54 -13.03 -0.41
N ASP A 104 -19.40 -12.03 -0.37
CA ASP A 104 -20.78 -12.22 -0.76
C ASP A 104 -21.37 -10.86 -1.18
N THR A 105 -21.14 -9.87 -0.34
CA THR A 105 -21.64 -8.53 -0.61
C THR A 105 -21.01 -7.97 -1.88
N LYS A 106 -21.59 -6.88 -2.37
CA LYS A 106 -21.10 -6.24 -3.58
C LYS A 106 -20.48 -4.89 -3.21
N VAL A 107 -19.75 -4.33 -4.17
CA VAL A 107 -19.10 -3.05 -3.96
C VAL A 107 -19.86 -1.97 -4.73
N GLU A 108 -20.45 -1.05 -3.98
CA GLU A 108 -21.20 0.04 -4.58
C GLU A 108 -20.24 1.10 -5.15
N LYS A 109 -19.49 0.69 -6.16
CA LYS A 109 -18.53 1.58 -6.79
C LYS A 109 -17.85 0.84 -7.94
N ALA A 110 -16.92 -0.04 -7.58
CA ALA A 110 -16.18 -0.81 -8.56
C ALA A 110 -17.15 -1.30 -9.64
N GLY A 111 -18.23 -1.91 -9.19
CA GLY A 111 -19.24 -2.43 -10.11
C GLY A 111 -19.15 -3.95 -10.20
N ALA A 112 -18.52 -4.54 -9.21
CA ALA A 112 -18.37 -5.98 -9.17
C ALA A 112 -18.32 -6.45 -7.70
N GLU A 113 -18.58 -7.74 -7.52
CA GLU A 113 -18.57 -8.32 -6.19
C GLU A 113 -17.30 -7.92 -5.44
N SER A 114 -17.34 -8.08 -4.13
CA SER A 114 -16.20 -7.74 -3.29
C SER A 114 -15.05 -8.71 -3.57
N ALA A 115 -15.39 -9.99 -3.59
CA ALA A 115 -14.40 -11.02 -3.85
C ALA A 115 -13.68 -10.72 -5.17
N VAL A 116 -14.47 -10.36 -6.16
CA VAL A 116 -13.92 -10.05 -7.47
C VAL A 116 -12.89 -8.94 -7.34
N VAL A 117 -13.31 -7.85 -6.73
CA VAL A 117 -12.43 -6.70 -6.53
C VAL A 117 -11.25 -7.13 -5.64
N HIS A 118 -11.58 -7.77 -4.54
CA HIS A 118 -10.58 -8.23 -3.60
C HIS A 118 -9.46 -8.95 -4.37
N GLU A 119 -9.86 -9.98 -5.11
CA GLU A 119 -8.91 -10.76 -5.88
C GLU A 119 -8.22 -9.86 -6.92
N ARG A 120 -9.03 -9.11 -7.64
CA ARG A 120 -8.51 -8.21 -8.66
C ARG A 120 -7.41 -7.32 -8.08
N MET A 121 -7.78 -6.56 -7.06
CA MET A 121 -6.83 -5.67 -6.41
C MET A 121 -5.71 -6.47 -5.75
N ASP A 122 -6.08 -7.57 -5.13
CA ASP A 122 -5.11 -8.42 -4.46
C ASP A 122 -3.98 -8.77 -5.43
N ARG A 123 -4.37 -9.26 -6.59
CA ARG A 123 -3.40 -9.64 -7.61
C ARG A 123 -2.47 -8.47 -7.90
N GLY A 124 -3.05 -7.38 -8.38
CA GLY A 124 -2.29 -6.19 -8.71
C GLY A 124 -1.49 -5.71 -7.50
N TRP A 125 -2.07 -5.93 -6.32
CA TRP A 125 -1.42 -5.53 -5.09
C TRP A 125 -0.06 -6.22 -5.00
N HIS A 126 -0.10 -7.54 -5.09
CA HIS A 126 1.11 -8.34 -5.03
C HIS A 126 2.03 -7.94 -6.19
N ASP A 127 1.46 -7.97 -7.39
CA ASP A 127 2.21 -7.64 -8.58
C ASP A 127 2.88 -6.27 -8.39
N LEU A 128 2.11 -5.36 -7.81
CA LEU A 128 2.60 -4.01 -7.56
C LEU A 128 3.78 -4.08 -6.59
N VAL A 129 3.56 -4.79 -5.49
CA VAL A 129 4.60 -4.94 -4.48
C VAL A 129 5.38 -6.22 -4.74
N ASN A 130 5.61 -6.50 -6.01
CA ASN A 130 6.34 -7.69 -6.42
C ASN A 130 7.58 -7.27 -7.23
N GLU A 131 7.32 -6.57 -8.32
CA GLU A 131 8.40 -6.11 -9.18
C GLU A 131 8.28 -4.61 -9.41
N ARG A 132 7.05 -4.17 -9.65
CA ARG A 132 6.79 -2.76 -9.88
C ARG A 132 7.48 -1.90 -8.82
N LEU A 133 7.52 -2.44 -7.61
CA LEU A 133 8.14 -1.75 -6.49
C LEU A 133 9.64 -2.06 -6.47
N ARG A 134 9.95 -3.34 -6.62
CA ARG A 134 11.33 -3.78 -6.62
C ARG A 134 12.14 -3.02 -7.68
N GLN A 135 11.47 -2.72 -8.78
CA GLN A 135 12.10 -1.99 -9.87
C GLN A 135 12.55 -0.60 -9.39
N ILE A 136 11.81 -0.10 -8.41
CA ILE A 136 12.12 1.22 -7.86
C ILE A 136 13.51 1.19 -7.22
N VAL A 137 13.94 -0.02 -6.86
CA VAL A 137 15.23 -0.19 -6.24
C VAL A 137 16.16 -0.93 -7.21
N GLU A 138 15.56 -1.77 -8.04
CA GLU A 138 16.31 -2.52 -9.03
C GLU A 138 16.37 -1.76 -10.35
N MET A 1 -10.66 -20.04 8.89
CA MET A 1 -11.12 -19.50 7.62
C MET A 1 -11.47 -18.02 7.76
N THR A 2 -12.55 -17.76 8.48
CA THR A 2 -13.01 -16.39 8.69
C THR A 2 -13.20 -15.69 7.34
N ARG A 3 -13.84 -14.53 7.42
CA ARG A 3 -14.09 -13.74 6.22
C ARG A 3 -12.79 -13.50 5.45
N LEU A 4 -12.90 -12.68 4.42
CA LEU A 4 -11.74 -12.36 3.61
C LEU A 4 -10.65 -11.75 4.49
N PRO A 5 -9.49 -12.46 4.53
CA PRO A 5 -8.35 -12.01 5.34
C PRO A 5 -7.65 -10.83 4.67
N ASP A 6 -7.24 -9.88 5.50
CA ASP A 6 -6.55 -8.70 5.02
C ASP A 6 -5.57 -9.11 3.91
N ILE A 7 -5.47 -8.25 2.91
CA ILE A 7 -4.57 -8.51 1.79
C ILE A 7 -3.12 -8.30 2.26
N LYS A 8 -2.67 -9.22 3.09
CA LYS A 8 -1.32 -9.16 3.62
C LYS A 8 -0.36 -9.82 2.62
N LYS A 9 0.60 -9.03 2.15
CA LYS A 9 1.58 -9.54 1.20
C LYS A 9 2.98 -9.19 1.70
N GLU A 10 3.97 -9.87 1.13
CA GLU A 10 5.36 -9.64 1.49
C GLU A 10 6.27 -9.93 0.30
N VAL A 11 7.36 -9.17 0.24
CA VAL A 11 8.32 -9.32 -0.83
C VAL A 11 9.73 -9.03 -0.30
N ARG A 12 10.72 -9.60 -0.97
CA ARG A 12 12.10 -9.41 -0.58
C ARG A 12 12.93 -8.94 -1.78
N PHE A 13 13.46 -7.74 -1.66
CA PHE A 13 14.27 -7.17 -2.72
C PHE A 13 15.70 -6.88 -2.24
N ASN A 14 16.64 -6.98 -3.16
CA ASN A 14 18.04 -6.74 -2.84
C ASN A 14 18.33 -5.24 -2.95
N ALA A 15 18.59 -4.63 -1.81
CA ALA A 15 18.89 -3.20 -1.76
C ALA A 15 18.89 -2.73 -0.31
N PRO A 16 19.45 -1.50 -0.11
CA PRO A 16 19.52 -0.93 1.23
C PRO A 16 18.15 -0.42 1.68
N ILE A 17 17.78 -0.83 2.89
CA ILE A 17 16.51 -0.43 3.45
C ILE A 17 16.40 1.10 3.44
N GLU A 18 17.57 1.73 3.51
CA GLU A 18 17.63 3.18 3.52
C GLU A 18 17.08 3.74 2.20
N LYS A 19 17.17 2.91 1.17
CA LYS A 19 16.69 3.32 -0.15
C LYS A 19 15.21 2.97 -0.28
N VAL A 20 14.90 1.71 0.00
CA VAL A 20 13.52 1.25 -0.08
C VAL A 20 12.66 2.07 0.88
N TRP A 21 13.26 2.45 2.00
CA TRP A 21 12.56 3.23 3.00
C TRP A 21 12.19 4.58 2.37
N GLU A 22 13.18 5.21 1.77
CA GLU A 22 12.99 6.50 1.14
C GLU A 22 11.98 6.37 -0.01
N ALA A 23 11.96 5.18 -0.61
CA ALA A 23 11.05 4.91 -1.71
C ALA A 23 9.62 4.87 -1.19
N VAL A 24 9.49 4.56 0.09
CA VAL A 24 8.18 4.50 0.72
C VAL A 24 8.02 5.67 1.67
N SER A 25 8.92 6.64 1.54
CA SER A 25 8.88 7.82 2.37
C SER A 25 8.59 9.06 1.52
N THR A 26 9.11 9.03 0.31
CA THR A 26 8.91 10.14 -0.62
C THR A 26 7.72 9.86 -1.54
N SER A 27 7.25 10.92 -2.18
CA SER A 27 6.13 10.80 -3.09
C SER A 27 6.61 10.33 -4.46
N GLU A 28 7.62 11.03 -4.97
CA GLU A 28 8.19 10.68 -6.26
C GLU A 28 8.57 9.20 -6.32
N GLY A 29 9.14 8.74 -5.21
CA GLY A 29 9.56 7.35 -5.11
C GLY A 29 8.34 6.43 -5.00
N LEU A 30 7.32 6.92 -4.32
CA LEU A 30 6.09 6.14 -4.14
C LEU A 30 5.32 6.13 -5.46
N ALA A 31 4.97 7.32 -5.93
CA ALA A 31 4.22 7.44 -7.16
C ALA A 31 4.93 6.65 -8.26
N PHE A 32 6.21 6.40 -8.05
CA PHE A 32 7.00 5.65 -9.00
C PHE A 32 6.45 4.24 -9.19
N TRP A 33 5.66 3.82 -8.21
CA TRP A 33 5.07 2.49 -8.26
C TRP A 33 3.62 2.60 -7.77
N PHE A 34 3.46 3.25 -6.62
CA PHE A 34 2.15 3.43 -6.04
C PHE A 34 1.30 4.39 -6.88
N MET A 35 1.42 5.67 -6.58
CA MET A 35 0.69 6.69 -7.29
C MET A 35 1.09 8.09 -6.84
N GLU A 36 0.79 9.07 -7.68
CA GLU A 36 1.11 10.45 -7.37
C GLU A 36 0.57 10.83 -5.99
N ASN A 37 1.41 11.53 -5.23
CA ASN A 37 1.02 11.96 -3.90
C ASN A 37 1.98 13.05 -3.43
N ASP A 38 1.78 13.47 -2.18
CA ASP A 38 2.61 14.51 -1.61
C ASP A 38 3.16 14.03 -0.26
N LEU A 39 3.05 12.73 -0.04
CA LEU A 39 3.53 12.14 1.20
C LEU A 39 4.98 12.55 1.44
N LYS A 40 5.35 12.62 2.71
CA LYS A 40 6.70 12.99 3.07
C LYS A 40 7.11 12.23 4.34
N ALA A 41 6.53 11.05 4.49
CA ALA A 41 6.83 10.23 5.65
C ALA A 41 6.74 11.08 6.92
N GLU A 42 5.52 11.52 7.21
CA GLU A 42 5.30 12.34 8.38
C GLU A 42 3.90 12.08 8.95
N THR A 43 3.86 11.76 10.23
CA THR A 43 2.60 11.48 10.90
C THR A 43 1.79 12.76 11.07
N GLY A 44 0.49 12.62 10.92
CA GLY A 44 -0.41 13.76 11.05
C GLY A 44 -0.21 14.75 9.91
N HIS A 45 0.33 14.24 8.81
CA HIS A 45 0.57 15.07 7.64
C HIS A 45 -0.70 15.18 6.81
N HIS A 46 -0.66 16.08 5.84
CA HIS A 46 -1.80 16.30 4.96
C HIS A 46 -1.34 16.32 3.50
N PHE A 47 -1.74 15.29 2.77
CA PHE A 47 -1.37 15.19 1.37
C PHE A 47 -2.52 14.60 0.55
N HIS A 48 -2.59 15.05 -0.71
CA HIS A 48 -3.62 14.57 -1.60
C HIS A 48 -3.06 13.48 -2.52
N LEU A 49 -3.96 12.84 -3.25
CA LEU A 49 -3.57 11.78 -4.16
C LEU A 49 -4.24 12.02 -5.52
N GLN A 50 -3.43 11.92 -6.56
CA GLN A 50 -3.93 12.10 -7.92
C GLN A 50 -4.12 10.75 -8.61
N SER A 51 -5.19 10.07 -8.20
CA SER A 51 -5.50 8.76 -8.77
C SER A 51 -6.19 8.94 -10.13
N PRO A 52 -6.21 7.82 -10.90
CA PRO A 52 -6.84 7.85 -12.22
C PRO A 52 -8.37 7.84 -12.10
N PHE A 53 -8.83 7.44 -10.92
CA PHE A 53 -10.26 7.39 -10.66
C PHE A 53 -10.69 8.49 -9.70
N GLY A 54 -10.37 9.72 -10.08
CA GLY A 54 -10.72 10.88 -9.25
C GLY A 54 -9.73 11.04 -8.10
N PRO A 55 -9.41 12.32 -7.80
CA PRO A 55 -8.48 12.64 -6.73
C PRO A 55 -9.13 12.44 -5.36
N SER A 56 -8.34 11.96 -4.42
CA SER A 56 -8.82 11.72 -3.07
C SER A 56 -7.77 12.15 -2.05
N PRO A 57 -8.27 12.67 -0.90
CA PRO A 57 -7.38 13.12 0.17
C PRO A 57 -6.78 11.93 0.92
N CYS A 58 -5.59 12.16 1.47
CA CYS A 58 -4.90 11.12 2.22
C CYS A 58 -4.25 11.76 3.44
N GLN A 59 -4.05 10.95 4.46
CA GLN A 59 -3.43 11.42 5.69
C GLN A 59 -2.68 10.28 6.38
N VAL A 60 -1.45 10.57 6.77
CA VAL A 60 -0.61 9.59 7.43
C VAL A 60 -1.11 9.40 8.87
N THR A 61 -1.11 8.15 9.30
CA THR A 61 -1.56 7.82 10.65
C THR A 61 -0.37 7.41 11.52
N ASP A 62 0.62 6.79 10.88
CA ASP A 62 1.80 6.35 11.58
C ASP A 62 2.97 6.24 10.59
N VAL A 63 4.09 6.81 10.99
CA VAL A 63 5.28 6.79 10.15
C VAL A 63 6.51 7.13 11.00
N GLU A 64 7.33 6.12 11.22
CA GLU A 64 8.54 6.29 12.01
C GLU A 64 9.60 5.25 11.62
N ARG A 65 10.59 5.71 10.88
CA ARG A 65 11.66 4.84 10.44
C ARG A 65 11.09 3.65 9.65
N PRO A 66 12.00 2.88 9.02
CA PRO A 66 11.60 1.73 8.23
C PRO A 66 11.21 0.56 9.14
N ILE A 67 10.08 0.74 9.82
CA ILE A 67 9.57 -0.29 10.72
C ILE A 67 8.05 -0.29 10.70
N LYS A 68 7.50 0.91 10.79
CA LYS A 68 6.05 1.07 10.78
C LYS A 68 5.68 2.24 9.87
N LEU A 69 4.70 1.99 9.00
CA LEU A 69 4.25 3.00 8.08
C LEU A 69 2.81 2.69 7.66
N SER A 70 1.95 3.69 7.82
CA SER A 70 0.55 3.54 7.47
C SER A 70 0.00 4.87 6.94
N PHE A 71 -0.98 4.77 6.06
CA PHE A 71 -1.61 5.94 5.48
C PHE A 71 -3.02 5.64 5.00
N THR A 72 -3.92 6.58 5.26
CA THR A 72 -5.31 6.43 4.87
C THR A 72 -5.52 6.93 3.43
N TRP A 73 -6.53 6.39 2.79
CA TRP A 73 -6.85 6.78 1.42
C TRP A 73 -8.36 6.67 1.25
N ASP A 74 -8.94 7.73 0.68
CA ASP A 74 -10.37 7.77 0.45
C ASP A 74 -11.10 7.71 1.79
N THR A 75 -12.40 7.98 1.73
CA THR A 75 -13.22 7.96 2.94
C THR A 75 -14.33 6.91 2.80
N ASP A 76 -13.95 5.75 2.29
CA ASP A 76 -14.89 4.66 2.11
C ASP A 76 -14.71 3.64 3.22
N GLY A 77 -13.48 3.14 3.33
CA GLY A 77 -13.16 2.15 4.35
C GLY A 77 -12.03 1.24 3.88
N TRP A 78 -11.01 1.84 3.28
CA TRP A 78 -9.87 1.09 2.79
C TRP A 78 -8.60 1.72 3.36
N SER A 79 -7.93 0.96 4.22
CA SER A 79 -6.71 1.44 4.83
C SER A 79 -5.59 0.41 4.63
N VAL A 80 -4.48 0.89 4.08
CA VAL A 80 -3.34 0.03 3.83
C VAL A 80 -2.21 0.40 4.80
N THR A 81 -1.50 -0.62 5.24
CA THR A 81 -0.40 -0.42 6.16
C THR A 81 0.88 -1.08 5.62
N PHE A 82 1.99 -0.37 5.75
CA PHE A 82 3.27 -0.86 5.28
C PHE A 82 4.16 -1.28 6.46
N HIS A 83 5.04 -2.22 6.18
CA HIS A 83 5.95 -2.72 7.19
C HIS A 83 7.29 -3.08 6.56
N LEU A 84 8.34 -2.44 7.04
CA LEU A 84 9.68 -2.68 6.53
C LEU A 84 10.53 -3.33 7.62
N LYS A 85 11.62 -3.95 7.19
CA LYS A 85 12.52 -4.61 8.12
C LYS A 85 13.73 -5.16 7.35
N GLU A 86 14.89 -4.63 7.70
CA GLU A 86 16.12 -5.04 7.05
C GLU A 86 16.44 -6.50 7.40
N GLU A 87 16.81 -7.26 6.38
CA GLU A 87 17.15 -8.66 6.56
C GLU A 87 18.66 -8.87 6.46
N GLU A 88 19.04 -10.13 6.45
CA GLU A 88 20.46 -10.48 6.36
C GLU A 88 21.16 -9.56 5.34
N ASN A 89 20.91 -9.83 4.08
CA ASN A 89 21.50 -9.05 3.01
C ASN A 89 20.40 -8.58 2.05
N GLY A 90 19.39 -7.95 2.63
CA GLY A 90 18.28 -7.45 1.84
C GLY A 90 17.23 -6.79 2.74
N THR A 91 16.25 -6.18 2.09
CA THR A 91 15.18 -5.51 2.82
C THR A 91 13.86 -6.26 2.63
N ILE A 92 13.10 -6.33 3.71
CA ILE A 92 11.82 -7.02 3.68
C ILE A 92 10.69 -5.98 3.68
N PHE A 93 9.71 -6.24 2.83
CA PHE A 93 8.56 -5.34 2.72
C PHE A 93 7.25 -6.12 2.82
N THR A 94 6.47 -5.77 3.82
CA THR A 94 5.18 -6.41 4.04
C THR A 94 4.04 -5.39 3.91
N ILE A 95 3.13 -5.68 3.00
CA ILE A 95 2.00 -4.81 2.77
C ILE A 95 0.75 -5.41 3.43
N VAL A 96 -0.13 -4.53 3.87
CA VAL A 96 -1.35 -4.96 4.52
C VAL A 96 -2.50 -4.01 4.15
N HIS A 97 -3.58 -4.58 3.68
CA HIS A 97 -4.74 -3.79 3.29
C HIS A 97 -6.01 -4.46 3.81
N SER A 98 -6.64 -3.79 4.77
CA SER A 98 -7.87 -4.30 5.35
C SER A 98 -9.06 -3.44 4.91
N GLY A 99 -10.25 -3.90 5.29
CA GLY A 99 -11.46 -3.19 4.94
C GLY A 99 -12.33 -4.03 4.00
N TRP A 100 -12.73 -5.19 4.49
CA TRP A 100 -13.56 -6.09 3.71
C TRP A 100 -14.60 -6.71 4.64
N LYS A 101 -15.47 -7.52 4.06
CA LYS A 101 -16.51 -8.18 4.82
C LYS A 101 -16.48 -9.68 4.54
N GLN A 102 -17.52 -10.36 5.00
CA GLN A 102 -17.62 -11.79 4.80
C GLN A 102 -17.28 -12.16 3.36
N GLY A 103 -16.61 -13.29 3.20
CA GLY A 103 -16.22 -13.76 1.89
C GLY A 103 -17.42 -14.34 1.12
N ASP A 104 -18.46 -13.52 1.03
CA ASP A 104 -19.68 -13.94 0.34
C ASP A 104 -20.44 -12.69 -0.11
N THR A 105 -20.57 -11.75 0.81
CA THR A 105 -21.27 -10.50 0.51
C THR A 105 -20.70 -9.85 -0.74
N LYS A 106 -21.35 -8.77 -1.15
CA LYS A 106 -20.92 -8.04 -2.33
C LYS A 106 -20.66 -6.58 -1.96
N VAL A 107 -19.73 -5.98 -2.68
CA VAL A 107 -19.38 -4.59 -2.44
C VAL A 107 -20.42 -3.68 -3.10
N GLU A 108 -21.17 -2.98 -2.26
CA GLU A 108 -22.20 -2.08 -2.76
C GLU A 108 -21.59 -0.74 -3.16
N LYS A 109 -20.71 -0.81 -4.15
CA LYS A 109 -20.04 0.39 -4.65
C LYS A 109 -19.18 0.02 -5.86
N ALA A 110 -18.14 -0.76 -5.60
CA ALA A 110 -17.24 -1.18 -6.65
C ALA A 110 -18.05 -1.75 -7.82
N GLY A 111 -18.77 -2.83 -7.53
CA GLY A 111 -19.58 -3.48 -8.53
C GLY A 111 -19.12 -4.92 -8.79
N ALA A 112 -19.02 -5.67 -7.69
CA ALA A 112 -18.59 -7.05 -7.77
C ALA A 112 -18.38 -7.60 -6.36
N GLU A 113 -18.47 -8.93 -6.25
CA GLU A 113 -18.30 -9.58 -4.98
C GLU A 113 -17.02 -9.10 -4.30
N SER A 114 -17.01 -9.17 -2.98
CA SER A 114 -15.85 -8.75 -2.21
C SER A 114 -14.69 -9.71 -2.45
N ALA A 115 -15.04 -10.93 -2.84
CA ALA A 115 -14.04 -11.95 -3.09
C ALA A 115 -13.40 -11.69 -4.46
N VAL A 116 -14.25 -11.38 -5.42
CA VAL A 116 -13.78 -11.11 -6.78
C VAL A 116 -12.78 -9.95 -6.75
N VAL A 117 -13.23 -8.84 -6.17
CA VAL A 117 -12.40 -7.66 -6.07
C VAL A 117 -11.19 -7.97 -5.19
N HIS A 118 -11.46 -8.64 -4.08
CA HIS A 118 -10.40 -9.00 -3.15
C HIS A 118 -9.23 -9.63 -3.91
N GLU A 119 -9.57 -10.63 -4.72
CA GLU A 119 -8.56 -11.33 -5.51
C GLU A 119 -8.00 -10.39 -6.58
N ARG A 120 -8.90 -9.76 -7.30
CA ARG A 120 -8.51 -8.84 -8.36
C ARG A 120 -7.49 -7.83 -7.83
N MET A 121 -7.91 -7.08 -6.83
CA MET A 121 -7.05 -6.08 -6.22
C MET A 121 -5.78 -6.72 -5.65
N ASP A 122 -5.97 -7.84 -4.99
CA ASP A 122 -4.86 -8.57 -4.38
C ASP A 122 -3.82 -8.86 -5.46
N ARG A 123 -4.28 -9.39 -6.58
CA ARG A 123 -3.40 -9.72 -7.68
C ARG A 123 -2.54 -8.51 -8.05
N GLY A 124 -3.22 -7.41 -8.36
CA GLY A 124 -2.52 -6.19 -8.73
C GLY A 124 -1.67 -5.67 -7.57
N TRP A 125 -2.22 -5.78 -6.37
CA TRP A 125 -1.52 -5.33 -5.18
C TRP A 125 -0.17 -6.05 -5.12
N HIS A 126 -0.25 -7.38 -5.17
CA HIS A 126 0.95 -8.19 -5.13
C HIS A 126 1.88 -7.81 -6.28
N ASP A 127 1.33 -7.81 -7.48
CA ASP A 127 2.09 -7.46 -8.66
C ASP A 127 2.76 -6.10 -8.45
N LEU A 128 2.01 -5.20 -7.80
CA LEU A 128 2.51 -3.87 -7.53
C LEU A 128 3.74 -3.97 -6.61
N VAL A 129 3.57 -4.74 -5.54
CA VAL A 129 4.64 -4.92 -4.57
C VAL A 129 5.42 -6.20 -4.92
N ASN A 130 5.60 -6.41 -6.22
CA ASN A 130 6.32 -7.59 -6.68
C ASN A 130 7.53 -7.14 -7.50
N GLU A 131 7.26 -6.55 -8.65
CA GLU A 131 8.31 -6.07 -9.52
C GLU A 131 8.20 -4.56 -9.73
N ARG A 132 6.96 -4.09 -9.78
CA ARG A 132 6.71 -2.68 -9.96
C ARG A 132 7.40 -1.86 -8.86
N LEU A 133 7.40 -2.41 -7.67
CA LEU A 133 8.02 -1.76 -6.54
C LEU A 133 9.52 -2.08 -6.52
N ARG A 134 9.83 -3.30 -6.95
CA ARG A 134 11.21 -3.75 -7.00
C ARG A 134 11.99 -2.94 -8.03
N GLN A 135 11.32 -2.60 -9.12
CA GLN A 135 11.94 -1.84 -10.18
C GLN A 135 12.31 -0.44 -9.68
N ILE A 136 11.82 -0.12 -8.50
CA ILE A 136 12.09 1.18 -7.90
C ILE A 136 13.45 1.14 -7.20
N VAL A 137 13.85 -0.07 -6.81
CA VAL A 137 15.12 -0.26 -6.13
C VAL A 137 16.09 -0.99 -7.07
N GLU A 138 15.50 -1.70 -8.02
CA GLU A 138 16.31 -2.45 -8.98
C GLU A 138 16.44 -1.66 -10.28
N MET A 1 -17.80 -20.60 1.08
CA MET A 1 -16.56 -20.55 0.33
C MET A 1 -15.50 -19.73 1.09
N THR A 2 -15.56 -19.82 2.41
CA THR A 2 -14.62 -19.10 3.25
C THR A 2 -14.77 -17.59 3.06
N ARG A 3 -14.39 -16.85 4.08
CA ARG A 3 -14.48 -15.40 4.03
C ARG A 3 -13.22 -14.81 3.39
N LEU A 4 -13.21 -13.49 3.28
CA LEU A 4 -12.08 -12.80 2.69
C LEU A 4 -11.13 -12.35 3.80
N PRO A 5 -9.88 -12.90 3.75
CA PRO A 5 -8.87 -12.56 4.73
C PRO A 5 -8.30 -11.17 4.48
N ASP A 6 -7.16 -10.91 5.11
CA ASP A 6 -6.50 -9.63 4.96
C ASP A 6 -5.49 -9.71 3.82
N ILE A 7 -5.49 -8.67 3.00
CA ILE A 7 -4.58 -8.61 1.86
C ILE A 7 -3.16 -8.36 2.36
N LYS A 8 -2.68 -9.30 3.15
CA LYS A 8 -1.34 -9.20 3.71
C LYS A 8 -0.37 -10.00 2.84
N LYS A 9 0.62 -9.30 2.29
CA LYS A 9 1.61 -9.94 1.45
C LYS A 9 3.01 -9.53 1.92
N GLU A 10 3.99 -10.27 1.42
CA GLU A 10 5.37 -9.99 1.78
C GLU A 10 6.31 -10.39 0.63
N VAL A 11 7.22 -9.47 0.32
CA VAL A 11 8.17 -9.70 -0.75
C VAL A 11 9.56 -9.27 -0.29
N ARG A 12 10.57 -9.91 -0.87
CA ARG A 12 11.95 -9.59 -0.54
C ARG A 12 12.68 -9.05 -1.76
N PHE A 13 13.32 -7.90 -1.56
CA PHE A 13 14.07 -7.26 -2.63
C PHE A 13 15.50 -6.97 -2.20
N ASN A 14 16.40 -7.03 -3.17
CA ASN A 14 17.81 -6.77 -2.92
C ASN A 14 18.08 -5.27 -3.07
N ALA A 15 18.36 -4.64 -1.94
CA ALA A 15 18.64 -3.21 -1.95
C ALA A 15 18.71 -2.72 -0.49
N PRO A 16 19.31 -1.50 -0.33
CA PRO A 16 19.45 -0.90 0.98
C PRO A 16 18.12 -0.34 1.47
N ILE A 17 17.71 -0.80 2.64
CA ILE A 17 16.45 -0.34 3.22
C ILE A 17 16.42 1.18 3.21
N GLU A 18 17.60 1.77 3.30
CA GLU A 18 17.71 3.22 3.31
C GLU A 18 17.10 3.80 2.04
N LYS A 19 17.16 3.02 0.96
CA LYS A 19 16.62 3.45 -0.31
C LYS A 19 15.14 3.05 -0.38
N VAL A 20 14.89 1.76 -0.22
CA VAL A 20 13.54 1.24 -0.26
C VAL A 20 12.66 2.03 0.70
N TRP A 21 13.27 2.46 1.80
CA TRP A 21 12.56 3.23 2.80
C TRP A 21 12.14 4.56 2.18
N GLU A 22 13.14 5.27 1.66
CA GLU A 22 12.89 6.55 1.03
C GLU A 22 11.93 6.38 -0.15
N ALA A 23 11.94 5.19 -0.72
CA ALA A 23 11.08 4.89 -1.85
C ALA A 23 9.62 4.79 -1.37
N VAL A 24 9.47 4.65 -0.07
CA VAL A 24 8.15 4.55 0.53
C VAL A 24 7.96 5.69 1.53
N SER A 25 8.90 6.62 1.52
CA SER A 25 8.84 7.75 2.41
C SER A 25 8.62 9.04 1.61
N THR A 26 9.05 9.00 0.36
CA THR A 26 8.91 10.15 -0.51
C THR A 26 7.64 10.01 -1.36
N SER A 27 7.39 11.04 -2.16
CA SER A 27 6.22 11.05 -3.02
C SER A 27 6.59 10.53 -4.41
N GLU A 28 7.68 11.06 -4.94
CA GLU A 28 8.15 10.66 -6.26
C GLU A 28 8.53 9.18 -6.26
N GLY A 29 9.14 8.76 -5.16
CA GLY A 29 9.54 7.37 -5.02
C GLY A 29 8.34 6.44 -4.93
N LEU A 30 7.32 6.91 -4.21
CA LEU A 30 6.11 6.13 -4.04
C LEU A 30 5.34 6.12 -5.35
N ALA A 31 5.06 7.30 -5.87
CA ALA A 31 4.34 7.44 -7.12
C ALA A 31 5.07 6.66 -8.22
N PHE A 32 6.34 6.37 -7.95
CA PHE A 32 7.16 5.65 -8.90
C PHE A 32 6.61 4.24 -9.15
N TRP A 33 5.80 3.79 -8.19
CA TRP A 33 5.20 2.47 -8.30
C TRP A 33 3.74 2.59 -7.86
N PHE A 34 3.54 3.21 -6.71
CA PHE A 34 2.21 3.39 -6.17
C PHE A 34 1.40 4.37 -7.03
N MET A 35 1.50 5.65 -6.67
CA MET A 35 0.80 6.68 -7.40
C MET A 35 1.23 8.07 -6.94
N GLU A 36 0.87 9.07 -7.74
CA GLU A 36 1.22 10.44 -7.42
C GLU A 36 0.64 10.84 -6.06
N ASN A 37 1.43 11.60 -5.32
CA ASN A 37 1.00 12.06 -4.00
C ASN A 37 1.96 13.15 -3.51
N ASP A 38 1.69 13.61 -2.31
CA ASP A 38 2.52 14.66 -1.72
C ASP A 38 3.02 14.18 -0.35
N LEU A 39 3.02 12.87 -0.17
CA LEU A 39 3.47 12.27 1.07
C LEU A 39 4.91 12.71 1.34
N LYS A 40 5.27 12.72 2.63
CA LYS A 40 6.61 13.10 3.03
C LYS A 40 7.02 12.31 4.27
N ALA A 41 6.37 11.17 4.44
CA ALA A 41 6.64 10.32 5.58
C ALA A 41 6.58 11.14 6.87
N GLU A 42 5.38 11.63 7.15
CA GLU A 42 5.17 12.43 8.35
C GLU A 42 3.79 12.12 8.96
N THR A 43 3.82 11.81 10.25
CA THR A 43 2.59 11.48 10.96
C THR A 43 1.69 12.71 11.04
N GLY A 44 0.39 12.46 10.96
CA GLY A 44 -0.59 13.53 11.02
C GLY A 44 -0.42 14.50 9.85
N HIS A 45 0.04 13.95 8.73
CA HIS A 45 0.25 14.75 7.53
C HIS A 45 -1.04 14.79 6.72
N HIS A 46 -1.03 15.64 5.70
CA HIS A 46 -2.19 15.79 4.83
C HIS A 46 -1.73 15.89 3.37
N PHE A 47 -1.95 14.81 2.64
CA PHE A 47 -1.57 14.77 1.24
C PHE A 47 -2.68 14.14 0.39
N HIS A 48 -2.86 14.71 -0.79
CA HIS A 48 -3.88 14.22 -1.71
C HIS A 48 -3.30 13.08 -2.55
N LEU A 49 -4.20 12.40 -3.25
CA LEU A 49 -3.80 11.29 -4.11
C LEU A 49 -4.47 11.43 -5.47
N GLN A 50 -3.64 11.49 -6.50
CA GLN A 50 -4.15 11.61 -7.86
C GLN A 50 -4.25 10.24 -8.52
N SER A 51 -5.30 9.52 -8.14
CA SER A 51 -5.52 8.19 -8.69
C SER A 51 -6.36 8.28 -9.96
N PRO A 52 -6.35 7.17 -10.75
CA PRO A 52 -7.09 7.12 -11.99
C PRO A 52 -8.59 6.94 -11.73
N PHE A 53 -8.89 6.66 -10.47
CA PHE A 53 -10.28 6.45 -10.06
C PHE A 53 -10.79 7.64 -9.26
N GLY A 54 -10.32 8.82 -9.63
CA GLY A 54 -10.72 10.04 -8.96
C GLY A 54 -9.76 10.39 -7.81
N PRO A 55 -9.63 11.70 -7.55
CA PRO A 55 -8.76 12.18 -6.48
C PRO A 55 -9.37 11.92 -5.11
N SER A 56 -8.51 11.52 -4.18
CA SER A 56 -8.96 11.24 -2.83
C SER A 56 -7.92 11.74 -1.82
N PRO A 57 -8.43 12.39 -0.74
CA PRO A 57 -7.56 12.92 0.29
C PRO A 57 -7.02 11.80 1.18
N CYS A 58 -5.70 11.71 1.24
CA CYS A 58 -5.05 10.69 2.05
C CYS A 58 -4.52 11.35 3.33
N GLN A 59 -4.27 10.52 4.33
CA GLN A 59 -3.75 11.01 5.59
C GLN A 59 -2.91 9.94 6.28
N VAL A 60 -1.77 10.37 6.79
CA VAL A 60 -0.86 9.45 7.46
C VAL A 60 -1.31 9.28 8.91
N THR A 61 -1.17 8.05 9.40
CA THR A 61 -1.56 7.74 10.76
C THR A 61 -0.32 7.46 11.62
N ASP A 62 0.71 6.93 10.97
CA ASP A 62 1.95 6.62 11.66
C ASP A 62 3.07 6.46 10.62
N VAL A 63 4.24 6.98 10.98
CA VAL A 63 5.39 6.91 10.09
C VAL A 63 6.64 7.30 10.88
N GLU A 64 7.48 6.29 11.12
CA GLU A 64 8.72 6.51 11.86
C GLU A 64 9.75 5.45 11.47
N ARG A 65 10.71 5.86 10.68
CA ARG A 65 11.77 4.97 10.24
C ARG A 65 11.18 3.79 9.48
N PRO A 66 12.08 3.00 8.83
CA PRO A 66 11.65 1.83 8.08
C PRO A 66 11.26 0.69 9.01
N ILE A 67 10.14 0.87 9.68
CA ILE A 67 9.64 -0.14 10.60
C ILE A 67 8.11 -0.12 10.60
N LYS A 68 7.57 1.08 10.70
CA LYS A 68 6.12 1.26 10.72
C LYS A 68 5.75 2.40 9.77
N LEU A 69 4.72 2.14 8.97
CA LEU A 69 4.26 3.14 8.02
C LEU A 69 2.80 2.84 7.65
N SER A 70 1.94 3.83 7.88
CA SER A 70 0.53 3.68 7.58
C SER A 70 -0.01 4.99 6.99
N PHE A 71 -0.99 4.84 6.11
CA PHE A 71 -1.61 5.99 5.48
C PHE A 71 -3.03 5.66 4.99
N THR A 72 -3.93 6.58 5.27
CA THR A 72 -5.32 6.40 4.88
C THR A 72 -5.54 6.88 3.45
N TRP A 73 -6.45 6.22 2.76
CA TRP A 73 -6.76 6.56 1.37
C TRP A 73 -8.22 6.18 1.11
N ASP A 74 -8.91 7.09 0.44
CA ASP A 74 -10.32 6.86 0.11
C ASP A 74 -11.19 7.38 1.25
N THR A 75 -10.68 7.23 2.47
CA THR A 75 -11.40 7.68 3.65
C THR A 75 -12.86 7.23 3.58
N ASP A 76 -13.06 5.94 3.84
CA ASP A 76 -14.40 5.38 3.81
C ASP A 76 -14.39 4.03 4.53
N GLY A 77 -13.47 3.17 4.12
CA GLY A 77 -13.35 1.86 4.71
C GLY A 77 -12.22 1.06 4.04
N TRP A 78 -11.16 1.77 3.69
CA TRP A 78 -10.02 1.15 3.05
C TRP A 78 -8.75 1.79 3.61
N SER A 79 -7.89 0.96 4.17
CA SER A 79 -6.64 1.43 4.74
C SER A 79 -5.54 0.38 4.54
N VAL A 80 -4.38 0.86 4.13
CA VAL A 80 -3.25 -0.01 3.91
C VAL A 80 -2.11 0.36 4.85
N THR A 81 -1.39 -0.65 5.31
CA THR A 81 -0.28 -0.43 6.22
C THR A 81 0.98 -1.10 5.69
N PHE A 82 2.08 -0.37 5.78
CA PHE A 82 3.36 -0.88 5.31
C PHE A 82 4.28 -1.24 6.49
N HIS A 83 5.18 -2.18 6.23
CA HIS A 83 6.10 -2.62 7.25
C HIS A 83 7.44 -3.00 6.60
N LEU A 84 8.48 -2.31 7.03
CA LEU A 84 9.81 -2.57 6.50
C LEU A 84 10.72 -3.06 7.63
N LYS A 85 11.76 -3.78 7.24
CA LYS A 85 12.71 -4.32 8.20
C LYS A 85 13.91 -4.91 7.45
N GLU A 86 15.07 -4.33 7.70
CA GLU A 86 16.29 -4.79 7.06
C GLU A 86 16.57 -6.25 7.44
N GLU A 87 16.98 -7.01 6.45
CA GLU A 87 17.28 -8.42 6.65
C GLU A 87 18.79 -8.67 6.51
N GLU A 88 19.15 -9.94 6.58
CA GLU A 88 20.55 -10.32 6.45
C GLU A 88 21.25 -9.47 5.40
N ASN A 89 20.94 -9.79 4.15
CA ASN A 89 21.53 -9.06 3.03
C ASN A 89 20.42 -8.61 2.08
N GLY A 90 19.44 -7.93 2.65
CA GLY A 90 18.32 -7.44 1.87
C GLY A 90 17.29 -6.75 2.76
N THR A 91 16.28 -6.17 2.12
CA THR A 91 15.23 -5.48 2.83
C THR A 91 13.91 -6.24 2.74
N ILE A 92 13.19 -6.25 3.84
CA ILE A 92 11.90 -6.94 3.89
C ILE A 92 10.77 -5.93 3.73
N PHE A 93 9.83 -6.27 2.86
CA PHE A 93 8.69 -5.40 2.60
C PHE A 93 7.38 -6.15 2.79
N THR A 94 6.62 -5.71 3.78
CA THR A 94 5.34 -6.33 4.08
C THR A 94 4.21 -5.31 3.93
N ILE A 95 3.12 -5.76 3.30
CA ILE A 95 1.97 -4.90 3.09
C ILE A 95 0.77 -5.49 3.83
N VAL A 96 -0.07 -4.59 4.32
CA VAL A 96 -1.27 -5.00 5.05
C VAL A 96 -2.43 -4.08 4.66
N HIS A 97 -3.38 -4.65 3.93
CA HIS A 97 -4.54 -3.90 3.50
C HIS A 97 -5.82 -4.67 3.88
N SER A 98 -6.59 -4.06 4.77
CA SER A 98 -7.82 -4.66 5.23
C SER A 98 -9.01 -3.75 4.89
N GLY A 99 -10.20 -4.26 5.16
CA GLY A 99 -11.42 -3.50 4.90
C GLY A 99 -12.28 -4.22 3.86
N TRP A 100 -12.58 -5.47 4.15
CA TRP A 100 -13.41 -6.28 3.27
C TRP A 100 -14.38 -7.10 4.11
N LYS A 101 -15.38 -7.64 3.45
CA LYS A 101 -16.38 -8.45 4.14
C LYS A 101 -16.29 -9.89 3.64
N GLN A 102 -17.28 -10.68 4.02
CA GLN A 102 -17.33 -12.08 3.62
C GLN A 102 -17.30 -12.20 2.10
N GLY A 103 -16.72 -13.28 1.63
CA GLY A 103 -16.63 -13.53 0.20
C GLY A 103 -17.98 -13.94 -0.38
N ASP A 104 -18.82 -12.93 -0.59
CA ASP A 104 -20.15 -13.16 -1.13
C ASP A 104 -20.79 -11.82 -1.49
N THR A 105 -20.84 -10.94 -0.51
CA THR A 105 -21.41 -9.62 -0.70
C THR A 105 -20.88 -8.99 -1.99
N LYS A 106 -21.43 -7.83 -2.32
CA LYS A 106 -21.02 -7.12 -3.51
C LYS A 106 -20.82 -5.64 -3.17
N VAL A 107 -20.00 -4.98 -3.99
CA VAL A 107 -19.72 -3.58 -3.79
C VAL A 107 -20.64 -2.74 -4.68
N GLU A 108 -21.38 -1.84 -4.04
CA GLU A 108 -22.30 -0.98 -4.76
C GLU A 108 -21.61 0.32 -5.16
N LYS A 109 -20.56 0.18 -5.96
CA LYS A 109 -19.81 1.33 -6.43
C LYS A 109 -18.85 0.90 -7.54
N ALA A 110 -17.77 0.25 -7.13
CA ALA A 110 -16.78 -0.23 -8.09
C ALA A 110 -17.49 -0.85 -9.29
N GLY A 111 -18.07 -2.01 -9.05
CA GLY A 111 -18.78 -2.72 -10.10
C GLY A 111 -18.83 -4.22 -9.82
N ALA A 112 -17.65 -4.80 -9.63
CA ALA A 112 -17.55 -6.22 -9.35
C ALA A 112 -17.71 -6.45 -7.85
N GLU A 113 -17.94 -7.70 -7.49
CA GLU A 113 -18.12 -8.08 -6.10
C GLU A 113 -16.84 -7.80 -5.31
N SER A 114 -16.95 -7.93 -3.99
CA SER A 114 -15.82 -7.69 -3.12
C SER A 114 -14.79 -8.82 -3.28
N ALA A 115 -15.29 -9.97 -3.70
CA ALA A 115 -14.43 -11.13 -3.90
C ALA A 115 -13.58 -10.92 -5.15
N VAL A 116 -14.26 -10.55 -6.24
CA VAL A 116 -13.57 -10.31 -7.50
C VAL A 116 -12.60 -9.15 -7.33
N VAL A 117 -13.09 -8.09 -6.70
CA VAL A 117 -12.28 -6.92 -6.48
C VAL A 117 -11.12 -7.27 -5.53
N HIS A 118 -11.47 -7.94 -4.44
CA HIS A 118 -10.48 -8.34 -3.46
C HIS A 118 -9.33 -9.07 -4.16
N GLU A 119 -9.70 -10.07 -4.95
CA GLU A 119 -8.72 -10.84 -5.67
C GLU A 119 -7.96 -9.95 -6.66
N ARG A 120 -8.72 -9.20 -7.44
CA ARG A 120 -8.14 -8.31 -8.42
C ARG A 120 -7.14 -7.36 -7.76
N MET A 121 -7.66 -6.56 -6.84
CA MET A 121 -6.83 -5.61 -6.12
C MET A 121 -5.66 -6.32 -5.42
N ASP A 122 -6.00 -7.41 -4.74
CA ASP A 122 -4.99 -8.18 -4.02
C ASP A 122 -3.83 -8.49 -4.97
N ARG A 123 -4.17 -9.07 -6.11
CA ARG A 123 -3.17 -9.43 -7.09
C ARG A 123 -2.39 -8.19 -7.54
N GLY A 124 -3.15 -7.15 -7.84
CA GLY A 124 -2.56 -5.90 -8.29
C GLY A 124 -1.64 -5.31 -7.20
N TRP A 125 -2.06 -5.49 -5.96
CA TRP A 125 -1.30 -4.98 -4.84
C TRP A 125 0.03 -5.74 -4.79
N HIS A 126 -0.08 -7.06 -4.78
CA HIS A 126 1.10 -7.90 -4.75
C HIS A 126 1.98 -7.62 -5.98
N ASP A 127 1.35 -7.75 -7.14
CA ASP A 127 2.06 -7.51 -8.39
C ASP A 127 2.73 -6.14 -8.35
N LEU A 128 2.02 -5.20 -7.74
CA LEU A 128 2.54 -3.84 -7.62
C LEU A 128 3.74 -3.83 -6.67
N VAL A 129 3.68 -4.72 -5.69
CA VAL A 129 4.75 -4.83 -4.72
C VAL A 129 5.55 -6.11 -4.98
N ASN A 130 5.65 -6.46 -6.25
CA ASN A 130 6.38 -7.65 -6.65
C ASN A 130 7.51 -7.26 -7.59
N GLU A 131 7.13 -6.62 -8.69
CA GLU A 131 8.11 -6.19 -9.68
C GLU A 131 8.15 -4.66 -9.76
N ARG A 132 6.98 -4.08 -9.99
CA ARG A 132 6.86 -2.64 -10.09
C ARG A 132 7.75 -1.96 -9.04
N LEU A 133 7.44 -2.25 -7.78
CA LEU A 133 8.20 -1.69 -6.67
C LEU A 133 9.65 -2.16 -6.75
N ARG A 134 9.79 -3.46 -7.03
CA ARG A 134 11.12 -4.05 -7.13
C ARG A 134 11.98 -3.26 -8.13
N GLN A 135 11.33 -2.79 -9.17
CA GLN A 135 12.02 -2.02 -10.20
C GLN A 135 12.50 -0.68 -9.62
N ILE A 136 11.78 -0.22 -8.62
CA ILE A 136 12.12 1.04 -7.97
C ILE A 136 13.47 0.90 -7.27
N VAL A 137 13.81 -0.34 -6.95
CA VAL A 137 15.07 -0.61 -6.29
C VAL A 137 15.98 -1.41 -7.24
N GLU A 138 15.37 -1.90 -8.30
CA GLU A 138 16.11 -2.68 -9.29
C GLU A 138 16.15 -1.94 -10.62
N MET A 1 -21.93 -13.63 4.49
CA MET A 1 -21.16 -14.86 4.56
C MET A 1 -19.76 -14.60 5.11
N THR A 2 -19.01 -15.68 5.29
CA THR A 2 -17.66 -15.58 5.81
C THR A 2 -16.94 -14.39 5.20
N ARG A 3 -16.73 -13.37 6.01
CA ARG A 3 -16.06 -12.17 5.56
C ARG A 3 -14.75 -12.53 4.85
N LEU A 4 -14.21 -11.54 4.15
CA LEU A 4 -12.96 -11.75 3.43
C LEU A 4 -11.78 -11.46 4.35
N PRO A 5 -10.68 -12.23 4.12
CA PRO A 5 -9.47 -12.07 4.93
C PRO A 5 -8.72 -10.79 4.56
N ASP A 6 -7.60 -10.58 5.24
CA ASP A 6 -6.80 -9.40 4.99
C ASP A 6 -5.82 -9.70 3.84
N ILE A 7 -5.61 -8.69 3.01
CA ILE A 7 -4.72 -8.82 1.87
C ILE A 7 -3.29 -8.54 2.33
N LYS A 8 -2.76 -9.44 3.13
CA LYS A 8 -1.40 -9.29 3.64
C LYS A 8 -0.43 -10.05 2.73
N LYS A 9 0.54 -9.30 2.21
CA LYS A 9 1.53 -9.89 1.33
C LYS A 9 2.92 -9.47 1.78
N GLU A 10 3.92 -10.15 1.24
CA GLU A 10 5.30 -9.86 1.58
C GLU A 10 6.22 -10.13 0.38
N VAL A 11 7.31 -9.37 0.32
CA VAL A 11 8.26 -9.52 -0.76
C VAL A 11 9.66 -9.21 -0.24
N ARG A 12 10.65 -9.74 -0.94
CA ARG A 12 12.04 -9.53 -0.57
C ARG A 12 12.84 -8.97 -1.75
N PHE A 13 13.32 -7.76 -1.59
CA PHE A 13 14.09 -7.10 -2.63
C PHE A 13 15.54 -6.87 -2.18
N ASN A 14 16.45 -6.97 -3.13
CA ASN A 14 17.86 -6.77 -2.84
C ASN A 14 18.22 -5.30 -3.06
N ALA A 15 18.48 -4.61 -1.96
CA ALA A 15 18.83 -3.20 -2.01
C ALA A 15 18.90 -2.64 -0.59
N PRO A 16 19.46 -1.41 -0.48
CA PRO A 16 19.59 -0.76 0.81
C PRO A 16 18.23 -0.22 1.29
N ILE A 17 17.86 -0.67 2.48
CA ILE A 17 16.60 -0.25 3.07
C ILE A 17 16.50 1.28 3.02
N GLU A 18 17.67 1.91 3.05
CA GLU A 18 17.73 3.37 3.01
C GLU A 18 17.10 3.89 1.72
N LYS A 19 17.13 3.04 0.70
CA LYS A 19 16.58 3.41 -0.59
C LYS A 19 15.07 3.14 -0.59
N VAL A 20 14.72 1.90 -0.28
CA VAL A 20 13.32 1.51 -0.24
C VAL A 20 12.57 2.41 0.73
N TRP A 21 13.19 2.62 1.89
CA TRP A 21 12.59 3.45 2.92
C TRP A 21 12.25 4.81 2.29
N GLU A 22 13.26 5.41 1.68
CA GLU A 22 13.07 6.71 1.04
C GLU A 22 12.15 6.57 -0.18
N ALA A 23 12.12 5.36 -0.71
CA ALA A 23 11.29 5.08 -1.88
C ALA A 23 9.85 4.85 -1.42
N VAL A 24 9.69 4.72 -0.11
CA VAL A 24 8.38 4.50 0.46
C VAL A 24 8.06 5.61 1.46
N SER A 25 8.95 6.60 1.50
CA SER A 25 8.77 7.73 2.39
C SER A 25 8.43 8.98 1.60
N THR A 26 8.94 9.04 0.38
CA THR A 26 8.69 10.17 -0.50
C THR A 26 7.56 9.86 -1.48
N SER A 27 7.07 10.91 -2.13
CA SER A 27 6.00 10.75 -3.09
C SER A 27 6.54 10.22 -4.42
N GLU A 28 7.54 10.92 -4.93
CA GLU A 28 8.16 10.53 -6.18
C GLU A 28 8.57 9.06 -6.14
N GLY A 29 9.09 8.65 -4.99
CA GLY A 29 9.53 7.28 -4.81
C GLY A 29 8.34 6.33 -4.75
N LEU A 30 7.26 6.82 -4.16
CA LEU A 30 6.05 6.03 -4.04
C LEU A 30 5.34 5.98 -5.39
N ALA A 31 4.96 7.16 -5.87
CA ALA A 31 4.28 7.26 -7.14
C ALA A 31 5.04 6.44 -8.20
N PHE A 32 6.31 6.23 -7.93
CA PHE A 32 7.15 5.47 -8.84
C PHE A 32 6.60 4.05 -9.03
N TRP A 33 5.78 3.63 -8.08
CA TRP A 33 5.18 2.32 -8.14
C TRP A 33 3.73 2.43 -7.68
N PHE A 34 3.55 3.09 -6.55
CA PHE A 34 2.22 3.28 -5.99
C PHE A 34 1.38 4.21 -6.88
N MET A 35 1.44 5.50 -6.55
CA MET A 35 0.70 6.49 -7.29
C MET A 35 1.14 7.91 -6.92
N GLU A 36 0.70 8.87 -7.72
CA GLU A 36 1.04 10.26 -7.48
C GLU A 36 0.47 10.72 -6.14
N ASN A 37 1.30 11.44 -5.39
CA ASN A 37 0.89 11.95 -4.10
C ASN A 37 1.89 13.01 -3.63
N ASP A 38 1.68 13.47 -2.40
CA ASP A 38 2.55 14.49 -1.84
C ASP A 38 2.99 14.04 -0.44
N LEU A 39 3.12 12.73 -0.28
CA LEU A 39 3.53 12.18 0.99
C LEU A 39 4.98 12.60 1.29
N LYS A 40 5.27 12.71 2.58
CA LYS A 40 6.61 13.10 3.01
C LYS A 40 6.92 12.44 4.35
N ALA A 41 6.39 11.24 4.52
CA ALA A 41 6.59 10.50 5.75
C ALA A 41 6.47 11.45 6.94
N GLU A 42 5.24 11.92 7.17
CA GLU A 42 4.97 12.83 8.26
C GLU A 42 3.55 12.63 8.78
N THR A 43 3.45 12.09 9.98
CA THR A 43 2.16 11.85 10.59
C THR A 43 1.32 13.13 10.59
N GLY A 44 0.05 12.98 10.28
CA GLY A 44 -0.86 14.11 10.24
C GLY A 44 -0.53 15.05 9.07
N HIS A 45 -0.09 14.44 7.98
CA HIS A 45 0.27 15.21 6.80
C HIS A 45 -0.72 14.90 5.67
N HIS A 46 -1.97 15.26 5.90
CA HIS A 46 -3.02 15.02 4.93
C HIS A 46 -2.48 15.34 3.52
N PHE A 47 -2.24 14.28 2.77
CA PHE A 47 -1.73 14.43 1.42
C PHE A 47 -2.76 13.95 0.39
N HIS A 48 -2.85 14.69 -0.71
CA HIS A 48 -3.78 14.35 -1.77
C HIS A 48 -3.27 13.13 -2.53
N LEU A 49 -4.15 12.56 -3.33
CA LEU A 49 -3.80 11.38 -4.12
C LEU A 49 -4.41 11.51 -5.52
N GLN A 50 -3.54 11.59 -6.51
CA GLN A 50 -3.97 11.71 -7.89
C GLN A 50 -4.20 10.33 -8.50
N SER A 51 -5.33 9.74 -8.14
CA SER A 51 -5.68 8.42 -8.65
C SER A 51 -6.47 8.56 -9.95
N PRO A 52 -6.64 7.39 -10.65
CA PRO A 52 -7.38 7.37 -11.89
C PRO A 52 -8.89 7.48 -11.65
N PHE A 53 -9.33 6.83 -10.58
CA PHE A 53 -10.74 6.85 -10.23
C PHE A 53 -11.08 8.10 -9.41
N GLY A 54 -10.59 9.23 -9.89
CA GLY A 54 -10.84 10.50 -9.20
C GLY A 54 -9.84 10.72 -8.08
N PRO A 55 -9.59 12.02 -7.78
CA PRO A 55 -8.65 12.37 -6.73
C PRO A 55 -9.26 12.14 -5.34
N SER A 56 -8.46 11.56 -4.46
CA SER A 56 -8.90 11.28 -3.11
C SER A 56 -7.86 11.74 -2.11
N PRO A 57 -8.35 12.44 -1.05
CA PRO A 57 -7.46 12.94 -0.01
C PRO A 57 -7.00 11.81 0.91
N CYS A 58 -5.69 11.77 1.13
CA CYS A 58 -5.11 10.75 1.99
C CYS A 58 -4.53 11.43 3.23
N GLN A 59 -4.22 10.62 4.23
CA GLN A 59 -3.65 11.13 5.47
C GLN A 59 -2.80 10.06 6.14
N VAL A 60 -1.76 10.53 6.83
CA VAL A 60 -0.86 9.63 7.52
C VAL A 60 -1.28 9.51 8.99
N THR A 61 -1.20 8.30 9.50
CA THR A 61 -1.56 8.05 10.89
C THR A 61 -0.32 7.70 11.71
N ASP A 62 0.61 7.01 11.07
CA ASP A 62 1.84 6.63 11.73
C ASP A 62 2.96 6.52 10.69
N VAL A 63 4.10 7.13 11.01
CA VAL A 63 5.24 7.10 10.12
C VAL A 63 6.51 7.43 10.92
N GLU A 64 7.35 6.41 11.08
CA GLU A 64 8.59 6.58 11.81
C GLU A 64 9.62 5.54 11.35
N ARG A 65 10.57 6.01 10.56
CA ARG A 65 11.61 5.12 10.05
C ARG A 65 10.99 3.92 9.34
N PRO A 66 11.87 3.17 8.61
CA PRO A 66 11.41 2.00 7.89
C PRO A 66 11.15 0.83 8.84
N ILE A 67 10.07 0.95 9.59
CA ILE A 67 9.69 -0.08 10.54
C ILE A 67 8.17 -0.18 10.60
N LYS A 68 7.53 0.97 10.68
CA LYS A 68 6.08 1.01 10.75
C LYS A 68 5.58 2.24 9.97
N LEU A 69 4.86 1.97 8.89
CA LEU A 69 4.33 3.03 8.06
C LEU A 69 2.86 2.73 7.75
N SER A 70 2.03 3.75 7.94
CA SER A 70 0.60 3.60 7.68
C SER A 70 0.05 4.91 7.09
N PHE A 71 -1.00 4.76 6.30
CA PHE A 71 -1.64 5.91 5.68
C PHE A 71 -3.09 5.61 5.30
N THR A 72 -3.94 6.58 5.52
CA THR A 72 -5.35 6.43 5.20
C THR A 72 -5.61 6.78 3.74
N TRP A 73 -6.47 5.99 3.12
CA TRP A 73 -6.82 6.20 1.72
C TRP A 73 -8.14 6.97 1.67
N ASP A 74 -8.13 8.05 0.91
CA ASP A 74 -9.32 8.88 0.77
C ASP A 74 -9.76 9.35 2.15
N THR A 75 -10.67 10.32 2.13
CA THR A 75 -11.20 10.87 3.37
C THR A 75 -11.61 9.75 4.32
N ASP A 76 -12.07 8.66 3.73
CA ASP A 76 -12.50 7.52 4.51
C ASP A 76 -12.91 6.38 3.56
N GLY A 77 -12.12 5.33 3.57
CA GLY A 77 -12.39 4.17 2.72
C GLY A 77 -11.64 2.93 3.22
N TRP A 78 -10.46 2.74 2.67
CA TRP A 78 -9.63 1.60 3.05
C TRP A 78 -8.34 2.14 3.66
N SER A 79 -7.70 1.28 4.44
CA SER A 79 -6.46 1.65 5.10
C SER A 79 -5.42 0.54 4.93
N VAL A 80 -4.23 0.94 4.51
CA VAL A 80 -3.15 -0.01 4.31
C VAL A 80 -1.95 0.39 5.17
N THR A 81 -1.25 -0.62 5.67
CA THR A 81 -0.08 -0.39 6.51
C THR A 81 1.13 -1.13 5.95
N PHE A 82 2.25 -0.42 5.92
CA PHE A 82 3.48 -1.00 5.42
C PHE A 82 4.42 -1.41 6.56
N HIS A 83 5.22 -2.43 6.30
CA HIS A 83 6.16 -2.91 7.30
C HIS A 83 7.50 -3.23 6.64
N LEU A 84 8.51 -2.47 7.04
CA LEU A 84 9.84 -2.66 6.49
C LEU A 84 10.77 -3.19 7.59
N LYS A 85 11.80 -3.89 7.15
CA LYS A 85 12.77 -4.45 8.09
C LYS A 85 13.95 -5.03 7.30
N GLU A 86 15.10 -4.42 7.51
CA GLU A 86 16.31 -4.86 6.83
C GLU A 86 16.68 -6.28 7.27
N GLU A 87 17.12 -7.07 6.31
CA GLU A 87 17.50 -8.45 6.58
C GLU A 87 19.01 -8.63 6.37
N GLU A 88 19.43 -9.88 6.36
CA GLU A 88 20.84 -10.21 6.18
C GLU A 88 21.43 -9.36 5.05
N ASN A 89 21.09 -9.74 3.83
CA ASN A 89 21.58 -9.02 2.66
C ASN A 89 20.40 -8.65 1.77
N GLY A 90 19.49 -7.88 2.33
CA GLY A 90 18.31 -7.43 1.61
C GLY A 90 17.32 -6.73 2.53
N THR A 91 16.26 -6.21 1.93
CA THR A 91 15.24 -5.51 2.69
C THR A 91 13.90 -6.26 2.60
N ILE A 92 13.21 -6.30 3.73
CA ILE A 92 11.92 -6.98 3.79
C ILE A 92 10.80 -5.94 3.72
N PHE A 93 9.79 -6.26 2.92
CA PHE A 93 8.65 -5.37 2.75
C PHE A 93 7.33 -6.14 2.86
N THR A 94 6.55 -5.77 3.86
CA THR A 94 5.27 -6.41 4.09
C THR A 94 4.13 -5.39 3.96
N ILE A 95 3.15 -5.75 3.13
CA ILE A 95 2.01 -4.87 2.92
C ILE A 95 0.78 -5.49 3.57
N VAL A 96 -0.03 -4.63 4.17
CA VAL A 96 -1.25 -5.08 4.83
C VAL A 96 -2.41 -4.18 4.41
N HIS A 97 -3.45 -4.82 3.90
CA HIS A 97 -4.63 -4.09 3.47
C HIS A 97 -5.88 -4.69 4.10
N SER A 98 -6.71 -3.82 4.65
CA SER A 98 -7.94 -4.25 5.30
C SER A 98 -9.05 -3.22 5.06
N GLY A 99 -10.28 -3.69 5.19
CA GLY A 99 -11.43 -2.83 5.00
C GLY A 99 -12.31 -3.33 3.84
N TRP A 100 -12.86 -4.52 4.03
CA TRP A 100 -13.71 -5.11 3.02
C TRP A 100 -15.03 -5.51 3.70
N LYS A 101 -15.91 -6.09 2.91
CA LYS A 101 -17.21 -6.52 3.40
C LYS A 101 -17.34 -8.04 3.25
N GLN A 102 -18.54 -8.52 3.47
CA GLN A 102 -18.81 -9.95 3.36
C GLN A 102 -18.48 -10.44 1.95
N GLY A 103 -18.33 -11.75 1.84
CA GLY A 103 -18.00 -12.36 0.56
C GLY A 103 -19.28 -12.63 -0.25
N ASP A 104 -19.88 -11.54 -0.73
CA ASP A 104 -21.10 -11.64 -1.51
C ASP A 104 -21.46 -10.26 -2.05
N THR A 105 -21.46 -9.29 -1.14
CA THR A 105 -21.79 -7.92 -1.51
C THR A 105 -21.08 -7.52 -2.80
N LYS A 106 -21.56 -6.45 -3.40
CA LYS A 106 -20.98 -5.95 -4.64
C LYS A 106 -20.58 -4.49 -4.46
N VAL A 107 -19.54 -4.10 -5.19
CA VAL A 107 -19.06 -2.73 -5.13
C VAL A 107 -19.90 -1.84 -6.03
N GLU A 108 -20.85 -1.16 -5.42
CA GLU A 108 -21.74 -0.27 -6.17
C GLU A 108 -20.97 0.97 -6.64
N LYS A 109 -19.98 0.73 -7.47
CA LYS A 109 -19.17 1.81 -8.00
C LYS A 109 -18.32 1.29 -9.16
N ALA A 110 -17.46 0.32 -8.84
CA ALA A 110 -16.60 -0.26 -9.85
C ALA A 110 -17.43 -1.15 -10.77
N GLY A 111 -18.02 -2.19 -10.17
CA GLY A 111 -18.84 -3.12 -10.92
C GLY A 111 -18.67 -4.54 -10.40
N ALA A 112 -17.41 -4.95 -10.29
CA ALA A 112 -17.10 -6.28 -9.80
C ALA A 112 -17.54 -6.40 -8.34
N GLU A 113 -17.58 -7.64 -7.86
CA GLU A 113 -17.97 -7.90 -6.49
C GLU A 113 -16.77 -7.81 -5.56
N SER A 114 -17.06 -7.68 -4.27
CA SER A 114 -16.02 -7.56 -3.27
C SER A 114 -15.01 -8.70 -3.44
N ALA A 115 -15.53 -9.86 -3.83
CA ALA A 115 -14.69 -11.03 -4.02
C ALA A 115 -13.78 -10.80 -5.24
N VAL A 116 -14.41 -10.48 -6.36
CA VAL A 116 -13.68 -10.23 -7.58
C VAL A 116 -12.66 -9.10 -7.34
N VAL A 117 -13.15 -8.04 -6.73
CA VAL A 117 -12.30 -6.89 -6.44
C VAL A 117 -11.22 -7.31 -5.44
N HIS A 118 -11.65 -7.98 -4.39
CA HIS A 118 -10.73 -8.45 -3.37
C HIS A 118 -9.53 -9.15 -4.03
N GLU A 119 -9.85 -10.09 -4.91
CA GLU A 119 -8.81 -10.84 -5.60
C GLU A 119 -8.09 -9.93 -6.60
N ARG A 120 -8.88 -9.20 -7.37
CA ARG A 120 -8.34 -8.29 -8.36
C ARG A 120 -7.31 -7.35 -7.71
N MET A 121 -7.81 -6.53 -6.81
CA MET A 121 -6.96 -5.58 -6.12
C MET A 121 -5.83 -6.30 -5.38
N ASP A 122 -6.14 -7.47 -4.88
CA ASP A 122 -5.17 -8.27 -4.15
C ASP A 122 -4.04 -8.66 -5.11
N ARG A 123 -4.43 -9.25 -6.23
CA ARG A 123 -3.46 -9.68 -7.22
C ARG A 123 -2.50 -8.53 -7.56
N GLY A 124 -3.08 -7.46 -8.06
CA GLY A 124 -2.30 -6.29 -8.44
C GLY A 124 -1.49 -5.77 -7.25
N TRP A 125 -2.04 -5.98 -6.06
CA TRP A 125 -1.39 -5.54 -4.84
C TRP A 125 -0.03 -6.24 -4.75
N HIS A 126 -0.06 -7.55 -4.96
CA HIS A 126 1.16 -8.34 -4.91
C HIS A 126 2.05 -7.97 -6.09
N ASP A 127 1.46 -7.99 -7.27
CA ASP A 127 2.20 -7.67 -8.48
C ASP A 127 2.85 -6.29 -8.33
N LEU A 128 2.14 -5.42 -7.61
CA LEU A 128 2.63 -4.07 -7.37
C LEU A 128 3.89 -4.13 -6.50
N VAL A 129 3.74 -4.79 -5.36
CA VAL A 129 4.84 -4.93 -4.43
C VAL A 129 5.60 -6.23 -4.73
N ASN A 130 5.74 -6.51 -6.02
CA ASN A 130 6.43 -7.70 -6.45
C ASN A 130 7.64 -7.30 -7.31
N GLU A 131 7.32 -6.69 -8.45
CA GLU A 131 8.36 -6.25 -9.37
C GLU A 131 8.25 -4.75 -9.62
N ARG A 132 7.01 -4.29 -9.73
CA ARG A 132 6.75 -2.88 -9.96
C ARG A 132 7.48 -2.02 -8.93
N LEU A 133 7.52 -2.53 -7.71
CA LEU A 133 8.18 -1.82 -6.63
C LEU A 133 9.68 -2.10 -6.67
N ARG A 134 10.00 -3.39 -6.85
CA ARG A 134 11.39 -3.80 -6.92
C ARG A 134 12.13 -3.02 -8.00
N GLN A 135 11.41 -2.70 -9.06
CA GLN A 135 11.97 -1.95 -10.17
C GLN A 135 12.38 -0.54 -9.71
N ILE A 136 11.93 -0.20 -8.51
CA ILE A 136 12.23 1.11 -7.95
C ILE A 136 13.64 1.08 -7.35
N VAL A 137 14.07 -0.11 -6.96
CA VAL A 137 15.38 -0.29 -6.37
C VAL A 137 16.27 -1.06 -7.34
N GLU A 138 15.63 -1.81 -8.23
CA GLU A 138 16.34 -2.60 -9.20
C GLU A 138 16.43 -1.84 -10.53
N MET A 1 -20.41 -16.05 7.73
CA MET A 1 -19.10 -16.12 7.10
C MET A 1 -18.00 -15.81 8.11
N THR A 2 -16.77 -15.83 7.62
CA THR A 2 -15.61 -15.56 8.45
C THR A 2 -14.88 -14.30 7.96
N ARG A 3 -15.67 -13.28 7.63
CA ARG A 3 -15.11 -12.04 7.14
C ARG A 3 -14.19 -12.29 5.95
N LEU A 4 -13.69 -11.20 5.39
CA LEU A 4 -12.79 -11.29 4.25
C LEU A 4 -11.35 -11.37 4.74
N PRO A 5 -10.50 -12.03 3.91
CA PRO A 5 -9.09 -12.20 4.25
C PRO A 5 -8.33 -10.89 4.04
N ASP A 6 -7.36 -10.67 4.91
CA ASP A 6 -6.54 -9.46 4.83
C ASP A 6 -5.52 -9.61 3.71
N ILE A 7 -5.56 -8.67 2.79
CA ILE A 7 -4.64 -8.67 1.65
C ILE A 7 -3.22 -8.37 2.16
N LYS A 8 -2.64 -9.37 2.81
CA LYS A 8 -1.29 -9.22 3.34
C LYS A 8 -0.30 -9.91 2.40
N LYS A 9 0.62 -9.11 1.89
CA LYS A 9 1.63 -9.63 0.97
C LYS A 9 3.02 -9.28 1.50
N GLU A 10 4.01 -9.99 1.00
CA GLU A 10 5.39 -9.76 1.40
C GLU A 10 6.34 -10.07 0.25
N VAL A 11 7.45 -9.34 0.23
CA VAL A 11 8.45 -9.52 -0.81
C VAL A 11 9.83 -9.21 -0.24
N ARG A 12 10.84 -9.71 -0.94
CA ARG A 12 12.22 -9.49 -0.52
C ARG A 12 13.06 -8.98 -1.69
N PHE A 13 13.50 -7.74 -1.56
CA PHE A 13 14.32 -7.12 -2.59
C PHE A 13 15.74 -6.87 -2.09
N ASN A 14 16.68 -6.93 -3.03
CA ASN A 14 18.08 -6.71 -2.71
C ASN A 14 18.41 -5.22 -2.86
N ALA A 15 18.43 -4.54 -1.72
CA ALA A 15 18.73 -3.11 -1.73
C ALA A 15 18.79 -2.61 -0.29
N PRO A 16 19.36 -1.39 -0.13
CA PRO A 16 19.49 -0.79 1.19
C PRO A 16 18.14 -0.24 1.67
N ILE A 17 17.74 -0.69 2.85
CA ILE A 17 16.48 -0.26 3.43
C ILE A 17 16.40 1.26 3.39
N GLU A 18 17.57 1.89 3.44
CA GLU A 18 17.65 3.34 3.41
C GLU A 18 17.01 3.88 2.12
N LYS A 19 17.12 3.08 1.07
CA LYS A 19 16.57 3.47 -0.22
C LYS A 19 15.08 3.09 -0.26
N VAL A 20 14.82 1.82 -0.03
CA VAL A 20 13.46 1.31 -0.04
C VAL A 20 12.62 2.11 0.96
N TRP A 21 13.27 2.51 2.05
CA TRP A 21 12.60 3.28 3.08
C TRP A 21 12.14 4.60 2.46
N GLU A 22 13.10 5.30 1.85
CA GLU A 22 12.81 6.57 1.22
C GLU A 22 11.87 6.38 0.03
N ALA A 23 12.03 5.25 -0.64
CA ALA A 23 11.20 4.93 -1.79
C ALA A 23 9.74 4.78 -1.33
N VAL A 24 9.57 4.70 -0.03
CA VAL A 24 8.24 4.56 0.55
C VAL A 24 8.00 5.69 1.56
N SER A 25 8.84 6.70 1.48
CA SER A 25 8.73 7.85 2.37
C SER A 25 8.35 9.09 1.58
N THR A 26 8.92 9.20 0.38
CA THR A 26 8.65 10.34 -0.47
C THR A 26 7.46 10.04 -1.39
N SER A 27 7.15 11.01 -2.24
CA SER A 27 6.03 10.87 -3.17
C SER A 27 6.55 10.36 -4.52
N GLU A 28 7.62 10.99 -4.99
CA GLU A 28 8.21 10.62 -6.26
C GLU A 28 8.62 9.15 -6.24
N GLY A 29 9.09 8.71 -5.08
CA GLY A 29 9.51 7.34 -4.92
C GLY A 29 8.31 6.40 -4.82
N LEU A 30 7.24 6.91 -4.24
CA LEU A 30 6.03 6.14 -4.08
C LEU A 30 5.29 6.05 -5.41
N ALA A 31 5.01 7.22 -5.98
CA ALA A 31 4.31 7.29 -7.25
C ALA A 31 5.10 6.50 -8.30
N PHE A 32 6.36 6.26 -7.98
CA PHE A 32 7.22 5.52 -8.88
C PHE A 32 6.70 4.09 -9.09
N TRP A 33 5.93 3.63 -8.12
CA TRP A 33 5.37 2.30 -8.19
C TRP A 33 3.89 2.38 -7.80
N PHE A 34 3.65 3.04 -6.67
CA PHE A 34 2.29 3.20 -6.18
C PHE A 34 1.47 4.09 -7.11
N MET A 35 1.53 5.39 -6.83
CA MET A 35 0.81 6.35 -7.64
C MET A 35 1.14 7.78 -7.22
N GLU A 36 0.78 8.72 -8.10
CA GLU A 36 1.05 10.12 -7.83
C GLU A 36 0.42 10.54 -6.51
N ASN A 37 1.16 11.35 -5.76
CA ASN A 37 0.69 11.83 -4.47
C ASN A 37 1.70 12.82 -3.89
N ASP A 38 1.46 13.19 -2.64
CA ASP A 38 2.35 14.13 -1.97
C ASP A 38 2.60 13.63 -0.54
N LEU A 39 2.52 12.32 -0.38
CA LEU A 39 2.74 11.72 0.93
C LEU A 39 3.97 12.36 1.59
N LYS A 40 3.94 12.40 2.91
CA LYS A 40 5.02 12.98 3.67
C LYS A 40 5.22 12.20 4.96
N ALA A 41 6.40 11.62 5.09
CA ALA A 41 6.73 10.84 6.28
C ALA A 41 6.65 11.73 7.52
N GLU A 42 5.44 11.92 8.00
CA GLU A 42 5.21 12.75 9.17
C GLU A 42 3.81 12.51 9.73
N THR A 43 3.76 11.76 10.82
CA THR A 43 2.50 11.46 11.48
C THR A 43 1.60 12.69 11.51
N GLY A 44 0.35 12.49 11.13
CA GLY A 44 -0.61 13.58 11.13
C GLY A 44 -0.41 14.48 9.91
N HIS A 45 0.05 13.86 8.83
CA HIS A 45 0.29 14.59 7.59
C HIS A 45 -0.97 14.56 6.73
N HIS A 46 -1.06 15.54 5.83
CA HIS A 46 -2.20 15.64 4.94
C HIS A 46 -1.72 15.78 3.50
N PHE A 47 -2.29 14.96 2.64
CA PHE A 47 -1.93 14.99 1.23
C PHE A 47 -3.03 14.37 0.37
N HIS A 48 -3.01 14.73 -0.91
CA HIS A 48 -4.00 14.23 -1.84
C HIS A 48 -3.40 13.09 -2.67
N LEU A 49 -4.26 12.42 -3.42
CA LEU A 49 -3.83 11.31 -4.26
C LEU A 49 -4.45 11.46 -5.65
N GLN A 50 -3.72 10.96 -6.64
CA GLN A 50 -4.19 11.03 -8.01
C GLN A 50 -4.57 9.63 -8.52
N SER A 51 -5.76 9.20 -8.12
CA SER A 51 -6.26 7.89 -8.53
C SER A 51 -7.02 8.01 -9.84
N PRO A 52 -7.24 6.82 -10.48
CA PRO A 52 -7.96 6.77 -11.74
C PRO A 52 -9.47 6.98 -11.52
N PHE A 53 -9.89 6.72 -10.29
CA PHE A 53 -11.29 6.86 -9.94
C PHE A 53 -11.54 8.17 -9.20
N GLY A 54 -10.91 9.22 -9.69
CA GLY A 54 -11.06 10.54 -9.09
C GLY A 54 -10.04 10.74 -7.96
N PRO A 55 -9.74 12.03 -7.68
CA PRO A 55 -8.78 12.36 -6.64
C PRO A 55 -9.40 12.18 -5.25
N SER A 56 -8.63 11.56 -4.37
CA SER A 56 -9.08 11.31 -3.02
C SER A 56 -8.02 11.74 -2.01
N PRO A 57 -8.50 12.29 -0.86
CA PRO A 57 -7.59 12.75 0.18
C PRO A 57 -7.00 11.56 0.95
N CYS A 58 -5.83 11.81 1.54
CA CYS A 58 -5.16 10.78 2.30
C CYS A 58 -4.49 11.43 3.51
N GLN A 59 -4.27 10.62 4.54
CA GLN A 59 -3.65 11.11 5.75
C GLN A 59 -2.82 10.00 6.42
N VAL A 60 -1.60 10.35 6.79
CA VAL A 60 -0.71 9.40 7.42
C VAL A 60 -1.11 9.24 8.90
N THR A 61 -1.29 8.00 9.32
CA THR A 61 -1.67 7.71 10.68
C THR A 61 -0.42 7.43 11.53
N ASP A 62 0.55 6.79 10.89
CA ASP A 62 1.78 6.46 11.58
C ASP A 62 2.92 6.37 10.55
N VAL A 63 4.04 6.99 10.89
CA VAL A 63 5.20 6.99 10.02
C VAL A 63 6.44 7.34 10.83
N GLU A 64 7.28 6.32 11.04
CA GLU A 64 8.50 6.50 11.81
C GLU A 64 9.52 5.44 11.42
N ARG A 65 10.51 5.87 10.64
CA ARG A 65 11.56 4.97 10.19
C ARG A 65 10.95 3.76 9.46
N PRO A 66 11.84 3.01 8.77
CA PRO A 66 11.41 1.83 8.03
C PRO A 66 11.10 0.67 8.97
N ILE A 67 10.05 0.85 9.76
CA ILE A 67 9.64 -0.17 10.71
C ILE A 67 8.12 -0.26 10.73
N LYS A 68 7.48 0.89 10.79
CA LYS A 68 6.02 0.95 10.82
C LYS A 68 5.56 2.16 10.01
N LEU A 69 4.77 1.87 8.97
CA LEU A 69 4.26 2.93 8.12
C LEU A 69 2.82 2.59 7.70
N SER A 70 1.98 3.60 7.71
CA SER A 70 0.58 3.42 7.34
C SER A 70 0.02 4.72 6.78
N PHE A 71 -1.02 4.58 5.97
CA PHE A 71 -1.67 5.74 5.36
C PHE A 71 -3.11 5.41 4.96
N THR A 72 -3.99 6.37 5.22
CA THR A 72 -5.39 6.21 4.89
C THR A 72 -5.67 6.68 3.46
N TRP A 73 -6.70 6.09 2.87
CA TRP A 73 -7.08 6.45 1.51
C TRP A 73 -8.49 7.03 1.55
N ASP A 74 -8.63 8.21 0.96
CA ASP A 74 -9.92 8.88 0.92
C ASP A 74 -10.35 9.25 2.35
N THR A 75 -11.55 9.78 2.45
CA THR A 75 -12.09 10.18 3.74
C THR A 75 -12.12 8.98 4.69
N ASP A 76 -12.60 7.86 4.17
CA ASP A 76 -12.69 6.65 4.96
C ASP A 76 -13.24 5.52 4.09
N GLY A 77 -12.37 4.54 3.84
CA GLY A 77 -12.75 3.40 3.03
C GLY A 77 -11.80 2.22 3.25
N TRP A 78 -10.78 2.15 2.42
CA TRP A 78 -9.79 1.09 2.51
C TRP A 78 -8.50 1.70 3.05
N SER A 79 -7.79 0.89 3.84
CA SER A 79 -6.54 1.33 4.43
C SER A 79 -5.47 0.23 4.28
N VAL A 80 -4.26 0.68 4.01
CA VAL A 80 -3.15 -0.25 3.83
C VAL A 80 -2.01 0.16 4.76
N THR A 81 -1.35 -0.85 5.33
CA THR A 81 -0.24 -0.60 6.24
C THR A 81 1.05 -1.20 5.66
N PHE A 82 2.13 -0.44 5.80
CA PHE A 82 3.41 -0.88 5.30
C PHE A 82 4.34 -1.27 6.46
N HIS A 83 5.16 -2.28 6.20
CA HIS A 83 6.10 -2.76 7.20
C HIS A 83 7.44 -3.08 6.54
N LEU A 84 8.49 -2.46 7.06
CA LEU A 84 9.83 -2.68 6.53
C LEU A 84 10.72 -3.21 7.64
N LYS A 85 11.81 -3.84 7.23
CA LYS A 85 12.77 -4.40 8.17
C LYS A 85 13.96 -4.99 7.40
N GLU A 86 15.11 -4.39 7.65
CA GLU A 86 16.33 -4.84 6.99
C GLU A 86 16.68 -6.26 7.43
N GLU A 87 17.05 -7.07 6.46
CA GLU A 87 17.43 -8.45 6.74
C GLU A 87 18.93 -8.65 6.57
N GLU A 88 19.33 -9.91 6.58
CA GLU A 88 20.75 -10.24 6.43
C GLU A 88 21.39 -9.36 5.36
N ASN A 89 21.12 -9.71 4.11
CA ASN A 89 21.66 -8.97 2.99
C ASN A 89 20.53 -8.58 2.04
N GLY A 90 19.52 -7.92 2.61
CA GLY A 90 18.38 -7.49 1.83
C GLY A 90 17.33 -6.80 2.72
N THR A 91 16.34 -6.22 2.07
CA THR A 91 15.28 -5.53 2.79
C THR A 91 13.97 -6.33 2.69
N ILE A 92 13.22 -6.29 3.79
CA ILE A 92 11.95 -7.00 3.85
C ILE A 92 10.80 -6.00 3.66
N PHE A 93 9.86 -6.38 2.82
CA PHE A 93 8.71 -5.54 2.55
C PHE A 93 7.41 -6.31 2.74
N THR A 94 6.61 -5.83 3.68
CA THR A 94 5.33 -6.45 3.98
C THR A 94 4.20 -5.43 3.91
N ILE A 95 3.22 -5.71 3.06
CA ILE A 95 2.08 -4.82 2.89
C ILE A 95 0.84 -5.49 3.48
N VAL A 96 -0.01 -4.67 4.07
CA VAL A 96 -1.25 -5.16 4.66
C VAL A 96 -2.39 -4.24 4.28
N HIS A 97 -3.21 -4.72 3.35
CA HIS A 97 -4.36 -3.96 2.89
C HIS A 97 -5.65 -4.58 3.42
N SER A 98 -6.33 -3.83 4.27
CA SER A 98 -7.57 -4.30 4.85
C SER A 98 -8.63 -3.20 4.78
N GLY A 99 -9.88 -3.61 4.94
CA GLY A 99 -10.99 -2.67 4.90
C GLY A 99 -12.12 -3.20 4.02
N TRP A 100 -12.50 -4.44 4.27
CA TRP A 100 -13.56 -5.08 3.52
C TRP A 100 -14.58 -5.63 4.51
N LYS A 101 -15.76 -5.97 3.98
CA LYS A 101 -16.82 -6.51 4.80
C LYS A 101 -16.90 -8.02 4.60
N GLN A 102 -18.05 -8.57 4.96
CA GLN A 102 -18.26 -10.01 4.82
C GLN A 102 -18.28 -10.41 3.35
N GLY A 103 -17.88 -11.64 3.09
CA GLY A 103 -17.83 -12.15 1.74
C GLY A 103 -19.24 -12.52 1.25
N ASP A 104 -20.12 -11.53 1.27
CA ASP A 104 -21.49 -11.74 0.85
C ASP A 104 -21.99 -10.48 0.13
N THR A 105 -21.94 -9.37 0.86
CA THR A 105 -22.39 -8.10 0.31
C THR A 105 -21.44 -7.63 -0.79
N LYS A 106 -22.01 -6.95 -1.77
CA LYS A 106 -21.24 -6.44 -2.89
C LYS A 106 -20.69 -5.06 -2.54
N VAL A 107 -20.14 -4.40 -3.55
CA VAL A 107 -19.57 -3.08 -3.36
C VAL A 107 -20.67 -2.02 -3.54
N GLU A 108 -20.66 -1.05 -2.65
CA GLU A 108 -21.65 0.01 -2.70
C GLU A 108 -21.09 1.22 -3.45
N LYS A 109 -20.73 0.99 -4.69
CA LYS A 109 -20.18 2.04 -5.53
C LYS A 109 -19.92 1.49 -6.93
N ALA A 110 -19.00 0.53 -7.00
CA ALA A 110 -18.65 -0.08 -8.26
C ALA A 110 -19.82 -0.93 -8.76
N GLY A 111 -20.03 -2.05 -8.07
CA GLY A 111 -21.11 -2.95 -8.45
C GLY A 111 -20.69 -4.42 -8.28
N ALA A 112 -19.38 -4.62 -8.36
CA ALA A 112 -18.84 -5.97 -8.22
C ALA A 112 -18.87 -6.38 -6.76
N GLU A 113 -18.41 -7.60 -6.50
CA GLU A 113 -18.39 -8.13 -5.15
C GLU A 113 -17.08 -7.74 -4.46
N SER A 114 -17.21 -7.37 -3.19
CA SER A 114 -16.05 -6.97 -2.40
C SER A 114 -14.98 -8.06 -2.47
N ALA A 115 -15.43 -9.28 -2.73
CA ALA A 115 -14.52 -10.41 -2.83
C ALA A 115 -13.75 -10.34 -4.15
N VAL A 116 -14.52 -10.20 -5.23
CA VAL A 116 -13.93 -10.11 -6.56
C VAL A 116 -12.90 -8.97 -6.57
N VAL A 117 -13.32 -7.84 -6.01
CA VAL A 117 -12.44 -6.67 -5.96
C VAL A 117 -11.22 -6.99 -5.10
N HIS A 118 -11.50 -7.60 -3.95
CA HIS A 118 -10.43 -7.96 -3.03
C HIS A 118 -9.36 -8.77 -3.76
N GLU A 119 -9.83 -9.78 -4.48
CA GLU A 119 -8.94 -10.65 -5.24
C GLU A 119 -8.25 -9.85 -6.34
N ARG A 120 -9.06 -9.13 -7.10
CA ARG A 120 -8.55 -8.33 -8.21
C ARG A 120 -7.41 -7.42 -7.71
N MET A 121 -7.78 -6.52 -6.81
CA MET A 121 -6.81 -5.58 -6.26
C MET A 121 -5.63 -6.33 -5.65
N ASP A 122 -5.94 -7.41 -4.94
CA ASP A 122 -4.92 -8.20 -4.29
C ASP A 122 -3.86 -8.60 -5.33
N ARG A 123 -4.34 -9.03 -6.49
CA ARG A 123 -3.45 -9.44 -7.56
C ARG A 123 -2.52 -8.29 -7.93
N GLY A 124 -3.12 -7.18 -8.30
CA GLY A 124 -2.35 -6.00 -8.68
C GLY A 124 -1.51 -5.49 -7.51
N TRP A 125 -2.02 -5.71 -6.31
CA TRP A 125 -1.33 -5.28 -5.11
C TRP A 125 -0.01 -6.06 -5.02
N HIS A 126 -0.12 -7.35 -5.25
CA HIS A 126 1.05 -8.22 -5.19
C HIS A 126 2.01 -7.86 -6.33
N ASP A 127 1.48 -7.88 -7.55
CA ASP A 127 2.28 -7.55 -8.71
C ASP A 127 2.95 -6.20 -8.51
N LEU A 128 2.19 -5.27 -7.96
CA LEU A 128 2.70 -3.93 -7.70
C LEU A 128 3.86 -4.02 -6.72
N VAL A 129 3.65 -4.82 -5.68
CA VAL A 129 4.68 -5.00 -4.66
C VAL A 129 5.46 -6.28 -4.94
N ASN A 130 5.71 -6.52 -6.22
CA ASN A 130 6.43 -7.70 -6.64
C ASN A 130 7.68 -7.28 -7.42
N GLU A 131 7.45 -6.71 -8.59
CA GLU A 131 8.54 -6.26 -9.44
C GLU A 131 8.43 -4.75 -9.68
N ARG A 132 7.19 -4.28 -9.77
CA ARG A 132 6.94 -2.87 -9.99
C ARG A 132 7.62 -2.03 -8.90
N LEU A 133 7.59 -2.55 -7.69
CA LEU A 133 8.19 -1.88 -6.56
C LEU A 133 9.68 -2.23 -6.48
N ARG A 134 9.98 -3.46 -6.87
CA ARG A 134 11.35 -3.94 -6.84
C ARG A 134 12.21 -3.11 -7.80
N GLN A 135 11.65 -2.82 -8.96
CA GLN A 135 12.36 -2.04 -9.95
C GLN A 135 12.76 -0.68 -9.38
N ILE A 136 11.96 -0.21 -8.43
CA ILE A 136 12.22 1.07 -7.80
C ILE A 136 13.60 1.03 -7.13
N VAL A 137 14.00 -0.17 -6.74
CA VAL A 137 15.29 -0.36 -6.09
C VAL A 137 16.20 -1.16 -7.02
N GLU A 138 15.58 -1.79 -8.01
CA GLU A 138 16.33 -2.60 -8.95
C GLU A 138 16.42 -1.88 -10.30
N MET A 1 -16.90 -20.82 2.52
CA MET A 1 -16.90 -19.45 2.04
C MET A 1 -17.65 -18.53 3.01
N THR A 2 -16.90 -17.57 3.56
CA THR A 2 -17.48 -16.63 4.50
C THR A 2 -16.43 -15.59 4.92
N ARG A 3 -16.81 -14.33 4.78
CA ARG A 3 -15.92 -13.24 5.14
C ARG A 3 -14.63 -13.31 4.31
N LEU A 4 -13.91 -12.20 4.32
CA LEU A 4 -12.67 -12.13 3.57
C LEU A 4 -11.54 -11.71 4.52
N PRO A 5 -10.37 -12.39 4.34
CA PRO A 5 -9.21 -12.11 5.17
C PRO A 5 -8.55 -10.78 4.77
N ASP A 6 -7.32 -10.60 5.22
CA ASP A 6 -6.58 -9.39 4.92
C ASP A 6 -5.59 -9.67 3.79
N ILE A 7 -5.51 -8.74 2.85
CA ILE A 7 -4.62 -8.88 1.71
C ILE A 7 -3.18 -8.61 2.18
N LYS A 8 -2.72 -9.46 3.08
CA LYS A 8 -1.37 -9.34 3.61
C LYS A 8 -0.41 -10.12 2.71
N LYS A 9 0.60 -9.41 2.22
CA LYS A 9 1.59 -10.02 1.35
C LYS A 9 2.99 -9.55 1.77
N GLU A 10 3.98 -10.36 1.44
CA GLU A 10 5.36 -10.03 1.77
C GLU A 10 6.28 -10.39 0.60
N VAL A 11 7.26 -9.53 0.38
CA VAL A 11 8.22 -9.74 -0.69
C VAL A 11 9.62 -9.38 -0.20
N ARG A 12 10.61 -9.89 -0.92
CA ARG A 12 12.00 -9.64 -0.56
C ARG A 12 12.76 -9.07 -1.77
N PHE A 13 13.32 -7.89 -1.57
CA PHE A 13 14.07 -7.23 -2.63
C PHE A 13 15.53 -7.03 -2.21
N ASN A 14 16.40 -7.05 -3.21
CA ASN A 14 17.82 -6.87 -2.97
C ASN A 14 18.18 -5.39 -3.13
N ALA A 15 18.30 -4.72 -1.99
CA ALA A 15 18.64 -3.30 -1.99
C ALA A 15 18.71 -2.80 -0.54
N PRO A 16 19.35 -1.62 -0.38
CA PRO A 16 19.49 -1.02 0.94
C PRO A 16 18.17 -0.41 1.42
N ILE A 17 17.74 -0.86 2.59
CA ILE A 17 16.49 -0.39 3.16
C ILE A 17 16.47 1.14 3.11
N GLU A 18 17.66 1.72 3.18
CA GLU A 18 17.79 3.17 3.13
C GLU A 18 17.16 3.72 1.86
N LYS A 19 17.20 2.91 0.81
CA LYS A 19 16.64 3.30 -0.47
C LYS A 19 15.15 2.94 -0.50
N VAL A 20 14.88 1.67 -0.24
CA VAL A 20 13.52 1.18 -0.24
C VAL A 20 12.67 2.03 0.71
N TRP A 21 13.26 2.34 1.86
CA TRP A 21 12.57 3.14 2.86
C TRP A 21 12.21 4.48 2.21
N GLU A 22 13.23 5.15 1.66
CA GLU A 22 13.03 6.43 1.02
C GLU A 22 12.05 6.29 -0.15
N ALA A 23 11.98 5.08 -0.68
CA ALA A 23 11.09 4.80 -1.80
C ALA A 23 9.65 4.69 -1.27
N VAL A 24 9.54 4.59 0.04
CA VAL A 24 8.24 4.47 0.68
C VAL A 24 8.07 5.60 1.69
N SER A 25 8.93 6.59 1.57
CA SER A 25 8.89 7.74 2.48
C SER A 25 8.87 9.04 1.67
N THR A 26 8.69 8.88 0.37
CA THR A 26 8.64 10.03 -0.52
C THR A 26 7.45 9.93 -1.46
N SER A 27 7.13 11.05 -2.09
CA SER A 27 6.01 11.10 -3.02
C SER A 27 6.43 10.51 -4.37
N GLU A 28 7.56 11.00 -4.87
CA GLU A 28 8.07 10.53 -6.14
C GLU A 28 8.43 9.05 -6.06
N GLY A 29 8.84 8.64 -4.87
CA GLY A 29 9.22 7.26 -4.63
C GLY A 29 7.99 6.35 -4.59
N LEU A 30 6.95 6.84 -3.93
CA LEU A 30 5.72 6.09 -3.81
C LEU A 30 4.99 6.08 -5.15
N ALA A 31 4.74 7.28 -5.65
CA ALA A 31 4.05 7.43 -6.93
C ALA A 31 4.80 6.63 -7.99
N PHE A 32 6.05 6.32 -7.70
CA PHE A 32 6.87 5.56 -8.62
C PHE A 32 6.29 4.18 -8.86
N TRP A 33 5.49 3.73 -7.90
CA TRP A 33 4.88 2.42 -8.00
C TRP A 33 3.40 2.57 -7.59
N PHE A 34 3.20 3.21 -6.45
CA PHE A 34 1.85 3.43 -5.95
C PHE A 34 1.08 4.38 -6.85
N MET A 35 1.19 5.67 -6.54
CA MET A 35 0.51 6.69 -7.32
C MET A 35 0.92 8.09 -6.85
N GLU A 36 0.60 9.07 -7.68
CA GLU A 36 0.92 10.45 -7.37
C GLU A 36 0.37 10.83 -5.99
N ASN A 37 1.21 11.48 -5.21
CA ASN A 37 0.83 11.90 -3.87
C ASN A 37 1.74 13.03 -3.41
N ASP A 38 1.50 13.49 -2.18
CA ASP A 38 2.29 14.57 -1.62
C ASP A 38 2.79 14.15 -0.23
N LEU A 39 2.98 12.85 -0.06
CA LEU A 39 3.45 12.31 1.19
C LEU A 39 4.92 12.66 1.38
N LYS A 40 5.31 12.78 2.64
CA LYS A 40 6.70 13.11 2.97
C LYS A 40 7.07 12.44 4.29
N ALA A 41 6.56 11.23 4.47
CA ALA A 41 6.84 10.46 5.67
C ALA A 41 6.70 11.38 6.89
N GLU A 42 5.47 11.81 7.13
CA GLU A 42 5.19 12.68 8.26
C GLU A 42 3.77 12.44 8.77
N THR A 43 3.69 12.15 10.07
CA THR A 43 2.39 11.90 10.70
C THR A 43 1.59 13.19 10.78
N GLY A 44 0.27 13.02 10.78
CA GLY A 44 -0.63 14.18 10.87
C GLY A 44 -0.47 15.07 9.64
N HIS A 45 0.15 14.52 8.61
CA HIS A 45 0.36 15.26 7.38
C HIS A 45 -0.92 15.23 6.53
N HIS A 46 -1.01 16.18 5.61
CA HIS A 46 -2.16 16.27 4.73
C HIS A 46 -1.70 16.29 3.28
N PHE A 47 -1.88 15.16 2.62
CA PHE A 47 -1.49 15.04 1.21
C PHE A 47 -2.62 14.45 0.37
N HIS A 48 -2.82 15.03 -0.79
CA HIS A 48 -3.86 14.58 -1.70
C HIS A 48 -3.30 13.47 -2.59
N LEU A 49 -4.20 12.86 -3.35
CA LEU A 49 -3.82 11.78 -4.25
C LEU A 49 -4.53 11.97 -5.60
N GLN A 50 -3.75 11.88 -6.66
CA GLN A 50 -4.29 12.03 -8.00
C GLN A 50 -4.51 10.66 -8.65
N SER A 51 -5.56 9.99 -8.19
CA SER A 51 -5.90 8.68 -8.72
C SER A 51 -6.67 8.82 -10.03
N PRO A 52 -6.70 7.68 -10.79
CA PRO A 52 -7.40 7.67 -12.07
C PRO A 52 -8.91 7.64 -11.87
N PHE A 53 -9.31 7.40 -10.63
CA PHE A 53 -10.72 7.34 -10.29
C PHE A 53 -11.15 8.58 -9.50
N GLY A 54 -10.44 9.66 -9.74
CA GLY A 54 -10.73 10.92 -9.06
C GLY A 54 -9.77 11.15 -7.89
N PRO A 55 -9.59 12.45 -7.54
CA PRO A 55 -8.71 12.82 -6.45
C PRO A 55 -9.36 12.52 -5.10
N SER A 56 -8.53 12.06 -4.17
CA SER A 56 -9.01 11.74 -2.83
C SER A 56 -7.99 12.20 -1.79
N PRO A 57 -8.53 12.63 -0.62
CA PRO A 57 -7.69 13.10 0.47
C PRO A 57 -7.00 11.93 1.18
N CYS A 58 -5.76 12.17 1.59
CA CYS A 58 -4.99 11.15 2.28
C CYS A 58 -4.33 11.79 3.49
N GLN A 59 -4.13 10.98 4.51
CA GLN A 59 -3.51 11.44 5.74
C GLN A 59 -2.68 10.33 6.38
N VAL A 60 -1.56 10.73 6.97
CA VAL A 60 -0.68 9.77 7.62
C VAL A 60 -1.11 9.61 9.08
N THR A 61 -1.08 8.36 9.54
CA THR A 61 -1.46 8.05 10.90
C THR A 61 -0.23 7.66 11.71
N ASP A 62 0.77 7.12 11.01
CA ASP A 62 2.00 6.70 11.66
C ASP A 62 3.10 6.57 10.61
N VAL A 63 4.24 7.17 10.92
CA VAL A 63 5.37 7.13 10.01
C VAL A 63 6.65 7.50 10.78
N GLU A 64 7.47 6.48 11.02
CA GLU A 64 8.70 6.68 11.74
C GLU A 64 9.71 5.59 11.38
N ARG A 65 10.69 5.97 10.56
CA ARG A 65 11.71 5.02 10.14
C ARG A 65 11.07 3.83 9.44
N PRO A 66 11.95 3.03 8.77
CA PRO A 66 11.48 1.85 8.06
C PRO A 66 11.14 0.72 9.03
N ILE A 67 10.05 0.92 9.78
CA ILE A 67 9.61 -0.06 10.74
C ILE A 67 8.08 -0.11 10.76
N LYS A 68 7.49 1.08 10.82
CA LYS A 68 6.04 1.19 10.84
C LYS A 68 5.61 2.38 9.97
N LEU A 69 4.75 2.08 9.01
CA LEU A 69 4.26 3.10 8.11
C LEU A 69 2.80 2.81 7.76
N SER A 70 1.98 3.84 7.90
CA SER A 70 0.56 3.72 7.61
C SER A 70 0.02 5.02 7.04
N PHE A 71 -0.96 4.89 6.16
CA PHE A 71 -1.58 6.05 5.54
C PHE A 71 -2.99 5.73 5.05
N THR A 72 -3.89 6.68 5.29
CA THR A 72 -5.27 6.51 4.88
C THR A 72 -5.47 7.01 3.45
N TRP A 73 -6.37 6.35 2.74
CA TRP A 73 -6.66 6.72 1.37
C TRP A 73 -8.18 6.62 1.16
N ASP A 74 -8.74 7.68 0.61
CA ASP A 74 -10.17 7.73 0.36
C ASP A 74 -10.92 7.74 1.69
N THR A 75 -12.24 7.90 1.60
CA THR A 75 -13.08 7.92 2.78
C THR A 75 -14.23 6.93 2.64
N ASP A 76 -13.88 5.70 2.31
CA ASP A 76 -14.88 4.65 2.14
C ASP A 76 -14.71 3.61 3.25
N GLY A 77 -13.45 3.32 3.56
CA GLY A 77 -13.15 2.34 4.59
C GLY A 77 -12.05 1.38 4.13
N TRP A 78 -10.98 1.96 3.62
CA TRP A 78 -9.85 1.17 3.14
C TRP A 78 -8.56 1.81 3.66
N SER A 79 -7.79 1.02 4.38
CA SER A 79 -6.54 1.49 4.94
C SER A 79 -5.45 0.44 4.74
N VAL A 80 -4.32 0.89 4.21
CA VAL A 80 -3.20 0.00 3.98
C VAL A 80 -2.02 0.41 4.88
N THR A 81 -1.35 -0.60 5.41
CA THR A 81 -0.21 -0.37 6.27
C THR A 81 1.04 -1.07 5.73
N PHE A 82 2.15 -0.37 5.81
CA PHE A 82 3.41 -0.90 5.33
C PHE A 82 4.35 -1.20 6.50
N HIS A 83 5.11 -2.28 6.35
CA HIS A 83 6.05 -2.69 7.38
C HIS A 83 7.40 -3.06 6.73
N LEU A 84 8.42 -2.31 7.10
CA LEU A 84 9.75 -2.53 6.57
C LEU A 84 10.65 -3.09 7.67
N LYS A 85 11.68 -3.80 7.25
CA LYS A 85 12.62 -4.40 8.19
C LYS A 85 13.80 -4.99 7.42
N GLU A 86 14.98 -4.42 7.67
CA GLU A 86 16.18 -4.88 7.01
C GLU A 86 16.53 -6.30 7.47
N GLU A 87 16.86 -7.14 6.50
CA GLU A 87 17.22 -8.52 6.79
C GLU A 87 18.72 -8.73 6.58
N GLU A 88 19.10 -10.00 6.57
CA GLU A 88 20.49 -10.36 6.38
C GLU A 88 21.14 -9.44 5.34
N ASN A 89 20.94 -9.80 4.08
CA ASN A 89 21.50 -9.03 2.99
C ASN A 89 20.37 -8.59 2.04
N GLY A 90 19.40 -7.91 2.63
CA GLY A 90 18.26 -7.43 1.86
C GLY A 90 17.24 -6.73 2.77
N THR A 91 16.19 -6.21 2.14
CA THR A 91 15.15 -5.52 2.88
C THR A 91 13.82 -6.27 2.74
N ILE A 92 13.15 -6.42 3.87
CA ILE A 92 11.86 -7.12 3.89
C ILE A 92 10.74 -6.10 3.75
N PHE A 93 9.88 -6.35 2.78
CA PHE A 93 8.76 -5.46 2.53
C PHE A 93 7.43 -6.19 2.71
N THR A 94 6.63 -5.69 3.66
CA THR A 94 5.35 -6.29 3.95
C THR A 94 4.23 -5.27 3.70
N ILE A 95 3.14 -5.77 3.12
CA ILE A 95 1.99 -4.91 2.84
C ILE A 95 0.74 -5.53 3.47
N VAL A 96 -0.09 -4.66 4.02
CA VAL A 96 -1.31 -5.09 4.66
C VAL A 96 -2.47 -4.19 4.21
N HIS A 97 -3.58 -4.83 3.86
CA HIS A 97 -4.75 -4.11 3.42
C HIS A 97 -6.00 -4.69 4.08
N SER A 98 -6.76 -3.81 4.72
CA SER A 98 -7.98 -4.21 5.39
C SER A 98 -9.08 -3.18 5.16
N GLY A 99 -10.27 -3.51 5.63
CA GLY A 99 -11.41 -2.63 5.48
C GLY A 99 -12.38 -3.16 4.43
N TRP A 100 -12.50 -4.47 4.38
CA TRP A 100 -13.39 -5.10 3.42
C TRP A 100 -14.66 -5.52 4.16
N LYS A 101 -15.57 -6.14 3.41
CA LYS A 101 -16.83 -6.58 3.98
C LYS A 101 -16.93 -8.10 3.85
N GLN A 102 -18.14 -8.56 3.57
CA GLN A 102 -18.39 -9.99 3.42
C GLN A 102 -18.19 -10.41 1.96
N GLY A 103 -17.88 -11.69 1.80
CA GLY A 103 -17.66 -12.23 0.46
C GLY A 103 -18.97 -12.66 -0.18
N ASP A 104 -19.96 -11.78 -0.09
CA ASP A 104 -21.27 -12.04 -0.66
C ASP A 104 -22.18 -10.84 -0.43
N THR A 105 -21.59 -9.66 -0.54
CA THR A 105 -22.34 -8.43 -0.35
C THR A 105 -21.97 -7.41 -1.42
N LYS A 106 -21.26 -7.89 -2.43
CA LYS A 106 -20.84 -7.03 -3.53
C LYS A 106 -20.11 -5.81 -2.97
N VAL A 107 -19.59 -4.99 -3.87
CA VAL A 107 -18.88 -3.79 -3.48
C VAL A 107 -19.58 -2.57 -4.06
N GLU A 108 -20.00 -1.68 -3.17
CA GLU A 108 -20.68 -0.47 -3.58
C GLU A 108 -19.67 0.63 -3.90
N LYS A 109 -18.65 0.25 -4.65
CA LYS A 109 -17.61 1.19 -5.04
C LYS A 109 -16.88 0.68 -6.28
N ALA A 110 -16.05 -0.33 -6.05
CA ALA A 110 -15.30 -0.93 -7.14
C ALA A 110 -16.20 -1.11 -8.36
N GLY A 111 -17.14 -2.04 -8.23
CA GLY A 111 -18.08 -2.31 -9.30
C GLY A 111 -18.09 -3.80 -9.66
N ALA A 112 -18.18 -4.61 -8.61
CA ALA A 112 -18.21 -6.06 -8.79
C ALA A 112 -18.19 -6.74 -7.43
N GLU A 113 -18.06 -8.06 -7.46
CA GLU A 113 -18.02 -8.84 -6.23
C GLU A 113 -16.76 -8.52 -5.44
N SER A 114 -16.89 -8.58 -4.12
CA SER A 114 -15.77 -8.30 -3.25
C SER A 114 -14.70 -9.39 -3.40
N ALA A 115 -15.17 -10.61 -3.58
CA ALA A 115 -14.28 -11.74 -3.73
C ALA A 115 -13.46 -11.57 -5.02
N VAL A 116 -14.15 -11.11 -6.05
CA VAL A 116 -13.52 -10.90 -7.34
C VAL A 116 -12.54 -9.72 -7.23
N VAL A 117 -13.04 -8.62 -6.69
CA VAL A 117 -12.22 -7.43 -6.52
C VAL A 117 -11.04 -7.75 -5.60
N HIS A 118 -11.36 -8.42 -4.51
CA HIS A 118 -10.33 -8.81 -3.55
C HIS A 118 -9.18 -9.51 -4.27
N GLU A 119 -9.54 -10.46 -5.10
CA GLU A 119 -8.55 -11.21 -5.86
C GLU A 119 -7.82 -10.29 -6.84
N ARG A 120 -8.62 -9.53 -7.58
CA ARG A 120 -8.06 -8.61 -8.56
C ARG A 120 -7.11 -7.63 -7.88
N MET A 121 -7.66 -6.84 -6.97
CA MET A 121 -6.88 -5.85 -6.24
C MET A 121 -5.66 -6.51 -5.58
N ASP A 122 -5.91 -7.64 -4.95
CA ASP A 122 -4.84 -8.37 -4.27
C ASP A 122 -3.72 -8.65 -5.27
N ARG A 123 -4.09 -9.28 -6.37
CA ARG A 123 -3.13 -9.62 -7.40
C ARG A 123 -2.31 -8.38 -7.79
N GLY A 124 -3.04 -7.33 -8.14
CA GLY A 124 -2.39 -6.09 -8.53
C GLY A 124 -1.63 -5.47 -7.36
N TRP A 125 -2.10 -5.78 -6.16
CA TRP A 125 -1.46 -5.26 -4.96
C TRP A 125 -0.10 -5.93 -4.82
N HIS A 126 -0.12 -7.26 -4.83
CA HIS A 126 1.12 -8.02 -4.71
C HIS A 126 2.04 -7.71 -5.88
N ASP A 127 1.49 -7.89 -7.09
CA ASP A 127 2.26 -7.64 -8.29
C ASP A 127 2.84 -6.22 -8.23
N LEU A 128 2.05 -5.31 -7.69
CA LEU A 128 2.46 -3.93 -7.56
C LEU A 128 3.65 -3.84 -6.60
N VAL A 129 3.71 -4.81 -5.71
CA VAL A 129 4.78 -4.86 -4.72
C VAL A 129 5.59 -6.14 -4.92
N ASN A 130 5.68 -6.55 -6.17
CA ASN A 130 6.42 -7.77 -6.51
C ASN A 130 7.53 -7.41 -7.50
N GLU A 131 7.14 -6.71 -8.56
CA GLU A 131 8.09 -6.31 -9.58
C GLU A 131 8.14 -4.79 -9.69
N ARG A 132 6.97 -4.19 -9.87
CA ARG A 132 6.87 -2.75 -9.97
C ARG A 132 7.82 -2.08 -8.97
N LEU A 133 7.57 -2.34 -7.70
CA LEU A 133 8.37 -1.78 -6.63
C LEU A 133 9.80 -2.31 -6.74
N ARG A 134 9.89 -3.60 -7.04
CA ARG A 134 11.19 -4.25 -7.18
C ARG A 134 12.08 -3.48 -8.15
N GLN A 135 11.42 -2.88 -9.15
CA GLN A 135 12.13 -2.10 -10.15
C GLN A 135 12.54 -0.75 -9.58
N ILE A 136 11.71 -0.24 -8.68
CA ILE A 136 11.98 1.04 -8.05
C ILE A 136 13.36 1.01 -7.41
N VAL A 137 13.82 -0.19 -7.12
CA VAL A 137 15.13 -0.38 -6.51
C VAL A 137 16.07 -1.06 -7.51
N GLU A 138 15.49 -1.98 -8.26
CA GLU A 138 16.27 -2.72 -9.25
C GLU A 138 16.27 -1.97 -10.58
N MET A 1 -11.51 -15.85 10.32
CA MET A 1 -12.18 -16.90 9.58
C MET A 1 -13.35 -16.35 8.77
N THR A 2 -13.47 -16.85 7.55
CA THR A 2 -14.54 -16.41 6.66
C THR A 2 -14.37 -14.94 6.31
N ARG A 3 -15.12 -14.51 5.30
CA ARG A 3 -15.06 -13.13 4.86
C ARG A 3 -13.67 -12.80 4.33
N LEU A 4 -13.65 -12.02 3.26
CA LEU A 4 -12.39 -11.61 2.66
C LEU A 4 -11.39 -11.25 3.75
N PRO A 5 -10.29 -12.05 3.81
CA PRO A 5 -9.26 -11.84 4.80
C PRO A 5 -8.40 -10.63 4.43
N ASP A 6 -7.48 -10.29 5.33
CA ASP A 6 -6.59 -9.16 5.11
C ASP A 6 -5.62 -9.49 3.97
N ILE A 7 -5.52 -8.57 3.03
CA ILE A 7 -4.63 -8.75 1.89
C ILE A 7 -3.19 -8.49 2.33
N LYS A 8 -2.75 -9.27 3.30
CA LYS A 8 -1.40 -9.14 3.82
C LYS A 8 -0.44 -9.93 2.93
N LYS A 9 0.51 -9.23 2.35
CA LYS A 9 1.48 -9.86 1.48
C LYS A 9 2.89 -9.44 1.91
N GLU A 10 3.87 -10.20 1.45
CA GLU A 10 5.27 -9.91 1.79
C GLU A 10 6.17 -10.23 0.60
N VAL A 11 7.13 -9.34 0.38
CA VAL A 11 8.06 -9.51 -0.72
C VAL A 11 9.48 -9.21 -0.22
N ARG A 12 10.45 -9.77 -0.94
CA ARG A 12 11.85 -9.58 -0.58
C ARG A 12 12.64 -9.13 -1.80
N PHE A 13 13.27 -7.97 -1.66
CA PHE A 13 14.07 -7.42 -2.74
C PHE A 13 15.47 -7.07 -2.26
N ASN A 14 16.42 -7.13 -3.19
CA ASN A 14 17.80 -6.84 -2.88
C ASN A 14 18.04 -5.33 -3.03
N ALA A 15 18.41 -4.71 -1.92
CA ALA A 15 18.67 -3.28 -1.92
C ALA A 15 18.71 -2.77 -0.47
N PRO A 16 19.26 -1.54 -0.31
CA PRO A 16 19.37 -0.93 1.00
C PRO A 16 18.02 -0.43 1.49
N ILE A 17 17.64 -0.87 2.68
CA ILE A 17 16.38 -0.47 3.27
C ILE A 17 16.25 1.05 3.19
N GLU A 18 17.39 1.72 3.15
CA GLU A 18 17.42 3.17 3.08
C GLU A 18 16.75 3.65 1.79
N LYS A 19 17.09 2.98 0.69
CA LYS A 19 16.53 3.33 -0.61
C LYS A 19 15.04 3.02 -0.61
N VAL A 20 14.73 1.78 -0.25
CA VAL A 20 13.33 1.34 -0.21
C VAL A 20 12.54 2.25 0.74
N TRP A 21 13.15 2.52 1.88
CA TRP A 21 12.53 3.38 2.88
C TRP A 21 12.20 4.72 2.21
N GLU A 22 13.23 5.34 1.66
CA GLU A 22 13.07 6.61 0.99
C GLU A 22 12.08 6.49 -0.17
N ALA A 23 11.99 5.27 -0.69
CA ALA A 23 11.10 5.00 -1.80
C ALA A 23 9.65 5.00 -1.31
N VAL A 24 9.50 4.69 -0.03
CA VAL A 24 8.18 4.65 0.58
C VAL A 24 8.04 5.83 1.54
N SER A 25 8.97 6.76 1.43
CA SER A 25 8.95 7.94 2.28
C SER A 25 8.71 9.19 1.44
N THR A 26 9.14 9.12 0.19
CA THR A 26 8.98 10.24 -0.72
C THR A 26 7.72 10.04 -1.58
N SER A 27 7.27 11.14 -2.17
CA SER A 27 6.08 11.10 -3.02
C SER A 27 6.44 10.57 -4.40
N GLU A 28 7.53 11.10 -4.95
CA GLU A 28 7.98 10.68 -6.26
C GLU A 28 8.34 9.20 -6.25
N GLY A 29 8.91 8.76 -5.13
CA GLY A 29 9.29 7.37 -4.98
C GLY A 29 8.07 6.47 -4.85
N LEU A 30 7.09 6.96 -4.10
CA LEU A 30 5.86 6.21 -3.89
C LEU A 30 5.04 6.20 -5.18
N ALA A 31 4.77 7.40 -5.68
CA ALA A 31 4.00 7.53 -6.90
C ALA A 31 4.68 6.74 -8.02
N PHE A 32 5.94 6.41 -7.79
CA PHE A 32 6.71 5.66 -8.77
C PHE A 32 6.13 4.26 -8.96
N TRP A 33 5.48 3.78 -7.91
CA TRP A 33 4.88 2.46 -7.94
C TRP A 33 3.41 2.59 -7.50
N PHE A 34 3.22 3.26 -6.38
CA PHE A 34 1.90 3.47 -5.84
C PHE A 34 1.09 4.42 -6.73
N MET A 35 1.19 5.70 -6.44
CA MET A 35 0.48 6.71 -7.20
C MET A 35 0.84 8.12 -6.72
N GLU A 36 0.55 9.08 -7.58
CA GLU A 36 0.84 10.47 -7.26
C GLU A 36 0.35 10.80 -5.84
N ASN A 37 1.16 11.58 -5.14
CA ASN A 37 0.83 11.97 -3.78
C ASN A 37 1.77 13.09 -3.33
N ASP A 38 1.54 13.56 -2.11
CA ASP A 38 2.35 14.62 -1.56
C ASP A 38 2.86 14.21 -0.18
N LEU A 39 2.98 12.89 0.00
CA LEU A 39 3.45 12.36 1.26
C LEU A 39 4.92 12.73 1.46
N LYS A 40 5.32 12.82 2.72
CA LYS A 40 6.69 13.17 3.05
C LYS A 40 7.09 12.47 4.36
N ALA A 41 6.57 11.27 4.52
CA ALA A 41 6.86 10.49 5.73
C ALA A 41 6.78 11.39 6.95
N GLU A 42 5.58 11.88 7.22
CA GLU A 42 5.35 12.75 8.35
C GLU A 42 4.00 12.47 8.99
N THR A 43 4.05 12.03 10.24
CA THR A 43 2.83 11.71 10.97
C THR A 43 1.94 12.95 11.09
N GLY A 44 0.65 12.72 10.90
CA GLY A 44 -0.32 13.81 10.99
C GLY A 44 -0.10 14.82 9.86
N HIS A 45 0.17 14.29 8.68
CA HIS A 45 0.40 15.13 7.51
C HIS A 45 -0.88 15.19 6.67
N HIS A 46 -0.85 16.07 5.67
CA HIS A 46 -1.99 16.22 4.79
C HIS A 46 -1.52 16.23 3.33
N PHE A 47 -1.88 15.17 2.63
CA PHE A 47 -1.50 15.04 1.23
C PHE A 47 -2.63 14.43 0.40
N HIS A 48 -2.86 15.03 -0.76
CA HIS A 48 -3.91 14.56 -1.65
C HIS A 48 -3.34 13.50 -2.60
N LEU A 49 -4.26 12.85 -3.31
CA LEU A 49 -3.87 11.81 -4.25
C LEU A 49 -4.59 12.05 -5.58
N GLN A 50 -3.84 11.91 -6.66
CA GLN A 50 -4.39 12.09 -7.99
C GLN A 50 -4.63 10.73 -8.66
N SER A 51 -5.69 10.08 -8.23
CA SER A 51 -6.03 8.77 -8.77
C SER A 51 -6.91 8.94 -10.01
N PRO A 52 -7.04 7.83 -10.79
CA PRO A 52 -7.86 7.85 -11.99
C PRO A 52 -9.34 7.82 -11.65
N PHE A 53 -9.68 6.99 -10.68
CA PHE A 53 -11.06 6.87 -10.25
C PHE A 53 -11.44 7.99 -9.26
N GLY A 54 -11.09 9.21 -9.65
CA GLY A 54 -11.39 10.35 -8.80
C GLY A 54 -10.30 10.55 -7.73
N PRO A 55 -9.92 11.84 -7.53
CA PRO A 55 -8.90 12.17 -6.55
C PRO A 55 -9.46 12.07 -5.13
N SER A 56 -8.60 11.63 -4.21
CA SER A 56 -8.99 11.49 -2.83
C SER A 56 -7.84 11.94 -1.92
N PRO A 57 -8.23 12.54 -0.76
CA PRO A 57 -7.24 13.02 0.20
C PRO A 57 -6.64 11.86 0.98
N CYS A 58 -5.57 12.15 1.70
CA CYS A 58 -4.88 11.14 2.49
C CYS A 58 -4.24 11.83 3.70
N GLN A 59 -4.02 11.04 4.74
CA GLN A 59 -3.42 11.56 5.95
C GLN A 59 -2.64 10.45 6.67
N VAL A 60 -1.34 10.68 6.82
CA VAL A 60 -0.48 9.72 7.49
C VAL A 60 -0.96 9.53 8.94
N THR A 61 -0.83 8.31 9.41
CA THR A 61 -1.23 7.99 10.77
C THR A 61 -0.02 7.64 11.62
N ASP A 62 0.99 7.05 10.97
CA ASP A 62 2.20 6.66 11.65
C ASP A 62 3.34 6.56 10.64
N VAL A 63 4.49 7.09 11.03
CA VAL A 63 5.67 7.06 10.17
C VAL A 63 6.90 7.40 10.99
N GLU A 64 7.71 6.38 11.24
CA GLU A 64 8.93 6.55 12.00
C GLU A 64 9.96 5.48 11.62
N ARG A 65 10.95 5.90 10.86
CA ARG A 65 12.00 4.99 10.42
C ARG A 65 11.40 3.83 9.63
N PRO A 66 12.30 3.05 8.97
CA PRO A 66 11.86 1.91 8.18
C PRO A 66 11.47 0.74 9.07
N ILE A 67 10.35 0.92 9.76
CA ILE A 67 9.85 -0.12 10.65
C ILE A 67 8.33 -0.16 10.59
N LYS A 68 7.73 1.02 10.67
CA LYS A 68 6.28 1.13 10.61
C LYS A 68 5.90 2.30 9.69
N LEU A 69 4.85 2.09 8.92
CA LEU A 69 4.37 3.11 8.00
C LEU A 69 2.91 2.84 7.65
N SER A 70 2.10 3.87 7.82
CA SER A 70 0.68 3.75 7.54
C SER A 70 0.15 5.07 6.94
N PHE A 71 -0.87 4.94 6.11
CA PHE A 71 -1.47 6.10 5.48
C PHE A 71 -2.91 5.81 5.05
N THR A 72 -3.77 6.80 5.26
CA THR A 72 -5.17 6.67 4.90
C THR A 72 -5.39 7.05 3.44
N TRP A 73 -6.47 6.54 2.88
CA TRP A 73 -6.81 6.82 1.50
C TRP A 73 -8.32 6.76 1.35
N ASP A 74 -8.87 7.74 0.64
CA ASP A 74 -10.30 7.80 0.41
C ASP A 74 -11.02 7.89 1.77
N THR A 75 -12.32 8.09 1.70
CA THR A 75 -13.13 8.19 2.90
C THR A 75 -14.16 7.07 2.96
N ASP A 76 -13.73 5.89 2.55
CA ASP A 76 -14.61 4.72 2.56
C ASP A 76 -14.22 3.81 3.71
N GLY A 77 -12.95 3.87 4.09
CA GLY A 77 -12.45 3.05 5.19
C GLY A 77 -11.40 2.06 4.68
N TRP A 78 -10.58 2.53 3.77
CA TRP A 78 -9.53 1.70 3.20
C TRP A 78 -8.18 2.24 3.69
N SER A 79 -7.51 1.43 4.50
CA SER A 79 -6.23 1.81 5.04
C SER A 79 -5.21 0.70 4.80
N VAL A 80 -4.00 1.12 4.45
CA VAL A 80 -2.93 0.17 4.18
C VAL A 80 -1.72 0.52 5.05
N THR A 81 -1.12 -0.52 5.62
CA THR A 81 0.04 -0.33 6.48
C THR A 81 1.24 -1.13 5.94
N PHE A 82 2.38 -0.47 5.88
CA PHE A 82 3.59 -1.09 5.39
C PHE A 82 4.54 -1.42 6.54
N HIS A 83 5.21 -2.56 6.42
CA HIS A 83 6.15 -3.00 7.43
C HIS A 83 7.51 -3.30 6.78
N LEU A 84 8.51 -2.54 7.19
CA LEU A 84 9.85 -2.71 6.65
C LEU A 84 10.76 -3.26 7.75
N LYS A 85 11.80 -3.97 7.32
CA LYS A 85 12.75 -4.54 8.25
C LYS A 85 13.93 -5.12 7.47
N GLU A 86 15.09 -4.51 7.68
CA GLU A 86 16.30 -4.94 7.01
C GLU A 86 16.62 -6.40 7.37
N GLU A 87 16.96 -7.17 6.35
CA GLU A 87 17.27 -8.57 6.55
C GLU A 87 18.79 -8.79 6.40
N GLU A 88 19.17 -10.06 6.44
CA GLU A 88 20.57 -10.42 6.31
C GLU A 88 21.24 -9.56 5.24
N ASN A 89 20.92 -9.88 3.98
CA ASN A 89 21.48 -9.16 2.86
C ASN A 89 20.35 -8.71 1.93
N GLY A 90 19.46 -7.91 2.50
CA GLY A 90 18.33 -7.41 1.73
C GLY A 90 17.32 -6.71 2.65
N THR A 91 16.24 -6.23 2.04
CA THR A 91 15.20 -5.54 2.79
C THR A 91 13.88 -6.31 2.69
N ILE A 92 13.14 -6.28 3.78
CA ILE A 92 11.85 -6.97 3.83
C ILE A 92 10.72 -5.95 3.73
N PHE A 93 9.73 -6.29 2.93
CA PHE A 93 8.58 -5.42 2.74
C PHE A 93 7.27 -6.19 2.90
N THR A 94 6.46 -5.70 3.83
CA THR A 94 5.18 -6.34 4.09
C THR A 94 4.04 -5.32 3.91
N ILE A 95 3.06 -5.71 3.10
CA ILE A 95 1.93 -4.86 2.83
C ILE A 95 0.69 -5.44 3.52
N VAL A 96 -0.18 -4.54 3.97
CA VAL A 96 -1.40 -4.94 4.65
C VAL A 96 -2.56 -4.06 4.17
N HIS A 97 -3.63 -4.71 3.76
CA HIS A 97 -4.80 -4.01 3.28
C HIS A 97 -6.05 -4.58 3.95
N SER A 98 -6.86 -3.68 4.49
CA SER A 98 -8.09 -4.08 5.16
C SER A 98 -9.23 -3.14 4.77
N GLY A 99 -10.43 -3.50 5.20
CA GLY A 99 -11.60 -2.70 4.90
C GLY A 99 -12.41 -3.31 3.76
N TRP A 100 -12.85 -4.54 3.97
CA TRP A 100 -13.63 -5.25 2.98
C TRP A 100 -14.82 -5.91 3.68
N LYS A 101 -15.67 -6.53 2.89
CA LYS A 101 -16.85 -7.20 3.42
C LYS A 101 -16.88 -8.64 2.90
N GLN A 102 -18.05 -9.25 3.02
CA GLN A 102 -18.24 -10.62 2.57
C GLN A 102 -17.84 -10.75 1.10
N GLY A 103 -17.77 -11.99 0.63
CA GLY A 103 -17.41 -12.26 -0.74
C GLY A 103 -18.58 -12.00 -1.68
N ASP A 104 -19.74 -12.49 -1.28
CA ASP A 104 -20.94 -12.31 -2.07
C ASP A 104 -21.17 -10.81 -2.33
N THR A 105 -21.23 -10.06 -1.24
CA THR A 105 -21.44 -8.63 -1.34
C THR A 105 -20.66 -8.05 -2.51
N LYS A 106 -21.25 -7.05 -3.15
CA LYS A 106 -20.62 -6.40 -4.28
C LYS A 106 -20.05 -5.06 -3.85
N VAL A 107 -19.09 -4.57 -4.62
CA VAL A 107 -18.45 -3.30 -4.32
C VAL A 107 -19.10 -2.21 -5.16
N GLU A 108 -19.85 -1.36 -4.48
CA GLU A 108 -20.55 -0.27 -5.15
C GLU A 108 -19.54 0.81 -5.57
N LYS A 109 -18.61 0.39 -6.41
CA LYS A 109 -17.58 1.30 -6.90
C LYS A 109 -16.92 0.70 -8.15
N ALA A 110 -16.31 -0.45 -7.96
CA ALA A 110 -15.64 -1.14 -9.05
C ALA A 110 -16.69 -1.71 -10.00
N GLY A 111 -17.54 -2.57 -9.44
CA GLY A 111 -18.59 -3.20 -10.23
C GLY A 111 -18.63 -4.71 -9.98
N ALA A 112 -17.44 -5.29 -9.91
CA ALA A 112 -17.32 -6.72 -9.69
C ALA A 112 -17.50 -7.01 -8.20
N GLU A 113 -17.90 -8.24 -7.91
CA GLU A 113 -18.11 -8.66 -6.54
C GLU A 113 -16.85 -8.39 -5.70
N SER A 114 -17.03 -8.42 -4.39
CA SER A 114 -15.92 -8.18 -3.48
C SER A 114 -14.89 -9.30 -3.60
N ALA A 115 -15.34 -10.43 -4.11
CA ALA A 115 -14.47 -11.58 -4.29
C ALA A 115 -13.60 -11.36 -5.54
N VAL A 116 -14.26 -11.05 -6.63
CA VAL A 116 -13.57 -10.81 -7.89
C VAL A 116 -12.55 -9.69 -7.70
N VAL A 117 -13.01 -8.62 -7.05
CA VAL A 117 -12.15 -7.47 -6.81
C VAL A 117 -10.98 -7.90 -5.92
N HIS A 118 -11.31 -8.60 -4.85
CA HIS A 118 -10.31 -9.08 -3.91
C HIS A 118 -9.16 -9.73 -4.69
N GLU A 119 -9.52 -10.73 -5.49
CA GLU A 119 -8.53 -11.44 -6.28
C GLU A 119 -7.78 -10.47 -7.18
N ARG A 120 -8.55 -9.62 -7.85
CA ARG A 120 -7.96 -8.63 -8.76
C ARG A 120 -7.00 -7.72 -7.99
N MET A 121 -7.57 -6.97 -7.06
CA MET A 121 -6.77 -6.06 -6.26
C MET A 121 -5.63 -6.79 -5.55
N ASP A 122 -6.00 -7.86 -4.87
CA ASP A 122 -5.03 -8.66 -4.15
C ASP A 122 -3.87 -9.03 -5.09
N ARG A 123 -4.24 -9.49 -6.28
CA ARG A 123 -3.25 -9.87 -7.27
C ARG A 123 -2.42 -8.66 -7.68
N GLY A 124 -3.12 -7.57 -7.97
CA GLY A 124 -2.46 -6.35 -8.38
C GLY A 124 -1.55 -5.81 -7.27
N TRP A 125 -2.06 -5.87 -6.05
CA TRP A 125 -1.31 -5.40 -4.90
C TRP A 125 0.03 -6.15 -4.87
N HIS A 126 -0.07 -7.47 -4.85
CA HIS A 126 1.12 -8.31 -4.82
C HIS A 126 2.01 -7.98 -6.01
N ASP A 127 1.41 -8.02 -7.19
CA ASP A 127 2.13 -7.73 -8.41
C ASP A 127 2.82 -6.36 -8.29
N LEU A 128 2.06 -5.41 -7.77
CA LEU A 128 2.57 -4.06 -7.59
C LEU A 128 3.76 -4.11 -6.62
N VAL A 129 3.54 -4.75 -5.49
CA VAL A 129 4.58 -4.88 -4.48
C VAL A 129 5.38 -6.16 -4.72
N ASN A 130 5.54 -6.49 -6.00
CA ASN A 130 6.28 -7.67 -6.38
C ASN A 130 7.45 -7.28 -7.28
N GLU A 131 7.11 -6.76 -8.45
CA GLU A 131 8.13 -6.34 -9.41
C GLU A 131 8.19 -4.82 -9.47
N ARG A 132 7.06 -4.23 -9.83
CA ARG A 132 6.98 -2.78 -9.94
C ARG A 132 7.81 -2.11 -8.84
N LEU A 133 7.44 -2.40 -7.60
CA LEU A 133 8.14 -1.85 -6.46
C LEU A 133 9.61 -2.28 -6.51
N ARG A 134 9.81 -3.58 -6.72
CA ARG A 134 11.15 -4.12 -6.78
C ARG A 134 11.99 -3.35 -7.80
N GLN A 135 11.32 -2.86 -8.83
CA GLN A 135 11.99 -2.09 -9.87
C GLN A 135 12.39 -0.72 -9.34
N ILE A 136 11.62 -0.25 -8.38
CA ILE A 136 11.88 1.05 -7.77
C ILE A 136 13.27 1.05 -7.15
N VAL A 137 13.73 -0.15 -6.79
CA VAL A 137 15.03 -0.30 -6.17
C VAL A 137 15.97 -0.99 -7.16
N GLU A 138 15.38 -1.74 -8.08
CA GLU A 138 16.14 -2.46 -9.08
C GLU A 138 16.13 -1.70 -10.41
N MET A 1 -16.77 -20.66 3.77
CA MET A 1 -16.04 -19.50 3.25
C MET A 1 -15.93 -18.40 4.30
N THR A 2 -17.09 -17.97 4.78
CA THR A 2 -17.13 -16.92 5.79
C THR A 2 -16.25 -15.74 5.35
N ARG A 3 -16.15 -14.76 6.25
CA ARG A 3 -15.37 -13.57 5.98
C ARG A 3 -14.08 -13.95 5.23
N LEU A 4 -13.59 -13.00 4.45
CA LEU A 4 -12.39 -13.22 3.67
C LEU A 4 -11.16 -12.83 4.52
N PRO A 5 -10.00 -13.45 4.18
CA PRO A 5 -8.77 -13.18 4.90
C PRO A 5 -8.19 -11.81 4.49
N ASP A 6 -7.26 -11.34 5.31
CA ASP A 6 -6.63 -10.06 5.05
C ASP A 6 -5.66 -10.20 3.87
N ILE A 7 -5.63 -9.17 3.04
CA ILE A 7 -4.75 -9.17 1.88
C ILE A 7 -3.34 -8.78 2.32
N LYS A 8 -2.73 -9.65 3.11
CA LYS A 8 -1.39 -9.40 3.59
C LYS A 8 -0.38 -10.16 2.71
N LYS A 9 0.53 -9.39 2.14
CA LYS A 9 1.56 -9.96 1.27
C LYS A 9 2.94 -9.51 1.75
N GLU A 10 3.95 -10.22 1.28
CA GLU A 10 5.32 -9.92 1.65
C GLU A 10 6.27 -10.28 0.51
N VAL A 11 7.19 -9.36 0.23
CA VAL A 11 8.16 -9.57 -0.83
C VAL A 11 9.55 -9.20 -0.31
N ARG A 12 10.55 -9.70 -1.02
CA ARG A 12 11.94 -9.43 -0.64
C ARG A 12 12.71 -8.87 -1.84
N PHE A 13 13.39 -7.75 -1.59
CA PHE A 13 14.17 -7.11 -2.64
C PHE A 13 15.60 -6.85 -2.17
N ASN A 14 16.53 -6.98 -3.10
CA ASN A 14 17.93 -6.76 -2.80
C ASN A 14 18.26 -5.28 -2.95
N ALA A 15 18.30 -4.60 -1.81
CA ALA A 15 18.60 -3.17 -1.81
C ALA A 15 18.63 -2.66 -0.36
N PRO A 16 19.23 -1.46 -0.19
CA PRO A 16 19.32 -0.86 1.13
C PRO A 16 17.97 -0.29 1.57
N ILE A 17 17.57 -0.69 2.77
CA ILE A 17 16.31 -0.22 3.33
C ILE A 17 16.24 1.30 3.26
N GLU A 18 17.43 1.90 3.27
CA GLU A 18 17.53 3.36 3.21
C GLU A 18 16.94 3.88 1.89
N LYS A 19 17.12 3.08 0.85
CA LYS A 19 16.61 3.45 -0.46
C LYS A 19 15.10 3.20 -0.52
N VAL A 20 14.73 1.95 -0.24
CA VAL A 20 13.33 1.57 -0.25
C VAL A 20 12.56 2.45 0.74
N TRP A 21 13.15 2.65 1.91
CA TRP A 21 12.54 3.46 2.93
C TRP A 21 12.20 4.83 2.32
N GLU A 22 13.20 5.42 1.68
CA GLU A 22 13.02 6.72 1.05
C GLU A 22 12.07 6.60 -0.14
N ALA A 23 12.01 5.39 -0.68
CA ALA A 23 11.14 5.14 -1.83
C ALA A 23 9.69 5.04 -1.34
N VAL A 24 9.55 4.87 -0.04
CA VAL A 24 8.23 4.75 0.56
C VAL A 24 8.00 5.91 1.52
N SER A 25 8.93 6.86 1.49
CA SER A 25 8.85 8.03 2.34
C SER A 25 8.58 9.28 1.51
N THR A 26 9.05 9.23 0.27
CA THR A 26 8.87 10.36 -0.64
C THR A 26 7.64 10.14 -1.51
N SER A 27 7.31 11.17 -2.28
CA SER A 27 6.15 11.09 -3.17
C SER A 27 6.57 10.54 -4.53
N GLU A 28 7.60 11.16 -5.08
CA GLU A 28 8.11 10.76 -6.39
C GLU A 28 8.51 9.28 -6.36
N GLY A 29 9.04 8.87 -5.22
CA GLY A 29 9.46 7.49 -5.05
C GLY A 29 8.26 6.56 -4.92
N LEU A 30 7.25 7.04 -4.21
CA LEU A 30 6.04 6.26 -4.00
C LEU A 30 5.24 6.21 -5.31
N ALA A 31 4.94 7.40 -5.82
CA ALA A 31 4.18 7.51 -7.06
C ALA A 31 4.90 6.73 -8.17
N PHE A 32 6.17 6.44 -7.91
CA PHE A 32 6.97 5.70 -8.87
C PHE A 32 6.41 4.30 -9.08
N TRP A 33 5.70 3.81 -8.06
CA TRP A 33 5.11 2.49 -8.12
C TRP A 33 3.66 2.60 -7.67
N PHE A 34 3.47 3.26 -6.54
CA PHE A 34 2.14 3.44 -5.99
C PHE A 34 1.31 4.37 -6.87
N MET A 35 1.40 5.67 -6.56
CA MET A 35 0.67 6.67 -7.32
C MET A 35 1.05 8.08 -6.86
N GLU A 36 0.71 9.05 -7.70
CA GLU A 36 1.00 10.44 -7.39
C GLU A 36 0.50 10.80 -5.99
N ASN A 37 1.28 11.60 -5.29
CA ASN A 37 0.93 12.02 -3.95
C ASN A 37 1.88 13.13 -3.50
N ASP A 38 1.62 13.64 -2.30
CA ASP A 38 2.44 14.70 -1.74
C ASP A 38 2.96 14.26 -0.37
N LEU A 39 3.06 12.95 -0.20
CA LEU A 39 3.53 12.40 1.06
C LEU A 39 5.00 12.79 1.26
N LYS A 40 5.39 12.86 2.53
CA LYS A 40 6.75 13.23 2.87
C LYS A 40 7.18 12.45 4.12
N ALA A 41 6.51 11.34 4.35
CA ALA A 41 6.80 10.50 5.50
C ALA A 41 6.71 11.33 6.77
N GLU A 42 5.49 11.79 7.05
CA GLU A 42 5.25 12.60 8.24
C GLU A 42 3.88 12.28 8.83
N THR A 43 3.86 12.09 10.14
CA THR A 43 2.63 11.78 10.83
C THR A 43 1.77 13.04 10.99
N GLY A 44 0.46 12.84 10.92
CA GLY A 44 -0.47 13.95 11.05
C GLY A 44 -0.37 14.89 9.84
N HIS A 45 0.23 14.37 8.77
CA HIS A 45 0.39 15.15 7.56
C HIS A 45 -0.88 15.04 6.71
N HIS A 46 -0.95 15.90 5.69
CA HIS A 46 -2.09 15.91 4.80
C HIS A 46 -1.61 16.07 3.36
N PHE A 47 -1.81 15.01 2.58
CA PHE A 47 -1.41 15.02 1.18
C PHE A 47 -2.53 14.49 0.29
N HIS A 48 -2.73 15.18 -0.83
CA HIS A 48 -3.76 14.79 -1.77
C HIS A 48 -3.23 13.68 -2.68
N LEU A 49 -4.14 13.08 -3.43
CA LEU A 49 -3.78 12.01 -4.34
C LEU A 49 -4.36 12.30 -5.72
N GLN A 50 -3.55 12.05 -6.74
CA GLN A 50 -3.97 12.28 -8.11
C GLN A 50 -4.08 10.95 -8.86
N SER A 51 -5.16 10.23 -8.56
CA SER A 51 -5.40 8.95 -9.19
C SER A 51 -6.13 9.14 -10.52
N PRO A 52 -6.08 8.09 -11.38
CA PRO A 52 -6.73 8.14 -12.67
C PRO A 52 -8.25 7.98 -12.52
N PHE A 53 -8.65 7.55 -11.33
CA PHE A 53 -10.06 7.35 -11.06
C PHE A 53 -10.57 8.36 -10.02
N GLY A 54 -10.22 9.62 -10.25
CA GLY A 54 -10.63 10.68 -9.35
C GLY A 54 -9.63 10.83 -8.19
N PRO A 55 -9.39 12.11 -7.80
CA PRO A 55 -8.47 12.40 -6.72
C PRO A 55 -9.10 12.07 -5.37
N SER A 56 -8.26 11.67 -4.44
CA SER A 56 -8.71 11.32 -3.10
C SER A 56 -7.71 11.81 -2.06
N PRO A 57 -8.24 12.37 -0.95
CA PRO A 57 -7.40 12.88 0.13
C PRO A 57 -6.83 11.73 0.95
N CYS A 58 -5.57 11.89 1.34
CA CYS A 58 -4.89 10.88 2.14
C CYS A 58 -4.34 11.55 3.40
N GLN A 59 -4.09 10.73 4.40
CA GLN A 59 -3.57 11.22 5.67
C GLN A 59 -2.73 10.15 6.36
N VAL A 60 -1.58 10.57 6.87
CA VAL A 60 -0.68 9.67 7.55
C VAL A 60 -1.11 9.52 9.02
N THR A 61 -1.11 8.28 9.48
CA THR A 61 -1.50 8.00 10.85
C THR A 61 -0.26 7.70 11.70
N ASP A 62 0.73 7.10 11.06
CA ASP A 62 1.96 6.75 11.75
C ASP A 62 3.07 6.52 10.72
N VAL A 63 4.20 7.15 10.96
CA VAL A 63 5.33 7.03 10.07
C VAL A 63 6.62 7.34 10.84
N GLU A 64 7.43 6.31 11.04
CA GLU A 64 8.68 6.46 11.75
C GLU A 64 9.66 5.36 11.32
N ARG A 65 10.64 5.76 10.52
CA ARG A 65 11.64 4.83 10.04
C ARG A 65 10.98 3.67 9.30
N PRO A 66 11.82 2.92 8.55
CA PRO A 66 11.33 1.77 7.79
C PRO A 66 11.04 0.59 8.70
N ILE A 67 10.20 0.85 9.71
CA ILE A 67 9.83 -0.18 10.66
C ILE A 67 8.30 -0.30 10.71
N LYS A 68 7.66 0.86 10.64
CA LYS A 68 6.20 0.90 10.67
C LYS A 68 5.71 2.15 9.95
N LEU A 69 5.00 1.92 8.86
CA LEU A 69 4.46 3.02 8.07
C LEU A 69 2.99 2.75 7.74
N SER A 70 2.16 3.73 8.04
CA SER A 70 0.74 3.60 7.78
C SER A 70 0.21 4.87 7.12
N PHE A 71 -0.74 4.69 6.21
CA PHE A 71 -1.33 5.81 5.51
C PHE A 71 -2.72 5.46 4.97
N THR A 72 -3.66 6.35 5.21
CA THR A 72 -5.03 6.14 4.76
C THR A 72 -5.24 6.78 3.38
N TRP A 73 -5.98 6.08 2.54
CA TRP A 73 -6.28 6.56 1.21
C TRP A 73 -7.78 6.46 0.98
N ASP A 74 -8.35 7.57 0.54
CA ASP A 74 -9.78 7.63 0.27
C ASP A 74 -10.51 8.02 1.56
N THR A 75 -9.84 7.79 2.68
CA THR A 75 -10.42 8.12 3.98
C THR A 75 -11.92 7.82 3.98
N ASP A 76 -12.29 6.80 3.22
CA ASP A 76 -13.69 6.42 3.13
C ASP A 76 -13.80 5.08 2.39
N GLY A 77 -12.80 4.24 2.60
CA GLY A 77 -12.77 2.94 1.96
C GLY A 77 -12.05 1.91 2.83
N TRP A 78 -10.76 1.75 2.58
CA TRP A 78 -9.96 0.81 3.34
C TRP A 78 -8.62 1.48 3.65
N SER A 79 -7.90 0.87 4.59
CA SER A 79 -6.60 1.40 4.99
C SER A 79 -5.54 0.30 4.88
N VAL A 80 -4.38 0.69 4.38
CA VAL A 80 -3.28 -0.24 4.22
C VAL A 80 -2.11 0.20 5.09
N THR A 81 -1.41 -0.79 5.63
CA THR A 81 -0.26 -0.51 6.49
C THR A 81 1.00 -1.16 5.92
N PHE A 82 2.10 -0.42 6.00
CA PHE A 82 3.37 -0.91 5.49
C PHE A 82 4.28 -1.34 6.64
N HIS A 83 5.09 -2.35 6.36
CA HIS A 83 6.01 -2.87 7.36
C HIS A 83 7.34 -3.23 6.68
N LEU A 84 8.38 -2.51 7.07
CA LEU A 84 9.70 -2.75 6.52
C LEU A 84 10.62 -3.28 7.62
N LYS A 85 11.68 -3.95 7.18
CA LYS A 85 12.63 -4.53 8.12
C LYS A 85 13.85 -5.04 7.34
N GLU A 86 14.98 -4.39 7.58
CA GLU A 86 16.22 -4.77 6.93
C GLU A 86 16.67 -6.15 7.39
N GLU A 87 16.95 -7.01 6.41
CA GLU A 87 17.40 -8.36 6.72
C GLU A 87 18.79 -8.60 6.13
N GLU A 88 19.30 -9.80 6.37
CA GLU A 88 20.61 -10.17 5.89
C GLU A 88 20.65 -10.11 4.36
N ASN A 89 19.79 -10.92 3.75
CA ASN A 89 19.71 -10.96 2.30
C ASN A 89 19.59 -9.54 1.75
N GLY A 90 18.64 -8.80 2.31
CA GLY A 90 18.41 -7.43 1.89
C GLY A 90 17.33 -6.76 2.75
N THR A 91 16.35 -6.21 2.08
CA THR A 91 15.25 -5.53 2.77
C THR A 91 13.96 -6.36 2.65
N ILE A 92 13.13 -6.24 3.68
CA ILE A 92 11.88 -6.97 3.71
C ILE A 92 10.71 -5.97 3.64
N PHE A 93 9.74 -6.30 2.82
CA PHE A 93 8.57 -5.46 2.65
C PHE A 93 7.28 -6.26 2.82
N THR A 94 6.43 -5.77 3.71
CA THR A 94 5.16 -6.43 3.97
C THR A 94 4.01 -5.42 3.87
N ILE A 95 2.94 -5.85 3.20
CA ILE A 95 1.78 -5.00 3.04
C ILE A 95 0.58 -5.64 3.74
N VAL A 96 -0.25 -4.80 4.33
CA VAL A 96 -1.43 -5.27 5.04
C VAL A 96 -2.63 -4.43 4.61
N HIS A 97 -3.53 -5.07 3.88
CA HIS A 97 -4.73 -4.40 3.41
C HIS A 97 -5.97 -5.11 3.95
N SER A 98 -6.75 -4.38 4.74
CA SER A 98 -7.96 -4.92 5.32
C SER A 98 -9.14 -3.99 5.05
N GLY A 99 -10.33 -4.57 5.11
CA GLY A 99 -11.55 -3.80 4.87
C GLY A 99 -12.49 -4.55 3.93
N TRP A 100 -12.87 -5.75 4.36
CA TRP A 100 -13.77 -6.57 3.58
C TRP A 100 -14.79 -7.21 4.52
N LYS A 101 -15.75 -7.90 3.94
CA LYS A 101 -16.78 -8.55 4.71
C LYS A 101 -16.99 -9.98 4.21
N GLN A 102 -18.17 -10.50 4.45
CA GLN A 102 -18.50 -11.85 4.02
C GLN A 102 -18.44 -11.96 2.49
N GLY A 103 -17.91 -13.09 2.04
CA GLY A 103 -17.79 -13.31 0.60
C GLY A 103 -19.16 -13.33 -0.07
N ASP A 104 -19.67 -12.13 -0.33
CA ASP A 104 -20.97 -11.99 -0.96
C ASP A 104 -21.31 -10.51 -1.09
N THR A 105 -21.18 -9.80 0.03
CA THR A 105 -21.47 -8.38 0.06
C THR A 105 -20.73 -7.66 -1.07
N LYS A 106 -21.47 -7.36 -2.13
CA LYS A 106 -20.90 -6.68 -3.27
C LYS A 106 -20.23 -5.38 -2.80
N VAL A 107 -19.29 -4.91 -3.61
CA VAL A 107 -18.58 -3.68 -3.30
C VAL A 107 -19.35 -2.49 -3.85
N GLU A 108 -19.86 -1.68 -2.94
CA GLU A 108 -20.63 -0.50 -3.32
C GLU A 108 -19.68 0.65 -3.65
N LYS A 109 -18.73 0.37 -4.54
CA LYS A 109 -17.76 1.37 -4.95
C LYS A 109 -17.04 0.89 -6.20
N ALA A 110 -16.12 -0.04 -6.00
CA ALA A 110 -15.35 -0.59 -7.11
C ALA A 110 -16.30 -0.90 -8.27
N GLY A 111 -17.27 -1.75 -7.99
CA GLY A 111 -18.24 -2.15 -8.99
C GLY A 111 -18.10 -3.62 -9.35
N ALA A 112 -18.11 -4.46 -8.31
CA ALA A 112 -17.98 -5.89 -8.50
C ALA A 112 -17.92 -6.58 -7.14
N GLU A 113 -18.32 -7.84 -7.12
CA GLU A 113 -18.31 -8.61 -5.90
C GLU A 113 -17.05 -8.32 -5.08
N SER A 114 -17.13 -8.63 -3.79
CA SER A 114 -16.01 -8.41 -2.90
C SER A 114 -14.88 -9.39 -3.21
N ALA A 115 -15.28 -10.62 -3.52
CA ALA A 115 -14.32 -11.66 -3.84
C ALA A 115 -13.56 -11.27 -5.11
N VAL A 116 -14.32 -10.78 -6.08
CA VAL A 116 -13.74 -10.37 -7.35
C VAL A 116 -12.71 -9.26 -7.10
N VAL A 117 -13.14 -8.23 -6.40
CA VAL A 117 -12.27 -7.11 -6.09
C VAL A 117 -11.12 -7.60 -5.22
N HIS A 118 -11.47 -8.37 -4.19
CA HIS A 118 -10.48 -8.91 -3.28
C HIS A 118 -9.32 -9.52 -4.07
N GLU A 119 -9.69 -10.42 -4.99
CA GLU A 119 -8.70 -11.09 -5.81
C GLU A 119 -8.02 -10.08 -6.74
N ARG A 120 -8.85 -9.31 -7.44
CA ARG A 120 -8.34 -8.30 -8.36
C ARG A 120 -7.32 -7.41 -7.66
N MET A 121 -7.81 -6.67 -6.68
CA MET A 121 -6.96 -5.77 -5.92
C MET A 121 -5.75 -6.51 -5.35
N ASP A 122 -6.03 -7.63 -4.70
CA ASP A 122 -4.99 -8.44 -4.10
C ASP A 122 -3.91 -8.72 -5.15
N ARG A 123 -4.36 -9.29 -6.27
CA ARG A 123 -3.45 -9.62 -7.35
C ARG A 123 -2.54 -8.43 -7.66
N GLY A 124 -3.16 -7.33 -8.05
CA GLY A 124 -2.41 -6.13 -8.38
C GLY A 124 -1.59 -5.65 -7.18
N TRP A 125 -2.17 -5.82 -6.00
CA TRP A 125 -1.50 -5.41 -4.77
C TRP A 125 -0.15 -6.12 -4.71
N HIS A 126 -0.20 -7.43 -4.90
CA HIS A 126 1.01 -8.23 -4.86
C HIS A 126 1.91 -7.85 -6.04
N ASP A 127 1.31 -7.83 -7.22
CA ASP A 127 2.04 -7.49 -8.43
C ASP A 127 2.74 -6.15 -8.24
N LEU A 128 2.01 -5.22 -7.63
CA LEU A 128 2.54 -3.89 -7.38
C LEU A 128 3.78 -3.99 -6.50
N VAL A 129 3.62 -4.69 -5.38
CA VAL A 129 4.72 -4.88 -4.44
C VAL A 129 5.46 -6.17 -4.80
N ASN A 130 5.62 -6.39 -6.09
CA ASN A 130 6.30 -7.58 -6.57
C ASN A 130 7.51 -7.16 -7.42
N GLU A 131 7.20 -6.59 -8.57
CA GLU A 131 8.24 -6.14 -9.47
C GLU A 131 8.13 -4.64 -9.71
N ARG A 132 6.90 -4.16 -9.72
CA ARG A 132 6.64 -2.75 -9.94
C ARG A 132 7.37 -1.90 -8.88
N LEU A 133 7.40 -2.43 -7.67
CA LEU A 133 8.06 -1.75 -6.57
C LEU A 133 9.55 -2.09 -6.59
N ARG A 134 9.83 -3.37 -6.77
CA ARG A 134 11.20 -3.83 -6.80
C ARG A 134 12.01 -3.04 -7.83
N GLN A 135 11.34 -2.70 -8.92
CA GLN A 135 11.98 -1.94 -9.98
C GLN A 135 12.43 -0.57 -9.46
N ILE A 136 11.71 -0.09 -8.46
CA ILE A 136 12.03 1.19 -7.86
C ILE A 136 13.42 1.14 -7.23
N VAL A 137 13.84 -0.08 -6.91
CA VAL A 137 15.14 -0.28 -6.30
C VAL A 137 16.06 -0.99 -7.30
N GLU A 138 15.45 -1.81 -8.14
CA GLU A 138 16.20 -2.54 -9.15
C GLU A 138 16.27 -1.75 -10.45
N MET A 1 -11.72 -16.86 9.23
CA MET A 1 -12.34 -16.86 10.55
C MET A 1 -13.33 -15.71 10.68
N THR A 2 -13.04 -14.63 9.98
CA THR A 2 -13.89 -13.45 10.01
C THR A 2 -13.69 -12.61 8.74
N ARG A 3 -14.73 -12.60 7.93
CA ARG A 3 -14.69 -11.85 6.68
C ARG A 3 -13.48 -12.28 5.84
N LEU A 4 -13.45 -11.78 4.61
CA LEU A 4 -12.37 -12.09 3.70
C LEU A 4 -11.02 -11.91 4.43
N PRO A 5 -10.00 -12.68 3.96
CA PRO A 5 -8.69 -12.60 4.55
C PRO A 5 -7.97 -11.32 4.11
N ASP A 6 -7.28 -10.72 5.07
CA ASP A 6 -6.54 -9.49 4.80
C ASP A 6 -5.59 -9.72 3.64
N ILE A 7 -5.47 -8.70 2.79
CA ILE A 7 -4.60 -8.79 1.63
C ILE A 7 -3.16 -8.47 2.07
N LYS A 8 -2.65 -9.31 2.95
CA LYS A 8 -1.30 -9.15 3.45
C LYS A 8 -0.32 -9.87 2.52
N LYS A 9 0.69 -9.12 2.08
CA LYS A 9 1.69 -9.68 1.19
C LYS A 9 3.08 -9.24 1.65
N GLU A 10 4.07 -10.05 1.31
CA GLU A 10 5.44 -9.75 1.69
C GLU A 10 6.40 -10.20 0.58
N VAL A 11 7.30 -9.29 0.24
CA VAL A 11 8.29 -9.58 -0.80
C VAL A 11 9.68 -9.20 -0.30
N ARG A 12 10.68 -9.78 -0.95
CA ARG A 12 12.06 -9.53 -0.58
C ARG A 12 12.86 -9.06 -1.79
N PHE A 13 13.44 -7.87 -1.67
CA PHE A 13 14.23 -7.30 -2.75
C PHE A 13 15.65 -7.00 -2.28
N ASN A 14 16.58 -7.11 -3.22
CA ASN A 14 17.98 -6.85 -2.92
C ASN A 14 18.25 -5.35 -3.04
N ALA A 15 18.37 -4.70 -1.90
CA ALA A 15 18.63 -3.27 -1.87
C ALA A 15 18.65 -2.79 -0.41
N PRO A 16 19.24 -1.58 -0.21
CA PRO A 16 19.34 -1.01 1.12
C PRO A 16 17.98 -0.45 1.57
N ILE A 17 17.55 -0.90 2.74
CA ILE A 17 16.28 -0.46 3.29
C ILE A 17 16.22 1.08 3.27
N GLU A 18 17.41 1.67 3.30
CA GLU A 18 17.50 3.12 3.28
C GLU A 18 16.90 3.68 1.99
N LYS A 19 17.13 2.96 0.91
CA LYS A 19 16.61 3.37 -0.39
C LYS A 19 15.11 3.08 -0.45
N VAL A 20 14.76 1.83 -0.20
CA VAL A 20 13.36 1.43 -0.23
C VAL A 20 12.56 2.31 0.72
N TRP A 21 13.16 2.57 1.88
CA TRP A 21 12.52 3.40 2.89
C TRP A 21 12.27 4.78 2.28
N GLU A 22 13.30 5.29 1.63
CA GLU A 22 13.20 6.60 1.00
C GLU A 22 12.26 6.54 -0.21
N ALA A 23 12.13 5.34 -0.75
CA ALA A 23 11.26 5.14 -1.90
C ALA A 23 9.82 4.92 -1.43
N VAL A 24 9.68 4.74 -0.12
CA VAL A 24 8.37 4.53 0.48
C VAL A 24 8.10 5.64 1.50
N SER A 25 8.98 6.62 1.51
CA SER A 25 8.84 7.73 2.43
C SER A 25 8.67 9.04 1.65
N THR A 26 8.77 8.92 0.33
CA THR A 26 8.63 10.08 -0.54
C THR A 26 7.50 9.85 -1.54
N SER A 27 7.04 10.96 -2.12
CA SER A 27 5.96 10.89 -3.10
C SER A 27 6.50 10.34 -4.43
N GLU A 28 7.62 10.89 -4.85
CA GLU A 28 8.24 10.47 -6.09
C GLU A 28 8.60 8.98 -6.03
N GLY A 29 8.98 8.55 -4.85
CA GLY A 29 9.36 7.16 -4.63
C GLY A 29 8.11 6.26 -4.58
N LEU A 30 7.06 6.80 -3.98
CA LEU A 30 5.81 6.07 -3.85
C LEU A 30 5.10 6.05 -5.20
N ALA A 31 4.87 7.24 -5.73
CA ALA A 31 4.19 7.38 -7.00
C ALA A 31 4.95 6.57 -8.06
N PHE A 32 6.20 6.25 -7.75
CA PHE A 32 7.04 5.48 -8.64
C PHE A 32 6.45 4.10 -8.89
N TRP A 33 5.61 3.66 -7.96
CA TRP A 33 4.98 2.36 -8.05
C TRP A 33 3.51 2.52 -7.68
N PHE A 34 3.29 3.18 -6.54
CA PHE A 34 1.94 3.40 -6.05
C PHE A 34 1.19 4.38 -6.95
N MET A 35 1.31 5.66 -6.59
CA MET A 35 0.66 6.72 -7.35
C MET A 35 1.10 8.09 -6.87
N GLU A 36 0.79 9.10 -7.67
CA GLU A 36 1.15 10.47 -7.33
C GLU A 36 0.51 10.86 -6.00
N ASN A 37 1.32 11.51 -5.17
CA ASN A 37 0.87 11.95 -3.86
C ASN A 37 1.77 13.08 -3.36
N ASP A 38 1.52 13.48 -2.12
CA ASP A 38 2.30 14.55 -1.52
C ASP A 38 2.84 14.07 -0.17
N LEU A 39 3.02 12.77 -0.07
CA LEU A 39 3.52 12.16 1.16
C LEU A 39 4.97 12.62 1.39
N LYS A 40 5.34 12.67 2.65
CA LYS A 40 6.69 13.08 3.02
C LYS A 40 7.11 12.38 4.32
N ALA A 41 6.44 11.26 4.58
CA ALA A 41 6.73 10.49 5.79
C ALA A 41 6.59 11.40 7.01
N GLU A 42 5.35 11.83 7.26
CA GLU A 42 5.07 12.69 8.38
C GLU A 42 3.64 12.47 8.87
N THR A 43 3.55 11.86 10.05
CA THR A 43 2.25 11.58 10.65
C THR A 43 1.41 12.86 10.71
N GLY A 44 0.13 12.71 10.39
CA GLY A 44 -0.78 13.83 10.40
C GLY A 44 -0.49 14.80 9.25
N HIS A 45 0.00 14.23 8.15
CA HIS A 45 0.33 15.02 6.98
C HIS A 45 -0.70 14.76 5.88
N HIS A 46 -1.82 15.44 5.98
CA HIS A 46 -2.89 15.30 5.01
C HIS A 46 -2.36 15.63 3.61
N PHE A 47 -2.17 14.58 2.82
CA PHE A 47 -1.68 14.75 1.46
C PHE A 47 -2.72 14.32 0.44
N HIS A 48 -2.77 15.05 -0.66
CA HIS A 48 -3.71 14.76 -1.72
C HIS A 48 -3.18 13.60 -2.59
N LEU A 49 -4.11 12.94 -3.26
CA LEU A 49 -3.74 11.82 -4.11
C LEU A 49 -4.36 12.03 -5.49
N GLN A 50 -3.52 11.84 -6.51
CA GLN A 50 -3.96 12.00 -7.88
C GLN A 50 -4.15 10.63 -8.55
N SER A 51 -5.22 9.97 -8.17
CA SER A 51 -5.52 8.66 -8.73
C SER A 51 -6.21 8.80 -10.08
N PRO A 52 -6.22 7.68 -10.85
CA PRO A 52 -6.84 7.67 -12.17
C PRO A 52 -8.36 7.64 -12.05
N PHE A 53 -8.83 7.47 -10.82
CA PHE A 53 -10.25 7.41 -10.56
C PHE A 53 -10.70 8.60 -9.70
N GLY A 54 -10.20 9.77 -10.07
CA GLY A 54 -10.53 10.98 -9.35
C GLY A 54 -9.61 11.19 -8.14
N PRO A 55 -9.31 12.48 -7.86
CA PRO A 55 -8.44 12.82 -6.74
C PRO A 55 -9.17 12.65 -5.41
N SER A 56 -8.45 12.10 -4.44
CA SER A 56 -9.01 11.89 -3.12
C SER A 56 -8.01 12.30 -2.05
N PRO A 57 -8.57 12.84 -0.93
CA PRO A 57 -7.72 13.29 0.17
C PRO A 57 -7.19 12.11 0.97
N CYS A 58 -5.91 12.19 1.30
CA CYS A 58 -5.26 11.13 2.07
C CYS A 58 -4.56 11.77 3.26
N GLN A 59 -4.28 10.94 4.26
CA GLN A 59 -3.60 11.39 5.46
C GLN A 59 -2.83 10.25 6.10
N VAL A 60 -1.65 10.58 6.62
CA VAL A 60 -0.81 9.60 7.27
C VAL A 60 -1.26 9.42 8.72
N THR A 61 -1.32 8.16 9.14
CA THR A 61 -1.74 7.84 10.50
C THR A 61 -0.53 7.44 11.34
N ASP A 62 0.47 6.90 10.66
CA ASP A 62 1.69 6.47 11.33
C ASP A 62 2.84 6.41 10.33
N VAL A 63 3.97 6.95 10.73
CA VAL A 63 5.14 6.97 9.87
C VAL A 63 6.38 7.25 10.72
N GLU A 64 7.17 6.21 10.92
CA GLU A 64 8.38 6.34 11.71
C GLU A 64 9.38 5.25 11.33
N ARG A 65 10.40 5.66 10.57
CA ARG A 65 11.43 4.73 10.13
C ARG A 65 10.80 3.58 9.36
N PRO A 66 11.68 2.82 8.65
CA PRO A 66 11.22 1.68 7.87
C PRO A 66 10.86 0.50 8.76
N ILE A 67 9.91 0.75 9.65
CA ILE A 67 9.45 -0.29 10.57
C ILE A 67 7.92 -0.31 10.60
N LYS A 68 7.35 0.89 10.70
CA LYS A 68 5.91 1.01 10.74
C LYS A 68 5.49 2.21 9.87
N LEU A 69 4.58 1.92 8.93
CA LEU A 69 4.10 2.95 8.03
C LEU A 69 2.66 2.62 7.63
N SER A 70 1.82 3.64 7.64
CA SER A 70 0.42 3.47 7.29
C SER A 70 -0.14 4.79 6.74
N PHE A 71 -1.19 4.65 5.93
CA PHE A 71 -1.82 5.82 5.35
C PHE A 71 -3.27 5.52 4.96
N THR A 72 -4.13 6.51 5.18
CA THR A 72 -5.54 6.36 4.86
C THR A 72 -5.80 6.76 3.41
N TRP A 73 -6.81 6.12 2.82
CA TRP A 73 -7.16 6.39 1.43
C TRP A 73 -8.63 6.84 1.42
N ASP A 74 -8.85 7.99 0.80
CA ASP A 74 -10.19 8.53 0.69
C ASP A 74 -10.67 8.95 2.09
N THR A 75 -11.65 9.84 2.10
CA THR A 75 -12.22 10.33 3.35
C THR A 75 -12.32 9.19 4.37
N ASP A 76 -12.84 8.08 3.90
CA ASP A 76 -13.00 6.91 4.77
C ASP A 76 -13.43 5.72 3.92
N GLY A 77 -12.53 4.73 3.83
CA GLY A 77 -12.80 3.54 3.06
C GLY A 77 -11.93 2.37 3.54
N TRP A 78 -10.81 2.19 2.87
CA TRP A 78 -9.89 1.12 3.22
C TRP A 78 -8.60 1.76 3.72
N SER A 79 -7.86 0.97 4.49
CA SER A 79 -6.59 1.44 5.04
C SER A 79 -5.51 0.38 4.86
N VAL A 80 -4.37 0.81 4.35
CA VAL A 80 -3.26 -0.09 4.12
C VAL A 80 -2.11 0.29 5.04
N THR A 81 -1.38 -0.73 5.49
CA THR A 81 -0.26 -0.52 6.38
C THR A 81 0.98 -1.25 5.85
N PHE A 82 2.09 -0.51 5.80
CA PHE A 82 3.34 -1.07 5.32
C PHE A 82 4.27 -1.41 6.49
N HIS A 83 5.09 -2.43 6.28
CA HIS A 83 6.02 -2.86 7.29
C HIS A 83 7.35 -3.25 6.64
N LEU A 84 8.38 -2.47 6.95
CA LEU A 84 9.70 -2.72 6.40
C LEU A 84 10.61 -3.27 7.50
N LYS A 85 11.64 -4.00 7.06
CA LYS A 85 12.58 -4.58 8.00
C LYS A 85 13.79 -5.11 7.22
N GLU A 86 14.96 -4.59 7.59
CA GLU A 86 16.19 -5.00 6.93
C GLU A 86 16.53 -6.44 7.31
N GLU A 87 17.02 -7.18 6.32
CA GLU A 87 17.39 -8.57 6.53
C GLU A 87 18.91 -8.74 6.38
N GLU A 88 19.32 -9.99 6.35
CA GLU A 88 20.73 -10.31 6.21
C GLU A 88 21.37 -9.42 5.15
N ASN A 89 21.09 -9.75 3.89
CA ASN A 89 21.64 -9.00 2.78
C ASN A 89 20.49 -8.60 1.83
N GLY A 90 19.57 -7.82 2.37
CA GLY A 90 18.44 -7.36 1.60
C GLY A 90 17.38 -6.72 2.49
N THR A 91 16.38 -6.13 1.86
CA THR A 91 15.31 -5.47 2.58
C THR A 91 14.01 -6.28 2.47
N ILE A 92 13.24 -6.25 3.55
CA ILE A 92 11.98 -6.98 3.60
C ILE A 92 10.82 -5.98 3.54
N PHE A 93 9.93 -6.21 2.59
CA PHE A 93 8.77 -5.35 2.43
C PHE A 93 7.48 -6.11 2.69
N THR A 94 6.74 -5.65 3.69
CA THR A 94 5.49 -6.27 4.05
C THR A 94 4.34 -5.26 3.98
N ILE A 95 3.24 -5.69 3.36
CA ILE A 95 2.08 -4.83 3.22
C ILE A 95 0.89 -5.49 3.91
N VAL A 96 -0.02 -4.64 4.39
CA VAL A 96 -1.21 -5.11 5.06
C VAL A 96 -2.41 -4.24 4.67
N HIS A 97 -3.40 -4.89 4.08
CA HIS A 97 -4.61 -4.18 3.66
C HIS A 97 -5.82 -4.76 4.39
N SER A 98 -6.70 -3.86 4.82
CA SER A 98 -7.90 -4.27 5.52
C SER A 98 -9.03 -3.28 5.23
N GLY A 99 -10.25 -3.74 5.47
CA GLY A 99 -11.42 -2.92 5.25
C GLY A 99 -12.52 -3.71 4.54
N TRP A 100 -12.13 -4.87 4.02
CA TRP A 100 -13.08 -5.72 3.31
C TRP A 100 -14.11 -6.21 4.32
N LYS A 101 -15.22 -6.70 3.79
CA LYS A 101 -16.29 -7.21 4.64
C LYS A 101 -16.51 -8.70 4.33
N GLN A 102 -17.59 -9.23 4.88
CA GLN A 102 -17.93 -10.63 4.68
C GLN A 102 -17.71 -11.02 3.22
N GLY A 103 -17.08 -12.16 3.03
CA GLY A 103 -16.80 -12.66 1.69
C GLY A 103 -18.09 -13.12 1.01
N ASP A 104 -19.02 -12.20 0.89
CA ASP A 104 -20.30 -12.49 0.27
C ASP A 104 -20.95 -11.18 -0.19
N THR A 105 -20.99 -10.23 0.73
CA THR A 105 -21.59 -8.94 0.46
C THR A 105 -20.94 -8.31 -0.79
N LYS A 106 -21.78 -7.70 -1.61
CA LYS A 106 -21.30 -7.06 -2.83
C LYS A 106 -20.93 -5.61 -2.51
N VAL A 107 -19.99 -5.08 -3.29
CA VAL A 107 -19.54 -3.72 -3.11
C VAL A 107 -20.45 -2.78 -3.91
N GLU A 108 -21.44 -2.23 -3.21
CA GLU A 108 -22.38 -1.32 -3.85
C GLU A 108 -21.72 0.03 -4.11
N LYS A 109 -20.74 0.01 -5.02
CA LYS A 109 -20.03 1.22 -5.38
C LYS A 109 -19.06 0.91 -6.53
N ALA A 110 -18.11 0.05 -6.24
CA ALA A 110 -17.12 -0.34 -7.23
C ALA A 110 -17.82 -1.02 -8.40
N GLY A 111 -18.39 -2.19 -8.12
CA GLY A 111 -19.10 -2.94 -9.13
C GLY A 111 -19.07 -4.44 -8.82
N ALA A 112 -17.86 -4.97 -8.71
CA ALA A 112 -17.69 -6.38 -8.40
C ALA A 112 -17.72 -6.59 -6.89
N GLU A 113 -18.03 -7.81 -6.50
CA GLU A 113 -18.10 -8.16 -5.08
C GLU A 113 -16.78 -7.83 -4.40
N SER A 114 -16.80 -7.90 -3.07
CA SER A 114 -15.62 -7.61 -2.29
C SER A 114 -14.56 -8.68 -2.53
N ALA A 115 -15.04 -9.91 -2.71
CA ALA A 115 -14.15 -11.04 -2.95
C ALA A 115 -13.49 -10.88 -4.33
N VAL A 116 -14.33 -10.68 -5.34
CA VAL A 116 -13.85 -10.52 -6.69
C VAL A 116 -12.78 -9.42 -6.72
N VAL A 117 -13.12 -8.30 -6.11
CA VAL A 117 -12.20 -7.17 -6.05
C VAL A 117 -10.98 -7.55 -5.20
N HIS A 118 -11.27 -8.19 -4.07
CA HIS A 118 -10.21 -8.61 -3.17
C HIS A 118 -9.11 -9.33 -3.97
N GLU A 119 -9.54 -10.30 -4.76
CA GLU A 119 -8.61 -11.07 -5.57
C GLU A 119 -7.96 -10.17 -6.63
N ARG A 120 -8.80 -9.43 -7.33
CA ARG A 120 -8.32 -8.53 -8.36
C ARG A 120 -7.29 -7.55 -7.78
N MET A 121 -7.76 -6.72 -6.87
CA MET A 121 -6.89 -5.74 -6.22
C MET A 121 -5.66 -6.41 -5.63
N ASP A 122 -5.86 -7.60 -5.10
CA ASP A 122 -4.77 -8.37 -4.50
C ASP A 122 -3.73 -8.69 -5.57
N ARG A 123 -4.23 -9.17 -6.70
CA ARG A 123 -3.35 -9.52 -7.81
C ARG A 123 -2.41 -8.36 -8.13
N GLY A 124 -3.01 -7.20 -8.33
CA GLY A 124 -2.24 -6.00 -8.64
C GLY A 124 -1.42 -5.54 -7.44
N TRP A 125 -2.01 -5.71 -6.27
CA TRP A 125 -1.35 -5.31 -5.03
C TRP A 125 -0.02 -6.07 -4.95
N HIS A 126 -0.12 -7.39 -5.05
CA HIS A 126 1.05 -8.24 -4.98
C HIS A 126 1.97 -7.92 -6.16
N ASP A 127 1.40 -7.97 -7.35
CA ASP A 127 2.16 -7.70 -8.56
C ASP A 127 2.88 -6.34 -8.41
N LEU A 128 2.17 -5.41 -7.80
CA LEU A 128 2.72 -4.08 -7.58
C LEU A 128 3.94 -4.17 -6.68
N VAL A 129 3.75 -4.84 -5.54
CA VAL A 129 4.82 -5.01 -4.58
C VAL A 129 5.54 -6.32 -4.85
N ASN A 130 5.69 -6.62 -6.14
CA ASN A 130 6.37 -7.84 -6.55
C ASN A 130 7.57 -7.49 -7.42
N GLU A 131 7.30 -6.76 -8.49
CA GLU A 131 8.35 -6.35 -9.41
C GLU A 131 8.32 -4.84 -9.62
N ARG A 132 7.10 -4.33 -9.80
CA ARG A 132 6.92 -2.90 -10.02
C ARG A 132 7.65 -2.11 -8.94
N LEU A 133 7.65 -2.65 -7.73
CA LEU A 133 8.31 -2.00 -6.62
C LEU A 133 9.80 -2.35 -6.63
N ARG A 134 10.06 -3.64 -6.81
CA ARG A 134 11.44 -4.13 -6.84
C ARG A 134 12.27 -3.27 -7.81
N GLN A 135 11.65 -2.91 -8.91
CA GLN A 135 12.33 -2.11 -9.92
C GLN A 135 12.73 -0.76 -9.33
N ILE A 136 11.81 -0.17 -8.56
CA ILE A 136 12.07 1.11 -7.93
C ILE A 136 13.45 1.09 -7.29
N VAL A 137 13.89 -0.10 -6.92
CA VAL A 137 15.19 -0.27 -6.30
C VAL A 137 16.13 -1.00 -7.27
N GLU A 138 15.53 -1.76 -8.16
CA GLU A 138 16.29 -2.51 -9.15
C GLU A 138 16.44 -1.69 -10.43
#